data_8C0B
#
_entry.id   8C0B
#
_cell.length_a   1.00
_cell.length_b   1.00
_cell.length_c   1.00
_cell.angle_alpha   90.00
_cell.angle_beta   90.00
_cell.angle_gamma   90.00
#
_symmetry.space_group_name_H-M   'P 1'
#
_entity_poly.entity_id   1
_entity_poly.type   'polypeptide(L)'
_entity_poly.pdbx_seq_one_letter_code
;MATKDLPTHLSSNTGFGKHHGKTQSHMAFENASTSVAASQMRNALNALAETVPDPNERKRFEAEMDNFFALFRRFLNDKA
KGNVVNWDRIAPPQPSQVVNYDDIGKESSVEFLNKLAVVKLNGGLGTSMGCVGPKSVIEVREGMSFLDLSVRQIEHLNRT
YNVNVPFVLMNSFNTDQDTQSIIKKYQGHNVDIITFNQSRYPRIIKDSLLPAPKSFDAPLQDWYPPGHGDVFESLYNSGT
LDKLLERGVEYIFLSNADNLGAVVDTRILQHMIDTKAEYIMELTDKTKADVKGGTIIDYEGKVRLLEIAQVPKEHVNEFK
SIKKFKYFNTNNIWMNLRAIKRVVEENELEMEIIANEKSIPADKKGEADQAIYQLETAVGAAIRHFKNAHGVNVPRRRFL
PVKTCSDLLLVKSDLYRLEHGQLVMDPNRFGGVPVIKLGSDFKKVSDFQKRIPSIPRIVELDHLTITGAVNLGRNVTLKG
TVIIVATEGSTIDIPPGSVLENCVVQGSLRILEH
;
_entity_poly.pdbx_strand_id   A,B,C,D,E,F,G,H
#
# COMPACT_ATOMS: atom_id res chain seq x y z
N ALA A 32 -45.57 -41.80 25.40
CA ALA A 32 -45.54 -42.18 26.81
C ALA A 32 -44.53 -41.34 27.57
N SER A 33 -43.37 -41.09 26.95
CA SER A 33 -42.31 -40.33 27.60
C SER A 33 -42.79 -38.96 28.06
N THR A 34 -43.76 -38.38 27.35
CA THR A 34 -44.30 -37.08 27.75
C THR A 34 -44.90 -37.13 29.14
N SER A 35 -45.66 -38.18 29.44
CA SER A 35 -46.24 -38.33 30.77
C SER A 35 -45.16 -38.56 31.82
N VAL A 36 -44.14 -39.36 31.47
CA VAL A 36 -43.02 -39.58 32.39
C VAL A 36 -42.31 -38.27 32.68
N ALA A 37 -42.00 -37.51 31.63
CA ALA A 37 -41.36 -36.22 31.82
C ALA A 37 -42.25 -35.28 32.63
N ALA A 38 -43.54 -35.28 32.33
CA ALA A 38 -44.48 -34.44 33.09
C ALA A 38 -44.49 -34.85 34.56
N SER A 39 -44.39 -36.14 34.83
CA SER A 39 -44.34 -36.60 36.21
C SER A 39 -43.07 -36.10 36.90
N GLN A 40 -41.93 -36.25 36.22
CA GLN A 40 -40.67 -35.75 36.78
C GLN A 40 -40.73 -34.24 36.95
N MET A 41 -41.35 -33.55 35.99
CA MET A 41 -41.51 -32.11 36.11
C MET A 41 -42.37 -31.76 37.32
N ARG A 42 -43.53 -32.41 37.44
CA ARG A 42 -44.40 -32.19 38.58
C ARG A 42 -43.66 -32.41 39.90
N ASN A 43 -42.93 -33.52 40.00
CA ASN A 43 -42.18 -33.81 41.22
C ASN A 43 -41.12 -32.75 41.47
N ALA A 44 -40.47 -32.27 40.41
CA ALA A 44 -39.48 -31.22 40.58
C ALA A 44 -40.14 -29.91 41.01
N LEU A 45 -41.28 -29.58 40.39
CA LEU A 45 -42.00 -28.38 40.79
C LEU A 45 -42.44 -28.48 42.24
N ASN A 46 -42.90 -29.65 42.65
CA ASN A 46 -43.31 -29.86 44.04
C ASN A 46 -42.12 -29.82 45.00
N ALA A 47 -40.95 -30.30 44.56
CA ALA A 47 -39.78 -30.27 45.42
C ALA A 47 -39.39 -28.84 45.76
N LEU A 48 -39.47 -27.94 44.79
CA LEU A 48 -39.21 -26.53 45.07
C LEU A 48 -40.25 -25.98 46.05
N ALA A 49 -41.52 -26.34 45.84
CA ALA A 49 -42.58 -25.89 46.73
C ALA A 49 -42.37 -26.36 48.17
N GLU A 50 -41.68 -27.47 48.37
CA GLU A 50 -41.43 -27.92 49.74
C GLU A 50 -40.40 -27.05 50.44
N THR A 51 -39.31 -26.72 49.76
CA THR A 51 -38.26 -25.89 50.36
C THR A 51 -38.64 -24.42 50.18
N VAL A 52 -39.26 -23.83 51.20
CA VAL A 52 -39.65 -22.41 51.18
C VAL A 52 -39.72 -21.92 52.62
N PRO A 53 -39.25 -20.71 52.90
CA PRO A 53 -39.28 -20.19 54.28
C PRO A 53 -40.64 -19.67 54.75
N ASP A 54 -41.41 -19.01 53.89
CA ASP A 54 -42.66 -18.44 54.38
C ASP A 54 -43.89 -18.95 53.65
N PRO A 55 -45.01 -19.05 54.35
CA PRO A 55 -46.27 -19.50 53.70
C PRO A 55 -46.74 -18.60 52.57
N ASN A 56 -46.68 -17.28 52.76
CA ASN A 56 -47.11 -16.37 51.70
C ASN A 56 -46.31 -16.61 50.42
N GLU A 57 -45.00 -16.81 50.55
CA GLU A 57 -44.19 -17.14 49.39
C GLU A 57 -44.64 -18.48 48.82
N ARG A 58 -44.89 -19.45 49.71
CA ARG A 58 -45.37 -20.76 49.29
C ARG A 58 -46.63 -20.63 48.43
N LYS A 59 -47.56 -19.78 48.86
CA LYS A 59 -48.77 -19.56 48.06
C LYS A 59 -48.41 -19.06 46.68
N ARG A 60 -47.63 -17.98 46.62
CA ARG A 60 -47.21 -17.43 45.34
C ARG A 60 -46.42 -18.46 44.54
N PHE A 61 -45.36 -19.01 45.13
CA PHE A 61 -44.52 -19.97 44.42
C PHE A 61 -45.30 -21.18 43.95
N GLU A 62 -46.22 -21.70 44.77
CA GLU A 62 -47.00 -22.87 44.34
C GLU A 62 -47.88 -22.52 43.15
N ALA A 63 -48.67 -21.46 43.25
CA ALA A 63 -49.55 -21.09 42.15
C ALA A 63 -48.75 -20.76 40.91
N GLU A 64 -47.72 -19.93 41.06
CA GLU A 64 -46.86 -19.55 39.94
C GLU A 64 -46.28 -20.76 39.23
N MET A 65 -45.64 -21.65 39.98
CA MET A 65 -45.00 -22.82 39.37
C MET A 65 -46.02 -23.79 38.76
N ASP A 66 -47.19 -23.92 39.37
CA ASP A 66 -48.21 -24.81 38.81
C ASP A 66 -48.74 -24.32 37.48
N ASN A 67 -48.72 -23.01 37.23
CA ASN A 67 -49.15 -22.48 35.94
C ASN A 67 -48.29 -23.01 34.80
N PHE A 68 -46.97 -23.10 35.03
CA PHE A 68 -46.05 -23.59 34.01
C PHE A 68 -46.29 -25.05 33.65
N PHE A 69 -46.73 -25.86 34.61
CA PHE A 69 -47.02 -27.27 34.33
C PHE A 69 -48.03 -27.39 33.18
N ALA A 70 -49.09 -26.59 33.21
CA ALA A 70 -50.05 -26.61 32.12
C ALA A 70 -49.42 -26.10 30.83
N LEU A 71 -48.65 -25.01 30.91
CA LEU A 71 -47.97 -24.48 29.75
C LEU A 71 -47.03 -25.53 29.15
N PHE A 72 -46.22 -26.15 30.00
CA PHE A 72 -45.27 -27.17 29.54
C PHE A 72 -46.00 -28.31 28.86
N ARG A 73 -47.12 -28.76 29.42
CA ARG A 73 -47.93 -29.81 28.80
C ARG A 73 -48.40 -29.38 27.42
N ARG A 74 -48.98 -28.18 27.31
CA ARG A 74 -49.41 -27.69 26.01
C ARG A 74 -48.26 -27.59 25.05
N PHE A 75 -47.09 -27.16 25.53
CA PHE A 75 -45.94 -27.03 24.64
C PHE A 75 -45.61 -28.38 23.98
N LEU A 76 -45.48 -29.43 24.78
CA LEU A 76 -45.22 -30.74 24.19
C LEU A 76 -46.35 -31.14 23.26
N ASN A 77 -47.59 -30.95 23.71
CA ASN A 77 -48.75 -31.29 22.87
C ASN A 77 -48.75 -30.45 21.60
N ASP A 78 -48.51 -29.15 21.74
CA ASP A 78 -48.46 -28.27 20.57
C ASP A 78 -47.30 -28.65 19.67
N LYS A 79 -46.20 -29.15 20.24
CA LYS A 79 -45.08 -29.58 19.42
C LYS A 79 -45.43 -30.87 18.69
N ALA A 80 -46.12 -31.79 19.36
CA ALA A 80 -46.55 -33.00 18.69
C ALA A 80 -47.55 -32.66 17.59
N LYS A 81 -48.43 -31.69 17.85
CA LYS A 81 -49.39 -31.24 16.86
C LYS A 81 -48.75 -30.32 15.83
N GLY A 82 -47.61 -29.72 16.14
CA GLY A 82 -46.95 -28.80 15.24
C GLY A 82 -47.76 -27.54 14.97
N ASN A 86 -53.61 -20.94 9.54
CA ASN A 86 -54.00 -21.33 8.20
C ASN A 86 -53.94 -20.13 7.27
N TRP A 87 -53.02 -20.15 6.30
CA TRP A 87 -52.91 -19.04 5.37
C TRP A 87 -54.24 -18.76 4.67
N ASP A 88 -55.05 -19.79 4.44
CA ASP A 88 -56.36 -19.60 3.87
C ASP A 88 -57.22 -18.72 4.77
N ARG A 89 -57.02 -18.83 6.08
CA ARG A 89 -57.74 -18.01 7.05
C ARG A 89 -57.03 -16.69 7.33
N ILE A 90 -55.84 -16.51 6.77
CA ILE A 90 -55.08 -15.28 6.92
C ILE A 90 -55.64 -14.27 5.92
N ALA A 91 -56.84 -13.79 6.18
CA ALA A 91 -57.55 -12.84 5.36
C ALA A 91 -57.20 -11.42 5.76
N PRO A 92 -57.17 -10.49 4.80
CA PRO A 92 -56.79 -9.13 5.11
C PRO A 92 -57.79 -8.48 6.06
N PRO A 93 -57.35 -7.53 6.87
CA PRO A 93 -58.24 -6.85 7.79
C PRO A 93 -59.30 -6.05 7.05
N GLN A 94 -60.56 -6.25 7.43
CA GLN A 94 -61.67 -5.56 6.81
C GLN A 94 -61.73 -4.11 7.28
N PRO A 95 -62.33 -3.22 6.47
CA PRO A 95 -62.42 -1.80 6.82
C PRO A 95 -63.04 -1.50 8.18
N SER A 96 -63.84 -2.44 8.69
CA SER A 96 -64.48 -2.29 9.99
C SER A 96 -63.52 -2.50 11.16
N GLN A 97 -62.34 -3.04 10.92
CA GLN A 97 -61.39 -3.36 11.98
C GLN A 97 -60.39 -2.25 12.30
N VAL A 98 -60.36 -1.13 11.59
CA VAL A 98 -59.36 -0.09 11.86
C VAL A 98 -60.01 1.29 11.87
N VAL A 99 -59.78 2.02 12.96
CA VAL A 99 -60.28 3.38 13.18
C VAL A 99 -59.12 4.35 13.01
N ASN A 100 -59.37 5.47 12.33
CA ASN A 100 -58.33 6.47 12.11
C ASN A 100 -58.34 7.56 13.17
N TYR A 101 -57.14 7.94 13.62
CA TYR A 101 -56.96 8.98 14.63
C TYR A 101 -57.64 10.29 14.26
N ASP A 102 -57.63 10.65 12.98
CA ASP A 102 -58.28 11.89 12.55
C ASP A 102 -59.79 11.82 12.64
N ASP A 103 -60.37 10.62 12.72
CA ASP A 103 -61.81 10.46 12.84
C ASP A 103 -62.32 10.54 14.27
N ILE A 104 -61.46 10.29 15.27
CA ILE A 104 -61.90 10.34 16.65
C ILE A 104 -62.29 11.77 17.04
N GLY A 105 -63.31 11.87 17.89
CA GLY A 105 -63.88 13.11 18.34
C GLY A 105 -63.02 13.94 19.28
N LYS A 106 -63.69 14.94 19.85
CA LYS A 106 -63.14 15.92 20.78
C LYS A 106 -62.49 15.25 21.99
N GLU A 107 -61.62 16.02 22.65
CA GLU A 107 -60.90 15.60 23.84
C GLU A 107 -61.84 15.17 24.96
N SER A 108 -61.38 14.17 25.73
CA SER A 108 -62.16 13.65 26.84
C SER A 108 -62.18 14.63 28.01
N SER A 109 -63.33 14.72 28.67
CA SER A 109 -63.46 15.62 29.81
C SER A 109 -62.60 15.18 31.00
N VAL A 110 -61.97 16.16 31.64
CA VAL A 110 -61.08 15.97 32.78
C VAL A 110 -61.65 15.02 33.82
N GLU A 111 -62.96 15.13 34.09
CA GLU A 111 -63.60 14.31 35.11
C GLU A 111 -63.45 12.81 34.85
N PHE A 112 -63.46 12.40 33.58
CA PHE A 112 -63.34 10.99 33.23
C PHE A 112 -61.92 10.45 33.34
N LEU A 113 -60.92 11.31 33.54
CA LEU A 113 -59.53 10.88 33.60
C LEU A 113 -59.12 10.28 34.94
N ASN A 114 -59.82 10.60 36.03
CA ASN A 114 -59.45 10.07 37.35
C ASN A 114 -59.41 8.54 37.39
N LYS A 115 -60.18 7.87 36.53
CA LYS A 115 -60.21 6.41 36.51
C LYS A 115 -59.20 5.76 35.57
N LEU A 116 -58.36 6.53 34.87
CA LEU A 116 -57.36 5.92 34.00
C LEU A 116 -56.15 5.45 34.81
N ALA A 117 -55.42 4.49 34.25
CA ALA A 117 -54.20 3.99 34.87
C ALA A 117 -53.17 3.63 33.81
N VAL A 118 -51.91 3.97 34.05
CA VAL A 118 -50.81 3.73 33.12
C VAL A 118 -49.84 2.75 33.77
N VAL A 119 -49.49 1.69 33.02
CA VAL A 119 -48.59 0.63 33.46
C VAL A 119 -47.49 0.48 32.42
N LYS A 120 -46.24 0.48 32.88
CA LYS A 120 -45.07 0.38 32.02
C LYS A 120 -44.30 -0.92 32.24
N LEU A 121 -43.82 -1.49 31.15
CA LEU A 121 -42.93 -2.64 31.22
C LEU A 121 -41.55 -2.11 31.53
N ASN A 122 -40.88 -2.72 32.51
CA ASN A 122 -39.58 -2.25 32.97
C ASN A 122 -38.62 -3.42 33.13
N GLY A 123 -38.65 -4.34 32.16
CA GLY A 123 -37.83 -5.52 32.17
C GLY A 123 -36.54 -5.45 31.40
N GLY A 124 -36.25 -4.35 30.70
CA GLY A 124 -35.05 -4.26 29.89
C GLY A 124 -33.81 -3.82 30.64
N LEU A 125 -32.74 -4.60 30.49
CA LEU A 125 -31.43 -4.34 31.06
C LEU A 125 -30.57 -3.55 30.07
N GLY A 126 -29.64 -2.77 30.62
CA GLY A 126 -28.73 -2.06 29.74
C GLY A 126 -27.75 -2.97 29.03
N THR A 127 -27.72 -4.26 29.38
CA THR A 127 -26.84 -5.21 28.73
C THR A 127 -27.11 -5.32 27.23
N SER A 128 -28.36 -5.07 26.83
CA SER A 128 -28.68 -5.06 25.40
C SER A 128 -27.85 -4.04 24.64
N MET A 129 -27.46 -2.95 25.28
CA MET A 129 -26.63 -1.91 24.67
C MET A 129 -25.27 -1.80 25.35
N GLY A 130 -24.85 -2.84 26.05
CA GLY A 130 -23.56 -2.81 26.73
C GLY A 130 -23.46 -1.73 27.79
N CYS A 131 -24.55 -1.47 28.50
CA CYS A 131 -24.59 -0.46 29.53
C CYS A 131 -24.89 -1.15 30.86
N VAL A 132 -24.34 -0.63 31.94
CA VAL A 132 -24.60 -1.21 33.25
C VAL A 132 -25.97 -0.78 33.73
N GLY A 133 -26.59 -1.64 34.54
CA GLY A 133 -27.88 -1.38 35.11
C GLY A 133 -29.08 -1.52 34.18
N PRO A 134 -30.23 -1.09 34.67
CA PRO A 134 -31.46 -1.17 33.88
C PRO A 134 -31.47 -0.20 32.71
N LYS A 135 -32.07 -0.62 31.60
CA LYS A 135 -32.17 0.25 30.44
C LYS A 135 -32.90 1.54 30.79
N SER A 136 -33.92 1.44 31.65
CA SER A 136 -34.70 2.60 32.05
C SER A 136 -33.86 3.67 32.73
N VAL A 137 -32.71 3.31 33.28
CA VAL A 137 -31.86 4.29 33.97
C VAL A 137 -30.90 5.02 33.04
N ILE A 138 -30.57 4.44 31.88
CA ILE A 138 -29.62 5.08 30.98
C ILE A 138 -30.16 6.44 30.54
N GLU A 139 -29.25 7.40 30.41
CA GLU A 139 -29.63 8.75 30.02
C GLU A 139 -29.92 8.82 28.52
N VAL A 140 -30.72 9.81 28.14
CA VAL A 140 -31.08 10.04 26.75
C VAL A 140 -30.72 11.45 26.30
N ARG A 141 -31.11 12.45 27.07
CA ARG A 141 -30.84 13.84 26.74
C ARG A 141 -30.71 14.64 28.01
N GLU A 142 -29.77 15.59 28.02
CA GLU A 142 -29.56 16.49 29.15
C GLU A 142 -29.53 15.74 30.48
N GLY A 143 -28.89 14.56 30.47
CA GLY A 143 -28.76 13.75 31.67
C GLY A 143 -30.01 13.05 32.15
N MET A 144 -31.16 13.29 31.55
CA MET A 144 -32.39 12.66 32.02
C MET A 144 -32.46 11.20 31.60
N SER A 145 -33.01 10.37 32.46
CA SER A 145 -33.22 8.97 32.14
C SER A 145 -34.59 8.77 31.50
N PHE A 146 -34.78 7.60 30.88
CA PHE A 146 -36.05 7.29 30.26
C PHE A 146 -37.20 7.30 31.27
N LEU A 147 -36.91 6.87 32.49
CA LEU A 147 -37.92 6.92 33.54
C LEU A 147 -38.26 8.36 33.89
N ASP A 148 -37.25 9.22 33.95
CA ASP A 148 -37.46 10.62 34.29
C ASP A 148 -38.50 11.29 33.39
N LEU A 149 -38.39 11.08 32.09
CA LEU A 149 -39.38 11.69 31.18
C LEU A 149 -40.79 11.21 31.50
N SER A 150 -40.97 9.91 31.77
CA SER A 150 -42.31 9.42 32.06
C SER A 150 -42.91 10.13 33.27
N VAL A 151 -42.19 10.14 34.38
CA VAL A 151 -42.67 10.82 35.58
C VAL A 151 -42.98 12.27 35.27
N ARG A 152 -42.05 12.95 34.58
CA ARG A 152 -42.25 14.35 34.21
C ARG A 152 -43.54 14.52 33.42
N GLN A 153 -43.87 13.56 32.56
CA GLN A 153 -45.13 13.64 31.82
C GLN A 153 -46.30 13.49 32.77
N ILE A 154 -46.19 12.60 33.75
CA ILE A 154 -47.23 12.43 34.74
C ILE A 154 -47.44 13.72 35.52
N GLU A 155 -46.34 14.35 35.93
CA GLU A 155 -46.42 15.59 36.71
C GLU A 155 -47.18 16.68 35.96
N HIS A 156 -46.90 16.86 34.67
CA HIS A 156 -47.61 17.87 33.90
C HIS A 156 -49.12 17.61 33.87
N LEU A 157 -49.53 16.35 33.74
CA LEU A 157 -50.96 16.04 33.76
C LEU A 157 -51.62 16.34 35.10
N ASN A 158 -51.01 15.89 36.20
CA ASN A 158 -51.62 16.11 37.51
C ASN A 158 -51.72 17.58 37.90
N ARG A 159 -50.70 18.39 37.60
CA ARG A 159 -50.74 19.78 38.02
C ARG A 159 -51.74 20.62 37.21
N THR A 160 -51.96 20.29 35.94
CA THR A 160 -52.90 21.07 35.14
C THR A 160 -54.35 20.91 35.59
N TYR A 161 -54.71 19.80 36.24
CA TYR A 161 -56.08 19.60 36.69
C TYR A 161 -56.21 19.15 38.13
N ASN A 162 -55.11 18.96 38.86
CA ASN A 162 -55.14 18.50 40.25
C ASN A 162 -55.84 17.15 40.39
N VAL A 163 -55.31 16.17 39.65
CA VAL A 163 -55.78 14.80 39.64
C VAL A 163 -54.55 13.91 39.76
N ASN A 164 -54.72 12.72 40.32
CA ASN A 164 -53.57 11.85 40.59
C ASN A 164 -53.64 10.59 39.76
N VAL A 165 -52.94 10.60 38.63
CA VAL A 165 -52.84 9.49 37.68
C VAL A 165 -51.91 8.43 38.25
N PRO A 166 -52.33 7.19 38.37
CA PRO A 166 -51.42 6.17 38.88
C PRO A 166 -50.48 5.69 37.78
N PHE A 167 -49.23 5.51 38.15
CA PHE A 167 -48.18 5.07 37.24
C PHE A 167 -47.57 3.81 37.83
N VAL A 168 -47.85 2.65 37.24
CA VAL A 168 -47.37 1.38 37.76
C VAL A 168 -46.27 0.84 36.85
N LEU A 169 -45.20 0.37 37.47
CA LEU A 169 -44.05 -0.17 36.77
C LEU A 169 -43.96 -1.68 36.93
N MET A 170 -43.99 -2.39 35.82
CA MET A 170 -43.82 -3.84 35.86
C MET A 170 -42.32 -4.07 35.77
N ASN A 171 -41.69 -4.24 36.92
CA ASN A 171 -40.25 -4.41 36.96
C ASN A 171 -39.86 -5.86 36.73
N SER A 172 -38.57 -6.14 36.89
CA SER A 172 -38.05 -7.49 36.81
C SER A 172 -36.99 -7.67 37.90
N PHE A 173 -36.72 -8.93 38.21
CA PHE A 173 -35.75 -9.29 39.24
C PHE A 173 -34.34 -8.80 38.91
N ASN A 174 -34.04 -8.63 37.63
CA ASN A 174 -32.72 -8.15 37.20
C ASN A 174 -32.45 -6.69 37.58
N THR A 175 -33.49 -5.90 37.83
CA THR A 175 -33.30 -4.48 38.08
C THR A 175 -33.73 -4.00 39.45
N ASP A 176 -34.60 -4.74 40.15
CA ASP A 176 -35.13 -4.31 41.45
C ASP A 176 -34.10 -3.71 42.39
N GLN A 177 -32.92 -4.35 42.52
CA GLN A 177 -31.95 -3.79 43.45
C GLN A 177 -31.44 -2.44 42.97
N ASP A 178 -31.14 -2.32 41.69
CA ASP A 178 -30.74 -1.01 41.15
C ASP A 178 -31.94 -0.06 41.18
N THR A 179 -33.12 -0.60 40.85
CA THR A 179 -34.35 0.18 40.81
C THR A 179 -34.72 0.71 42.19
N GLN A 180 -34.74 -0.16 43.19
CA GLN A 180 -35.09 0.27 44.55
C GLN A 180 -34.21 1.41 45.03
N SER A 181 -32.98 1.48 44.53
CA SER A 181 -32.11 2.58 44.89
C SER A 181 -32.49 3.86 44.15
N ILE A 182 -32.49 3.80 42.82
CA ILE A 182 -32.72 5.00 42.01
C ILE A 182 -34.11 5.59 42.20
N ILE A 183 -35.14 4.77 42.41
CA ILE A 183 -36.49 5.31 42.54
C ILE A 183 -36.60 6.30 43.69
N LYS A 184 -35.77 6.16 44.72
CA LYS A 184 -35.84 7.05 45.86
C LYS A 184 -35.69 8.52 45.48
N LYS A 185 -35.02 8.81 44.36
CA LYS A 185 -34.84 10.20 43.95
C LYS A 185 -36.15 10.89 43.62
N TYR A 186 -37.22 10.14 43.39
CA TYR A 186 -38.53 10.68 43.06
C TYR A 186 -39.40 10.91 44.29
N GLN A 187 -38.85 10.77 45.49
CA GLN A 187 -39.62 10.99 46.70
C GLN A 187 -40.06 12.45 46.81
N GLY A 188 -41.01 12.69 47.70
CA GLY A 188 -41.54 14.03 47.89
C GLY A 188 -42.54 14.42 46.82
N HIS A 189 -42.06 14.76 45.63
CA HIS A 189 -42.90 15.11 44.49
C HIS A 189 -44.16 14.26 44.43
N ASN A 190 -45.27 14.92 44.12
CA ASN A 190 -46.59 14.29 44.06
C ASN A 190 -46.66 13.29 42.92
N VAL A 191 -46.13 12.09 43.17
CA VAL A 191 -46.14 11.00 42.20
C VAL A 191 -46.26 9.67 42.93
N ASP A 192 -47.38 8.98 42.74
CA ASP A 192 -47.65 7.70 43.36
C ASP A 192 -46.91 6.60 42.61
N ILE A 193 -45.76 6.17 43.13
CA ILE A 193 -44.95 5.15 42.48
C ILE A 193 -45.12 3.84 43.25
N ILE A 194 -45.49 2.78 42.52
CA ILE A 194 -45.67 1.45 43.08
C ILE A 194 -44.88 0.48 42.21
N THR A 195 -44.19 -0.47 42.84
CA THR A 195 -43.33 -1.40 42.13
C THR A 195 -43.60 -2.84 42.54
N PHE A 196 -43.48 -3.75 41.58
CA PHE A 196 -43.68 -5.16 41.81
C PHE A 196 -42.84 -5.95 40.80
N ASN A 197 -42.53 -7.18 41.17
CA ASN A 197 -41.71 -8.05 40.34
C ASN A 197 -42.58 -9.08 39.64
N GLN A 198 -42.29 -9.29 38.35
CA GLN A 198 -43.03 -10.26 37.56
C GLN A 198 -42.66 -11.68 37.98
N SER A 199 -43.27 -12.66 37.31
CA SER A 199 -43.03 -14.06 37.63
C SER A 199 -41.58 -14.45 37.36
N ARG A 200 -41.04 -15.32 38.22
CA ARG A 200 -39.68 -15.81 38.12
C ARG A 200 -39.74 -17.31 37.80
N TYR A 201 -39.82 -17.62 36.53
CA TYR A 201 -39.85 -19.04 36.21
C TYR A 201 -38.45 -19.61 36.04
N PRO A 202 -38.28 -20.90 36.33
CA PRO A 202 -36.99 -21.54 36.16
C PRO A 202 -36.76 -21.97 34.71
N ARG A 203 -35.48 -22.09 34.36
CA ARG A 203 -35.09 -22.56 33.03
C ARG A 203 -35.21 -24.07 32.94
N ILE A 204 -35.66 -24.55 31.79
CA ILE A 204 -35.87 -25.98 31.53
C ILE A 204 -34.72 -26.51 30.70
N ILE A 205 -34.11 -27.61 31.18
CA ILE A 205 -32.97 -28.22 30.51
C ILE A 205 -33.39 -28.77 29.15
N LYS A 206 -32.63 -28.40 28.11
CA LYS A 206 -32.95 -28.82 26.74
C LYS A 206 -32.97 -30.34 26.56
N ASP A 207 -32.03 -31.05 27.18
CA ASP A 207 -31.97 -32.49 26.99
C ASP A 207 -32.97 -33.25 27.86
N SER A 208 -33.03 -32.94 29.16
CA SER A 208 -33.94 -33.65 30.04
C SER A 208 -35.36 -33.11 30.01
N LEU A 209 -35.56 -31.88 29.53
CA LEU A 209 -36.87 -31.25 29.51
C LEU A 209 -37.43 -31.16 30.94
N LEU A 210 -36.55 -30.83 31.87
CA LEU A 210 -36.88 -30.70 33.28
C LEU A 210 -36.21 -29.43 33.79
N PRO A 211 -36.74 -28.83 34.85
CA PRO A 211 -36.14 -27.59 35.36
C PRO A 211 -34.72 -27.80 35.87
N ALA A 212 -33.82 -26.93 35.44
CA ALA A 212 -32.44 -27.01 35.89
C ALA A 212 -32.25 -26.79 37.40
N PRO A 213 -32.91 -25.83 38.05
CA PRO A 213 -32.69 -25.64 39.49
C PRO A 213 -33.42 -26.65 40.35
N LYS A 214 -32.77 -26.99 41.46
CA LYS A 214 -33.28 -27.89 42.49
C LYS A 214 -33.72 -27.15 43.75
N SER A 215 -32.86 -26.28 44.27
CA SER A 215 -33.08 -25.52 45.49
C SER A 215 -33.98 -24.31 45.27
N PHE A 216 -34.34 -23.69 46.39
CA PHE A 216 -35.20 -22.50 46.41
C PHE A 216 -34.38 -21.24 46.17
N ASP A 217 -33.23 -21.12 46.81
CA ASP A 217 -32.35 -19.97 46.63
C ASP A 217 -31.32 -20.20 45.53
N ALA A 218 -31.71 -20.95 44.49
CA ALA A 218 -30.85 -21.27 43.36
C ALA A 218 -30.37 -19.99 42.66
N PRO A 219 -29.25 -20.09 41.93
CA PRO A 219 -28.73 -18.92 41.22
C PRO A 219 -29.66 -18.39 40.13
N LEU A 220 -29.54 -17.09 39.87
CA LEU A 220 -30.37 -16.40 38.90
C LEU A 220 -30.25 -17.00 37.51
N GLN A 221 -29.10 -17.60 37.20
CA GLN A 221 -28.91 -18.21 35.89
C GLN A 221 -29.92 -19.33 35.65
N ASP A 222 -30.53 -19.85 36.71
CA ASP A 222 -31.53 -20.89 36.61
C ASP A 222 -32.92 -20.35 36.34
N TRP A 223 -33.08 -19.03 36.22
CA TRP A 223 -34.39 -18.41 36.01
C TRP A 223 -34.32 -17.42 34.86
N TYR A 224 -35.51 -17.08 34.35
CA TYR A 224 -35.63 -16.09 33.27
C TYR A 224 -36.99 -15.44 33.38
N PRO A 225 -37.10 -14.16 33.06
CA PRO A 225 -38.41 -13.49 33.11
C PRO A 225 -39.24 -13.83 31.88
N PRO A 226 -40.49 -14.25 32.09
CA PRO A 226 -41.36 -14.60 30.94
C PRO A 226 -41.83 -13.39 30.15
N GLY A 227 -42.61 -13.64 29.10
CA GLY A 227 -43.07 -12.57 28.24
C GLY A 227 -44.07 -11.63 28.89
N HIS A 228 -44.38 -10.57 28.13
CA HIS A 228 -45.25 -9.50 28.58
C HIS A 228 -46.62 -9.97 29.07
N GLY A 229 -47.15 -11.04 28.48
CA GLY A 229 -48.48 -11.51 28.87
C GLY A 229 -48.62 -11.85 30.34
N ASP A 230 -47.50 -12.03 31.04
CA ASP A 230 -47.54 -12.28 32.47
C ASP A 230 -48.10 -11.09 33.24
N VAL A 231 -48.19 -9.92 32.58
CA VAL A 231 -48.70 -8.71 33.22
C VAL A 231 -50.06 -8.93 33.89
N PHE A 232 -51.01 -9.52 33.16
CA PHE A 232 -52.37 -9.68 33.70
C PHE A 232 -52.39 -10.39 35.04
N GLU A 233 -51.81 -11.59 35.10
CA GLU A 233 -51.78 -12.30 36.37
C GLU A 233 -50.87 -11.60 37.38
N SER A 234 -49.73 -11.08 36.91
CA SER A 234 -48.81 -10.39 37.81
C SER A 234 -49.50 -9.26 38.54
N LEU A 235 -50.33 -8.50 37.83
CA LEU A 235 -51.06 -7.41 38.47
C LEU A 235 -51.94 -7.95 39.60
N TYR A 236 -52.58 -9.09 39.36
CA TYR A 236 -53.43 -9.73 40.35
C TYR A 236 -52.59 -10.35 41.47
N ASN A 237 -51.72 -11.29 41.12
CA ASN A 237 -50.93 -12.04 42.09
C ASN A 237 -50.15 -11.16 43.04
N SER A 238 -49.70 -10.00 42.59
CA SER A 238 -48.96 -9.10 43.48
C SER A 238 -49.88 -8.32 44.39
N GLY A 239 -51.18 -8.32 44.14
CA GLY A 239 -52.10 -7.50 44.89
C GLY A 239 -52.21 -6.11 44.32
N THR A 240 -51.51 -5.84 43.22
CA THR A 240 -51.55 -4.53 42.58
C THR A 240 -52.97 -4.22 42.13
N LEU A 241 -53.68 -5.23 41.62
CA LEU A 241 -55.06 -5.02 41.22
C LEU A 241 -55.86 -4.47 42.39
N ASP A 242 -55.63 -5.01 43.59
CA ASP A 242 -56.30 -4.46 44.76
C ASP A 242 -55.83 -3.02 44.98
N LYS A 243 -54.50 -2.82 44.94
CA LYS A 243 -53.93 -1.48 45.09
C LYS A 243 -54.51 -0.52 44.08
N LEU A 244 -54.75 -0.99 42.85
CA LEU A 244 -55.37 -0.13 41.84
C LEU A 244 -56.84 0.06 42.18
N LEU A 245 -57.53 -1.04 42.48
CA LEU A 245 -58.94 -0.96 42.83
C LEU A 245 -59.12 -0.09 44.07
N GLU A 246 -58.12 -0.10 44.96
CA GLU A 246 -58.18 0.71 46.16
C GLU A 246 -58.29 2.21 45.84
N ARG A 247 -57.84 2.63 44.66
CA ARG A 247 -58.03 4.03 44.27
C ARG A 247 -59.05 4.19 43.15
N GLY A 248 -59.82 3.14 42.85
CA GLY A 248 -60.91 3.24 41.91
C GLY A 248 -60.59 3.47 40.45
N VAL A 249 -59.34 3.22 40.01
CA VAL A 249 -59.01 3.41 38.61
C VAL A 249 -59.63 2.29 37.79
N GLU A 250 -60.29 2.65 36.68
CA GLU A 250 -61.00 1.67 35.87
C GLU A 250 -60.38 1.39 34.50
N TYR A 251 -59.59 2.31 33.95
CA TYR A 251 -58.98 2.11 32.64
C TYR A 251 -57.47 2.00 32.78
N ILE A 252 -56.88 1.03 32.07
CA ILE A 252 -55.46 0.76 32.13
C ILE A 252 -54.86 1.05 30.76
N PHE A 253 -53.69 1.67 30.76
CA PHE A 253 -52.93 1.98 29.56
C PHE A 253 -51.53 1.39 29.68
N LEU A 254 -51.10 0.64 28.66
CA LEU A 254 -49.77 0.06 28.66
C LEU A 254 -48.94 0.59 27.49
N SER A 255 -47.64 0.73 27.74
CA SER A 255 -46.69 1.14 26.72
C SER A 255 -45.29 0.80 27.21
N ASN A 256 -44.40 0.53 26.27
CA ASN A 256 -43.03 0.18 26.62
C ASN A 256 -42.24 1.43 27.01
N ALA A 257 -41.42 1.29 28.06
CA ALA A 257 -40.57 2.39 28.51
C ALA A 257 -39.62 2.88 27.43
N ASP A 258 -39.27 2.01 26.48
CA ASP A 258 -38.37 2.38 25.39
C ASP A 258 -38.99 3.26 24.31
N ASN A 259 -40.31 3.39 24.25
CA ASN A 259 -40.97 4.23 23.24
C ASN A 259 -41.33 5.58 23.85
N LEU A 260 -40.40 6.53 23.73
CA LEU A 260 -40.63 7.86 24.28
C LEU A 260 -41.84 8.55 23.67
N GLY A 261 -42.33 8.09 22.53
CA GLY A 261 -43.50 8.67 21.90
C GLY A 261 -44.82 8.32 22.53
N ALA A 262 -44.84 7.34 23.42
CA ALA A 262 -46.04 6.86 24.09
C ALA A 262 -46.47 7.85 25.19
N VAL A 263 -46.90 9.02 24.75
CA VAL A 263 -47.32 10.08 25.66
C VAL A 263 -48.83 9.97 25.88
N VAL A 264 -49.28 10.35 27.06
CA VAL A 264 -50.70 10.32 27.38
C VAL A 264 -51.43 11.42 26.60
N ASP A 265 -52.37 11.00 25.75
CA ASP A 265 -53.19 11.90 24.95
C ASP A 265 -54.64 11.58 25.30
N THR A 266 -55.24 12.45 26.12
CA THR A 266 -56.61 12.29 26.59
C THR A 266 -57.64 12.10 25.47
N ARG A 267 -57.30 12.43 24.22
CA ARG A 267 -58.23 12.22 23.12
C ARG A 267 -58.61 10.76 22.97
N ILE A 268 -57.65 9.85 23.09
CA ILE A 268 -57.90 8.43 22.90
C ILE A 268 -58.84 7.85 23.97
N LEU A 269 -58.75 8.34 25.21
CA LEU A 269 -59.59 7.80 26.27
C LEU A 269 -61.08 8.03 26.02
N GLN A 270 -61.46 9.11 25.34
CA GLN A 270 -62.87 9.31 25.05
C GLN A 270 -63.40 8.23 24.12
N HIS A 271 -62.65 7.86 23.10
CA HIS A 271 -63.07 6.78 22.21
C HIS A 271 -63.30 5.51 23.00
N MET A 272 -62.44 5.25 23.98
CA MET A 272 -62.62 4.09 24.86
C MET A 272 -63.91 4.20 25.67
N ILE A 273 -64.10 5.35 26.31
CA ILE A 273 -65.30 5.58 27.11
C ILE A 273 -66.55 5.47 26.25
N ASP A 274 -66.48 5.92 24.99
CA ASP A 274 -67.64 5.85 24.12
C ASP A 274 -67.86 4.44 23.58
N THR A 275 -66.82 3.82 23.00
CA THR A 275 -66.98 2.49 22.43
C THR A 275 -66.90 1.37 23.45
N LYS A 276 -66.43 1.65 24.67
CA LYS A 276 -66.32 0.67 25.75
C LYS A 276 -65.72 -0.64 25.29
N ALA A 277 -64.82 -0.59 24.31
CA ALA A 277 -64.15 -1.79 23.83
C ALA A 277 -63.24 -2.36 24.91
N GLU A 278 -63.14 -3.69 24.96
CA GLU A 278 -62.34 -4.33 25.98
C GLU A 278 -60.83 -4.26 25.73
N TYR A 279 -60.41 -3.90 24.52
CA TYR A 279 -58.99 -3.89 24.20
C TYR A 279 -58.78 -2.99 22.99
N ILE A 280 -58.00 -1.92 23.14
CA ILE A 280 -57.72 -1.02 22.02
C ILE A 280 -56.21 -0.87 21.85
N MET A 281 -55.71 -1.27 20.68
CA MET A 281 -54.29 -1.22 20.35
C MET A 281 -54.05 -0.11 19.34
N GLU A 282 -53.03 0.70 19.59
CA GLU A 282 -52.65 1.72 18.63
C GLU A 282 -51.82 1.11 17.50
N LEU A 283 -52.11 1.52 16.27
CA LEU A 283 -51.44 0.99 15.09
C LEU A 283 -50.87 2.13 14.25
N THR A 284 -49.87 1.79 13.45
CA THR A 284 -49.21 2.72 12.54
C THR A 284 -48.99 2.05 11.19
N ASP A 285 -49.01 2.87 10.13
CA ASP A 285 -48.80 2.35 8.78
C ASP A 285 -47.36 1.91 8.60
N LYS A 286 -47.18 0.71 8.07
CA LYS A 286 -45.84 0.16 7.88
C LYS A 286 -45.01 1.00 6.93
N THR A 287 -43.83 1.42 7.40
CA THR A 287 -42.86 2.09 6.58
C THR A 287 -41.96 1.04 5.92
N LYS A 288 -41.05 1.50 5.07
CA LYS A 288 -40.12 0.57 4.41
C LYS A 288 -39.35 -0.27 5.42
N ALA A 289 -39.09 0.26 6.61
CA ALA A 289 -38.40 -0.47 7.67
C ALA A 289 -39.33 -1.33 8.52
N ASP A 290 -40.65 -1.20 8.37
CA ASP A 290 -41.59 -1.93 9.20
C ASP A 290 -42.25 -3.09 8.44
N VAL A 291 -41.68 -3.52 7.33
CA VAL A 291 -42.23 -4.68 6.61
C VAL A 291 -42.23 -5.91 7.51
N LYS A 292 -41.16 -6.07 8.30
CA LYS A 292 -41.04 -7.11 9.30
C LYS A 292 -41.91 -6.73 10.51
N GLY A 293 -41.98 -7.63 11.50
CA GLY A 293 -42.79 -7.36 12.67
C GLY A 293 -44.28 -7.59 12.51
N GLY A 294 -44.94 -7.85 13.63
CA GLY A 294 -46.34 -8.24 13.70
C GLY A 294 -47.36 -7.37 13.00
N THR A 295 -48.43 -8.00 12.52
CA THR A 295 -49.50 -7.32 11.82
C THR A 295 -50.85 -7.91 12.25
N ILE A 296 -51.82 -7.02 12.40
CA ILE A 296 -53.17 -7.41 12.80
C ILE A 296 -53.86 -8.19 11.70
N ILE A 297 -54.61 -9.21 12.08
CA ILE A 297 -55.34 -10.04 11.12
C ILE A 297 -56.78 -10.17 11.61
N ASP A 298 -57.74 -10.11 10.68
CA ASP A 298 -59.14 -10.14 11.07
C ASP A 298 -59.58 -11.50 11.61
N TYR A 299 -59.05 -12.58 11.03
CA TYR A 299 -59.34 -13.97 11.42
C TYR A 299 -60.81 -14.21 11.75
N GLU A 300 -61.68 -13.88 10.80
CA GLU A 300 -63.12 -14.07 10.94
C GLU A 300 -63.71 -13.21 12.07
N GLY A 301 -63.39 -11.92 12.06
CA GLY A 301 -63.87 -11.02 13.08
C GLY A 301 -63.09 -11.06 14.38
N LYS A 302 -62.61 -12.24 14.76
CA LYS A 302 -61.81 -12.42 15.97
C LYS A 302 -60.39 -11.94 15.67
N VAL A 303 -60.26 -10.61 15.60
CA VAL A 303 -59.01 -9.93 15.27
C VAL A 303 -57.81 -10.54 16.00
N ARG A 304 -56.80 -10.94 15.22
CA ARG A 304 -55.61 -11.56 15.77
C ARG A 304 -54.34 -10.91 15.22
N LEU A 305 -53.19 -11.54 15.47
CA LEU A 305 -51.88 -11.03 15.13
C LEU A 305 -50.96 -12.21 14.83
N LEU A 306 -49.96 -11.98 13.99
CA LEU A 306 -49.00 -13.03 13.66
C LEU A 306 -47.68 -12.41 13.23
N GLU A 307 -46.62 -13.22 13.31
CA GLU A 307 -45.26 -12.79 12.96
C GLU A 307 -44.55 -13.91 12.22
N ILE A 308 -43.28 -13.64 11.86
CA ILE A 308 -42.44 -14.64 11.22
C ILE A 308 -42.35 -15.90 12.07
N ALA A 309 -42.55 -15.77 13.38
CA ALA A 309 -42.55 -16.91 14.28
C ALA A 309 -43.62 -17.94 13.94
N GLN A 310 -44.67 -17.54 13.23
CA GLN A 310 -45.71 -18.48 12.85
C GLN A 310 -46.19 -18.36 11.41
N VAL A 311 -45.75 -17.37 10.64
CA VAL A 311 -46.17 -17.28 9.24
C VAL A 311 -45.49 -18.40 8.45
N PRO A 312 -46.22 -19.12 7.61
CA PRO A 312 -45.61 -20.20 6.83
C PRO A 312 -44.56 -19.70 5.84
N LYS A 313 -43.43 -20.43 5.79
CA LYS A 313 -42.32 -20.07 4.93
C LYS A 313 -42.74 -19.90 3.47
N GLU A 314 -43.75 -20.66 3.03
CA GLU A 314 -44.23 -20.53 1.66
C GLU A 314 -44.95 -19.22 1.40
N HIS A 315 -45.26 -18.44 2.44
CA HIS A 315 -45.97 -17.19 2.26
C HIS A 315 -45.23 -15.99 2.85
N VAL A 316 -44.07 -16.21 3.49
CA VAL A 316 -43.32 -15.08 4.05
C VAL A 316 -43.05 -14.03 2.99
N ASN A 317 -42.66 -14.45 1.78
CA ASN A 317 -42.43 -13.49 0.72
C ASN A 317 -43.71 -12.75 0.38
N GLU A 318 -44.82 -13.47 0.34
CA GLU A 318 -46.11 -12.85 0.09
C GLU A 318 -46.48 -11.93 1.25
N PHE A 319 -46.26 -12.39 2.48
CA PHE A 319 -46.56 -11.61 3.66
C PHE A 319 -45.73 -10.33 3.73
N LYS A 320 -44.50 -10.38 3.21
CA LYS A 320 -43.65 -9.19 3.19
C LYS A 320 -44.10 -8.15 2.18
N SER A 321 -45.04 -8.47 1.29
CA SER A 321 -45.53 -7.49 0.35
C SER A 321 -46.17 -6.32 1.09
N ILE A 322 -46.03 -5.12 0.51
CA ILE A 322 -46.62 -3.92 1.10
C ILE A 322 -48.14 -3.99 1.10
N LYS A 323 -48.72 -4.74 0.16
CA LYS A 323 -50.15 -4.94 0.11
C LYS A 323 -50.61 -6.00 1.09
N LYS A 324 -51.91 -6.02 1.36
CA LYS A 324 -52.58 -6.95 2.26
C LYS A 324 -52.24 -6.75 3.74
N PHE A 325 -50.98 -6.51 4.08
CA PHE A 325 -50.58 -6.35 5.47
C PHE A 325 -49.93 -4.99 5.66
N LYS A 326 -50.75 -3.95 5.72
CA LYS A 326 -50.25 -2.58 5.82
C LYS A 326 -50.18 -2.02 7.23
N TYR A 327 -50.51 -2.78 8.27
CA TYR A 327 -50.45 -2.27 9.62
C TYR A 327 -49.52 -3.14 10.47
N PHE A 328 -48.89 -2.53 11.48
CA PHE A 328 -48.06 -3.27 12.41
C PHE A 328 -48.32 -2.84 13.85
N ASN A 329 -48.01 -3.73 14.78
CA ASN A 329 -48.28 -3.55 16.20
C ASN A 329 -47.31 -2.57 16.86
N THR A 330 -47.84 -1.45 17.36
CA THR A 330 -47.04 -0.44 18.06
C THR A 330 -46.80 -0.78 19.52
N ASN A 331 -47.54 -1.74 20.08
CA ASN A 331 -47.55 -2.15 21.48
C ASN A 331 -48.19 -1.16 22.43
N ASN A 332 -48.63 0.01 21.98
CA ASN A 332 -49.38 0.92 22.84
C ASN A 332 -50.80 0.37 22.97
N ILE A 333 -51.19 -0.02 24.19
CA ILE A 333 -52.48 -0.67 24.37
C ILE A 333 -53.27 -0.03 25.51
N TRP A 334 -54.58 0.04 25.32
CA TRP A 334 -55.54 0.56 26.28
C TRP A 334 -56.46 -0.58 26.71
N MET A 335 -56.67 -0.76 28.02
CA MET A 335 -57.46 -1.89 28.48
C MET A 335 -58.31 -1.52 29.69
N ASN A 336 -59.33 -2.36 29.94
CA ASN A 336 -60.22 -2.26 31.09
C ASN A 336 -59.67 -3.10 32.23
N LEU A 337 -59.53 -2.49 33.42
CA LEU A 337 -58.98 -3.21 34.56
C LEU A 337 -59.86 -4.39 35.00
N ARG A 338 -61.18 -4.19 35.01
CA ARG A 338 -62.05 -5.31 35.38
C ARG A 338 -62.05 -6.39 34.32
N ALA A 339 -61.84 -6.02 33.06
CA ALA A 339 -61.70 -7.02 32.01
C ALA A 339 -60.50 -7.90 32.29
N ILE A 340 -59.38 -7.29 32.65
CA ILE A 340 -58.20 -8.06 33.03
C ILE A 340 -58.53 -8.98 34.19
N LYS A 341 -59.26 -8.48 35.18
CA LYS A 341 -59.67 -9.31 36.31
C LYS A 341 -60.52 -10.48 35.83
N ARG A 342 -61.52 -10.21 34.99
CA ARG A 342 -62.41 -11.26 34.54
C ARG A 342 -61.69 -12.38 33.80
N VAL A 343 -60.75 -12.04 32.90
CA VAL A 343 -60.04 -13.10 32.19
C VAL A 343 -59.24 -13.96 33.16
N VAL A 344 -58.81 -13.39 34.28
CA VAL A 344 -58.09 -14.17 35.28
C VAL A 344 -59.09 -14.95 36.13
N GLU A 345 -60.17 -14.29 36.55
CA GLU A 345 -61.20 -14.97 37.33
C GLU A 345 -61.83 -16.11 36.52
N GLU A 346 -62.03 -15.90 35.23
CA GLU A 346 -62.57 -16.92 34.34
C GLU A 346 -61.52 -17.93 33.90
N ASN A 347 -60.24 -17.66 34.16
CA ASN A 347 -59.12 -18.50 33.73
C ASN A 347 -59.11 -18.70 32.22
N GLU A 348 -59.71 -17.77 31.49
CA GLU A 348 -59.78 -17.80 30.03
C GLU A 348 -58.44 -17.40 29.41
N LEU A 349 -57.55 -16.83 30.20
CA LEU A 349 -56.22 -16.39 29.77
C LEU A 349 -55.32 -17.53 29.28
N GLU A 350 -55.22 -17.67 27.96
CA GLU A 350 -54.38 -18.66 27.31
C GLU A 350 -53.63 -17.90 26.23
N MET A 351 -52.31 -18.08 26.17
CA MET A 351 -51.47 -17.29 25.28
C MET A 351 -50.66 -18.12 24.30
N GLU A 352 -50.33 -17.48 23.17
CA GLU A 352 -49.50 -18.06 22.14
C GLU A 352 -48.09 -18.22 22.69
N ILE A 353 -47.65 -19.46 22.88
CA ILE A 353 -46.34 -19.74 23.45
C ILE A 353 -45.23 -19.43 22.46
N ILE A 354 -44.19 -18.75 22.93
CA ILE A 354 -43.01 -18.39 22.14
C ILE A 354 -41.83 -19.11 22.77
N ALA A 355 -41.11 -19.90 21.98
CA ALA A 355 -39.97 -20.67 22.47
C ALA A 355 -38.64 -20.02 22.10
N ASN A 356 -37.83 -19.74 23.12
CA ASN A 356 -36.50 -19.15 23.00
C ASN A 356 -35.49 -20.06 23.67
N GLU A 357 -34.29 -20.15 23.11
CA GLU A 357 -33.24 -21.01 23.64
C GLU A 357 -32.00 -20.22 24.02
N LYS A 358 -31.30 -20.73 25.03
CA LYS A 358 -30.05 -20.16 25.52
C LYS A 358 -29.13 -21.31 25.90
N SER A 359 -27.86 -20.99 26.15
CA SER A 359 -26.87 -22.00 26.53
C SER A 359 -26.17 -21.57 27.81
N ILE A 360 -26.52 -22.22 28.92
CA ILE A 360 -25.88 -21.92 30.20
C ILE A 360 -24.51 -22.58 30.24
N PRO A 361 -23.43 -21.81 30.44
CA PRO A 361 -22.06 -22.32 30.51
C PRO A 361 -21.87 -23.41 31.56
N ALA A 371 -27.72 -26.15 27.61
CA ALA A 371 -28.75 -25.54 26.78
C ALA A 371 -30.11 -25.61 27.47
N ILE A 372 -30.91 -24.55 27.30
CA ILE A 372 -32.22 -24.43 27.94
C ILE A 372 -33.23 -23.81 26.98
N TYR A 373 -34.51 -23.98 27.32
CA TYR A 373 -35.64 -23.42 26.58
C TYR A 373 -36.36 -22.41 27.44
N GLN A 374 -36.89 -21.37 26.80
CA GLN A 374 -37.68 -20.34 27.46
C GLN A 374 -39.00 -20.14 26.73
N LEU A 375 -40.07 -19.98 27.50
CA LEU A 375 -41.41 -19.74 26.98
C LEU A 375 -41.83 -18.30 27.23
N GLU A 376 -42.24 -17.60 26.16
CA GLU A 376 -42.62 -16.21 26.24
C GLU A 376 -43.91 -15.98 25.46
N THR A 377 -44.47 -14.78 25.64
CA THR A 377 -45.75 -14.38 25.04
C THR A 377 -45.69 -12.92 24.67
N ALA A 378 -46.58 -12.51 23.77
CA ALA A 378 -46.61 -11.13 23.27
C ALA A 378 -47.75 -10.33 23.88
N VAL A 379 -47.52 -9.01 23.96
CA VAL A 379 -48.50 -8.07 24.52
C VAL A 379 -49.74 -7.94 23.64
N GLY A 380 -49.62 -8.20 22.34
CA GLY A 380 -50.76 -8.12 21.44
C GLY A 380 -51.64 -9.35 21.35
N ALA A 381 -51.05 -10.54 21.49
CA ALA A 381 -51.77 -11.80 21.35
C ALA A 381 -53.07 -11.88 22.14
N ALA A 382 -53.16 -11.19 23.27
CA ALA A 382 -54.39 -11.25 24.07
C ALA A 382 -55.60 -10.64 23.38
N ILE A 383 -55.40 -9.82 22.35
CA ILE A 383 -56.47 -9.14 21.62
C ILE A 383 -57.68 -10.03 21.29
N ARG A 384 -57.45 -11.31 20.97
CA ARG A 384 -58.53 -12.21 20.58
C ARG A 384 -59.57 -12.46 21.68
N HIS A 385 -59.15 -12.49 22.94
CA HIS A 385 -60.06 -12.79 24.05
C HIS A 385 -60.81 -11.57 24.58
N PHE A 386 -61.08 -10.56 23.76
CA PHE A 386 -61.73 -9.36 24.25
C PHE A 386 -62.87 -8.90 23.34
N LYS A 387 -63.98 -8.53 23.97
CA LYS A 387 -65.14 -8.04 23.25
C LYS A 387 -64.90 -6.65 22.69
N ASN A 388 -65.44 -6.42 21.49
CA ASN A 388 -65.33 -5.16 20.75
C ASN A 388 -63.88 -4.73 20.52
N ALA A 389 -62.95 -5.66 20.68
CA ALA A 389 -61.54 -5.37 20.47
C ALA A 389 -61.28 -4.88 19.05
N HIS A 390 -60.76 -3.66 18.93
CA HIS A 390 -60.46 -3.10 17.63
C HIS A 390 -59.34 -2.10 17.79
N GLY A 391 -58.67 -1.80 16.67
CA GLY A 391 -57.53 -0.92 16.71
C GLY A 391 -57.70 0.47 16.11
N VAL A 392 -56.79 1.35 16.48
CA VAL A 392 -56.74 2.73 16.00
C VAL A 392 -55.39 2.96 15.35
N ASN A 393 -55.37 3.69 14.25
CA ASN A 393 -54.13 4.03 13.55
C ASN A 393 -53.75 5.45 13.94
N VAL A 394 -52.54 5.63 14.45
CA VAL A 394 -52.11 6.93 14.96
C VAL A 394 -50.95 7.43 14.11
N PRO A 395 -50.73 8.75 14.09
CA PRO A 395 -49.58 9.30 13.36
C PRO A 395 -48.27 8.81 13.95
N ARG A 396 -47.24 8.73 13.10
CA ARG A 396 -45.97 8.16 13.52
C ARG A 396 -45.28 8.92 14.65
N ARG A 397 -45.73 10.13 14.97
CA ARG A 397 -45.14 10.84 16.10
C ARG A 397 -45.27 10.08 17.40
N ARG A 398 -46.03 8.98 17.42
CA ARG A 398 -46.20 8.13 18.59
C ARG A 398 -45.27 6.92 18.62
N PHE A 399 -44.47 6.69 17.59
CA PHE A 399 -43.54 5.55 17.58
C PHE A 399 -42.13 5.99 17.19
N LEU A 400 -41.28 6.09 18.21
CA LEU A 400 -39.88 6.49 18.05
C LEU A 400 -39.09 5.68 19.08
N PRO A 401 -38.75 4.44 18.76
CA PRO A 401 -38.06 3.58 19.73
C PRO A 401 -36.58 3.92 19.82
N VAL A 402 -35.99 3.48 20.91
CA VAL A 402 -34.56 3.65 21.13
C VAL A 402 -33.99 2.27 21.39
N LYS A 403 -33.68 1.59 20.29
CA LYS A 403 -33.15 0.24 20.27
C LYS A 403 -31.68 0.17 19.93
N THR A 404 -31.18 1.12 19.12
CA THR A 404 -29.81 1.05 18.64
C THR A 404 -29.21 2.44 18.51
N CYS A 405 -27.89 2.44 18.34
CA CYS A 405 -27.10 3.66 18.18
C CYS A 405 -27.71 4.65 17.19
N SER A 406 -28.25 4.15 16.08
CA SER A 406 -28.83 5.05 15.08
C SER A 406 -30.00 5.86 15.61
N ASP A 407 -30.63 5.42 16.70
CA ASP A 407 -31.71 6.20 17.28
C ASP A 407 -31.22 7.28 18.23
N LEU A 408 -30.25 6.94 19.08
CA LEU A 408 -29.75 7.89 20.08
C LEU A 408 -29.19 9.16 19.48
N LEU A 409 -28.66 9.09 18.26
CA LEU A 409 -28.14 10.31 17.63
C LEU A 409 -29.28 11.26 17.29
N LEU A 410 -30.35 10.74 16.71
CA LEU A 410 -31.50 11.56 16.32
C LEU A 410 -32.13 12.29 17.50
N VAL A 411 -32.27 11.61 18.64
CA VAL A 411 -32.91 12.23 19.81
C VAL A 411 -32.05 13.25 20.53
N LYS A 412 -30.73 13.13 20.46
CA LYS A 412 -29.87 14.11 21.12
C LYS A 412 -29.60 15.35 20.29
N SER A 413 -29.89 15.32 19.00
CA SER A 413 -29.59 16.42 18.10
C SER A 413 -30.50 17.62 18.37
N ASP A 414 -30.27 18.67 17.59
CA ASP A 414 -31.03 19.91 17.61
C ASP A 414 -32.39 19.77 16.94
N LEU A 415 -32.73 18.59 16.44
CA LEU A 415 -34.02 18.40 15.78
C LEU A 415 -35.17 18.24 16.77
N TYR A 416 -34.89 18.00 18.04
CA TYR A 416 -35.94 17.84 19.03
C TYR A 416 -35.73 18.79 20.19
N ARG A 417 -36.85 19.25 20.75
CA ARG A 417 -36.88 20.11 21.92
C ARG A 417 -37.84 19.50 22.94
N LEU A 418 -37.52 19.67 24.21
CA LEU A 418 -38.30 19.10 25.30
C LEU A 418 -39.15 20.19 25.95
N GLU A 419 -40.46 19.98 26.00
CA GLU A 419 -41.38 20.91 26.64
C GLU A 419 -42.18 20.15 27.70
N HIS A 420 -42.01 20.56 28.96
CA HIS A 420 -42.63 19.91 30.12
C HIS A 420 -42.42 18.40 30.12
N GLY A 421 -41.44 17.91 29.38
CA GLY A 421 -41.18 16.49 29.26
C GLY A 421 -41.75 15.78 28.05
N GLN A 422 -42.25 16.50 27.05
CA GLN A 422 -42.74 15.90 25.82
C GLN A 422 -41.85 16.31 24.66
N LEU A 423 -41.46 15.35 23.83
CA LEU A 423 -40.68 15.61 22.64
C LEU A 423 -41.61 15.87 21.46
N VAL A 424 -41.48 17.03 20.84
CA VAL A 424 -42.28 17.39 19.67
C VAL A 424 -41.32 17.88 18.60
N MET A 425 -41.42 17.32 17.40
CA MET A 425 -40.52 17.72 16.34
C MET A 425 -40.81 19.14 15.91
N ASP A 426 -39.75 19.86 15.55
CA ASP A 426 -39.81 21.23 15.08
C ASP A 426 -40.79 21.34 13.91
N PRO A 427 -41.82 22.18 14.00
CA PRO A 427 -42.77 22.31 12.88
C PRO A 427 -42.13 22.78 11.59
N ASN A 428 -40.90 23.29 11.64
CA ASN A 428 -40.20 23.73 10.44
C ASN A 428 -39.63 22.59 9.61
N ARG A 429 -39.44 21.41 10.22
CA ARG A 429 -38.92 20.27 9.48
C ARG A 429 -39.95 19.74 8.48
N PHE A 430 -39.59 19.75 7.21
CA PHE A 430 -40.39 19.18 6.15
C PHE A 430 -40.07 17.69 5.97
N GLY A 431 -41.05 16.94 5.50
CA GLY A 431 -40.90 15.50 5.31
C GLY A 431 -40.71 14.75 6.61
N GLY A 432 -40.45 13.45 6.46
CA GLY A 432 -40.25 12.59 7.61
C GLY A 432 -38.88 12.76 8.23
N VAL A 433 -38.61 11.89 9.19
CA VAL A 433 -37.31 11.94 9.90
C VAL A 433 -36.20 11.50 8.96
N PRO A 434 -35.05 12.16 8.98
CA PRO A 434 -33.91 11.73 8.15
C PRO A 434 -33.43 10.36 8.58
N VAL A 435 -32.92 9.59 7.63
CA VAL A 435 -32.42 8.25 7.91
C VAL A 435 -30.96 8.31 8.29
N ILE A 436 -30.62 7.70 9.42
CA ILE A 436 -29.27 7.63 9.95
C ILE A 436 -28.93 6.17 10.19
N LYS A 437 -27.81 5.70 9.63
CA LYS A 437 -27.40 4.30 9.77
C LYS A 437 -25.90 4.23 10.01
N LEU A 438 -25.48 4.15 11.26
CA LEU A 438 -24.07 4.11 11.63
C LEU A 438 -23.51 2.70 11.47
N GLY A 439 -22.22 2.63 11.21
CA GLY A 439 -21.57 1.35 11.00
C GLY A 439 -21.39 0.55 12.26
N SER A 440 -20.93 -0.68 12.06
CA SER A 440 -20.76 -1.67 13.11
C SER A 440 -19.80 -1.24 14.22
N ASP A 441 -19.00 -0.18 14.01
CA ASP A 441 -18.08 0.27 15.04
C ASP A 441 -18.73 1.03 16.19
N PHE A 442 -19.96 1.51 16.03
CA PHE A 442 -20.62 2.34 17.04
C PHE A 442 -21.63 1.56 17.87
N LYS A 443 -21.50 0.24 17.96
CA LYS A 443 -22.46 -0.59 18.68
C LYS A 443 -22.60 -0.19 20.15
N LYS A 444 -21.50 -0.16 20.90
CA LYS A 444 -21.58 0.15 22.33
C LYS A 444 -21.79 1.63 22.62
N VAL A 445 -22.70 1.89 23.56
CA VAL A 445 -23.06 3.26 23.95
C VAL A 445 -21.92 4.03 24.61
N SER A 446 -20.94 3.34 25.19
CA SER A 446 -19.79 4.03 25.77
C SER A 446 -18.92 4.67 24.70
N ASP A 447 -18.54 3.89 23.69
CA ASP A 447 -17.71 4.38 22.59
C ASP A 447 -18.35 5.56 21.88
N PHE A 448 -19.69 5.57 21.81
CA PHE A 448 -20.40 6.65 21.14
C PHE A 448 -19.96 8.03 21.61
N GLN A 449 -19.65 8.17 22.89
CA GLN A 449 -19.23 9.48 23.39
C GLN A 449 -17.83 9.85 22.92
N LYS A 450 -17.00 8.85 22.63
CA LYS A 450 -15.63 9.10 22.20
C LYS A 450 -15.56 9.65 20.78
N ARG A 451 -16.25 9.01 19.83
CA ARG A 451 -16.17 9.43 18.44
C ARG A 451 -17.05 10.63 18.11
N ILE A 452 -18.13 10.87 18.86
CA ILE A 452 -19.00 12.01 18.57
C ILE A 452 -19.17 12.85 19.83
N PRO A 453 -18.13 13.60 20.22
CA PRO A 453 -18.24 14.42 21.44
C PRO A 453 -19.34 15.46 21.40
N SER A 454 -19.68 15.97 20.22
CA SER A 454 -20.81 16.90 20.11
C SER A 454 -21.66 16.50 18.91
N ILE A 455 -22.96 16.48 19.12
CA ILE A 455 -23.89 16.02 18.08
C ILE A 455 -23.85 16.98 16.89
N PRO A 456 -23.79 16.48 15.66
CA PRO A 456 -23.79 17.36 14.50
C PRO A 456 -25.15 17.98 14.26
N ARG A 457 -25.14 19.15 13.61
CA ARG A 457 -26.38 19.82 13.27
C ARG A 457 -27.03 18.98 12.16
N ILE A 458 -28.26 18.50 12.39
CA ILE A 458 -28.89 17.63 11.40
C ILE A 458 -30.11 18.25 10.75
N VAL A 459 -30.39 19.54 10.98
CA VAL A 459 -31.47 20.15 10.22
C VAL A 459 -31.05 20.16 8.76
N GLU A 460 -32.03 19.99 7.87
CA GLU A 460 -31.82 19.97 6.42
C GLU A 460 -30.98 18.78 5.94
N LEU A 461 -30.77 17.78 6.78
CA LEU A 461 -30.09 16.56 6.34
C LEU A 461 -31.12 15.61 5.74
N ASP A 462 -30.74 14.93 4.67
CA ASP A 462 -31.63 13.99 3.99
C ASP A 462 -31.30 12.52 4.22
N HIS A 463 -30.04 12.14 4.16
CA HIS A 463 -29.65 10.74 4.33
C HIS A 463 -28.19 10.74 4.72
N LEU A 464 -27.84 9.89 5.69
CA LEU A 464 -26.48 9.83 6.17
C LEU A 464 -26.04 8.39 6.39
N THR A 465 -24.86 8.05 5.87
CA THR A 465 -24.27 6.73 6.05
C THR A 465 -22.84 6.91 6.54
N ILE A 466 -22.46 6.15 7.56
CA ILE A 466 -21.12 6.20 8.13
C ILE A 466 -20.62 4.78 8.29
N THR A 467 -19.46 4.49 7.71
CA THR A 467 -18.84 3.18 7.81
C THR A 467 -17.36 3.35 8.12
N GLY A 468 -16.85 2.52 9.02
CA GLY A 468 -15.48 2.61 9.46
C GLY A 468 -15.25 3.67 10.53
N ALA A 469 -13.97 3.92 10.79
CA ALA A 469 -13.56 4.85 11.85
C ALA A 469 -13.75 6.28 11.40
N VAL A 470 -14.80 6.93 11.92
CA VAL A 470 -15.08 8.32 11.61
C VAL A 470 -15.21 9.12 12.90
N ASN A 471 -14.45 10.19 13.03
CA ASN A 471 -14.54 11.08 14.18
C ASN A 471 -15.08 12.43 13.72
N LEU A 472 -16.16 12.87 14.36
CA LEU A 472 -16.82 14.11 14.01
C LEU A 472 -16.45 15.18 15.02
N GLY A 473 -15.80 16.24 14.55
CA GLY A 473 -15.44 17.34 15.41
C GLY A 473 -16.68 18.14 15.79
N ARG A 474 -16.45 19.17 16.59
CA ARG A 474 -17.54 20.03 16.99
C ARG A 474 -18.04 20.90 15.84
N ASN A 475 -19.30 21.33 15.97
CA ASN A 475 -19.96 22.23 15.03
C ASN A 475 -19.95 21.72 13.58
N VAL A 476 -20.13 20.41 13.39
CA VAL A 476 -20.21 19.87 12.04
C VAL A 476 -21.64 20.01 11.52
N THR A 477 -21.78 20.47 10.29
CA THR A 477 -23.08 20.68 9.66
C THR A 477 -23.19 19.80 8.42
N LEU A 478 -24.28 19.03 8.35
CA LEU A 478 -24.53 18.12 7.24
C LEU A 478 -25.80 18.54 6.51
N LYS A 479 -25.71 18.69 5.19
CA LYS A 479 -26.85 19.08 4.37
C LYS A 479 -26.99 18.15 3.19
N GLY A 480 -28.24 17.78 2.88
CA GLY A 480 -28.52 16.86 1.79
C GLY A 480 -28.16 15.43 2.14
N THR A 481 -27.44 14.77 1.24
CA THR A 481 -26.98 13.40 1.45
C THR A 481 -25.48 13.41 1.69
N VAL A 482 -25.02 12.65 2.68
CA VAL A 482 -23.60 12.57 3.01
C VAL A 482 -23.24 11.10 3.19
N ILE A 483 -22.24 10.64 2.45
CA ILE A 483 -21.78 9.26 2.51
C ILE A 483 -20.31 9.28 2.90
N ILE A 484 -19.98 8.68 4.04
CA ILE A 484 -18.61 8.64 4.54
C ILE A 484 -18.16 7.18 4.58
N VAL A 485 -17.08 6.86 3.88
CA VAL A 485 -16.60 5.49 3.77
C VAL A 485 -15.13 5.50 4.12
N ALA A 486 -14.81 5.11 5.35
CA ALA A 486 -13.43 5.07 5.79
C ALA A 486 -12.68 3.88 5.20
N THR A 487 -11.41 4.09 4.90
CA THR A 487 -10.57 3.01 4.42
C THR A 487 -10.36 1.98 5.53
N GLU A 488 -10.37 0.71 5.15
CA GLU A 488 -10.20 -0.38 6.12
C GLU A 488 -8.96 -0.19 6.98
N GLY A 489 -9.16 -0.01 8.29
CA GLY A 489 -8.08 0.18 9.23
C GLY A 489 -7.62 1.60 9.44
N SER A 490 -8.05 2.55 8.60
CA SER A 490 -7.68 3.95 8.74
C SER A 490 -8.82 4.73 9.37
N THR A 491 -8.52 5.95 9.79
CA THR A 491 -9.51 6.80 10.43
C THR A 491 -9.66 8.09 9.62
N ILE A 492 -10.88 8.64 9.66
CA ILE A 492 -11.19 9.92 9.01
C ILE A 492 -11.62 10.88 10.11
N ASP A 493 -10.83 11.91 10.34
CA ASP A 493 -11.15 12.95 11.31
C ASP A 493 -11.73 14.15 10.58
N ILE A 494 -13.06 14.26 10.59
CA ILE A 494 -13.74 15.37 9.92
C ILE A 494 -13.33 16.63 10.66
N PRO A 495 -12.76 17.62 9.97
CA PRO A 495 -12.31 18.81 10.66
C PRO A 495 -13.47 19.58 11.26
N PRO A 496 -13.27 20.24 12.39
CA PRO A 496 -14.34 21.05 12.99
C PRO A 496 -14.87 22.11 12.03
N GLY A 497 -16.13 22.46 12.23
CA GLY A 497 -16.76 23.48 11.39
C GLY A 497 -17.11 23.04 10.00
N SER A 498 -16.76 21.82 9.61
CA SER A 498 -17.04 21.32 8.28
C SER A 498 -18.52 21.44 7.91
N VAL A 499 -18.76 21.90 6.69
CA VAL A 499 -20.08 22.02 6.11
C VAL A 499 -20.06 21.11 4.87
N LEU A 500 -20.88 20.08 4.88
CA LEU A 500 -20.93 19.13 3.79
C LEU A 500 -22.27 19.20 3.07
N GLU A 501 -22.21 19.29 1.75
CA GLU A 501 -23.38 19.33 0.90
C GLU A 501 -23.27 18.27 -0.19
N ASN A 502 -24.31 17.47 -0.34
CA ASN A 502 -24.43 16.39 -1.32
C ASN A 502 -23.13 15.82 -1.85
N CYS A 503 -22.39 15.04 -1.05
CA CYS A 503 -21.11 14.55 -1.55
C CYS A 503 -20.70 13.26 -0.85
N VAL A 504 -19.78 12.56 -1.51
CA VAL A 504 -19.17 11.33 -1.04
C VAL A 504 -17.80 11.67 -0.46
N VAL A 505 -17.48 11.09 0.69
CA VAL A 505 -16.20 11.31 1.36
C VAL A 505 -15.55 9.96 1.62
N GLN A 506 -14.30 9.83 1.20
CA GLN A 506 -13.54 8.59 1.33
C GLN A 506 -12.07 8.91 1.54
N GLY A 507 -11.39 8.09 2.34
CA GLY A 507 -9.98 8.30 2.61
C GLY A 507 -9.46 8.13 4.03
N SER A 508 -8.47 8.95 4.40
CA SER A 508 -7.88 8.94 5.74
C SER A 508 -7.32 10.32 6.05
N LEU A 509 -7.60 10.83 7.25
CA LEU A 509 -7.15 12.15 7.63
C LEU A 509 -6.92 12.19 9.13
N ARG A 510 -5.69 12.49 9.55
CA ARG A 510 -5.30 12.54 10.95
C ARG A 510 -5.12 13.98 11.42
N ILE A 511 -5.66 14.29 12.59
CA ILE A 511 -5.52 15.61 13.21
C ILE A 511 -4.90 15.39 14.58
N LEU A 512 -3.65 15.81 14.74
CA LEU A 512 -2.92 15.69 15.99
C LEU A 512 -2.57 17.07 16.47
N GLU A 513 -2.63 17.29 17.77
CA GLU A 513 -2.28 18.59 18.31
C GLU A 513 -0.81 18.89 18.03
N HIS A 514 -0.53 20.12 17.63
CA HIS A 514 0.82 20.56 17.30
C HIS A 514 1.82 20.24 18.40
N ALA B 32 -32.85 22.61 54.07
CA ALA B 32 -32.75 21.88 55.33
C ALA B 32 -31.72 20.76 55.24
N SER B 33 -31.73 20.06 54.09
CA SER B 33 -30.82 18.94 53.90
C SER B 33 -29.36 19.33 54.09
N THR B 34 -29.01 20.58 53.75
CA THR B 34 -27.64 21.05 53.94
C THR B 34 -27.24 20.98 55.41
N SER B 35 -28.12 21.40 56.31
CA SER B 35 -27.82 21.33 57.74
C SER B 35 -27.72 19.88 58.20
N VAL B 36 -28.60 19.02 57.69
CA VAL B 36 -28.53 17.60 58.04
C VAL B 36 -27.22 17.00 57.56
N ALA B 37 -26.84 17.29 56.31
CA ALA B 37 -25.57 16.82 55.77
C ALA B 37 -24.41 17.37 56.59
N ALA B 38 -24.47 18.65 56.94
CA ALA B 38 -23.42 19.25 57.76
C ALA B 38 -23.34 18.57 59.11
N SER B 39 -24.48 18.18 59.68
CA SER B 39 -24.47 17.48 60.95
C SER B 39 -23.82 16.10 60.78
N GLN B 40 -24.23 15.37 59.74
CA GLN B 40 -23.63 14.06 59.48
C GLN B 40 -22.15 14.21 59.20
N MET B 41 -21.78 15.23 58.43
CA MET B 41 -20.37 15.48 58.13
C MET B 41 -19.61 15.79 59.42
N ARG B 42 -20.13 16.71 60.22
CA ARG B 42 -19.52 17.05 61.50
C ARG B 42 -19.28 15.81 62.35
N ASN B 43 -20.32 14.98 62.50
CA ASN B 43 -20.19 13.77 63.31
C ASN B 43 -19.16 12.82 62.72
N ALA B 44 -19.12 12.70 61.39
CA ALA B 44 -18.15 11.82 60.76
C ALA B 44 -16.73 12.36 60.91
N LEU B 45 -16.55 13.67 60.66
CA LEU B 45 -15.23 14.27 60.83
C LEU B 45 -14.76 14.16 62.27
N ASN B 46 -15.67 14.43 63.22
CA ASN B 46 -15.33 14.36 64.63
C ASN B 46 -15.08 12.93 65.08
N ALA B 47 -15.83 11.97 64.54
CA ALA B 47 -15.63 10.57 64.91
C ALA B 47 -14.23 10.10 64.55
N LEU B 48 -13.73 10.50 63.38
CA LEU B 48 -12.37 10.15 63.02
C LEU B 48 -11.38 10.80 64.00
N ALA B 49 -11.60 12.08 64.32
CA ALA B 49 -10.76 12.76 65.29
C ALA B 49 -10.87 12.13 66.68
N GLU B 50 -12.01 11.52 66.99
CA GLU B 50 -12.13 10.86 68.30
C GLU B 50 -11.35 9.55 68.33
N THR B 51 -11.40 8.78 67.24
CA THR B 51 -10.65 7.53 67.17
C THR B 51 -9.22 7.84 66.73
N VAL B 52 -8.34 8.05 67.70
CA VAL B 52 -6.95 8.42 67.44
C VAL B 52 -6.10 7.92 68.62
N PRO B 53 -4.91 7.40 68.37
CA PRO B 53 -4.08 6.89 69.46
C PRO B 53 -3.34 7.94 70.29
N ASP B 54 -2.88 9.03 69.68
CA ASP B 54 -2.06 9.94 70.48
C ASP B 54 -2.62 11.35 70.55
N PRO B 55 -2.40 12.03 71.69
CA PRO B 55 -2.89 13.41 71.86
C PRO B 55 -2.31 14.42 70.88
N ASN B 56 -1.00 14.37 70.62
CA ASN B 56 -0.39 15.32 69.69
C ASN B 56 -1.04 15.24 68.33
N GLU B 57 -1.28 14.03 67.84
CA GLU B 57 -1.97 13.89 66.56
C GLU B 57 -3.38 14.46 66.67
N ARG B 58 -4.08 14.14 67.77
CA ARG B 58 -5.42 14.66 67.99
C ARG B 58 -5.45 16.18 67.92
N LYS B 59 -4.48 16.84 68.57
CA LYS B 59 -4.43 18.30 68.50
C LYS B 59 -4.28 18.76 67.05
N ARG B 60 -3.27 18.23 66.36
CA ARG B 60 -3.04 18.59 64.97
C ARG B 60 -4.25 18.25 64.10
N PHE B 61 -4.71 17.00 64.20
CA PHE B 61 -5.86 16.56 63.41
C PHE B 61 -7.13 17.37 63.71
N GLU B 62 -7.36 17.73 64.98
CA GLU B 62 -8.57 18.49 65.29
C GLU B 62 -8.54 19.85 64.60
N ALA B 63 -7.44 20.58 64.73
CA ALA B 63 -7.37 21.89 64.08
C ALA B 63 -7.49 21.70 62.57
N GLU B 64 -6.71 20.76 62.03
CA GLU B 64 -6.75 20.44 60.61
C GLU B 64 -8.16 20.09 60.15
N MET B 65 -8.79 19.14 60.82
CA MET B 65 -10.14 18.71 60.45
C MET B 65 -11.18 19.82 60.66
N ASP B 66 -11.02 20.64 61.70
CA ASP B 66 -11.97 21.72 61.93
C ASP B 66 -11.95 22.77 60.82
N ASN B 67 -10.80 23.00 60.20
CA ASN B 67 -10.74 23.92 59.08
C ASN B 67 -11.59 23.42 57.90
N PHE B 68 -11.53 22.13 57.60
CA PHE B 68 -12.29 21.58 56.49
C PHE B 68 -13.80 21.68 56.73
N PHE B 69 -14.23 21.50 57.97
CA PHE B 69 -15.65 21.67 58.29
C PHE B 69 -16.13 23.05 57.87
N ALA B 70 -15.36 24.09 58.19
CA ALA B 70 -15.73 25.44 57.77
C ALA B 70 -15.67 25.57 56.26
N LEU B 71 -14.62 25.03 55.64
CA LEU B 71 -14.49 25.06 54.19
C LEU B 71 -15.67 24.35 53.53
N PHE B 72 -15.99 23.15 54.00
CA PHE B 72 -17.10 22.38 53.45
C PHE B 72 -18.40 23.16 53.56
N ARG B 73 -18.64 23.81 54.70
CA ARG B 73 -19.83 24.62 54.86
C ARG B 73 -19.87 25.73 53.82
N ARG B 74 -18.77 26.48 53.69
CA ARG B 74 -18.72 27.53 52.68
C ARG B 74 -18.93 26.97 51.28
N PHE B 75 -18.34 25.80 51.01
CA PHE B 75 -18.49 25.19 49.69
C PHE B 75 -19.96 24.99 49.35
N LEU B 76 -20.72 24.36 50.24
CA LEU B 76 -22.15 24.17 49.98
C LEU B 76 -22.84 25.52 49.86
N ASN B 77 -22.54 26.43 50.79
CA ASN B 77 -23.15 27.77 50.77
C ASN B 77 -22.78 28.52 49.49
N ASP B 78 -21.51 28.46 49.10
CA ASP B 78 -21.07 29.14 47.88
C ASP B 78 -21.75 28.57 46.64
N LYS B 79 -22.08 27.28 46.64
CA LYS B 79 -22.81 26.74 45.48
C LYS B 79 -24.25 27.25 45.46
N ALA B 80 -24.89 27.32 46.63
CA ALA B 80 -26.24 27.85 46.66
C ALA B 80 -26.25 29.32 46.24
N LYS B 81 -25.23 30.06 46.68
CA LYS B 81 -25.09 31.46 46.28
C LYS B 81 -24.53 31.60 44.86
N GLY B 82 -23.87 30.57 44.36
CA GLY B 82 -23.28 30.61 43.03
C GLY B 82 -22.17 31.64 42.91
N ASN B 86 -17.27 38.94 38.56
CA ASN B 86 -18.11 39.81 37.76
C ASN B 86 -17.28 40.47 36.66
N TRP B 87 -17.59 40.15 35.41
CA TRP B 87 -16.85 40.73 34.29
C TRP B 87 -16.84 42.24 34.35
N ASP B 88 -17.93 42.85 34.87
CA ASP B 88 -17.96 44.29 35.05
C ASP B 88 -16.89 44.75 36.02
N ARG B 89 -16.57 43.90 36.99
CA ARG B 89 -15.56 44.17 38.01
C ARG B 89 -14.16 43.75 37.57
N ILE B 90 -14.06 43.10 36.42
CA ILE B 90 -12.78 42.66 35.87
C ILE B 90 -12.16 43.84 35.14
N ALA B 91 -11.70 44.82 35.91
CA ALA B 91 -11.08 46.01 35.36
C ALA B 91 -9.59 45.77 35.15
N PRO B 92 -9.03 46.37 34.10
CA PRO B 92 -7.63 46.14 33.79
C PRO B 92 -6.72 46.66 34.90
N PRO B 93 -5.54 46.06 35.06
CA PRO B 93 -4.60 46.51 36.09
C PRO B 93 -4.10 47.92 35.80
N GLN B 94 -4.17 48.78 36.81
CA GLN B 94 -3.73 50.15 36.66
C GLN B 94 -2.21 50.24 36.67
N PRO B 95 -1.64 51.29 36.04
CA PRO B 95 -0.19 51.45 35.97
C PRO B 95 0.54 51.43 37.31
N SER B 96 -0.17 51.75 38.38
CA SER B 96 0.40 51.76 39.72
C SER B 96 0.60 50.36 40.30
N GLN B 97 0.02 49.34 39.69
CA GLN B 97 0.07 47.99 40.22
C GLN B 97 1.25 47.13 39.73
N VAL B 98 2.08 47.61 38.80
CA VAL B 98 3.18 46.79 38.29
C VAL B 98 4.48 47.59 38.22
N VAL B 99 5.53 47.02 38.83
CA VAL B 99 6.87 47.59 38.86
C VAL B 99 7.75 46.80 37.90
N ASN B 100 8.62 47.51 37.16
CA ASN B 100 9.49 46.84 36.21
C ASN B 100 10.85 46.51 36.82
N TYR B 101 11.34 45.30 36.49
CA TYR B 101 12.64 44.82 36.98
C TYR B 101 13.78 45.77 36.64
N ASP B 102 13.73 46.41 35.48
CA ASP B 102 14.78 47.36 35.10
C ASP B 102 14.75 48.63 35.93
N ASP B 103 13.63 48.92 36.60
CA ASP B 103 13.51 50.09 37.45
C ASP B 103 14.04 49.86 38.87
N ILE B 104 14.11 48.60 39.32
CA ILE B 104 14.59 48.32 40.66
C ILE B 104 16.06 48.70 40.80
N GLY B 105 16.43 49.18 41.98
CA GLY B 105 17.76 49.64 42.29
C GLY B 105 18.82 48.55 42.43
N LYS B 106 19.95 49.00 42.96
CA LYS B 106 21.15 48.22 43.21
C LYS B 106 20.87 46.99 44.08
N GLU B 107 21.79 46.03 44.01
CA GLU B 107 21.72 44.80 44.79
C GLU B 107 21.68 45.11 46.29
N SER B 108 20.93 44.29 47.02
CA SER B 108 20.85 44.42 48.47
C SER B 108 22.14 43.97 49.15
N SER B 109 22.54 44.70 50.19
CA SER B 109 23.77 44.39 50.91
C SER B 109 23.68 43.05 51.63
N VAL B 110 24.80 42.32 51.60
CA VAL B 110 24.97 41.00 52.20
C VAL B 110 24.43 40.92 53.62
N GLU B 111 24.60 41.99 54.39
CA GLU B 111 24.14 42.03 55.78
C GLU B 111 22.65 41.75 55.91
N PHE B 112 21.86 42.21 54.95
CA PHE B 112 20.41 42.01 54.97
C PHE B 112 19.97 40.59 54.57
N LEU B 113 20.89 39.76 54.09
CA LEU B 113 20.53 38.41 53.65
C LEU B 113 20.30 37.43 54.80
N ASN B 114 20.85 37.69 55.98
CA ASN B 114 20.63 36.79 57.12
C ASN B 114 19.15 36.59 57.44
N LYS B 115 18.30 37.58 57.16
CA LYS B 115 16.88 37.47 57.44
C LYS B 115 16.04 36.93 56.28
N LEU B 116 16.64 36.61 55.14
CA LEU B 116 15.86 36.02 54.06
C LEU B 116 15.67 34.52 54.29
N ALA B 117 14.61 33.97 53.68
CA ALA B 117 14.33 32.55 53.77
C ALA B 117 13.64 32.05 52.51
N VAL B 118 14.03 30.86 52.05
CA VAL B 118 13.50 30.26 50.82
C VAL B 118 12.76 28.97 51.17
N VAL B 119 11.55 28.84 50.66
CA VAL B 119 10.67 27.70 50.89
C VAL B 119 10.24 27.15 49.53
N LYS B 120 10.37 25.85 49.35
CA LYS B 120 10.03 25.17 48.10
C LYS B 120 8.87 24.19 48.26
N LEU B 121 8.02 24.16 47.24
CA LEU B 121 6.96 23.16 47.18
C LEU B 121 7.60 21.87 46.70
N ASN B 122 7.33 20.77 47.38
CA ASN B 122 7.92 19.48 47.07
C ASN B 122 6.85 18.39 47.06
N GLY B 123 5.69 18.71 46.50
CA GLY B 123 4.58 17.79 46.42
C GLY B 123 4.42 17.02 45.13
N GLY B 124 5.24 17.28 44.12
CA GLY B 124 5.08 16.61 42.84
C GLY B 124 5.78 15.26 42.74
N LEU B 125 5.02 14.26 42.31
CA LEU B 125 5.48 12.91 42.08
C LEU B 125 5.92 12.73 40.64
N GLY B 126 6.86 11.81 40.44
CA GLY B 126 7.27 11.53 39.07
C GLY B 126 6.20 10.84 38.25
N THR B 127 5.09 10.44 38.88
CA THR B 127 4.00 9.80 38.18
C THR B 127 3.43 10.69 37.09
N SER B 128 3.52 12.02 37.27
CA SER B 128 3.08 12.95 36.25
C SER B 128 3.81 12.74 34.94
N MET B 129 5.06 12.29 34.99
CA MET B 129 5.86 12.02 33.80
C MET B 129 6.22 10.54 33.68
N GLY B 130 5.47 9.67 34.34
CA GLY B 130 5.77 8.25 34.28
C GLY B 130 7.12 7.87 34.83
N CYS B 131 7.55 8.56 35.88
CA CYS B 131 8.84 8.31 36.51
C CYS B 131 8.58 7.87 37.94
N VAL B 132 9.45 7.01 38.44
CA VAL B 132 9.30 6.55 39.82
C VAL B 132 9.80 7.62 40.78
N GLY B 133 9.21 7.63 41.97
CA GLY B 133 9.59 8.55 43.02
C GLY B 133 9.12 9.98 42.84
N PRO B 134 9.63 10.86 43.70
CA PRO B 134 9.27 12.28 43.62
C PRO B 134 9.86 12.96 42.40
N LYS B 135 9.11 13.93 41.87
CA LYS B 135 9.59 14.67 40.70
C LYS B 135 10.91 15.35 41.00
N SER B 136 11.10 15.82 42.23
CA SER B 136 12.32 16.49 42.64
C SER B 136 13.56 15.60 42.49
N VAL B 137 13.40 14.29 42.47
CA VAL B 137 14.53 13.38 42.37
C VAL B 137 14.94 13.09 40.93
N ILE B 138 14.04 13.24 39.96
CA ILE B 138 14.37 12.93 38.57
C ILE B 138 15.53 13.79 38.11
N GLU B 139 16.41 13.20 37.30
CA GLU B 139 17.57 13.92 36.79
C GLU B 139 17.18 14.87 35.68
N VAL B 140 18.02 15.89 35.47
CA VAL B 140 17.81 16.88 34.42
C VAL B 140 19.02 16.97 33.49
N ARG B 141 20.22 17.07 34.06
CA ARG B 141 21.44 17.20 33.28
C ARG B 141 22.58 16.59 34.07
N GLU B 142 23.49 15.93 33.36
CA GLU B 142 24.68 15.33 33.98
C GLU B 142 24.35 14.61 35.28
N GLY B 143 23.21 13.90 35.28
CA GLY B 143 22.77 13.15 36.43
C GLY B 143 22.27 13.95 37.61
N MET B 144 22.33 15.27 37.57
CA MET B 144 21.88 16.07 38.70
C MET B 144 20.35 16.09 38.77
N SER B 145 19.82 16.06 39.98
CA SER B 145 18.39 16.17 40.19
C SER B 145 17.96 17.62 40.37
N PHE B 146 16.67 17.87 40.23
CA PHE B 146 16.14 19.22 40.40
C PHE B 146 16.41 19.74 41.81
N LEU B 147 16.37 18.87 42.80
CA LEU B 147 16.71 19.27 44.16
C LEU B 147 18.17 19.66 44.24
N ASP B 148 19.04 18.90 43.58
CA ASP B 148 20.48 19.16 43.60
C ASP B 148 20.80 20.59 43.20
N LEU B 149 20.22 21.06 42.10
CA LEU B 149 20.51 22.43 41.67
C LEU B 149 20.13 23.45 42.74
N SER B 150 18.99 23.27 43.41
CA SER B 150 18.60 24.22 44.44
C SER B 150 19.65 24.31 45.53
N VAL B 151 20.02 23.17 46.10
CA VAL B 151 21.05 23.14 47.13
C VAL B 151 22.34 23.76 46.59
N ARG B 152 22.74 23.35 45.38
CA ARG B 152 23.94 23.88 44.76
C ARG B 152 23.87 25.40 44.65
N GLN B 153 22.69 25.94 44.36
CA GLN B 153 22.56 27.39 44.31
C GLN B 153 22.75 27.98 45.69
N ILE B 154 22.17 27.35 46.71
CA ILE B 154 22.35 27.79 48.09
C ILE B 154 23.83 27.73 48.46
N GLU B 155 24.48 26.61 48.12
CA GLU B 155 25.90 26.44 48.46
C GLU B 155 26.76 27.55 47.86
N HIS B 156 26.55 27.88 46.59
CA HIS B 156 27.33 28.95 45.97
C HIS B 156 27.13 30.28 46.69
N LEU B 157 25.89 30.60 47.07
CA LEU B 157 25.62 31.85 47.79
C LEU B 157 26.29 31.90 49.15
N ASN B 158 26.22 30.82 49.94
CA ASN B 158 26.88 30.84 51.24
C ASN B 158 28.40 30.96 51.12
N ARG B 159 28.99 30.30 50.14
CA ARG B 159 30.45 30.34 50.02
C ARG B 159 30.94 31.71 49.54
N THR B 160 30.16 32.43 48.74
CA THR B 160 30.60 33.75 48.29
C THR B 160 30.57 34.80 49.40
N TYR B 161 29.72 34.65 50.42
CA TYR B 161 29.66 35.64 51.48
C TYR B 161 29.67 35.09 52.90
N ASN B 162 29.72 33.78 53.09
CA ASN B 162 29.71 33.15 54.41
C ASN B 162 28.45 33.53 55.20
N VAL B 163 27.30 33.24 54.58
CA VAL B 163 26.00 33.48 55.17
C VAL B 163 25.18 32.21 54.94
N ASN B 164 24.27 31.90 55.85
CA ASN B 164 23.50 30.66 55.74
C ASN B 164 22.01 30.94 55.62
N VAL B 165 21.54 30.97 54.39
CA VAL B 165 20.12 31.19 54.09
C VAL B 165 19.37 29.89 54.34
N PRO B 166 18.29 29.89 55.11
CA PRO B 166 17.57 28.64 55.35
C PRO B 166 16.76 28.26 54.13
N PHE B 167 16.77 26.97 53.84
CA PHE B 167 16.07 26.39 52.71
C PHE B 167 15.09 25.38 53.26
N VAL B 168 13.79 25.69 53.18
CA VAL B 168 12.76 24.82 53.72
C VAL B 168 12.00 24.16 52.59
N LEU B 169 11.76 22.86 52.72
CA LEU B 169 11.05 22.07 51.74
C LEU B 169 9.67 21.69 52.25
N MET B 170 8.64 22.10 51.52
CA MET B 170 7.27 21.72 51.86
C MET B 170 7.04 20.40 51.16
N ASN B 171 7.23 19.31 51.87
CA ASN B 171 7.09 17.99 51.27
C ASN B 171 5.64 17.55 51.25
N SER B 172 5.42 16.30 50.83
CA SER B 172 4.11 15.67 50.86
C SER B 172 4.27 14.25 51.34
N PHE B 173 3.16 13.67 51.79
CA PHE B 173 3.17 12.31 52.30
C PHE B 173 3.56 11.29 51.24
N ASN B 174 3.31 11.60 49.97
CA ASN B 174 3.69 10.72 48.86
C ASN B 174 5.19 10.67 48.61
N THR B 175 5.95 11.67 49.07
CA THR B 175 7.38 11.73 48.79
C THR B 175 8.28 11.62 50.01
N ASP B 176 7.79 11.97 51.20
CA ASP B 176 8.60 11.96 52.41
C ASP B 176 9.39 10.66 52.57
N GLN B 177 8.77 9.51 52.32
CA GLN B 177 9.50 8.26 52.54
C GLN B 177 10.69 8.14 51.58
N ASP B 178 10.48 8.45 50.30
CA ASP B 178 11.60 8.46 49.37
C ASP B 178 12.54 9.62 49.68
N THR B 179 11.96 10.76 50.05
CA THR B 179 12.72 11.97 50.38
C THR B 179 13.63 11.75 51.59
N GLN B 180 13.08 11.19 52.67
CA GLN B 180 13.88 10.96 53.87
C GLN B 180 15.10 10.11 53.58
N SER B 181 15.03 9.25 52.58
CA SER B 181 16.18 8.45 52.19
C SER B 181 17.19 9.28 51.40
N ILE B 182 16.76 9.85 50.27
CA ILE B 182 17.67 10.56 49.38
C ILE B 182 18.31 11.79 50.01
N ILE B 183 17.61 12.49 50.90
CA ILE B 183 18.21 13.70 51.48
C ILE B 183 19.51 13.41 52.22
N LYS B 184 19.69 12.19 52.72
CA LYS B 184 20.90 11.84 53.45
C LYS B 184 22.17 12.06 52.64
N LYS B 185 22.09 12.03 51.30
CA LYS B 185 23.28 12.25 50.48
C LYS B 185 23.86 13.65 50.64
N TYR B 186 23.09 14.59 51.18
CA TYR B 186 23.54 15.96 51.37
C TYR B 186 24.16 16.21 52.73
N GLN B 187 24.42 15.16 53.50
CA GLN B 187 25.03 15.34 54.81
C GLN B 187 26.42 15.95 54.68
N GLY B 188 26.93 16.45 55.81
CA GLY B 188 28.23 17.10 55.84
C GLY B 188 28.21 18.53 55.33
N HIS B 189 28.12 18.69 54.01
CA HIS B 189 28.06 20.01 53.36
C HIS B 189 27.25 21.01 54.18
N ASN B 190 27.77 22.24 54.23
CA ASN B 190 27.17 23.34 54.98
C ASN B 190 25.84 23.76 54.36
N VAL B 191 24.79 23.01 54.69
CA VAL B 191 23.45 23.26 54.17
C VAL B 191 22.43 22.84 55.23
N ASP B 192 21.71 23.82 55.77
CA ASP B 192 20.67 23.59 56.77
C ASP B 192 19.40 23.12 56.08
N ILE B 193 19.14 21.81 56.11
CA ILE B 193 17.96 21.24 55.46
C ILE B 193 16.93 20.88 56.53
N ILE B 194 15.71 21.36 56.37
CA ILE B 194 14.60 21.10 57.27
C ILE B 194 13.43 20.59 56.44
N THR B 195 12.73 19.57 56.93
CA THR B 195 11.63 18.98 56.19
C THR B 195 10.40 18.80 57.08
N PHE B 196 9.23 18.96 56.46
CA PHE B 196 7.96 18.79 57.15
C PHE B 196 6.91 18.37 56.13
N ASN B 197 5.86 17.73 56.63
CA ASN B 197 4.77 17.25 55.79
C ASN B 197 3.57 18.18 55.91
N GLN B 198 2.96 18.49 54.77
CA GLN B 198 1.79 19.36 54.76
C GLN B 198 0.57 18.63 55.32
N SER B 199 -0.56 19.34 55.36
CA SER B 199 -1.79 18.77 55.89
C SER B 199 -2.26 17.57 55.05
N ARG B 200 -2.81 16.57 55.74
CA ARG B 200 -3.30 15.34 55.11
C ARG B 200 -4.81 15.28 55.28
N TYR B 201 -5.53 15.86 54.33
CA TYR B 201 -6.98 15.80 54.48
C TYR B 201 -7.54 14.50 53.88
N PRO B 202 -8.64 14.03 54.43
CA PRO B 202 -9.30 12.85 53.88
C PRO B 202 -10.19 13.21 52.71
N ARG B 203 -10.40 12.23 51.83
CA ARG B 203 -11.29 12.41 50.69
C ARG B 203 -12.74 12.30 51.13
N ILE B 204 -13.59 13.15 50.56
CA ILE B 204 -15.03 13.21 50.87
C ILE B 204 -15.82 12.53 49.77
N ILE B 205 -16.69 11.59 50.15
CA ILE B 205 -17.50 10.85 49.19
C ILE B 205 -18.45 11.78 48.46
N LYS B 206 -18.42 11.72 47.12
CA LYS B 206 -19.25 12.60 46.29
C LYS B 206 -20.74 12.43 46.55
N ASP B 207 -21.21 11.19 46.71
CA ASP B 207 -22.64 10.95 46.90
C ASP B 207 -23.11 11.20 48.33
N SER B 208 -22.41 10.65 49.31
CA SER B 208 -22.85 10.80 50.69
C SER B 208 -22.40 12.11 51.33
N LEU B 209 -21.41 12.79 50.75
CA LEU B 209 -20.87 14.01 51.33
C LEU B 209 -20.33 13.74 52.72
N LEU B 210 -19.61 12.63 52.86
CA LEU B 210 -19.00 12.19 54.10
C LEU B 210 -17.59 11.73 53.78
N PRO B 211 -16.68 11.78 54.75
CA PRO B 211 -15.31 11.33 54.49
C PRO B 211 -15.25 9.84 54.20
N ALA B 212 -14.54 9.48 53.15
CA ALA B 212 -14.39 8.07 52.79
C ALA B 212 -13.69 7.24 53.86
N PRO B 213 -12.60 7.69 54.49
CA PRO B 213 -11.95 6.86 55.50
C PRO B 213 -12.68 6.87 56.83
N LYS B 214 -12.61 5.72 57.51
CA LYS B 214 -13.20 5.54 58.83
C LYS B 214 -12.16 5.56 59.95
N SER B 215 -11.11 4.76 59.84
CA SER B 215 -10.07 4.70 60.86
C SER B 215 -9.03 5.79 60.67
N PHE B 216 -8.12 5.86 61.64
CA PHE B 216 -7.01 6.80 61.62
C PHE B 216 -5.89 6.34 60.70
N ASP B 217 -5.62 5.03 60.69
CA ASP B 217 -4.59 4.45 59.84
C ASP B 217 -5.12 4.00 58.48
N ALA B 218 -6.16 4.69 57.98
CA ALA B 218 -6.75 4.36 56.70
C ALA B 218 -5.74 4.50 55.55
N PRO B 219 -5.98 3.79 54.45
CA PRO B 219 -5.05 3.85 53.31
C PRO B 219 -4.91 5.23 52.68
N LEU B 220 -3.76 5.45 52.07
CA LEU B 220 -3.41 6.73 51.44
C LEU B 220 -4.45 7.13 50.39
N GLN B 221 -5.10 6.16 49.76
CA GLN B 221 -6.12 6.46 48.75
C GLN B 221 -7.26 7.26 49.34
N ASP B 222 -7.42 7.24 50.65
CA ASP B 222 -8.45 7.99 51.35
C ASP B 222 -8.02 9.43 51.65
N TRP B 223 -6.81 9.82 51.27
CA TRP B 223 -6.30 11.16 51.56
C TRP B 223 -5.73 11.78 50.30
N TYR B 224 -5.57 13.10 50.34
CA TYR B 224 -4.99 13.85 49.23
C TYR B 224 -4.35 15.11 49.78
N PRO B 225 -3.25 15.56 49.19
CA PRO B 225 -2.62 16.81 49.64
C PRO B 225 -3.36 18.02 49.14
N PRO B 226 -3.71 18.97 50.01
CA PRO B 226 -4.42 20.18 49.58
C PRO B 226 -3.55 21.15 48.82
N GLY B 227 -4.12 22.27 48.41
CA GLY B 227 -3.40 23.25 47.61
C GLY B 227 -2.28 23.96 48.35
N HIS B 228 -1.53 24.74 47.56
CA HIS B 228 -0.36 25.46 48.05
C HIS B 228 -0.67 26.37 49.23
N GLY B 229 -1.86 26.97 49.27
CA GLY B 229 -2.20 27.89 50.35
C GLY B 229 -2.06 27.30 51.74
N ASP B 230 -2.04 25.97 51.83
CA ASP B 230 -1.84 25.31 53.11
C ASP B 230 -0.47 25.61 53.70
N VAL B 231 0.45 26.15 52.89
CA VAL B 231 1.81 26.48 53.35
C VAL B 231 1.79 27.36 54.61
N PHE B 232 1.00 28.44 54.59
CA PHE B 232 1.01 29.38 55.71
C PHE B 232 0.73 28.70 57.05
N GLU B 233 -0.38 27.99 57.15
CA GLU B 233 -0.68 27.28 58.39
C GLU B 233 0.30 26.14 58.62
N SER B 234 0.63 25.39 57.55
CA SER B 234 1.54 24.26 57.69
C SER B 234 2.87 24.69 58.30
N LEU B 235 3.39 25.85 57.87
CA LEU B 235 4.64 26.33 58.44
C LEU B 235 4.50 26.52 59.94
N TYR B 236 3.35 27.05 60.38
CA TYR B 236 3.09 27.24 61.80
C TYR B 236 2.84 25.92 62.50
N ASN B 237 1.84 25.17 62.03
CA ASN B 237 1.42 23.91 62.66
C ASN B 237 2.56 22.92 62.84
N SER B 238 3.51 22.91 61.94
CA SER B 238 4.65 22.01 62.07
C SER B 238 5.68 22.52 63.06
N GLY B 239 5.60 23.78 63.47
CA GLY B 239 6.61 24.37 64.30
C GLY B 239 7.75 24.94 63.51
N THR B 240 7.69 24.84 62.18
CA THR B 240 8.74 25.38 61.33
C THR B 240 8.84 26.88 61.51
N LEU B 241 7.69 27.54 61.68
CA LEU B 241 7.69 28.98 61.91
C LEU B 241 8.55 29.31 63.13
N ASP B 242 8.44 28.50 64.19
CA ASP B 242 9.32 28.68 65.34
C ASP B 242 10.76 28.40 64.92
N LYS B 243 10.97 27.28 64.24
CA LYS B 243 12.31 26.91 63.77
C LYS B 243 12.90 28.02 62.91
N LEU B 244 12.07 28.66 62.09
CA LEU B 244 12.54 29.79 61.29
C LEU B 244 12.77 31.00 62.18
N LEU B 245 11.79 31.30 63.02
CA LEU B 245 11.90 32.44 63.92
C LEU B 245 13.11 32.27 64.83
N GLU B 246 13.45 31.03 65.18
CA GLU B 246 14.62 30.76 65.99
C GLU B 246 15.91 31.27 65.36
N ARG B 247 15.97 31.42 64.04
CA ARG B 247 17.16 31.99 63.42
C ARG B 247 16.93 33.42 62.92
N GLY B 248 15.83 34.06 63.32
CA GLY B 248 15.60 35.45 63.00
C GLY B 248 15.32 35.82 61.56
N VAL B 249 14.91 34.87 60.73
CA VAL B 249 14.62 35.18 59.33
C VAL B 249 13.35 36.02 59.25
N GLU B 250 13.40 37.10 58.47
CA GLU B 250 12.27 38.01 58.33
C GLU B 250 11.60 37.99 56.96
N TYR B 251 12.33 37.60 55.91
CA TYR B 251 11.77 37.57 54.55
C TYR B 251 11.75 36.15 54.03
N ILE B 252 10.62 35.76 53.45
CA ILE B 252 10.40 34.42 52.95
C ILE B 252 10.24 34.51 51.44
N PHE B 253 10.84 33.57 50.73
CA PHE B 253 10.74 33.47 49.27
C PHE B 253 10.23 32.09 48.89
N LEU B 254 9.21 32.03 48.06
CA LEU B 254 8.66 30.77 47.59
C LEU B 254 8.81 30.64 46.08
N SER B 255 9.04 29.41 45.64
CA SER B 255 9.13 29.10 44.22
C SER B 255 8.96 27.60 44.06
N ASN B 256 8.41 27.20 42.91
CA ASN B 256 8.22 25.78 42.64
C ASN B 256 9.53 25.14 42.20
N ALA B 257 9.75 23.91 42.68
CA ALA B 257 10.94 23.15 42.32
C ALA B 257 11.06 22.93 40.81
N ASP B 258 9.93 22.96 40.10
CA ASP B 258 9.94 22.76 38.66
C ASP B 258 10.43 23.96 37.85
N ASN B 259 10.52 25.15 38.45
CA ASN B 259 10.97 26.35 37.72
C ASN B 259 12.44 26.58 38.06
N LEU B 260 13.33 26.00 37.25
CA LEU B 260 14.76 26.15 37.47
C LEU B 260 15.24 27.59 37.40
N GLY B 261 14.45 28.50 36.85
CA GLY B 261 14.84 29.90 36.76
C GLY B 261 14.73 30.69 38.04
N ALA B 262 14.07 30.14 39.05
CA ALA B 262 13.85 30.82 40.33
C ALA B 262 15.13 30.81 41.18
N VAL B 263 16.12 31.54 40.71
CA VAL B 263 17.39 31.65 41.40
C VAL B 263 17.34 32.85 42.32
N VAL B 264 18.05 32.77 43.45
CA VAL B 264 18.07 33.87 44.41
C VAL B 264 18.87 35.04 43.84
N ASP B 265 18.20 36.18 43.66
CA ASP B 265 18.79 37.39 43.12
C ASP B 265 18.63 38.49 44.15
N THR B 266 19.73 38.86 44.81
CA THR B 266 19.75 39.88 45.84
C THR B 266 19.14 41.22 45.41
N ARG B 267 18.98 41.46 44.11
CA ARG B 267 18.38 42.70 43.65
C ARG B 267 16.94 42.86 44.12
N ILE B 268 16.15 41.79 44.02
CA ILE B 268 14.74 41.86 44.40
C ILE B 268 14.56 42.10 45.90
N LEU B 269 15.45 41.56 46.73
CA LEU B 269 15.31 41.76 48.18
C LEU B 269 15.44 43.22 48.58
N GLN B 270 16.21 44.03 47.84
CA GLN B 270 16.30 45.44 48.17
C GLN B 270 14.96 46.14 47.96
N HIS B 271 14.29 45.87 46.85
CA HIS B 271 12.98 46.48 46.61
C HIS B 271 12.04 46.13 47.75
N MET B 272 12.10 44.89 48.24
CA MET B 272 11.29 44.48 49.38
C MET B 272 11.65 45.26 50.62
N ILE B 273 12.95 45.33 50.94
CA ILE B 273 13.41 46.08 52.11
C ILE B 273 13.00 47.54 52.01
N ASP B 274 13.01 48.09 50.80
CA ASP B 274 12.65 49.49 50.61
C ASP B 274 11.13 49.70 50.70
N THR B 275 10.37 48.93 49.93
CA THR B 275 8.92 49.09 49.93
C THR B 275 8.22 48.40 51.09
N LYS B 276 8.91 47.50 51.80
CA LYS B 276 8.35 46.77 52.94
C LYS B 276 6.95 46.22 52.65
N ALA B 277 6.69 45.88 51.40
CA ALA B 277 5.40 45.31 51.03
C ALA B 277 5.22 43.93 51.64
N GLU B 278 3.98 43.61 52.00
CA GLU B 278 3.68 42.32 52.61
C GLU B 278 3.67 41.15 51.64
N TYR B 279 3.62 41.41 50.33
CA TYR B 279 3.52 40.33 49.36
C TYR B 279 3.97 40.85 48.00
N ILE B 280 5.02 40.27 47.44
CA ILE B 280 5.52 40.67 46.13
C ILE B 280 5.63 39.46 45.22
N MET B 281 4.88 39.48 44.12
CA MET B 281 4.82 38.40 43.14
C MET B 281 5.57 38.80 41.87
N GLU B 282 6.41 37.91 41.37
CA GLU B 282 7.09 38.16 40.12
C GLU B 282 6.16 37.84 38.95
N LEU B 283 6.16 38.71 37.93
CA LEU B 283 5.31 38.56 36.77
C LEU B 283 6.13 38.62 35.48
N THR B 284 5.57 38.03 34.43
CA THR B 284 6.19 38.02 33.10
C THR B 284 5.13 38.31 32.05
N ASP B 285 5.56 38.91 30.95
CA ASP B 285 4.66 39.25 29.86
C ASP B 285 4.20 37.98 29.16
N LYS B 286 2.88 37.88 28.95
CA LYS B 286 2.32 36.69 28.32
C LYS B 286 2.83 36.52 26.90
N THR B 287 3.38 35.34 26.63
CA THR B 287 3.78 34.95 25.30
C THR B 287 2.60 34.27 24.62
N LYS B 288 2.78 33.90 23.35
CA LYS B 288 1.73 33.24 22.60
C LYS B 288 1.21 32.00 23.31
N ALA B 289 2.07 31.32 24.06
CA ALA B 289 1.71 30.13 24.83
C ALA B 289 1.14 30.43 26.21
N ASP B 290 1.21 31.68 26.67
CA ASP B 290 0.77 32.03 28.01
C ASP B 290 -0.58 32.75 28.03
N VAL B 291 -1.37 32.64 26.96
CA VAL B 291 -2.71 33.24 26.95
C VAL B 291 -3.55 32.67 28.08
N LYS B 292 -3.44 31.36 28.31
CA LYS B 292 -4.08 30.68 29.42
C LYS B 292 -3.32 30.98 30.72
N GLY B 293 -3.83 30.48 31.84
CA GLY B 293 -3.20 30.73 33.12
C GLY B 293 -3.49 32.08 33.74
N GLY B 294 -3.39 32.13 35.06
CA GLY B 294 -3.75 33.27 35.88
C GLY B 294 -3.18 34.63 35.53
N THR B 295 -3.97 35.67 35.78
CA THR B 295 -3.56 37.04 35.52
C THR B 295 -4.03 37.94 36.66
N ILE B 296 -3.16 38.88 37.02
CA ILE B 296 -3.44 39.82 38.10
C ILE B 296 -4.54 40.78 37.68
N ILE B 297 -5.42 41.12 38.63
CA ILE B 297 -6.53 42.04 38.37
C ILE B 297 -6.53 43.08 39.49
N ASP B 298 -6.77 44.35 39.13
CA ASP B 298 -6.67 45.42 40.11
C ASP B 298 -7.79 45.35 41.14
N TYR B 299 -9.00 45.00 40.72
CA TYR B 299 -10.19 44.90 41.57
C TYR B 299 -10.30 46.04 42.58
N GLU B 300 -10.24 47.27 42.08
CA GLU B 300 -10.33 48.48 42.90
C GLU B 300 -9.17 48.58 43.89
N GLY B 301 -7.95 48.44 43.37
CA GLY B 301 -6.77 48.54 44.20
C GLY B 301 -6.43 47.27 44.96
N LYS B 302 -7.45 46.52 45.38
CA LYS B 302 -7.27 45.26 46.10
C LYS B 302 -6.89 44.19 45.09
N VAL B 303 -5.62 44.25 44.65
CA VAL B 303 -5.06 43.36 43.64
C VAL B 303 -5.51 41.91 43.86
N ARG B 304 -6.11 41.33 42.82
CA ARG B 304 -6.64 39.98 42.87
C ARG B 304 -6.14 39.20 41.66
N LEU B 305 -6.64 37.97 41.48
CA LEU B 305 -6.21 37.06 40.44
C LEU B 305 -7.41 36.20 40.05
N LEU B 306 -7.42 35.74 38.80
CA LEU B 306 -8.48 34.86 38.32
C LEU B 306 -7.99 34.01 37.16
N GLU B 307 -8.71 32.91 36.92
CA GLU B 307 -8.39 31.95 35.88
C GLU B 307 -9.67 31.47 35.22
N ILE B 308 -9.49 30.56 34.25
CA ILE B 308 -10.62 29.93 33.56
C ILE B 308 -11.57 29.28 34.57
N ALA B 309 -11.04 28.90 35.73
CA ALA B 309 -11.86 28.32 36.79
C ALA B 309 -12.96 29.26 37.28
N GLN B 310 -12.81 30.56 37.07
CA GLN B 310 -13.86 31.49 37.49
C GLN B 310 -14.20 32.56 36.47
N VAL B 311 -13.48 32.69 35.37
CA VAL B 311 -13.86 33.67 34.35
C VAL B 311 -15.12 33.19 33.64
N PRO B 312 -16.13 34.04 33.44
CA PRO B 312 -17.36 33.59 32.78
C PRO B 312 -17.13 33.14 31.35
N LYS B 313 -17.76 32.00 31.01
CA LYS B 313 -17.63 31.41 29.68
C LYS B 313 -17.99 32.39 28.57
N GLU B 314 -18.94 33.29 28.84
CA GLU B 314 -19.32 34.28 27.84
C GLU B 314 -18.23 35.32 27.58
N HIS B 315 -17.20 35.36 28.42
CA HIS B 315 -16.14 36.34 28.27
C HIS B 315 -14.75 35.72 28.17
N VAL B 316 -14.64 34.39 28.27
CA VAL B 316 -13.33 33.75 28.14
C VAL B 316 -12.65 34.17 26.85
N ASN B 317 -13.41 34.23 25.75
CA ASN B 317 -12.84 34.67 24.49
C ASN B 317 -12.33 36.10 24.61
N GLU B 318 -13.09 36.96 25.29
CA GLU B 318 -12.66 38.32 25.53
C GLU B 318 -11.43 38.33 26.43
N PHE B 319 -11.46 37.51 27.48
CA PHE B 319 -10.33 37.41 28.40
C PHE B 319 -9.07 36.91 27.72
N LYS B 320 -9.22 36.05 26.71
CA LYS B 320 -8.07 35.56 25.97
C LYS B 320 -7.44 36.62 25.07
N SER B 321 -8.10 37.76 24.88
CA SER B 321 -7.51 38.81 24.06
C SER B 321 -6.19 39.27 24.66
N ILE B 322 -5.26 39.66 23.78
CA ILE B 322 -3.95 40.14 24.21
C ILE B 322 -4.05 41.41 25.02
N LYS B 323 -5.09 42.21 24.79
CA LYS B 323 -5.30 43.44 25.53
C LYS B 323 -5.94 43.16 26.89
N LYS B 324 -5.84 44.16 27.77
CA LYS B 324 -6.38 44.13 29.13
C LYS B 324 -5.70 43.15 30.06
N PHE B 325 -5.36 41.95 29.59
CA PHE B 325 -4.73 40.92 30.42
C PHE B 325 -3.37 40.58 29.86
N LYS B 326 -2.41 41.47 30.09
CA LYS B 326 -1.06 41.31 29.55
C LYS B 326 -0.04 40.71 30.52
N TYR B 327 -0.44 40.35 31.74
CA TYR B 327 0.49 39.74 32.68
C TYR B 327 -0.07 38.42 33.18
N PHE B 328 0.82 37.49 33.52
CA PHE B 328 0.43 36.21 34.11
C PHE B 328 1.31 35.87 35.30
N ASN B 329 0.76 35.03 36.18
CA ASN B 329 1.40 34.63 37.44
C ASN B 329 2.54 33.63 37.22
N THR B 330 3.76 34.04 37.59
CA THR B 330 4.93 33.17 37.50
C THR B 330 5.06 32.23 38.70
N ASN B 331 4.33 32.50 39.78
CA ASN B 331 4.37 31.81 41.07
C ASN B 331 5.62 32.10 41.91
N ASN B 332 6.59 32.86 41.40
CA ASN B 332 7.72 33.24 42.23
C ASN B 332 7.24 34.35 43.17
N ILE B 333 7.22 34.08 44.48
CA ILE B 333 6.67 35.03 45.42
C ILE B 333 7.62 35.28 46.59
N TRP B 334 7.65 36.55 47.04
CA TRP B 334 8.44 37.01 48.16
C TRP B 334 7.47 37.47 49.26
N MET B 335 7.71 37.03 50.50
CA MET B 335 6.77 37.35 51.58
C MET B 335 7.50 37.62 52.90
N ASN B 336 6.78 38.29 53.79
CA ASN B 336 7.24 38.60 55.14
C ASN B 336 6.77 37.50 56.10
N LEU B 337 7.72 36.92 56.84
CA LEU B 337 7.37 35.83 57.76
C LEU B 337 6.43 36.28 58.87
N ARG B 338 6.64 37.47 59.43
CA ARG B 338 5.73 37.95 60.46
C ARG B 338 4.36 38.28 59.89
N ALA B 339 4.31 38.70 58.62
CA ALA B 339 3.03 38.90 57.97
C ALA B 339 2.27 37.59 57.88
N ILE B 340 2.96 36.52 57.48
CA ILE B 340 2.34 35.20 57.44
C ILE B 340 1.82 34.83 58.82
N LYS B 341 2.62 35.09 59.86
CA LYS B 341 2.19 34.80 61.22
C LYS B 341 0.92 35.58 61.56
N ARG B 342 0.92 36.88 61.28
CA ARG B 342 -0.22 37.72 61.62
C ARG B 342 -1.50 37.25 60.94
N VAL B 343 -1.45 36.92 59.64
CA VAL B 343 -2.67 36.46 58.98
C VAL B 343 -3.15 35.15 59.59
N VAL B 344 -2.24 34.32 60.10
CA VAL B 344 -2.64 33.08 60.74
C VAL B 344 -3.16 33.37 62.14
N GLU B 345 -2.46 34.22 62.88
CA GLU B 345 -2.92 34.63 64.21
C GLU B 345 -4.26 35.32 64.12
N GLU B 346 -4.46 36.15 63.11
CA GLU B 346 -5.73 36.84 62.91
C GLU B 346 -6.79 35.95 62.27
N ASN B 347 -6.41 34.79 61.75
CA ASN B 347 -7.32 33.87 61.07
C ASN B 347 -8.08 34.55 59.92
N GLU B 348 -7.51 35.62 59.38
CA GLU B 348 -8.12 36.37 58.29
C GLU B 348 -7.97 35.63 56.96
N LEU B 349 -7.08 34.65 56.91
CA LEU B 349 -6.83 33.84 55.72
C LEU B 349 -8.01 32.99 55.27
N GLU B 350 -8.68 33.45 54.21
CA GLU B 350 -9.82 32.77 53.60
C GLU B 350 -9.48 32.67 52.12
N MET B 351 -9.51 31.45 51.59
CA MET B 351 -8.97 31.20 50.27
C MET B 351 -10.02 30.71 49.28
N GLU B 352 -9.75 31.01 48.00
CA GLU B 352 -10.59 30.60 46.89
C GLU B 352 -10.51 29.08 46.74
N ILE B 353 -11.61 28.38 47.05
CA ILE B 353 -11.61 26.93 46.98
C ILE B 353 -11.64 26.45 45.53
N ILE B 354 -10.82 25.45 45.25
CA ILE B 354 -10.73 24.81 43.93
C ILE B 354 -11.20 23.38 44.08
N ALA B 355 -12.19 22.98 43.28
CA ALA B 355 -12.77 21.65 43.38
C ALA B 355 -12.25 20.73 42.29
N ASN B 356 -11.67 19.61 42.70
CA ASN B 356 -11.13 18.58 41.82
C ASN B 356 -11.78 17.24 42.16
N GLU B 357 -12.02 16.41 41.15
CA GLU B 357 -12.67 15.13 41.34
C GLU B 357 -11.78 13.98 40.90
N LYS B 358 -11.95 12.84 41.58
CA LYS B 358 -11.25 11.60 41.27
C LYS B 358 -12.21 10.45 41.51
N SER B 359 -11.82 9.26 41.07
CA SER B 359 -12.64 8.06 41.22
C SER B 359 -11.80 6.96 41.87
N ILE B 360 -12.09 6.67 43.14
CA ILE B 360 -11.36 5.63 43.87
C ILE B 360 -11.85 4.27 43.39
N PRO B 361 -10.95 3.39 42.91
CA PRO B 361 -11.29 2.05 42.42
C PRO B 361 -12.02 1.21 43.45
N ALA B 371 -16.59 7.98 43.65
CA ALA B 371 -16.25 9.35 43.28
C ALA B 371 -16.05 10.21 44.52
N ILE B 372 -15.09 11.13 44.45
CA ILE B 372 -14.75 12.01 45.58
C ILE B 372 -14.46 13.42 45.08
N TYR B 373 -14.51 14.37 46.01
CA TYR B 373 -14.19 15.77 45.77
C TYR B 373 -12.95 16.18 46.55
N GLN B 374 -12.15 17.05 45.94
CA GLN B 374 -10.94 17.58 46.56
C GLN B 374 -10.92 19.10 46.49
N LEU B 375 -10.50 19.74 47.57
CA LEU B 375 -10.44 21.18 47.68
C LEU B 375 -8.99 21.66 47.63
N GLU B 376 -8.71 22.61 46.74
CA GLU B 376 -7.38 23.16 46.57
C GLU B 376 -7.44 24.69 46.49
N THR B 377 -6.26 25.30 46.56
CA THR B 377 -6.08 26.75 46.56
C THR B 377 -4.79 27.07 45.82
N ALA B 378 -4.67 28.32 45.37
CA ALA B 378 -3.51 28.77 44.62
C ALA B 378 -2.60 29.64 45.47
N VAL B 379 -1.30 29.60 45.13
CA VAL B 379 -0.27 30.36 45.81
C VAL B 379 -0.43 31.86 45.59
N GLY B 380 -1.02 32.28 44.48
CA GLY B 380 -1.22 33.70 44.22
C GLY B 380 -2.44 34.33 44.85
N ALA B 381 -3.54 33.59 44.97
CA ALA B 381 -4.78 34.11 45.52
C ALA B 381 -4.63 34.79 46.88
N ALA B 382 -3.64 34.40 47.68
CA ALA B 382 -3.48 35.01 49.00
C ALA B 382 -3.16 36.50 48.94
N ILE B 383 -2.72 37.00 47.80
CA ILE B 383 -2.36 38.41 47.59
C ILE B 383 -3.36 39.41 48.17
N ARG B 384 -4.66 39.07 48.15
CA ARG B 384 -5.69 40.00 48.63
C ARG B 384 -5.55 40.37 50.10
N HIS B 385 -5.09 39.45 50.95
CA HIS B 385 -4.99 39.72 52.38
C HIS B 385 -3.70 40.43 52.79
N PHE B 386 -3.07 41.20 51.92
CA PHE B 386 -1.78 41.77 52.28
C PHE B 386 -1.67 43.25 51.92
N LYS B 387 -1.11 44.01 52.86
CA LYS B 387 -0.87 45.43 52.70
C LYS B 387 0.30 45.69 51.75
N ASN B 388 0.16 46.75 50.96
CA ASN B 388 1.15 47.18 49.96
C ASN B 388 1.48 46.08 48.96
N ALA B 389 0.64 45.06 48.86
CA ALA B 389 0.87 43.97 47.92
C ALA B 389 0.88 44.49 46.48
N HIS B 390 2.00 44.30 45.79
CA HIS B 390 2.11 44.73 44.41
C HIS B 390 3.11 43.83 43.71
N GLY B 391 3.03 43.81 42.38
CA GLY B 391 3.88 42.93 41.62
C GLY B 391 5.02 43.55 40.83
N VAL B 392 5.96 42.70 40.44
CA VAL B 392 7.12 43.09 39.65
C VAL B 392 7.13 42.22 38.39
N ASN B 393 7.50 42.81 37.26
CA ASN B 393 7.62 42.09 36.00
C ASN B 393 9.10 41.80 35.78
N VAL B 394 9.45 40.53 35.59
CA VAL B 394 10.84 40.12 35.48
C VAL B 394 11.09 39.56 34.09
N PRO B 395 12.34 39.57 33.63
CA PRO B 395 12.66 38.99 32.32
C PRO B 395 12.38 37.49 32.30
N ARG B 396 12.04 36.98 31.13
CA ARG B 396 11.64 35.57 31.01
C ARG B 396 12.73 34.59 31.41
N ARG B 397 13.98 35.01 31.54
CA ARG B 397 15.02 34.10 32.00
C ARG B 397 14.73 33.51 33.38
N ARG B 398 13.70 34.00 34.06
CA ARG B 398 13.25 33.50 35.35
C ARG B 398 12.12 32.48 35.27
N PHE B 399 11.57 32.20 34.09
CA PHE B 399 10.50 31.22 33.96
C PHE B 399 10.79 30.24 32.83
N LEU B 400 11.22 29.03 33.21
CA LEU B 400 11.55 27.95 32.29
C LEU B 400 11.13 26.66 32.97
N PRO B 401 9.86 26.30 32.88
CA PRO B 401 9.36 25.12 33.59
C PRO B 401 9.73 23.84 32.87
N VAL B 402 9.67 22.75 33.62
CA VAL B 402 9.92 21.42 33.09
C VAL B 402 8.68 20.60 33.42
N LYS B 403 7.68 20.71 32.55
CA LYS B 403 6.40 20.05 32.66
C LYS B 403 6.25 18.89 31.71
N THR B 404 6.89 18.95 30.55
CA THR B 404 6.70 17.93 29.52
C THR B 404 7.98 17.72 28.73
N CYS B 405 7.94 16.64 27.94
CA CYS B 405 9.05 16.23 27.09
C CYS B 405 9.66 17.40 26.31
N SER B 406 8.83 18.31 25.81
CA SER B 406 9.36 19.43 25.04
C SER B 406 10.30 20.32 25.85
N ASP B 407 10.23 20.27 27.18
CA ASP B 407 11.15 21.06 28.00
C ASP B 407 12.47 20.35 28.25
N LEU B 408 12.44 19.06 28.56
CA LEU B 408 13.65 18.31 28.87
C LEU B 408 14.65 18.30 27.73
N LEU B 409 14.20 18.39 26.49
CA LEU B 409 15.13 18.42 25.38
C LEU B 409 15.90 19.73 25.34
N LEU B 410 15.20 20.85 25.52
CA LEU B 410 15.83 22.15 25.50
C LEU B 410 16.90 22.30 26.59
N VAL B 411 16.63 21.80 27.80
CA VAL B 411 17.59 21.95 28.89
C VAL B 411 18.80 21.03 28.79
N LYS B 412 18.65 19.86 28.17
CA LYS B 412 19.82 18.98 28.06
C LYS B 412 20.73 19.31 26.87
N SER B 413 20.27 20.13 25.94
CA SER B 413 21.03 20.44 24.73
C SER B 413 22.26 21.30 25.05
N ASP B 414 23.01 21.59 23.99
CA ASP B 414 24.19 22.45 24.01
C ASP B 414 23.84 23.92 24.13
N LEU B 415 22.56 24.25 24.18
CA LEU B 415 22.14 25.65 24.28
C LEU B 415 22.31 26.20 25.70
N TYR B 416 22.49 25.34 26.69
CA TYR B 416 22.64 25.79 28.06
C TYR B 416 23.90 25.23 28.68
N ARG B 417 24.52 26.03 29.53
CA ARG B 417 25.70 25.64 30.29
C ARG B 417 25.44 25.96 31.75
N LEU B 418 25.93 25.10 32.63
CA LEU B 418 25.74 25.24 34.06
C LEU B 418 27.00 25.77 34.71
N GLU B 419 26.89 26.89 35.42
CA GLU B 419 28.02 27.49 36.13
C GLU B 419 27.66 27.57 37.61
N HIS B 420 28.39 26.81 38.42
CA HIS B 420 28.17 26.70 39.85
C HIS B 420 26.69 26.43 40.20
N GLY B 421 25.93 25.88 39.26
CA GLY B 421 24.52 25.61 39.48
C GLY B 421 23.52 26.61 38.95
N GLN B 422 23.94 27.59 38.15
CA GLN B 422 23.02 28.55 37.56
C GLN B 422 23.04 28.41 36.05
N LEU B 423 21.85 28.38 35.44
CA LEU B 423 21.72 28.27 33.99
C LEU B 423 21.60 29.66 33.37
N VAL B 424 22.48 29.96 32.43
CA VAL B 424 22.42 31.21 31.68
C VAL B 424 22.58 30.84 30.21
N MET B 425 21.66 31.32 29.38
CA MET B 425 21.74 31.02 27.96
C MET B 425 22.94 31.72 27.33
N ASP B 426 23.53 31.05 26.34
CA ASP B 426 24.68 31.55 25.60
C ASP B 426 24.39 32.94 25.07
N PRO B 427 25.21 33.94 25.39
CA PRO B 427 24.95 35.30 24.89
C PRO B 427 24.98 35.40 23.38
N ASN B 428 25.48 34.38 22.68
CA ASN B 428 25.51 34.38 21.22
C ASN B 428 24.15 34.06 20.60
N ARG B 429 23.24 33.44 21.35
CA ARG B 429 21.92 33.12 20.81
C ARG B 429 21.08 34.37 20.60
N PHE B 430 20.68 34.59 19.35
CA PHE B 430 19.78 35.67 18.98
C PHE B 430 18.33 35.23 19.12
N GLY B 431 17.47 36.21 19.39
CA GLY B 431 16.05 35.94 19.58
C GLY B 431 15.76 35.09 20.81
N GLY B 432 14.49 34.73 20.95
CA GLY B 432 14.05 33.91 22.06
C GLY B 432 14.42 32.45 21.89
N VAL B 433 13.91 31.65 22.82
CA VAL B 433 14.17 30.21 22.78
C VAL B 433 13.47 29.57 21.59
N PRO B 434 14.10 28.64 20.89
CA PRO B 434 13.44 27.96 19.78
C PRO B 434 12.27 27.13 20.28
N VAL B 435 11.24 26.99 19.44
CA VAL B 435 10.06 26.22 19.80
C VAL B 435 10.25 24.77 19.40
N ILE B 436 10.04 23.86 20.35
CA ILE B 436 10.15 22.42 20.17
C ILE B 436 8.85 21.78 20.62
N LYS B 437 8.23 20.99 19.74
CA LYS B 437 6.95 20.35 20.05
C LYS B 437 6.95 18.91 19.52
N LEU B 438 7.27 17.96 20.40
CA LEU B 438 7.36 16.56 20.03
C LEU B 438 5.98 15.90 20.03
N GLY B 439 5.84 14.87 19.21
CA GLY B 439 4.58 14.19 19.08
C GLY B 439 4.24 13.32 20.28
N SER B 440 3.01 12.80 20.22
CA SER B 440 2.44 11.99 21.31
C SER B 440 3.23 10.74 21.65
N ASP B 441 4.17 10.31 20.81
CA ASP B 441 4.95 9.12 21.10
C ASP B 441 6.03 9.32 22.17
N PHE B 442 6.41 10.55 22.50
CA PHE B 442 7.49 10.82 23.43
C PHE B 442 7.01 11.21 24.82
N LYS B 443 5.78 10.83 25.17
CA LYS B 443 5.20 11.22 26.47
C LYS B 443 6.02 10.75 27.66
N LYS B 444 6.30 9.45 27.74
CA LYS B 444 7.03 8.92 28.90
C LYS B 444 8.53 9.21 28.83
N VAL B 445 9.08 9.63 29.96
CA VAL B 445 10.50 9.98 30.07
C VAL B 445 11.43 8.79 29.89
N SER B 446 10.95 7.57 30.12
CA SER B 446 11.80 6.41 29.91
C SER B 446 12.07 6.18 28.43
N ASP B 447 11.00 6.17 27.62
CA ASP B 447 11.13 5.99 26.17
C ASP B 447 12.00 7.06 25.54
N PHE B 448 11.99 8.28 26.09
CA PHE B 448 12.77 9.37 25.54
C PHE B 448 14.23 9.00 25.34
N GLN B 449 14.79 8.19 26.22
CA GLN B 449 16.20 7.83 26.08
C GLN B 449 16.44 6.87 24.92
N LYS B 450 15.41 6.10 24.53
CA LYS B 450 15.55 5.15 23.44
C LYS B 450 15.63 5.83 22.08
N ARG B 451 14.72 6.77 21.81
CA ARG B 451 14.69 7.42 20.51
C ARG B 451 15.72 8.53 20.34
N ILE B 452 16.16 9.15 21.42
CA ILE B 452 17.16 10.23 21.30
C ILE B 452 18.35 9.93 22.20
N PRO B 453 19.20 8.97 21.83
CA PRO B 453 20.36 8.64 22.68
C PRO B 453 21.31 9.79 22.88
N SER B 454 21.43 10.71 21.92
CA SER B 454 22.26 11.89 22.11
C SER B 454 21.49 13.11 21.63
N ILE B 455 21.53 14.17 22.42
CA ILE B 455 20.74 15.38 22.10
C ILE B 455 21.28 16.02 20.83
N PRO B 456 20.42 16.41 19.90
CA PRO B 456 20.89 17.07 18.68
C PRO B 456 21.36 18.49 18.95
N ARG B 457 22.26 18.95 18.09
CA ARG B 457 22.75 20.32 18.22
C ARG B 457 21.60 21.24 17.85
N ILE B 458 21.20 22.14 18.75
CA ILE B 458 20.06 23.00 18.46
C ILE B 458 20.44 24.46 18.29
N VAL B 459 21.73 24.79 18.24
CA VAL B 459 22.07 26.17 17.93
C VAL B 459 21.63 26.45 16.50
N GLU B 460 21.20 27.69 16.25
CA GLU B 460 20.74 28.14 14.94
C GLU B 460 19.46 27.44 14.48
N LEU B 461 18.77 26.73 15.36
CA LEU B 461 17.48 26.13 15.02
C LEU B 461 16.39 27.17 15.29
N ASP B 462 15.39 27.20 14.41
CA ASP B 462 14.29 28.15 14.53
C ASP B 462 12.97 27.53 14.98
N HIS B 463 12.60 26.38 14.44
CA HIS B 463 11.34 25.74 14.78
C HIS B 463 11.48 24.27 14.42
N LEU B 464 11.00 23.40 15.31
CA LEU B 464 11.11 21.97 15.10
C LEU B 464 9.81 21.25 15.46
N THR B 465 9.35 20.40 14.57
CA THR B 465 8.15 19.60 14.79
C THR B 465 8.47 18.15 14.46
N ILE B 466 8.06 17.24 15.33
CA ILE B 466 8.29 15.81 15.15
C ILE B 466 7.00 15.08 15.42
N THR B 467 6.54 14.27 14.47
CA THR B 467 5.34 13.47 14.61
C THR B 467 5.61 12.06 14.12
N GLY B 468 5.11 11.08 14.85
CA GLY B 468 5.37 9.69 14.53
C GLY B 468 6.70 9.18 15.03
N ALA B 469 7.05 7.98 14.57
CA ALA B 469 8.27 7.29 15.01
C ALA B 469 9.48 7.89 14.35
N VAL B 470 10.25 8.68 15.10
CA VAL B 470 11.49 9.29 14.60
C VAL B 470 12.63 8.94 15.53
N ASN B 471 13.71 8.39 14.99
CA ASN B 471 14.91 8.09 15.76
C ASN B 471 16.04 8.99 15.28
N LEU B 472 16.64 9.73 16.19
CA LEU B 472 17.71 10.67 15.86
C LEU B 472 19.05 10.06 16.23
N GLY B 473 19.91 9.86 15.24
CA GLY B 473 21.22 9.33 15.50
C GLY B 473 22.10 10.37 16.16
N ARG B 474 23.34 9.98 16.44
CA ARG B 474 24.27 10.88 17.07
C ARG B 474 24.73 11.98 16.10
N ASN B 475 25.16 13.09 16.69
CA ASN B 475 25.70 14.25 15.97
C ASN B 475 24.76 14.81 14.90
N VAL B 476 23.46 14.84 15.19
CA VAL B 476 22.52 15.42 14.26
C VAL B 476 22.49 16.94 14.45
N THR B 477 22.55 17.68 13.34
CA THR B 477 22.55 19.14 13.37
C THR B 477 21.33 19.67 12.63
N LEU B 478 20.57 20.53 13.30
CA LEU B 478 19.35 21.12 12.75
C LEU B 478 19.51 22.63 12.64
N LYS B 479 19.25 23.16 11.44
CA LYS B 479 19.36 24.59 11.19
C LYS B 479 18.10 25.11 10.54
N GLY B 480 17.66 26.30 10.99
CA GLY B 480 16.45 26.90 10.48
C GLY B 480 15.20 26.20 10.98
N THR B 481 14.30 25.88 10.06
CA THR B 481 13.07 25.16 10.39
C THR B 481 13.17 23.73 9.87
N VAL B 482 12.78 22.77 10.69
CA VAL B 482 12.82 21.36 10.33
C VAL B 482 11.49 20.72 10.70
N ILE B 483 10.83 20.11 9.73
CA ILE B 483 9.55 19.46 9.94
C ILE B 483 9.70 18.00 9.56
N ILE B 484 9.48 17.10 10.52
CA ILE B 484 9.60 15.67 10.31
C ILE B 484 8.23 15.04 10.54
N VAL B 485 7.70 14.36 9.52
CA VAL B 485 6.37 13.76 9.59
C VAL B 485 6.50 12.31 9.18
N ALA B 486 6.55 11.40 10.15
CA ALA B 486 6.67 9.99 9.85
C ALA B 486 5.36 9.42 9.34
N THR B 487 5.47 8.46 8.41
CA THR B 487 4.29 7.79 7.88
C THR B 487 3.63 6.97 9.00
N GLU B 488 2.30 6.99 9.02
CA GLU B 488 1.56 6.27 10.06
C GLU B 488 1.98 4.82 10.16
N GLY B 489 2.56 4.46 11.31
CA GLY B 489 3.01 3.11 11.57
C GLY B 489 4.43 2.79 11.15
N SER B 490 5.07 3.65 10.36
CA SER B 490 6.45 3.42 9.93
C SER B 490 7.40 4.28 10.74
N THR B 491 8.69 4.00 10.61
CA THR B 491 9.70 4.71 11.37
C THR B 491 10.66 5.41 10.43
N ILE B 492 11.20 6.54 10.88
CA ILE B 492 12.20 7.30 10.15
C ILE B 492 13.46 7.34 11.01
N ASP B 493 14.53 6.70 10.52
CA ASP B 493 15.82 6.71 11.20
C ASP B 493 16.71 7.76 10.55
N ILE B 494 16.79 8.93 11.17
CA ILE B 494 17.62 10.01 10.63
C ILE B 494 19.07 9.52 10.70
N PRO B 495 19.79 9.52 9.59
CA PRO B 495 21.15 9.00 9.60
C PRO B 495 22.06 9.87 10.45
N PRO B 496 23.05 9.28 11.12
CA PRO B 496 24.00 10.06 11.91
C PRO B 496 24.70 11.13 11.08
N GLY B 497 25.09 12.20 11.74
CA GLY B 497 25.78 13.29 11.07
C GLY B 497 24.93 14.16 10.18
N SER B 498 23.65 13.83 10.01
CA SER B 498 22.76 14.59 9.15
C SER B 498 22.74 16.08 9.52
N VAL B 499 22.80 16.91 8.50
CA VAL B 499 22.70 18.36 8.61
C VAL B 499 21.47 18.75 7.82
N LEU B 500 20.47 19.30 8.51
CA LEU B 500 19.22 19.69 7.88
C LEU B 500 19.05 21.20 7.92
N GLU B 501 18.73 21.79 6.77
CA GLU B 501 18.50 23.22 6.66
C GLU B 501 17.17 23.45 5.95
N ASN B 502 16.33 24.30 6.55
CA ASN B 502 15.01 24.67 6.05
C ASN B 502 14.33 23.65 5.15
N CYS B 503 13.86 22.53 5.69
CA CYS B 503 13.27 21.54 4.80
C CYS B 503 12.27 20.65 5.54
N VAL B 504 11.41 20.02 4.73
CA VAL B 504 10.39 19.08 5.17
C VAL B 504 10.89 17.67 4.91
N VAL B 505 10.71 16.78 5.89
CA VAL B 505 11.12 15.39 5.77
C VAL B 505 9.92 14.50 6.04
N GLN B 506 9.67 13.57 5.12
CA GLN B 506 8.53 12.66 5.19
C GLN B 506 8.92 11.33 4.59
N GLY B 507 8.38 10.24 5.15
CA GLY B 507 8.67 8.91 4.63
C GLY B 507 8.95 7.80 5.62
N SER B 508 9.85 6.88 5.26
CA SER B 508 10.25 5.77 6.11
C SER B 508 11.65 5.33 5.72
N LEU B 509 12.51 5.10 6.71
CA LEU B 509 13.90 4.73 6.44
C LEU B 509 14.40 3.86 7.58
N ARG B 510 14.81 2.64 7.24
CA ARG B 510 15.31 1.67 8.22
C ARG B 510 16.82 1.54 8.12
N ILE B 511 17.49 1.54 9.26
CA ILE B 511 18.93 1.35 9.34
C ILE B 511 19.19 0.18 10.27
N LEU B 512 19.63 -0.93 9.71
CA LEU B 512 19.93 -2.14 10.46
C LEU B 512 21.40 -2.45 10.31
N GLU B 513 22.01 -2.94 11.38
CA GLU B 513 23.43 -3.27 11.30
C GLU B 513 23.64 -4.40 10.31
N HIS B 514 24.68 -4.28 9.50
CA HIS B 514 25.00 -5.25 8.46
C HIS B 514 25.05 -6.68 9.01
N ALA C 32 38.37 7.83 54.33
CA ALA C 32 37.99 7.11 55.54
C ALA C 32 36.93 6.05 55.24
N SER C 33 35.97 6.42 54.37
CA SER C 33 34.88 5.51 54.05
C SER C 33 35.39 4.18 53.49
N THR C 34 36.53 4.20 52.79
CA THR C 34 37.11 2.97 52.27
C THR C 34 37.45 2.00 53.40
N SER C 35 38.04 2.51 54.49
CA SER C 35 38.35 1.65 55.62
C SER C 35 37.10 1.14 56.30
N VAL C 36 36.08 1.99 56.42
CA VAL C 36 34.80 1.57 57.00
C VAL C 36 34.17 0.48 56.14
N ALA C 37 34.13 0.70 54.82
CA ALA C 37 33.60 -0.30 53.91
C ALA C 37 34.40 -1.60 53.98
N ALA C 38 35.73 -1.49 54.01
CA ALA C 38 36.58 -2.67 54.13
C ALA C 38 36.30 -3.41 55.42
N SER C 39 36.06 -2.67 56.52
CA SER C 39 35.74 -3.33 57.78
C SER C 39 34.40 -4.04 57.68
N GLN C 40 33.38 -3.36 57.14
CA GLN C 40 32.08 -3.99 56.96
C GLN C 40 32.18 -5.18 56.02
N MET C 41 32.95 -5.04 54.94
CA MET C 41 33.12 -6.14 54.00
C MET C 41 33.79 -7.32 54.69
N ARG C 42 34.89 -7.07 55.41
CA ARG C 42 35.57 -8.13 56.14
C ARG C 42 34.61 -8.87 57.06
N ASN C 43 33.83 -8.11 57.84
CA ASN C 43 32.87 -8.73 58.76
C ASN C 43 31.83 -9.54 57.99
N ALA C 44 31.37 -9.02 56.85
CA ALA C 44 30.37 -9.74 56.06
C ALA C 44 30.98 -11.00 55.45
N LEU C 45 32.19 -10.88 54.90
CA LEU C 45 32.87 -12.05 54.34
C LEU C 45 33.12 -13.09 55.43
N ASN C 46 33.56 -12.65 56.61
CA ASN C 46 33.80 -13.56 57.72
C ASN C 46 32.51 -14.15 58.25
N ALA C 47 31.42 -13.38 58.22
CA ALA C 47 30.14 -13.89 58.71
C ALA C 47 29.68 -15.09 57.89
N LEU C 48 29.85 -15.02 56.57
CA LEU C 48 29.52 -16.16 55.73
C LEU C 48 30.40 -17.35 56.09
N ALA C 49 31.72 -17.11 56.22
CA ALA C 49 32.65 -18.17 56.60
C ALA C 49 32.33 -18.76 57.97
N GLU C 50 31.73 -17.97 58.86
CA GLU C 50 31.36 -18.52 60.16
C GLU C 50 30.15 -19.44 60.05
N THR C 51 29.14 -19.03 59.28
CA THR C 51 27.97 -19.87 59.08
C THR C 51 28.26 -20.83 57.93
N VAL C 52 28.78 -22.01 58.28
CA VAL C 52 29.14 -23.05 57.32
C VAL C 52 29.03 -24.40 58.03
N PRO C 53 28.51 -25.43 57.36
CA PRO C 53 28.37 -26.74 58.02
C PRO C 53 29.65 -27.55 58.12
N ASP C 54 30.53 -27.50 57.12
CA ASP C 54 31.68 -28.39 57.18
C ASP C 54 33.02 -27.67 57.16
N PRO C 55 34.02 -28.23 57.84
CA PRO C 55 35.36 -27.62 57.86
C PRO C 55 36.04 -27.52 56.50
N ASN C 56 35.95 -28.58 55.68
CA ASN C 56 36.57 -28.54 54.36
C ASN C 56 36.04 -27.38 53.54
N GLU C 57 34.73 -27.15 53.58
CA GLU C 57 34.17 -26.02 52.86
C GLU C 57 34.71 -24.72 53.46
N ARG C 58 34.74 -24.65 54.79
CA ARG C 58 35.28 -23.47 55.48
C ARG C 58 36.69 -23.17 55.01
N LYS C 59 37.55 -24.19 54.93
CA LYS C 59 38.91 -23.96 54.45
C LYS C 59 38.89 -23.41 53.04
N ARG C 60 38.19 -24.10 52.13
CA ARG C 60 38.09 -23.65 50.75
C ARG C 60 37.48 -22.25 50.68
N PHE C 61 36.31 -22.08 51.31
CA PHE C 61 35.64 -20.77 51.31
C PHE C 61 36.50 -19.67 51.92
N GLU C 62 37.24 -19.97 53.00
CA GLU C 62 38.06 -18.92 53.60
C GLU C 62 39.15 -18.46 52.63
N ALA C 63 39.90 -19.39 52.05
CA ALA C 63 40.94 -19.00 51.12
C ALA C 63 40.32 -18.28 49.93
N GLU C 64 39.27 -18.86 49.37
CA GLU C 64 38.55 -18.26 48.24
C GLU C 64 38.06 -16.85 48.58
N MET C 65 37.31 -16.72 49.67
CA MET C 65 36.76 -15.41 50.04
C MET C 65 37.83 -14.41 50.46
N ASP C 66 38.92 -14.88 51.08
CA ASP C 66 39.98 -13.96 51.46
C ASP C 66 40.65 -13.31 50.26
N ASN C 67 40.71 -14.02 49.12
CA ASN C 67 41.26 -13.42 47.91
C ASN C 67 40.42 -12.21 47.47
N PHE C 68 39.10 -12.33 47.54
CA PHE C 68 38.23 -11.24 47.12
C PHE C 68 38.39 -10.01 48.02
N PHE C 69 38.63 -10.22 49.31
CA PHE C 69 38.89 -9.09 50.20
C PHE C 69 40.07 -8.27 49.70
N ALA C 70 41.15 -8.95 49.30
CA ALA C 70 42.29 -8.23 48.75
C ALA C 70 41.92 -7.58 47.42
N LEU C 71 41.21 -8.31 46.56
CA LEU C 71 40.77 -7.75 45.28
C LEU C 71 39.89 -6.53 45.52
N PHE C 72 38.91 -6.65 46.42
CA PHE C 72 38.00 -5.54 46.72
C PHE C 72 38.78 -4.33 47.21
N ARG C 73 39.77 -4.54 48.08
CA ARG C 73 40.60 -3.44 48.55
C ARG C 73 41.32 -2.78 47.38
N ARG C 74 41.97 -3.57 46.53
CA ARG C 74 42.64 -3.01 45.38
C ARG C 74 41.66 -2.28 44.47
N PHE C 75 40.45 -2.84 44.32
CA PHE C 75 39.45 -2.21 43.47
C PHE C 75 39.15 -0.80 43.95
N LEU C 76 38.85 -0.63 45.23
CA LEU C 76 38.61 0.71 45.75
C LEU C 76 39.85 1.59 45.61
N ASN C 77 41.02 1.04 45.97
CA ASN C 77 42.27 1.78 45.85
C ASN C 77 42.58 2.15 44.41
N ASP C 78 42.39 1.20 43.49
CA ASP C 78 42.66 1.47 42.08
C ASP C 78 41.73 2.54 41.52
N LYS C 79 40.49 2.63 42.02
CA LYS C 79 39.63 3.70 41.56
C LYS C 79 40.09 5.05 42.09
N ALA C 80 40.52 5.11 43.36
CA ALA C 80 41.02 6.37 43.89
C ALA C 80 42.28 6.79 43.14
N LYS C 81 43.15 5.82 42.82
CA LYS C 81 44.35 6.11 42.05
C LYS C 81 44.07 6.27 40.56
N GLY C 82 42.94 5.74 40.08
CA GLY C 82 42.60 5.81 38.68
C GLY C 82 43.57 5.05 37.79
N ASN C 86 49.03 3.99 29.86
CA ASN C 86 49.62 5.22 29.33
C ASN C 86 49.91 5.06 27.83
N TRP C 87 49.22 5.86 27.01
CA TRP C 87 49.43 5.77 25.57
C TRP C 87 50.89 5.96 25.21
N ASP C 88 51.62 6.77 25.99
CA ASP C 88 53.04 6.93 25.77
C ASP C 88 53.78 5.62 25.96
N ARG C 89 53.27 4.77 26.86
CA ARG C 89 53.85 3.47 27.15
C ARG C 89 53.32 2.38 26.22
N ILE C 90 52.35 2.71 25.38
CA ILE C 90 51.78 1.77 24.43
C ILE C 90 52.67 1.74 23.20
N ALA C 91 53.85 1.15 23.35
CA ALA C 91 54.81 1.04 22.26
C ALA C 91 54.52 -0.21 21.43
N PRO C 92 54.74 -0.14 20.13
CA PRO C 92 54.41 -1.26 19.27
C PRO C 92 55.27 -2.48 19.60
N PRO C 93 54.75 -3.67 19.34
CA PRO C 93 55.52 -4.90 19.61
C PRO C 93 56.76 -4.97 18.74
N GLN C 94 57.90 -5.25 19.38
CA GLN C 94 59.14 -5.33 18.64
C GLN C 94 59.22 -6.66 17.87
N PRO C 95 59.99 -6.69 16.77
CA PRO C 95 60.10 -7.91 15.95
C PRO C 95 60.52 -9.16 16.71
N SER C 96 61.20 -8.97 17.84
CA SER C 96 61.66 -10.07 18.68
C SER C 96 60.55 -10.74 19.47
N GLN C 97 59.37 -10.12 19.54
CA GLN C 97 58.27 -10.63 20.35
C GLN C 97 57.30 -11.58 19.63
N VAL C 98 57.44 -11.81 18.33
CA VAL C 98 56.49 -12.68 17.62
C VAL C 98 57.23 -13.65 16.71
N VAL C 99 56.90 -14.94 16.86
CA VAL C 99 57.45 -16.04 16.08
C VAL C 99 56.42 -16.51 15.07
N ASN C 100 56.86 -16.82 13.86
CA ASN C 100 55.94 -17.26 12.81
C ASN C 100 55.85 -18.80 12.76
N TYR C 101 54.62 -19.28 12.59
CA TYR C 101 54.33 -20.71 12.51
C TYR C 101 55.17 -21.43 11.46
N ASP C 102 55.44 -20.77 10.34
CA ASP C 102 56.24 -21.39 9.28
C ASP C 102 57.70 -21.58 9.68
N ASP C 103 58.17 -20.87 10.71
CA ASP C 103 59.55 -21.01 11.18
C ASP C 103 59.74 -22.17 12.16
N ILE C 104 58.68 -22.64 12.82
CA ILE C 104 58.81 -23.72 13.78
C ILE C 104 59.24 -25.00 13.09
N GLY C 105 60.08 -25.77 13.78
CA GLY C 105 60.65 -27.01 13.31
C GLY C 105 59.70 -28.20 13.22
N LYS C 106 60.34 -29.36 13.02
CA LYS C 106 59.70 -30.66 12.89
C LYS C 106 58.82 -31.01 14.09
N GLU C 107 57.90 -31.95 13.85
CA GLU C 107 56.97 -32.43 14.88
C GLU C 107 57.70 -33.02 16.08
N SER C 108 57.11 -32.81 17.26
CA SER C 108 57.65 -33.35 18.50
C SER C 108 57.43 -34.86 18.60
N SER C 109 58.42 -35.55 19.17
CA SER C 109 58.35 -37.00 19.31
C SER C 109 57.24 -37.45 20.26
N VAL C 110 56.58 -38.54 19.87
CA VAL C 110 55.48 -39.15 20.62
C VAL C 110 55.79 -39.27 22.11
N GLU C 111 57.03 -39.60 22.45
CA GLU C 111 57.42 -39.77 23.85
C GLU C 111 57.14 -38.54 24.71
N PHE C 112 57.30 -37.35 24.13
CA PHE C 112 57.06 -36.12 24.86
C PHE C 112 55.58 -35.80 25.07
N LEU C 113 54.67 -36.53 24.43
CA LEU C 113 53.25 -36.26 24.59
C LEU C 113 52.67 -36.74 25.92
N ASN C 114 53.30 -37.72 26.57
CA ASN C 114 52.85 -38.16 27.88
C ASN C 114 52.81 -37.04 28.91
N LYS C 115 53.66 -36.04 28.78
CA LYS C 115 53.68 -34.92 29.73
C LYS C 115 52.84 -33.72 29.29
N LEU C 116 52.18 -33.77 28.13
CA LEU C 116 51.30 -32.67 27.75
C LEU C 116 49.95 -32.81 28.43
N ALA C 117 49.25 -31.69 28.59
CA ALA C 117 47.92 -31.70 29.18
C ALA C 117 47.05 -30.60 28.58
N VAL C 118 45.78 -30.92 28.33
CA VAL C 118 44.83 -29.99 27.72
C VAL C 118 43.71 -29.70 28.72
N VAL C 119 43.43 -28.41 28.91
CA VAL C 119 42.40 -27.92 29.83
C VAL C 119 41.47 -27.01 29.05
N LYS C 120 40.17 -27.23 29.19
CA LYS C 120 39.13 -26.49 28.48
C LYS C 120 38.26 -25.68 29.42
N LEU C 121 37.90 -24.48 28.98
CA LEU C 121 36.94 -23.68 29.70
C LEU C 121 35.56 -24.25 29.37
N ASN C 122 34.75 -24.49 30.40
CA ASN C 122 33.44 -25.08 30.20
C ASN C 122 32.40 -24.33 31.02
N GLY C 123 32.51 -23.00 31.05
CA GLY C 123 31.61 -22.15 31.79
C GLY C 123 30.48 -21.54 30.99
N GLY C 124 30.43 -21.74 29.68
CA GLY C 124 29.39 -21.11 28.86
C GLY C 124 28.09 -21.89 28.80
N LEU C 125 27.01 -21.20 29.09
CA LEU C 125 25.65 -21.72 29.03
C LEU C 125 25.04 -21.49 27.64
N GLY C 126 24.11 -22.36 27.28
CA GLY C 126 23.44 -22.15 26.01
C GLY C 126 22.50 -20.97 26.02
N THR C 127 22.31 -20.34 27.19
CA THR C 127 21.45 -19.17 27.30
C THR C 127 21.96 -18.02 26.42
N SER C 128 23.27 -17.97 26.18
CA SER C 128 23.83 -16.96 25.28
C SER C 128 23.21 -17.06 23.89
N MET C 129 22.82 -18.26 23.47
CA MET C 129 22.19 -18.47 22.17
C MET C 129 20.75 -18.97 22.30
N GLY C 130 20.11 -18.72 23.44
CA GLY C 130 18.75 -19.18 23.64
C GLY C 130 18.58 -20.68 23.59
N CYS C 131 19.56 -21.41 24.08
CA CYS C 131 19.53 -22.87 24.09
C CYS C 131 19.57 -23.34 25.53
N VAL C 132 18.91 -24.45 25.80
CA VAL C 132 18.92 -24.98 27.16
C VAL C 132 20.24 -25.71 27.42
N GLY C 133 20.64 -25.71 28.70
CA GLY C 133 21.84 -26.38 29.13
C GLY C 133 23.14 -25.68 28.79
N PRO C 134 24.24 -26.38 29.02
CA PRO C 134 25.56 -25.83 28.71
C PRO C 134 25.81 -25.70 27.22
N LYS C 135 26.55 -24.65 26.86
CA LYS C 135 26.88 -24.44 25.45
C LYS C 135 27.62 -25.63 24.88
N SER C 136 28.47 -26.26 25.68
CA SER C 136 29.25 -27.41 25.25
C SER C 136 28.38 -28.57 24.78
N VAL C 137 27.14 -28.63 25.23
CA VAL C 137 26.25 -29.74 24.87
C VAL C 137 25.50 -29.51 23.56
N ILE C 138 25.32 -28.25 23.14
CA ILE C 138 24.58 -27.97 21.92
C ILE C 138 25.25 -28.64 20.73
N GLU C 139 24.45 -29.15 19.81
CA GLU C 139 24.95 -29.82 18.62
C GLU C 139 25.48 -28.81 17.61
N VAL C 140 26.40 -29.27 16.77
CA VAL C 140 26.98 -28.45 15.72
C VAL C 140 26.80 -29.08 14.34
N ARG C 141 27.13 -30.36 14.21
CA ARG C 141 27.02 -31.05 12.94
C ARG C 141 26.74 -32.52 13.20
N GLU C 142 25.89 -33.12 12.37
CA GLU C 142 25.57 -34.55 12.43
C GLU C 142 25.28 -35.00 13.87
N GLY C 143 24.58 -34.16 14.63
CA GLY C 143 24.23 -34.45 16.00
C GLY C 143 25.34 -34.39 17.02
N MET C 144 26.59 -34.19 16.61
CA MET C 144 27.67 -34.14 17.58
C MET C 144 27.69 -32.83 18.34
N SER C 145 28.05 -32.89 19.62
CA SER C 145 28.19 -31.69 20.42
C SER C 145 29.62 -31.17 20.34
N PHE C 146 29.80 -29.91 20.76
CA PHE C 146 31.13 -29.31 20.75
C PHE C 146 32.09 -30.09 21.64
N LEU C 147 31.59 -30.63 22.74
CA LEU C 147 32.41 -31.46 23.61
C LEU C 147 32.81 -32.74 22.90
N ASP C 148 31.87 -33.35 22.17
CA ASP C 148 32.14 -34.60 21.46
C ASP C 148 33.36 -34.50 20.56
N LEU C 149 33.44 -33.44 19.77
CA LEU C 149 34.60 -33.29 18.89
C LEU C 149 35.90 -33.25 19.68
N SER C 150 35.93 -32.56 20.81
CA SER C 150 37.17 -32.50 21.60
C SER C 150 37.63 -33.88 22.00
N VAL C 151 36.74 -34.65 22.62
CA VAL C 151 37.08 -36.01 23.02
C VAL C 151 37.52 -36.80 21.79
N ARG C 152 36.75 -36.69 20.70
CA ARG C 152 37.09 -37.38 19.47
C ARG C 152 38.49 -37.01 19.00
N GLN C 153 38.89 -35.76 19.19
CA GLN C 153 40.25 -35.36 18.83
C GLN C 153 41.25 -36.04 19.75
N ILE C 154 40.93 -36.13 21.04
CA ILE C 154 41.79 -36.84 21.97
C ILE C 154 41.92 -38.30 21.56
N GLU C 155 40.78 -38.90 21.20
CA GLU C 155 40.78 -40.30 20.77
C GLU C 155 41.70 -40.51 19.58
N HIS C 156 41.68 -39.58 18.62
CA HIS C 156 42.55 -39.69 17.45
C HIS C 156 44.02 -39.75 17.86
N LEU C 157 44.42 -38.95 18.86
CA LEU C 157 45.81 -39.00 19.33
C LEU C 157 46.17 -40.33 19.98
N ASN C 158 45.32 -40.85 20.87
CA ASN C 158 45.63 -42.11 21.51
C ASN C 158 45.65 -43.28 20.52
N ARG C 159 44.73 -43.30 19.57
CA ARG C 159 44.71 -44.41 18.63
C ARG C 159 45.89 -44.39 17.66
N THR C 160 46.35 -43.21 17.25
CA THR C 160 47.49 -43.16 16.33
C THR C 160 48.82 -43.50 17.00
N TYR C 161 48.97 -43.25 18.31
CA TYR C 161 50.25 -43.54 18.98
C TYR C 161 50.16 -44.29 20.30
N ASN C 162 48.97 -44.65 20.77
CA ASN C 162 48.79 -45.34 22.05
C ASN C 162 49.38 -44.55 23.22
N VAL C 163 48.90 -43.31 23.36
CA VAL C 163 49.26 -42.40 24.43
C VAL C 163 47.98 -41.81 24.98
N ASN C 164 47.96 -41.50 26.27
CA ASN C 164 46.73 -41.00 26.89
C ASN C 164 46.95 -39.59 27.45
N VAL C 165 46.59 -38.62 26.63
CA VAL C 165 46.70 -37.20 27.00
C VAL C 165 45.55 -36.86 27.94
N PRO C 166 45.81 -36.24 29.09
CA PRO C 166 44.70 -35.90 29.98
C PRO C 166 43.96 -34.69 29.46
N PHE C 167 42.64 -34.75 29.59
CA PHE C 167 41.73 -33.72 29.13
C PHE C 167 40.94 -33.25 30.34
N VAL C 168 41.21 -32.04 30.80
CA VAL C 168 40.56 -31.49 31.99
C VAL C 168 39.57 -30.42 31.58
N LEU C 169 38.39 -30.47 32.17
CA LEU C 169 37.32 -29.52 31.90
C LEU C 169 37.12 -28.59 33.09
N MET C 170 37.29 -27.29 32.85
CA MET C 170 37.03 -26.30 33.88
C MET C 170 35.55 -25.99 33.78
N ASN C 171 34.74 -26.66 34.59
CA ASN C 171 33.30 -26.46 34.53
C ASN C 171 32.88 -25.24 35.33
N SER C 172 31.57 -25.06 35.44
CA SER C 172 30.99 -24.00 36.23
C SER C 172 29.79 -24.56 36.98
N PHE C 173 29.38 -23.85 38.02
CA PHE C 173 28.24 -24.27 38.84
C PHE C 173 26.94 -24.31 38.04
N ASN C 174 26.84 -23.49 37.01
CA ASN C 174 25.67 -23.49 36.13
C ASN C 174 25.56 -24.71 35.24
N THR C 175 26.66 -25.42 34.99
CA THR C 175 26.66 -26.54 34.07
C THR C 175 26.98 -27.89 34.70
N ASP C 176 27.68 -27.92 35.84
CA ASP C 176 28.07 -29.18 36.46
C ASP C 176 26.91 -30.16 36.59
N GLN C 177 25.73 -29.69 37.00
CA GLN C 177 24.63 -30.63 37.19
C GLN C 177 24.21 -31.26 35.86
N ASP C 178 24.09 -30.45 34.81
CA ASP C 178 23.79 -31.01 33.49
C ASP C 178 24.99 -31.79 32.97
N THR C 179 26.19 -31.28 33.24
CA THR C 179 27.43 -31.94 32.83
C THR C 179 27.60 -33.30 33.46
N GLN C 180 27.41 -33.38 34.78
CA GLN C 180 27.54 -34.66 35.48
C GLN C 180 26.63 -35.72 34.89
N SER C 181 25.51 -35.32 34.31
CA SER C 181 24.62 -36.27 33.65
C SER C 181 25.17 -36.69 32.30
N ILE C 182 25.39 -35.73 31.40
CA ILE C 182 25.79 -36.04 30.04
C ILE C 182 27.15 -36.71 29.93
N ILE C 183 28.10 -36.39 30.82
CA ILE C 183 29.44 -36.99 30.70
C ILE C 183 29.39 -38.52 30.74
N LYS C 184 28.37 -39.09 31.38
CA LYS C 184 28.27 -40.55 31.45
C LYS C 184 28.24 -41.20 30.07
N LYS C 185 27.81 -40.48 29.04
CA LYS C 185 27.77 -41.04 27.70
C LYS C 185 29.16 -41.39 27.17
N TYR C 186 30.21 -40.85 27.77
CA TYR C 186 31.57 -41.14 27.36
C TYR C 186 32.22 -42.28 28.13
N GLN C 187 31.45 -43.01 28.92
CA GLN C 187 32.01 -44.12 29.68
C GLN C 187 32.53 -45.21 28.75
N GLY C 188 33.34 -46.10 29.31
CA GLY C 188 33.95 -47.17 28.55
C GLY C 188 35.16 -46.73 27.75
N HIS C 189 34.93 -46.05 26.63
CA HIS C 189 35.99 -45.53 25.76
C HIS C 189 37.19 -45.02 26.55
N ASN C 190 38.37 -45.34 26.05
CA ASN C 190 39.65 -44.96 26.67
C ASN C 190 39.84 -43.45 26.66
N VAL C 191 39.21 -42.78 27.63
CA VAL C 191 39.26 -41.33 27.75
C VAL C 191 39.20 -40.97 29.22
N ASP C 192 40.29 -40.42 29.75
CA ASP C 192 40.39 -39.99 31.15
C ASP C 192 39.72 -38.64 31.31
N ILE C 193 38.48 -38.61 31.81
CA ILE C 193 37.74 -37.38 31.99
C ILE C 193 37.71 -37.03 33.47
N ILE C 194 38.12 -35.81 33.80
CA ILE C 194 38.13 -35.30 35.16
C ILE C 194 37.41 -33.96 35.15
N THR C 195 36.58 -33.72 36.17
CA THR C 195 35.79 -32.51 36.24
C THR C 195 35.89 -31.84 37.60
N PHE C 196 35.85 -30.52 37.59
CA PHE C 196 35.90 -29.71 38.81
C PHE C 196 35.16 -28.41 38.57
N ASN C 197 34.71 -27.80 39.65
CA ASN C 197 33.98 -26.54 39.60
C ASN C 197 34.88 -25.40 40.03
N GLN C 198 34.82 -24.31 39.28
CA GLN C 198 35.64 -23.14 39.59
C GLN C 198 35.12 -22.43 40.84
N SER C 199 35.79 -21.34 41.20
CA SER C 199 35.42 -20.59 42.40
C SER C 199 34.02 -20.00 42.25
N ARG C 200 33.29 -19.98 43.36
CA ARG C 200 31.92 -19.48 43.40
C ARG C 200 31.90 -18.21 44.26
N TYR C 201 32.14 -17.08 43.64
CA TYR C 201 32.11 -15.88 44.45
C TYR C 201 30.70 -15.31 44.54
N PRO C 202 30.39 -14.64 45.64
CA PRO C 202 29.08 -13.99 45.78
C PRO C 202 29.06 -12.63 45.09
N ARG C 203 27.84 -12.22 44.72
CA ARG C 203 27.64 -10.90 44.12
C ARG C 203 27.67 -9.83 45.21
N ILE C 204 28.29 -8.69 44.89
CA ILE C 204 28.44 -7.57 45.82
C ILE C 204 27.42 -6.50 45.47
N ILE C 205 26.66 -6.07 46.48
CA ILE C 205 25.64 -5.05 46.29
C ILE C 205 26.27 -3.74 45.88
N LYS C 206 25.76 -3.16 44.78
CA LYS C 206 26.31 -1.91 44.23
C LYS C 206 26.25 -0.76 45.23
N ASP C 207 25.14 -0.63 45.96
CA ASP C 207 24.99 0.50 46.88
C ASP C 207 25.73 0.29 48.20
N SER C 208 25.55 -0.87 48.84
CA SER C 208 26.19 -1.11 50.13
C SER C 208 27.63 -1.57 50.00
N LEU C 209 28.05 -2.05 48.84
CA LEU C 209 29.40 -2.60 48.64
C LEU C 209 29.65 -3.74 49.62
N LEU C 210 28.64 -4.59 49.76
CA LEU C 210 28.69 -5.75 50.63
C LEU C 210 28.09 -6.91 49.87
N PRO C 211 28.46 -8.15 50.22
CA PRO C 211 27.91 -9.31 49.51
C PRO C 211 26.41 -9.44 49.74
N ALA C 212 25.68 -9.65 48.64
CA ALA C 212 24.23 -9.83 48.73
C ALA C 212 23.81 -11.05 49.54
N PRO C 213 24.42 -12.23 49.41
CA PRO C 213 23.96 -13.38 50.19
C PRO C 213 24.42 -13.34 51.63
N LYS C 214 23.56 -13.89 52.49
CA LYS C 214 23.82 -13.99 53.93
C LYS C 214 24.21 -15.40 54.36
N SER C 215 23.41 -16.39 54.02
CA SER C 215 23.67 -17.77 54.38
C SER C 215 24.65 -18.45 53.43
N PHE C 216 25.00 -19.69 53.79
CA PHE C 216 25.90 -20.52 52.99
C PHE C 216 25.17 -21.15 51.81
N ASP C 217 23.92 -21.57 52.01
CA ASP C 217 23.11 -22.19 50.97
C ASP C 217 22.26 -21.17 50.22
N ALA C 218 22.73 -19.93 50.11
CA ALA C 218 22.00 -18.88 49.41
C ALA C 218 21.78 -19.22 47.94
N PRO C 219 20.76 -18.63 47.31
CA PRO C 219 20.48 -18.93 45.90
C PRO C 219 21.57 -18.53 44.94
N LEU C 220 21.61 -19.25 43.81
CA LEU C 220 22.62 -19.04 42.77
C LEU C 220 22.64 -17.60 42.26
N GLN C 221 21.50 -16.91 42.32
CA GLN C 221 21.43 -15.52 41.87
C GLN C 221 22.36 -14.63 42.67
N ASP C 222 22.78 -15.07 43.85
CA ASP C 222 23.69 -14.33 44.69
C ASP C 222 25.15 -14.60 44.35
N TRP C 223 25.42 -15.41 43.34
CA TRP C 223 26.79 -15.76 42.96
C TRP C 223 26.98 -15.58 41.48
N TYR C 224 28.26 -15.51 41.06
CA TYR C 224 28.63 -15.39 39.66
C TYR C 224 30.00 -16.01 39.49
N PRO C 225 30.26 -16.66 38.36
CA PRO C 225 31.59 -17.25 38.12
C PRO C 225 32.60 -16.19 37.71
N PRO C 226 33.77 -16.16 38.38
CA PRO C 226 34.79 -15.17 38.04
C PRO C 226 35.48 -15.46 36.71
N GLY C 227 36.44 -14.59 36.34
CA GLY C 227 37.11 -14.73 35.06
C GLY C 227 37.99 -15.95 34.93
N HIS C 228 38.47 -16.14 33.71
CA HIS C 228 39.30 -17.29 33.35
C HIS C 228 40.54 -17.43 34.22
N GLY C 229 41.11 -16.31 34.66
CA GLY C 229 42.33 -16.36 35.47
C GLY C 229 42.21 -17.18 36.73
N ASP C 230 40.98 -17.46 37.17
CA ASP C 230 40.76 -18.31 38.33
C ASP C 230 41.25 -19.73 38.07
N VAL C 231 41.50 -20.08 36.81
CA VAL C 231 41.96 -21.42 36.45
C VAL C 231 43.18 -21.87 37.26
N PHE C 232 44.21 -21.03 37.34
CA PHE C 232 45.44 -21.41 38.01
C PHE C 232 45.19 -21.88 39.44
N GLU C 233 44.56 -21.04 40.26
CA GLU C 233 44.29 -21.44 41.63
C GLU C 233 43.27 -22.57 41.67
N SER C 234 42.23 -22.49 40.83
CA SER C 234 41.20 -23.53 40.82
C SER C 234 41.81 -24.90 40.57
N LEU C 235 42.78 -24.98 39.66
CA LEU C 235 43.42 -26.26 39.40
C LEU C 235 44.08 -26.79 40.66
N TYR C 236 44.73 -25.91 41.42
CA TYR C 236 45.34 -26.28 42.68
C TYR C 236 44.31 -26.59 43.76
N ASN C 237 43.45 -25.61 44.05
CA ASN C 237 42.48 -25.72 45.13
C ASN C 237 41.58 -26.95 45.01
N SER C 238 41.29 -27.39 43.79
CA SER C 238 40.47 -28.57 43.62
C SER C 238 41.27 -29.85 43.80
N GLY C 239 42.60 -29.77 43.83
CA GLY C 239 43.43 -30.94 43.88
C GLY C 239 43.72 -31.50 42.51
N THR C 240 43.20 -30.85 41.46
CA THR C 240 43.45 -31.30 40.10
C THR C 240 44.94 -31.23 39.78
N LEU C 241 45.61 -30.20 40.30
CA LEU C 241 47.05 -30.09 40.09
C LEU C 241 47.75 -31.33 40.60
N ASP C 242 47.32 -31.83 41.77
CA ASP C 242 47.88 -33.09 42.26
C ASP C 242 47.50 -34.22 41.31
N LYS C 243 46.20 -34.29 40.96
CA LYS C 243 45.73 -35.31 40.03
C LYS C 243 46.50 -35.27 38.72
N LEU C 244 46.85 -34.06 38.25
CA LEU C 244 47.65 -33.95 37.04
C LEU C 244 49.09 -34.35 37.33
N LEU C 245 49.65 -33.82 38.42
CA LEU C 245 51.02 -34.16 38.80
C LEU C 245 51.15 -35.65 39.05
N GLU C 246 50.07 -36.29 39.52
CA GLU C 246 50.08 -37.72 39.74
C GLU C 246 50.36 -38.52 38.47
N ARG C 247 50.10 -37.96 37.29
CA ARG C 247 50.44 -38.66 36.05
C ARG C 247 51.63 -38.03 35.34
N GLY C 248 52.36 -37.14 36.01
CA GLY C 248 53.58 -36.58 35.47
C GLY C 248 53.46 -35.63 34.29
N VAL C 249 52.30 -35.02 34.07
CA VAL C 249 52.15 -34.10 32.96
C VAL C 249 52.92 -32.82 33.26
N GLU C 250 53.71 -32.35 32.29
CA GLU C 250 54.53 -31.16 32.46
C GLU C 250 54.08 -29.96 31.63
N TYR C 251 53.38 -30.17 30.52
CA TYR C 251 52.95 -29.09 29.66
C TYR C 251 51.43 -29.03 29.62
N ILE C 252 50.88 -27.83 29.79
CA ILE C 252 49.45 -27.60 29.83
C ILE C 252 49.07 -26.75 28.64
N PHE C 253 47.94 -27.09 28.02
CA PHE C 253 47.39 -26.36 26.89
C PHE C 253 45.95 -25.96 27.20
N LEU C 254 45.63 -24.69 27.00
CA LEU C 254 44.28 -24.21 27.23
C LEU C 254 43.68 -23.67 25.95
N SER C 255 42.37 -23.87 25.80
CA SER C 255 41.63 -23.36 24.66
C SER C 255 40.15 -23.37 24.99
N ASN C 256 39.42 -22.44 24.41
CA ASN C 256 37.99 -22.36 24.65
C ASN C 256 37.25 -23.41 23.84
N ALA C 257 36.21 -24.00 24.46
CA ALA C 257 35.39 -25.01 23.79
C ALA C 257 34.73 -24.46 22.53
N ASP C 258 34.53 -23.14 22.46
CA ASP C 258 33.92 -22.53 21.29
C ASP C 258 34.82 -22.43 20.06
N ASN C 259 36.13 -22.61 20.21
CA ASN C 259 37.05 -22.52 19.07
C ASN C 259 37.39 -23.92 18.59
N LEU C 260 36.59 -24.43 17.65
CA LEU C 260 36.80 -25.77 17.11
C LEU C 260 38.15 -25.95 16.45
N GLY C 261 38.85 -24.86 16.11
CA GLY C 261 40.15 -24.95 15.47
C GLY C 261 41.31 -25.31 16.38
N ALA C 262 41.09 -25.27 17.69
CA ALA C 262 42.14 -25.56 18.67
C ALA C 262 42.40 -27.06 18.79
N VAL C 263 42.95 -27.61 17.71
CA VAL C 263 43.25 -29.03 17.65
C VAL C 263 44.70 -29.21 18.10
N VAL C 264 44.98 -30.36 18.72
CA VAL C 264 46.33 -30.63 19.20
C VAL C 264 47.27 -30.88 18.03
N ASP C 265 48.29 -30.03 17.90
CA ASP C 265 49.27 -30.10 16.82
C ASP C 265 50.64 -30.29 17.46
N THR C 266 51.18 -31.50 17.37
CA THR C 266 52.48 -31.83 17.93
C THR C 266 53.60 -30.90 17.49
N ARG C 267 53.42 -30.15 16.41
CA ARG C 267 54.44 -29.20 15.97
C ARG C 267 54.71 -28.12 17.01
N ILE C 268 53.65 -27.56 17.60
CA ILE C 268 53.84 -26.48 18.55
C ILE C 268 54.56 -26.94 19.82
N LEU C 269 54.33 -28.18 20.25
CA LEU C 269 54.99 -28.69 21.45
C LEU C 269 56.51 -28.74 21.32
N GLN C 270 57.04 -28.97 20.12
CA GLN C 270 58.48 -28.98 19.95
C GLN C 270 59.08 -27.60 20.21
N HIS C 271 58.47 -26.55 19.68
CA HIS C 271 58.97 -25.20 19.93
C HIS C 271 59.00 -24.93 21.43
N MET C 272 57.98 -25.41 22.14
CA MET C 272 57.93 -25.27 23.60
C MET C 272 59.07 -26.01 24.26
N ILE C 273 59.26 -27.28 23.89
CA ILE C 273 60.35 -28.08 24.45
C ILE C 273 61.70 -27.44 24.18
N ASP C 274 61.85 -26.81 23.01
CA ASP C 274 63.12 -26.17 22.69
C ASP C 274 63.29 -24.85 23.43
N THR C 275 62.29 -23.98 23.37
CA THR C 275 62.40 -22.67 24.03
C THR C 275 62.10 -22.73 25.52
N LYS C 276 61.51 -23.83 26.02
CA LYS C 276 61.19 -23.98 27.44
C LYS C 276 60.51 -22.74 28.02
N ALA C 277 59.75 -22.03 27.20
CA ALA C 277 59.05 -20.83 27.64
C ALA C 277 57.95 -21.18 28.63
N GLU C 278 57.75 -20.29 29.60
CA GLU C 278 56.71 -20.49 30.60
C GLU C 278 55.31 -20.20 30.09
N TYR C 279 55.17 -19.52 28.96
CA TYR C 279 53.85 -19.14 28.46
C TYR C 279 53.96 -18.82 26.98
N ILE C 280 53.24 -19.56 26.14
CA ILE C 280 53.22 -19.33 24.70
C ILE C 280 51.79 -19.20 24.24
N MET C 281 51.46 -18.04 23.66
CA MET C 281 50.12 -17.72 23.17
C MET C 281 50.11 -17.74 21.65
N GLU C 282 49.11 -18.40 21.07
CA GLU C 282 48.95 -18.36 19.63
C GLU C 282 48.29 -17.06 19.20
N LEU C 283 48.81 -16.46 18.13
CA LEU C 283 48.31 -15.20 17.62
C LEU C 283 47.97 -15.33 16.14
N THR C 284 47.09 -14.44 15.68
CA THR C 284 46.66 -14.40 14.29
C THR C 284 46.61 -12.95 13.81
N ASP C 285 46.83 -12.77 12.51
CA ASP C 285 46.79 -11.43 11.92
C ASP C 285 45.36 -10.91 11.89
N LYS C 286 45.18 -9.69 12.36
CA LYS C 286 43.85 -9.10 12.42
C LYS C 286 43.24 -8.95 11.03
N THR C 287 42.04 -9.51 10.87
CA THR C 287 41.25 -9.33 9.67
C THR C 287 40.38 -8.09 9.84
N LYS C 288 39.63 -7.75 8.79
CA LYS C 288 38.77 -6.58 8.84
C LYS C 288 37.81 -6.63 10.03
N ALA C 289 37.40 -7.83 10.44
CA ALA C 289 36.52 -8.01 11.59
C ALA C 289 37.26 -8.09 12.92
N ASP C 290 38.59 -8.15 12.92
CA ASP C 290 39.35 -8.30 14.15
C ASP C 290 40.04 -7.01 14.58
N VAL C 291 39.61 -5.86 14.07
CA VAL C 291 40.18 -4.59 14.50
C VAL C 291 39.98 -4.41 16.00
N LYS C 292 38.79 -4.78 16.49
CA LYS C 292 38.47 -4.78 17.91
C LYS C 292 39.14 -5.98 18.59
N GLY C 293 38.99 -6.09 19.90
CA GLY C 293 39.60 -7.18 20.63
C GLY C 293 41.07 -7.01 20.93
N GLY C 294 41.52 -7.67 22.00
CA GLY C 294 42.86 -7.54 22.56
C GLY C 294 44.04 -7.69 21.63
N THR C 295 45.12 -6.97 21.94
CA THR C 295 46.34 -7.00 21.16
C THR C 295 47.54 -6.98 22.09
N ILE C 296 48.56 -7.76 21.72
CA ILE C 296 49.77 -7.85 22.51
C ILE C 296 50.57 -6.56 22.44
N ILE C 297 51.17 -6.16 23.55
CA ILE C 297 51.97 -4.94 23.62
C ILE C 297 53.29 -5.30 24.30
N ASP C 298 54.39 -4.74 23.79
CA ASP C 298 55.71 -5.11 24.29
C ASP C 298 55.95 -4.59 25.71
N TYR C 299 55.46 -3.39 26.01
CA TYR C 299 55.59 -2.74 27.32
C TYR C 299 56.98 -2.91 27.94
N GLU C 300 58.01 -2.53 27.17
CA GLU C 300 59.41 -2.62 27.61
C GLU C 300 59.83 -4.07 27.84
N GLY C 301 59.58 -4.92 26.85
CA GLY C 301 59.95 -6.32 26.95
C GLY C 301 58.97 -7.16 27.76
N LYS C 302 58.38 -6.55 28.78
CA LYS C 302 57.39 -7.22 29.64
C LYS C 302 56.06 -7.26 28.89
N VAL C 303 56.01 -8.17 27.90
CA VAL C 303 54.87 -8.34 27.01
C VAL C 303 53.55 -8.29 27.77
N ARG C 304 52.68 -7.39 27.35
CA ARG C 304 51.39 -7.17 27.99
C ARG C 304 50.27 -7.20 26.95
N LEU C 305 49.06 -6.86 27.36
CA LEU C 305 47.87 -6.92 26.53
C LEU C 305 46.91 -5.83 27.00
N LEU C 306 46.09 -5.34 26.09
CA LEU C 306 45.10 -4.31 26.44
C LEU C 306 43.93 -4.35 25.47
N GLU C 307 42.81 -3.78 25.91
CA GLU C 307 41.58 -3.74 25.14
C GLU C 307 40.89 -2.40 25.32
N ILE C 308 39.74 -2.26 24.68
CA ILE C 308 38.92 -1.06 24.80
C ILE C 308 38.59 -0.78 26.27
N ALA C 309 38.59 -1.83 27.10
CA ALA C 309 38.36 -1.68 28.53
C ALA C 309 39.38 -0.79 29.21
N GLN C 310 40.57 -0.61 28.63
CA GLN C 310 41.57 0.25 29.26
C GLN C 310 42.28 1.19 28.29
N VAL C 311 42.06 1.09 26.99
CA VAL C 311 42.69 2.04 26.06
C VAL C 311 42.00 3.39 26.21
N PRO C 312 42.75 4.49 26.28
CA PRO C 312 42.11 5.81 26.44
C PRO C 312 41.25 6.20 25.24
N LYS C 313 40.07 6.73 25.54
CA LYS C 313 39.11 7.14 24.52
C LYS C 313 39.72 8.10 23.51
N GLU C 314 40.67 8.94 23.94
CA GLU C 314 41.31 9.86 23.03
C GLU C 314 42.23 9.17 22.04
N HIS C 315 42.51 7.89 22.23
CA HIS C 315 43.41 7.15 21.35
C HIS C 315 42.78 5.89 20.77
N VAL C 316 41.53 5.57 21.13
CA VAL C 316 40.88 4.38 20.56
C VAL C 316 40.91 4.43 19.04
N ASN C 317 40.66 5.60 18.46
CA ASN C 317 40.72 5.72 17.01
C ASN C 317 42.12 5.40 16.51
N GLU C 318 43.14 5.89 17.22
CA GLU C 318 44.51 5.58 16.86
C GLU C 318 44.77 4.09 17.04
N PHE C 319 44.28 3.53 18.15
CA PHE C 319 44.45 2.11 18.42
C PHE C 319 43.75 1.24 17.38
N LYS C 320 42.63 1.73 16.84
CA LYS C 320 41.93 0.99 15.79
C LYS C 320 42.65 1.00 14.46
N SER C 321 43.69 1.82 14.30
CA SER C 321 44.43 1.83 13.05
C SER C 321 45.04 0.46 12.78
N ILE C 322 45.12 0.11 11.49
CA ILE C 322 45.70 -1.17 11.08
C ILE C 322 47.17 -1.26 11.44
N LYS C 323 47.86 -0.14 11.52
CA LYS C 323 49.26 -0.11 11.90
C LYS C 323 49.43 -0.18 13.41
N LYS C 324 50.66 -0.52 13.81
CA LYS C 324 51.07 -0.65 15.22
C LYS C 324 50.44 -1.83 15.95
N PHE C 325 49.16 -2.12 15.71
CA PHE C 325 48.47 -3.20 16.41
C PHE C 325 47.99 -4.22 15.39
N LYS C 326 48.92 -5.04 14.91
CA LYS C 326 48.64 -6.03 13.87
C LYS C 326 48.35 -7.43 14.38
N TYR C 327 48.38 -7.68 15.69
CA TYR C 327 48.09 -8.99 16.22
C TYR C 327 46.97 -8.91 17.25
N PHE C 328 46.21 -10.00 17.38
CA PHE C 328 45.17 -10.08 18.41
C PHE C 328 45.21 -11.45 19.10
N ASN C 329 44.67 -11.47 20.32
CA ASN C 329 44.69 -12.65 21.19
C ASN C 329 43.68 -13.71 20.74
N THR C 330 44.20 -14.89 20.37
CA THR C 330 43.35 -16.01 19.98
C THR C 330 42.84 -16.81 21.17
N ASN C 331 43.42 -16.61 22.35
CA ASN C 331 43.18 -17.35 23.58
C ASN C 331 43.72 -18.77 23.60
N ASN C 332 44.29 -19.27 22.51
CA ASN C 332 44.94 -20.57 22.54
C ASN C 332 46.28 -20.39 23.24
N ILE C 333 46.46 -21.02 24.41
CA ILE C 333 47.66 -20.80 25.21
C ILE C 333 48.28 -22.13 25.65
N TRP C 334 49.61 -22.16 25.65
CA TRP C 334 50.41 -23.30 26.09
C TRP C 334 51.18 -22.88 27.34
N MET C 335 51.15 -23.72 28.38
CA MET C 335 51.77 -23.34 29.65
C MET C 335 52.45 -24.54 30.31
N ASN C 336 53.36 -24.22 31.22
CA ASN C 336 54.06 -25.20 32.05
C ASN C 336 53.30 -25.39 33.36
N LEU C 337 52.99 -26.65 33.68
CA LEU C 337 52.23 -26.94 34.90
C LEU C 337 53.00 -26.56 36.16
N ARG C 338 54.31 -26.82 36.20
CA ARG C 338 55.09 -26.43 37.36
C ARG C 338 55.22 -24.92 37.46
N ALA C 339 55.22 -24.23 36.32
CA ALA C 339 55.21 -22.77 36.34
C ALA C 339 53.93 -22.28 37.00
N ILE C 340 52.79 -22.86 36.62
CA ILE C 340 51.53 -22.51 37.26
C ILE C 340 51.62 -22.77 38.75
N LYS C 341 52.18 -23.91 39.13
CA LYS C 341 52.33 -24.22 40.55
C LYS C 341 53.19 -23.17 41.24
N ARG C 342 54.34 -22.84 40.65
CA ARG C 342 55.25 -21.86 41.25
C ARG C 342 54.59 -20.49 41.45
N VAL C 343 53.88 -19.99 40.43
CA VAL C 343 53.23 -18.69 40.60
C VAL C 343 52.17 -18.75 41.70
N VAL C 344 51.56 -19.91 41.90
CA VAL C 344 50.57 -20.04 42.98
C VAL C 344 51.28 -20.18 44.31
N GLU C 345 52.33 -21.01 44.35
CA GLU C 345 53.12 -21.16 45.57
C GLU C 345 53.76 -19.84 45.96
N GLU C 346 54.23 -19.07 44.97
CA GLU C 346 54.81 -17.76 45.23
C GLU C 346 53.76 -16.68 45.45
N ASN C 347 52.49 -16.96 45.16
CA ASN C 347 51.40 -16.00 45.25
C ASN C 347 51.66 -14.74 44.43
N GLU C 348 52.49 -14.86 43.39
CA GLU C 348 52.83 -13.74 42.52
C GLU C 348 51.70 -13.41 41.55
N LEU C 349 50.72 -14.31 41.41
CA LEU C 349 49.58 -14.14 40.55
C LEU C 349 48.67 -12.97 40.92
N GLU C 350 48.77 -11.88 40.17
CA GLU C 350 47.97 -10.67 40.35
C GLU C 350 47.41 -10.35 38.97
N MET C 351 46.11 -10.11 38.89
CA MET C 351 45.43 -9.95 37.61
C MET C 351 44.69 -8.63 37.47
N GLU C 352 44.57 -8.21 36.22
CA GLU C 352 43.82 -7.01 35.84
C GLU C 352 42.34 -7.24 36.08
N ILE C 353 41.77 -6.55 37.06
CA ILE C 353 40.37 -6.72 37.40
C ILE C 353 39.46 -6.10 36.34
N ILE C 354 38.42 -6.84 35.97
CA ILE C 354 37.40 -6.40 35.00
C ILE C 354 36.08 -6.28 35.75
N ALA C 355 35.45 -5.11 35.67
CA ALA C 355 34.22 -4.85 36.38
C ALA C 355 33.00 -4.96 35.46
N ASN C 356 32.07 -5.83 35.83
CA ASN C 356 30.81 -6.06 35.11
C ASN C 356 29.64 -5.86 36.07
N GLU C 357 28.55 -5.32 35.56
CA GLU C 357 27.36 -5.04 36.36
C GLU C 357 26.15 -5.79 35.85
N LYS C 358 25.27 -6.12 36.80
CA LYS C 358 24.00 -6.80 36.52
C LYS C 358 22.96 -6.22 37.47
N SER C 359 21.69 -6.53 37.20
CA SER C 359 20.58 -6.06 38.04
C SER C 359 19.72 -7.23 38.46
N ILE C 360 19.80 -7.61 39.73
CA ILE C 360 19.01 -8.71 40.27
C ILE C 360 17.57 -8.22 40.46
N PRO C 361 16.58 -8.88 39.84
CA PRO C 361 15.15 -8.51 39.94
C PRO C 361 14.66 -8.48 41.38
N ALA C 371 21.14 -3.94 41.99
CA ALA C 371 22.34 -3.82 41.17
C ALA C 371 23.54 -4.42 41.89
N ILE C 372 24.42 -5.06 41.11
CA ILE C 372 25.60 -5.74 41.64
C ILE C 372 26.80 -5.52 40.73
N TYR C 373 27.99 -5.77 41.28
CA TYR C 373 29.26 -5.68 40.56
C TYR C 373 29.90 -7.07 40.47
N GLN C 374 30.57 -7.32 39.35
CA GLN C 374 31.30 -8.56 39.12
C GLN C 374 32.73 -8.26 38.72
N LEU C 375 33.67 -9.04 39.27
CA LEU C 375 35.08 -8.91 38.98
C LEU C 375 35.56 -10.08 38.14
N GLU C 376 36.18 -9.78 37.00
CA GLU C 376 36.62 -10.80 36.06
C GLU C 376 38.04 -10.47 35.57
N THR C 377 38.63 -11.44 34.90
CA THR C 377 40.01 -11.39 34.42
C THR C 377 40.09 -12.13 33.09
N ALA C 378 41.15 -11.85 32.34
CA ALA C 378 41.36 -12.48 31.03
C ALA C 378 42.46 -13.52 31.08
N VAL C 379 42.32 -14.52 30.21
CA VAL C 379 43.28 -15.62 30.10
C VAL C 379 44.62 -15.16 29.56
N GLY C 380 44.65 -14.07 28.79
CA GLY C 380 45.90 -13.56 28.24
C GLY C 380 46.72 -12.68 29.16
N ALA C 381 46.06 -11.90 30.03
CA ALA C 381 46.75 -10.98 30.93
C ALA C 381 47.87 -11.62 31.75
N ALA C 382 47.80 -12.92 32.03
CA ALA C 382 48.85 -13.55 32.83
C ALA C 382 50.20 -13.58 32.14
N ILE C 383 50.25 -13.40 30.82
CA ILE C 383 51.47 -13.43 30.03
C ILE C 383 52.66 -12.68 30.63
N ARG C 384 52.39 -11.54 31.29
CA ARG C 384 53.47 -10.70 31.81
C ARG C 384 54.31 -11.36 32.90
N HIS C 385 53.71 -12.19 33.76
CA HIS C 385 54.44 -12.80 34.86
C HIS C 385 55.16 -14.10 34.50
N PHE C 386 55.63 -14.26 33.27
CA PHE C 386 56.24 -15.53 32.90
C PHE C 386 57.56 -15.34 32.15
N LYS C 387 58.53 -16.17 32.51
CA LYS C 387 59.84 -16.16 31.87
C LYS C 387 59.78 -16.74 30.47
N ASN C 388 60.56 -16.14 29.57
CA ASN C 388 60.62 -16.50 28.15
C ASN C 388 59.26 -16.43 27.47
N ALA C 389 58.30 -15.76 28.09
CA ALA C 389 56.97 -15.62 27.52
C ALA C 389 57.02 -14.88 26.18
N HIS C 390 56.58 -15.54 25.12
CA HIS C 390 56.56 -14.93 23.81
C HIS C 390 55.46 -15.58 22.99
N GLY C 391 55.04 -14.90 21.94
CA GLY C 391 53.95 -15.40 21.12
C GLY C 391 54.31 -15.96 19.77
N VAL C 392 53.39 -16.73 19.22
CA VAL C 392 53.51 -17.35 17.92
C VAL C 392 52.31 -16.93 17.08
N ASN C 393 52.52 -16.66 15.80
CA ASN C 393 51.45 -16.31 14.88
C ASN C 393 51.11 -17.54 14.08
N VAL C 394 49.85 -17.96 14.09
CA VAL C 394 49.43 -19.20 13.44
C VAL C 394 48.46 -18.87 12.32
N PRO C 395 48.33 -19.75 11.32
CA PRO C 395 47.36 -19.53 10.25
C PRO C 395 45.94 -19.54 10.79
N ARG C 396 45.06 -18.78 10.12
CA ARG C 396 43.69 -18.62 10.61
C ARG C 396 42.90 -19.91 10.68
N ARG C 397 43.36 -21.00 10.06
CA ARG C 397 42.65 -22.26 10.18
C ARG C 397 42.52 -22.74 11.62
N ARG C 398 43.20 -22.08 12.55
CA ARG C 398 43.12 -22.36 13.99
C ARG C 398 42.12 -21.51 14.74
N PHE C 399 41.47 -20.53 14.10
CA PHE C 399 40.50 -19.67 14.76
C PHE C 399 39.20 -19.58 13.96
N LEU C 400 38.19 -20.30 14.43
CA LEU C 400 36.86 -20.33 13.81
C LEU C 400 35.85 -20.44 14.94
N PRO C 401 35.50 -19.32 15.55
CA PRO C 401 34.60 -19.35 16.70
C PRO C 401 33.15 -19.54 16.29
N VAL C 402 32.34 -19.98 17.24
CA VAL C 402 30.91 -20.17 17.03
C VAL C 402 30.23 -19.34 18.12
N LYS C 403 30.04 -18.06 17.83
CA LYS C 403 29.42 -17.11 18.74
C LYS C 403 28.01 -16.73 18.35
N THR C 404 27.69 -16.77 17.06
CA THR C 404 26.40 -16.32 16.58
C THR C 404 25.93 -17.13 15.38
N CYS C 405 24.66 -16.95 15.06
CA CYS C 405 24.00 -17.61 13.94
C CYS C 405 24.84 -17.59 12.66
N SER C 406 25.51 -16.49 12.37
CA SER C 406 26.31 -16.43 11.15
C SER C 406 27.44 -17.45 11.11
N ASP C 407 27.85 -17.98 12.26
CA ASP C 407 28.89 -19.01 12.27
C ASP C 407 28.34 -20.42 12.05
N LEU C 408 27.22 -20.76 12.70
CA LEU C 408 26.65 -22.10 12.60
C LEU C 408 26.29 -22.48 11.18
N LEU C 409 25.95 -21.52 10.33
CA LEU C 409 25.63 -21.85 8.95
C LEU C 409 26.87 -22.31 8.20
N LEU C 410 27.99 -21.60 8.37
CA LEU C 410 29.22 -21.96 7.68
C LEU C 410 29.70 -23.37 8.04
N VAL C 411 29.62 -23.75 9.30
CA VAL C 411 30.10 -25.07 9.73
C VAL C 411 29.19 -26.23 9.33
N LYS C 412 27.88 -26.01 9.18
CA LYS C 412 27.01 -27.11 8.78
C LYS C 412 26.95 -27.32 7.29
N SER C 413 27.45 -26.37 6.48
CA SER C 413 27.38 -26.45 5.04
C SER C 413 28.31 -27.53 4.49
N ASP C 414 28.26 -27.68 3.17
CA ASP C 414 29.11 -28.59 2.40
C ASP C 414 30.53 -28.09 2.26
N LEU C 415 30.86 -26.92 2.81
CA LEU C 415 32.21 -26.39 2.71
C LEU C 415 33.18 -27.06 3.68
N TYR C 416 32.68 -27.79 4.66
CA TYR C 416 33.54 -28.46 5.62
C TYR C 416 33.21 -29.95 5.69
N ARG C 417 34.24 -30.74 5.92
CA ARG C 417 34.14 -32.17 6.08
C ARG C 417 34.87 -32.56 7.35
N LEU C 418 34.33 -33.54 8.06
CA LEU C 418 34.89 -34.01 9.31
C LEU C 418 35.63 -35.32 9.09
N GLU C 419 36.92 -35.35 9.44
CA GLU C 419 37.73 -36.56 9.32
C GLU C 419 38.27 -36.91 10.69
N HIS C 420 37.83 -38.05 11.21
CA HIS C 420 38.18 -38.55 12.54
C HIS C 420 38.02 -37.48 13.62
N GLY C 421 37.19 -36.48 13.39
CA GLY C 421 36.97 -35.40 14.32
C GLY C 421 37.72 -34.10 14.09
N GLN C 422 38.38 -33.92 12.95
CA GLN C 422 39.04 -32.66 12.63
C GLN C 422 38.39 -32.03 11.41
N LEU C 423 38.07 -30.74 11.51
CA LEU C 423 37.49 -29.99 10.41
C LEU C 423 38.60 -29.35 9.58
N VAL C 424 38.65 -29.68 8.30
CA VAL C 424 39.62 -29.10 7.37
C VAL C 424 38.87 -28.61 6.16
N MET C 425 39.12 -27.36 5.76
CA MET C 425 38.42 -26.81 4.61
C MET C 425 38.88 -27.51 3.33
N ASP C 426 37.93 -27.67 2.41
CA ASP C 426 38.17 -28.29 1.12
C ASP C 426 39.32 -27.59 0.41
N PRO C 427 40.38 -28.31 0.02
CA PRO C 427 41.49 -27.66 -0.67
C PRO C 427 41.11 -27.01 -1.99
N ASN C 428 39.92 -27.31 -2.52
CA ASN C 428 39.45 -26.70 -3.76
C ASN C 428 38.96 -25.28 -3.57
N ARG C 429 38.62 -24.88 -2.35
CA ARG C 429 38.15 -23.52 -2.09
C ARG C 429 39.26 -22.50 -2.25
N PHE C 430 39.07 -21.57 -3.18
CA PHE C 430 39.97 -20.45 -3.40
C PHE C 430 39.60 -19.29 -2.48
N GLY C 431 40.60 -18.48 -2.14
CA GLY C 431 40.39 -17.35 -1.26
C GLY C 431 39.99 -17.76 0.15
N GLY C 432 39.70 -16.74 0.96
CA GLY C 432 39.30 -16.97 2.33
C GLY C 432 37.86 -17.45 2.46
N VAL C 433 37.41 -17.53 3.70
CA VAL C 433 36.04 -17.99 3.95
C VAL C 433 35.06 -16.93 3.49
N PRO C 434 33.95 -17.33 2.86
CA PRO C 434 32.93 -16.36 2.44
C PRO C 434 32.31 -15.68 3.64
N VAL C 435 31.90 -14.43 3.47
CA VAL C 435 31.28 -13.66 4.54
C VAL C 435 29.77 -13.86 4.50
N ILE C 436 29.21 -14.25 5.65
CA ILE C 436 27.77 -14.48 5.83
C ILE C 436 27.30 -13.64 7.01
N LYS C 437 26.27 -12.82 6.79
CA LYS C 437 25.74 -11.95 7.84
C LYS C 437 24.22 -11.95 7.80
N LEU C 438 23.60 -12.80 8.63
CA LEU C 438 22.14 -12.91 8.67
C LEU C 438 21.52 -11.82 9.52
N GLY C 439 20.28 -11.48 9.18
CA GLY C 439 19.60 -10.41 9.87
C GLY C 439 19.14 -10.78 11.27
N SER C 440 18.63 -9.76 11.95
CA SER C 440 18.18 -9.85 13.34
C SER C 440 17.10 -10.89 13.59
N ASP C 441 16.45 -11.40 12.56
CA ASP C 441 15.40 -12.40 12.76
C ASP C 441 15.92 -13.79 13.10
N PHE C 442 17.19 -14.09 12.85
CA PHE C 442 17.74 -15.43 13.05
C PHE C 442 18.55 -15.56 14.34
N LYS C 443 18.30 -14.69 15.32
CA LYS C 443 19.07 -14.70 16.56
C LYS C 443 19.00 -16.03 17.30
N LYS C 444 17.80 -16.52 17.60
CA LYS C 444 17.66 -17.77 18.36
C LYS C 444 17.92 -19.00 17.51
N VAL C 445 18.70 -19.93 18.08
CA VAL C 445 19.08 -21.18 17.41
C VAL C 445 17.90 -22.10 17.14
N SER C 446 16.81 -21.98 17.90
CA SER C 446 15.64 -22.81 17.64
C SER C 446 14.97 -22.44 16.33
N ASP C 447 14.69 -21.15 16.14
CA ASP C 447 14.07 -20.67 14.91
C ASP C 447 14.90 -20.98 13.68
N PHE C 448 16.22 -21.02 13.82
CA PHE C 448 17.11 -21.28 12.68
C PHE C 448 16.70 -22.53 11.92
N GLN C 449 16.20 -23.56 12.62
CA GLN C 449 15.83 -24.78 11.92
C GLN C 449 14.56 -24.61 11.10
N LYS C 450 13.70 -23.66 11.48
CA LYS C 450 12.44 -23.43 10.78
C LYS C 450 12.65 -22.78 9.42
N ARG C 451 13.46 -21.74 9.34
CA ARG C 451 13.67 -21.02 8.09
C ARG C 451 14.67 -21.68 7.17
N ILE C 452 15.61 -22.47 7.68
CA ILE C 452 16.60 -23.11 6.82
C ILE C 452 16.60 -24.62 7.08
N PRO C 453 15.57 -25.34 6.63
CA PRO C 453 15.52 -26.79 6.86
C PRO C 453 16.69 -27.55 6.25
N SER C 454 17.26 -27.07 5.15
CA SER C 454 18.44 -27.68 4.58
C SER C 454 19.42 -26.59 4.21
N ILE C 455 20.69 -26.80 4.55
CA ILE C 455 21.72 -25.78 4.34
C ILE C 455 21.95 -25.58 2.85
N PRO C 456 22.05 -24.33 2.40
CA PRO C 456 22.32 -24.09 0.97
C PRO C 456 23.75 -24.42 0.60
N ARG C 457 23.95 -24.74 -0.67
CA ARG C 457 25.29 -25.02 -1.18
C ARG C 457 26.06 -23.70 -1.19
N ILE C 458 27.19 -23.64 -0.50
CA ILE C 458 27.91 -22.38 -0.43
C ILE C 458 29.26 -22.41 -1.14
N VAL C 459 29.56 -23.47 -1.89
CA VAL C 459 30.79 -23.42 -2.67
C VAL C 459 30.64 -22.36 -3.74
N GLU C 460 31.73 -21.67 -4.07
CA GLU C 460 31.76 -20.61 -5.08
C GLU C 460 30.94 -19.39 -4.69
N LEU C 461 30.51 -19.28 -3.44
CA LEU C 461 29.82 -18.09 -2.96
C LEU C 461 30.85 -17.07 -2.48
N ASP C 462 30.59 -15.80 -2.77
CA ASP C 462 31.50 -14.72 -2.38
C ASP C 462 31.01 -13.87 -1.22
N HIS C 463 29.74 -13.49 -1.21
CA HIS C 463 29.22 -12.63 -0.16
C HIS C 463 27.72 -12.82 -0.12
N LEU C 464 27.15 -12.93 1.08
CA LEU C 464 25.73 -13.15 1.25
C LEU C 464 25.16 -12.30 2.36
N THR C 465 24.07 -11.60 2.08
CA THR C 465 23.38 -10.77 3.06
C THR C 465 21.90 -11.13 3.03
N ILE C 466 21.31 -11.31 4.21
CA ILE C 466 19.91 -11.65 4.34
C ILE C 466 19.30 -10.75 5.40
N THR C 467 18.22 -10.05 5.04
CA THR C 467 17.51 -9.18 5.96
C THR C 467 16.01 -9.44 5.81
N GLY C 468 15.31 -9.46 6.93
CA GLY C 468 13.89 -9.76 6.94
C GLY C 468 13.58 -11.26 6.86
N ALA C 469 12.31 -11.55 6.65
CA ALA C 469 11.80 -12.92 6.60
C ALA C 469 12.17 -13.60 5.30
N VAL C 470 13.16 -14.48 5.33
CA VAL C 470 13.58 -15.24 4.16
C VAL C 470 13.56 -16.72 4.49
N ASN C 471 12.87 -17.51 3.67
CA ASN C 471 12.83 -18.95 3.83
C ASN C 471 13.53 -19.59 2.63
N LEU C 472 14.50 -20.44 2.91
CA LEU C 472 15.29 -21.08 1.87
C LEU C 472 14.84 -22.53 1.71
N GLY C 473 14.36 -22.86 0.52
CA GLY C 473 13.96 -24.22 0.24
C GLY C 473 15.16 -25.14 0.10
N ARG C 474 14.88 -26.40 -0.15
CA ARG C 474 15.95 -27.36 -0.32
C ARG C 474 16.69 -27.16 -1.65
N ASN C 475 17.93 -27.64 -1.68
CA ASN C 475 18.80 -27.61 -2.85
C ASN C 475 19.00 -26.22 -3.45
N VAL C 476 19.11 -25.22 -2.59
CA VAL C 476 19.35 -23.85 -3.07
C VAL C 476 20.85 -23.68 -3.31
N THR C 477 21.20 -23.09 -4.46
CA THR C 477 22.60 -22.87 -4.84
C THR C 477 22.85 -21.39 -5.00
N LEU C 478 23.88 -20.88 -4.32
CA LEU C 478 24.26 -19.48 -4.36
C LEU C 478 25.65 -19.33 -4.96
N LYS C 479 25.76 -18.46 -5.96
CA LYS C 479 27.04 -18.23 -6.63
C LYS C 479 27.32 -16.73 -6.70
N GLY C 480 28.58 -16.38 -6.47
CA GLY C 480 28.99 -14.98 -6.49
C GLY C 480 28.47 -14.21 -5.29
N THR C 481 27.87 -13.06 -5.53
CA THR C 481 27.29 -12.25 -4.48
C THR C 481 25.77 -12.32 -4.57
N VAL C 482 25.11 -12.51 -3.42
CA VAL C 482 23.66 -12.60 -3.36
C VAL C 482 23.19 -11.69 -2.24
N ILE C 483 22.29 -10.76 -2.55
CA ILE C 483 21.74 -9.82 -1.59
C ILE C 483 20.24 -10.00 -1.57
N ILE C 484 19.69 -10.38 -0.42
CA ILE C 484 18.26 -10.60 -0.26
C ILE C 484 17.73 -9.61 0.76
N VAL C 485 16.76 -8.79 0.36
CA VAL C 485 16.21 -7.75 1.23
C VAL C 485 14.70 -7.90 1.21
N ALA C 486 14.15 -8.51 2.27
CA ALA C 486 12.72 -8.70 2.34
C ALA C 486 11.99 -7.41 2.69
N THR C 487 10.80 -7.24 2.12
CA THR C 487 9.97 -6.08 2.41
C THR C 487 9.52 -6.14 3.86
N GLU C 488 9.51 -4.99 4.52
CA GLU C 488 9.12 -4.93 5.93
C GLU C 488 7.76 -5.57 6.17
N GLY C 489 7.74 -6.65 6.95
CA GLY C 489 6.54 -7.37 7.28
C GLY C 489 6.13 -8.47 6.32
N SER C 490 6.75 -8.56 5.15
CA SER C 490 6.43 -9.59 4.18
C SER C 490 7.50 -10.68 4.22
N THR C 491 7.22 -11.79 3.56
CA THR C 491 8.13 -12.92 3.55
C THR C 491 8.53 -13.24 2.11
N ILE C 492 9.75 -13.74 1.95
CA ILE C 492 10.28 -14.17 0.65
C ILE C 492 10.59 -15.65 0.75
N ASP C 493 9.85 -16.47 0.01
CA ASP C 493 10.07 -17.91 -0.05
C ASP C 493 10.88 -18.24 -1.30
N ILE C 494 12.19 -18.42 -1.14
CA ILE C 494 13.05 -18.75 -2.27
C ILE C 494 12.63 -20.12 -2.77
N PRO C 495 12.28 -20.26 -4.04
CA PRO C 495 11.79 -21.54 -4.53
C PRO C 495 12.88 -22.59 -4.48
N PRO C 496 12.53 -23.85 -4.23
CA PRO C 496 13.51 -24.92 -4.25
C PRO C 496 14.28 -25.00 -5.57
N GLY C 497 15.51 -25.48 -5.49
CA GLY C 497 16.32 -25.62 -6.69
C GLY C 497 16.86 -24.33 -7.26
N SER C 498 16.48 -23.19 -6.69
CA SER C 498 16.93 -21.90 -7.19
C SER C 498 18.45 -21.81 -7.29
N VAL C 499 18.91 -21.25 -8.40
CA VAL C 499 20.32 -20.99 -8.67
C VAL C 499 20.42 -19.47 -8.84
N LEU C 500 21.15 -18.83 -7.93
CA LEU C 500 21.31 -17.38 -7.97
C LEU C 500 22.75 -17.02 -8.27
N GLU C 501 22.95 -16.13 -9.24
CA GLU C 501 24.26 -15.65 -9.60
C GLU C 501 24.26 -14.13 -9.64
N ASN C 502 25.25 -13.53 -8.99
CA ASN C 502 25.44 -12.08 -8.88
C ASN C 502 24.18 -11.23 -9.04
N CYS C 503 23.30 -11.23 -8.05
CA CYS C 503 22.07 -10.47 -8.24
C CYS C 503 21.46 -10.06 -6.90
N VAL C 504 20.61 -9.04 -6.97
CA VAL C 504 19.85 -8.49 -5.86
C VAL C 504 18.44 -9.03 -5.93
N VAL C 505 17.90 -9.44 -4.78
CA VAL C 505 16.54 -9.97 -4.70
C VAL C 505 15.77 -9.18 -3.66
N GLN C 506 14.59 -8.68 -4.05
CA GLN C 506 13.75 -7.87 -3.18
C GLN C 506 12.29 -8.14 -3.52
N GLY C 507 11.43 -8.10 -2.49
CA GLY C 507 10.01 -8.33 -2.72
C GLY C 507 9.26 -9.19 -1.72
N SER C 508 8.29 -9.96 -2.20
CA SER C 508 7.50 -10.88 -1.38
C SER C 508 6.99 -12.01 -2.25
N LEU C 509 7.09 -13.24 -1.75
CA LEU C 509 6.67 -14.41 -2.52
C LEU C 509 6.20 -15.49 -1.57
N ARG C 510 4.94 -15.90 -1.71
CA ARG C 510 4.34 -16.93 -0.86
C ARG C 510 4.19 -18.24 -1.63
N ILE C 511 4.57 -19.34 -0.99
CA ILE C 511 4.43 -20.67 -1.55
C ILE C 511 3.61 -21.50 -0.58
N LEU C 512 2.38 -21.80 -0.96
CA LEU C 512 1.46 -22.59 -0.15
C LEU C 512 1.14 -23.87 -0.91
N GLU C 513 1.03 -24.97 -0.18
CA GLU C 513 0.70 -26.22 -0.84
C GLU C 513 -0.68 -26.15 -1.45
N HIS C 514 -0.82 -26.68 -2.67
CA HIS C 514 -2.07 -26.64 -3.41
C HIS C 514 -3.24 -27.17 -2.59
N ALA D 32 25.28 -56.52 25.12
CA ALA D 32 24.92 -56.89 26.49
C ALA D 32 23.80 -56.01 27.02
N SER D 33 23.89 -54.71 26.71
CA SER D 33 22.91 -53.75 27.21
C SER D 33 21.48 -54.14 26.82
N THR D 34 21.31 -54.78 25.66
CA THR D 34 19.99 -55.23 25.25
C THR D 34 19.41 -56.22 26.25
N SER D 35 20.22 -57.17 26.71
CA SER D 35 19.74 -58.13 27.69
C SER D 35 19.43 -57.45 29.02
N VAL D 36 20.28 -56.50 29.43
CA VAL D 36 20.02 -55.75 30.66
C VAL D 36 18.72 -54.97 30.54
N ALA D 37 18.54 -54.26 29.42
CA ALA D 37 17.31 -53.52 29.20
C ALA D 37 16.11 -54.45 29.17
N ALA D 38 16.23 -55.60 28.50
CA ALA D 38 15.14 -56.57 28.47
C ALA D 38 14.83 -57.07 29.87
N SER D 39 15.86 -57.27 30.69
CA SER D 39 15.61 -57.70 32.06
C SER D 39 14.89 -56.61 32.84
N GLN D 40 15.37 -55.37 32.73
CA GLN D 40 14.71 -54.25 33.40
C GLN D 40 13.29 -54.09 32.88
N MET D 41 13.11 -54.23 31.57
CA MET D 41 11.77 -54.12 30.99
C MET D 41 10.86 -55.21 31.53
N ARG D 42 11.34 -56.46 31.49
CA ARG D 42 10.57 -57.58 32.02
C ARG D 42 10.12 -57.33 33.45
N ASN D 43 11.06 -56.93 34.32
CA ASN D 43 10.72 -56.67 35.71
C ASN D 43 9.73 -55.52 35.83
N ALA D 44 9.90 -54.47 35.02
CA ALA D 44 8.98 -53.34 35.07
C ALA D 44 7.59 -53.72 34.57
N LEU D 45 7.52 -54.42 33.45
CA LEU D 45 6.23 -54.88 32.94
C LEU D 45 5.54 -55.82 33.93
N ASN D 46 6.30 -56.74 34.50
CA ASN D 46 5.74 -57.69 35.46
C ASN D 46 5.34 -57.00 36.75
N ALA D 47 6.12 -56.00 37.18
CA ALA D 47 5.77 -55.30 38.42
C ALA D 47 4.43 -54.61 38.29
N LEU D 48 4.15 -54.00 37.15
CA LEU D 48 2.83 -53.40 36.93
C LEU D 48 1.75 -54.47 36.97
N ALA D 49 2.01 -55.59 36.28
CA ALA D 49 1.06 -56.71 36.29
C ALA D 49 0.89 -57.29 37.69
N GLU D 50 1.92 -57.19 38.54
CA GLU D 50 1.77 -57.68 39.90
C GLU D 50 0.91 -56.76 40.74
N THR D 51 1.09 -55.44 40.59
CA THR D 51 0.27 -54.48 41.32
C THR D 51 -1.03 -54.28 40.56
N VAL D 52 -2.05 -55.05 40.92
CA VAL D 52 -3.36 -55.02 40.27
C VAL D 52 -4.41 -55.44 41.29
N PRO D 53 -5.57 -54.80 41.32
CA PRO D 53 -6.60 -55.16 42.31
C PRO D 53 -7.40 -56.43 42.02
N ASP D 54 -7.71 -56.72 40.76
CA ASP D 54 -8.59 -57.86 40.54
C ASP D 54 -7.99 -58.95 39.67
N PRO D 55 -8.34 -60.21 39.93
CA PRO D 55 -7.80 -61.33 39.14
C PRO D 55 -8.15 -61.29 37.65
N ASN D 56 -9.41 -60.98 37.32
CA ASN D 56 -9.80 -60.94 35.91
C ASN D 56 -8.95 -59.94 35.13
N GLU D 57 -8.71 -58.77 35.72
CA GLU D 57 -7.85 -57.79 35.07
C GLU D 57 -6.44 -58.35 34.94
N ARG D 58 -5.94 -58.98 36.01
CA ARG D 58 -4.62 -59.60 35.98
C ARG D 58 -4.51 -60.59 34.84
N LYS D 59 -5.52 -61.45 34.66
CA LYS D 59 -5.48 -62.40 33.55
C LYS D 59 -5.37 -61.67 32.21
N ARG D 60 -6.29 -60.73 31.97
CA ARG D 60 -6.27 -59.96 30.73
C ARG D 60 -4.96 -59.18 30.59
N PHE D 61 -4.61 -58.41 31.62
CA PHE D 61 -3.38 -57.62 31.59
C PHE D 61 -2.14 -58.48 31.40
N GLU D 62 -2.07 -59.65 32.03
CA GLU D 62 -0.88 -60.49 31.87
C GLU D 62 -0.71 -60.93 30.43
N ALA D 63 -1.76 -61.46 29.82
CA ALA D 63 -1.65 -61.88 28.42
C ALA D 63 -1.31 -60.69 27.55
N GLU D 64 -2.04 -59.59 27.75
CA GLU D 64 -1.79 -58.35 27.00
C GLU D 64 -0.35 -57.88 27.17
N MET D 65 0.10 -57.75 28.42
CA MET D 65 1.46 -57.27 28.68
C MET D 65 2.52 -58.26 28.20
N ASP D 66 2.26 -59.56 28.28
CA ASP D 66 3.25 -60.53 27.82
C ASP D 66 3.48 -60.45 26.32
N ASN D 67 2.47 -60.08 25.54
CA ASN D 67 2.66 -59.90 24.10
C ASN D 67 3.65 -58.78 23.81
N PHE D 68 3.56 -57.67 24.53
CA PHE D 68 4.46 -56.53 24.29
C PHE D 68 5.90 -56.88 24.61
N PHE D 69 6.13 -57.69 25.64
CA PHE D 69 7.49 -58.13 25.95
C PHE D 69 8.12 -58.83 24.75
N ALA D 70 7.35 -59.73 24.12
CA ALA D 70 7.86 -60.38 22.92
C ALA D 70 8.05 -59.38 21.78
N LEU D 71 7.08 -58.49 21.60
CA LEU D 71 7.20 -57.45 20.58
C LEU D 71 8.43 -56.59 20.82
N PHE D 72 8.59 -56.12 22.05
CA PHE D 72 9.73 -55.29 22.41
C PHE D 72 11.04 -56.02 22.14
N ARG D 73 11.11 -57.30 22.48
CA ARG D 73 12.31 -58.08 22.20
C ARG D 73 12.60 -58.10 20.70
N ARG D 74 11.58 -58.43 19.89
CA ARG D 74 11.77 -58.43 18.45
C ARG D 74 12.18 -57.06 17.95
N PHE D 75 11.59 -56.00 18.51
CA PHE D 75 11.92 -54.65 18.07
C PHE D 75 13.40 -54.36 18.23
N LEU D 76 13.95 -54.60 19.41
CA LEU D 76 15.38 -54.39 19.59
C LEU D 76 16.19 -55.29 18.66
N ASN D 77 15.82 -56.56 18.58
CA ASN D 77 16.52 -57.48 17.70
C ASN D 77 16.39 -57.04 16.25
N ASP D 78 15.18 -56.67 15.83
CA ASP D 78 14.96 -56.20 14.46
C ASP D 78 15.72 -54.91 14.21
N LYS D 79 15.87 -54.06 15.22
CA LYS D 79 16.64 -52.83 15.04
C LYS D 79 18.13 -53.13 14.91
N ALA D 80 18.64 -54.07 15.72
CA ALA D 80 20.04 -54.45 15.58
C ALA D 80 20.28 -55.09 14.21
N LYS D 81 19.33 -55.90 13.74
CA LYS D 81 19.43 -56.51 12.43
C LYS D 81 19.08 -55.55 11.31
N GLY D 82 18.35 -54.47 11.62
CA GLY D 82 17.94 -53.50 10.62
C GLY D 82 17.02 -54.08 9.57
N ASN D 86 13.67 -55.41 0.59
CA ASN D 86 14.65 -55.61 -0.47
C ASN D 86 14.03 -55.33 -1.82
N TRP D 87 14.53 -54.29 -2.51
CA TRP D 87 13.99 -53.94 -3.81
C TRP D 87 14.03 -55.12 -4.77
N ASP D 88 15.02 -55.99 -4.61
CA ASP D 88 15.08 -57.20 -5.42
C ASP D 88 13.86 -58.09 -5.18
N ARG D 89 13.33 -58.04 -3.95
CA ARG D 89 12.17 -58.81 -3.57
C ARG D 89 10.86 -58.11 -3.88
N ILE D 90 10.94 -56.85 -4.31
CA ILE D 90 9.76 -56.06 -4.66
C ILE D 90 9.38 -56.38 -6.10
N ALA D 91 8.86 -57.59 -6.30
CA ALA D 91 8.44 -58.02 -7.62
C ALA D 91 7.00 -57.59 -7.88
N PRO D 92 6.68 -57.22 -9.12
CA PRO D 92 5.34 -56.74 -9.41
C PRO D 92 4.31 -57.83 -9.24
N PRO D 93 3.07 -57.46 -8.88
CA PRO D 93 2.00 -58.45 -8.71
C PRO D 93 1.66 -59.12 -10.04
N GLN D 94 1.63 -60.44 -10.04
CA GLN D 94 1.31 -61.19 -11.22
C GLN D 94 -0.19 -61.13 -11.52
N PRO D 95 -0.58 -61.31 -12.79
CA PRO D 95 -2.01 -61.24 -13.17
C PRO D 95 -2.92 -62.17 -12.38
N SER D 96 -2.35 -63.24 -11.83
CA SER D 96 -3.09 -64.20 -11.03
C SER D 96 -3.45 -63.68 -9.64
N GLN D 97 -2.86 -62.56 -9.21
CA GLN D 97 -3.06 -62.03 -7.87
C GLN D 97 -4.22 -61.04 -7.72
N VAL D 98 -4.88 -60.63 -8.80
CA VAL D 98 -5.95 -59.63 -8.68
C VAL D 98 -7.16 -60.02 -9.52
N VAL D 99 -8.34 -60.03 -8.89
CA VAL D 99 -9.62 -60.34 -9.51
C VAL D 99 -10.40 -59.05 -9.72
N ASN D 100 -11.07 -58.92 -10.85
CA ASN D 100 -11.83 -57.71 -11.16
C ASN D 100 -13.30 -57.83 -10.75
N TYR D 101 -13.82 -56.75 -10.15
CA TYR D 101 -15.20 -56.66 -9.72
C TYR D 101 -16.21 -56.96 -10.83
N ASP D 102 -15.90 -56.54 -12.06
CA ASP D 102 -16.79 -56.80 -13.18
C ASP D 102 -16.82 -58.27 -13.58
N ASP D 103 -15.81 -59.05 -13.19
CA ASP D 103 -15.76 -60.48 -13.50
C ASP D 103 -16.52 -61.33 -12.49
N ILE D 104 -16.72 -60.85 -11.27
CA ILE D 104 -17.43 -61.63 -10.25
C ILE D 104 -18.88 -61.83 -10.68
N GLY D 105 -19.42 -63.00 -10.34
CA GLY D 105 -20.76 -63.40 -10.67
C GLY D 105 -21.88 -62.69 -9.93
N LYS D 106 -23.06 -63.29 -10.09
CA LYS D 106 -24.33 -62.83 -9.52
C LYS D 106 -24.26 -62.68 -8.00
N GLU D 107 -25.21 -61.91 -7.47
CA GLU D 107 -25.36 -61.65 -6.05
C GLU D 107 -25.51 -62.95 -5.26
N SER D 108 -24.98 -62.94 -4.03
CA SER D 108 -25.06 -64.10 -3.15
C SER D 108 -26.48 -64.30 -2.64
N SER D 109 -26.89 -65.57 -2.56
CA SER D 109 -28.24 -65.89 -2.10
C SER D 109 -28.47 -65.49 -0.65
N VAL D 110 -29.66 -64.94 -0.40
CA VAL D 110 -30.08 -64.45 0.92
C VAL D 110 -29.76 -65.44 2.04
N GLU D 111 -29.95 -66.73 1.77
CA GLU D 111 -29.72 -67.77 2.77
C GLU D 111 -28.30 -67.74 3.34
N PHE D 112 -27.31 -67.43 2.51
CA PHE D 112 -25.92 -67.39 2.95
C PHE D 112 -25.56 -66.14 3.76
N LEU D 113 -26.44 -65.15 3.85
CA LEU D 113 -26.11 -63.91 4.53
C LEU D 113 -26.18 -63.99 6.06
N ASN D 114 -26.94 -64.94 6.62
CA ASN D 114 -27.04 -65.06 8.07
C ASN D 114 -25.68 -65.26 8.76
N LYS D 115 -24.70 -65.83 8.08
CA LYS D 115 -23.40 -66.07 8.67
C LYS D 115 -22.38 -64.95 8.48
N LEU D 116 -22.75 -63.86 7.81
CA LEU D 116 -21.82 -62.74 7.66
C LEU D 116 -21.78 -61.89 8.93
N ALA D 117 -20.67 -61.19 9.11
CA ALA D 117 -20.51 -60.29 10.26
C ALA D 117 -19.66 -59.09 9.88
N VAL D 118 -20.06 -57.90 10.35
CA VAL D 118 -19.39 -56.64 10.04
C VAL D 118 -18.81 -56.05 11.33
N VAL D 119 -17.53 -55.67 11.27
CA VAL D 119 -16.79 -55.10 12.39
C VAL D 119 -16.20 -53.77 11.94
N LYS D 120 -16.41 -52.73 12.75
CA LYS D 120 -15.94 -51.38 12.47
C LYS D 120 -14.88 -50.91 13.46
N LEU D 121 -13.89 -50.21 12.94
CA LEU D 121 -12.90 -49.56 13.79
C LEU D 121 -13.55 -48.28 14.31
N ASN D 122 -13.45 -48.05 15.62
CA ASN D 122 -14.08 -46.89 16.23
C ASN D 122 -13.09 -46.22 17.19
N GLY D 123 -11.83 -46.13 16.77
CA GLY D 123 -10.78 -45.53 17.55
C GLY D 123 -10.44 -44.10 17.24
N GLY D 124 -11.05 -43.49 16.24
CA GLY D 124 -10.73 -42.12 15.88
C GLY D 124 -11.46 -41.07 16.67
N LEU D 125 -10.71 -40.13 17.22
CA LEU D 125 -11.20 -38.99 17.97
C LEU D 125 -11.42 -37.80 17.06
N GLY D 126 -12.36 -36.94 17.44
CA GLY D 126 -12.56 -35.75 16.64
C GLY D 126 -11.43 -34.75 16.76
N THR D 127 -10.46 -35.01 17.65
CA THR D 127 -9.31 -34.14 17.81
C THR D 127 -8.52 -34.01 16.51
N SER D 128 -8.55 -35.04 15.67
CA SER D 128 -7.89 -34.98 14.37
C SER D 128 -8.42 -33.82 13.53
N MET D 129 -9.70 -33.48 13.70
CA MET D 129 -10.32 -32.38 12.98
C MET D 129 -10.76 -31.25 13.92
N GLY D 130 -10.16 -31.17 15.11
CA GLY D 130 -10.52 -30.13 16.06
C GLY D 130 -11.97 -30.18 16.50
N CYS D 131 -12.52 -31.38 16.65
CA CYS D 131 -13.90 -31.57 17.07
C CYS D 131 -13.88 -32.33 18.39
N VAL D 132 -14.86 -32.05 19.23
CA VAL D 132 -14.94 -32.75 20.50
C VAL D 132 -15.54 -34.13 20.29
N GLY D 133 -15.16 -35.07 21.15
CA GLY D 133 -15.65 -36.42 21.12
C GLY D 133 -15.09 -37.30 20.02
N PRO D 134 -15.69 -38.48 19.88
CA PRO D 134 -15.26 -39.43 18.84
C PRO D 134 -15.61 -38.94 17.44
N LYS D 135 -14.73 -39.27 16.49
CA LYS D 135 -14.97 -38.88 15.11
C LYS D 135 -16.29 -39.47 14.61
N SER D 136 -16.62 -40.68 15.04
CA SER D 136 -17.85 -41.35 14.64
C SER D 136 -19.11 -40.56 14.99
N VAL D 137 -19.03 -39.67 15.98
CA VAL D 137 -20.20 -38.91 16.39
C VAL D 137 -20.41 -37.63 15.59
N ILE D 138 -19.35 -37.08 14.97
CA ILE D 138 -19.49 -35.85 14.22
C ILE D 138 -20.48 -36.03 13.08
N GLU D 139 -21.26 -34.98 12.82
CA GLU D 139 -22.26 -35.04 11.77
C GLU D 139 -21.62 -34.89 10.40
N VAL D 140 -22.33 -35.38 9.38
CA VAL D 140 -21.90 -35.29 8.00
C VAL D 140 -22.93 -34.60 7.13
N ARG D 141 -24.20 -34.99 7.24
CA ARG D 141 -25.26 -34.42 6.44
C ARG D 141 -26.55 -34.50 7.22
N GLU D 142 -27.38 -33.46 7.10
CA GLU D 142 -28.67 -33.43 7.77
C GLU D 142 -28.60 -33.90 9.22
N GLY D 143 -27.53 -33.51 9.92
CA GLY D 143 -27.33 -33.85 11.31
C GLY D 143 -26.96 -35.29 11.59
N MET D 144 -26.95 -36.17 10.59
CA MET D 144 -26.64 -37.57 10.84
C MET D 144 -25.15 -37.76 11.10
N SER D 145 -24.83 -38.65 12.04
CA SER D 145 -23.44 -38.98 12.32
C SER D 145 -22.98 -40.13 11.43
N PHE D 146 -21.66 -40.32 11.37
CA PHE D 146 -21.10 -41.40 10.57
C PHE D 146 -21.58 -42.76 11.08
N LEU D 147 -21.74 -42.89 12.38
CA LEU D 147 -22.27 -44.13 12.94
C LEU D 147 -23.71 -44.33 12.51
N ASP D 148 -24.51 -43.26 12.53
CA ASP D 148 -25.92 -43.33 12.14
C ASP D 148 -26.10 -43.97 10.76
N LEU D 149 -25.32 -43.53 9.78
CA LEU D 149 -25.45 -44.12 8.45
C LEU D 149 -25.17 -45.62 8.46
N SER D 150 -24.15 -46.06 9.20
CA SER D 150 -23.83 -47.49 9.23
C SER D 150 -25.02 -48.30 9.72
N VAL D 151 -25.55 -47.94 10.88
CA VAL D 151 -26.72 -48.65 11.42
C VAL D 151 -27.86 -48.61 10.43
N ARG D 152 -28.14 -47.43 9.89
CA ARG D 152 -29.22 -47.27 8.91
C ARG D 152 -29.01 -48.19 7.71
N GLN D 153 -27.76 -48.36 7.28
CA GLN D 153 -27.49 -49.27 6.17
C GLN D 153 -27.79 -50.70 6.55
N ILE D 154 -27.40 -51.09 7.76
CA ILE D 154 -27.68 -52.45 8.23
C ILE D 154 -29.18 -52.70 8.32
N GLU D 155 -29.92 -51.79 8.96
CA GLU D 155 -31.34 -51.99 9.18
C GLU D 155 -32.13 -52.15 7.87
N HIS D 156 -31.96 -51.22 6.94
CA HIS D 156 -32.77 -51.28 5.71
C HIS D 156 -32.50 -52.55 4.90
N LEU D 157 -31.25 -52.96 4.79
CA LEU D 157 -30.92 -54.16 4.02
C LEU D 157 -31.46 -55.43 4.68
N ASN D 158 -31.20 -55.61 5.97
CA ASN D 158 -31.62 -56.83 6.65
C ASN D 158 -33.14 -56.97 6.68
N ARG D 159 -33.87 -55.85 6.78
CA ARG D 159 -35.32 -55.92 6.88
C ARG D 159 -35.98 -56.48 5.62
N THR D 160 -35.31 -56.37 4.46
CA THR D 160 -35.89 -56.95 3.25
C THR D 160 -35.99 -58.47 3.34
N TYR D 161 -35.24 -59.07 4.26
CA TYR D 161 -35.25 -60.50 4.47
C TYR D 161 -35.51 -60.85 5.93
N ASN D 162 -35.70 -59.87 6.80
CA ASN D 162 -35.97 -60.08 8.23
C ASN D 162 -34.86 -60.90 8.89
N VAL D 163 -33.65 -60.34 8.85
CA VAL D 163 -32.47 -60.99 9.39
C VAL D 163 -31.76 -59.99 10.30
N ASN D 164 -30.93 -60.51 11.19
CA ASN D 164 -30.19 -59.69 12.16
C ASN D 164 -28.70 -59.83 11.88
N VAL D 165 -28.18 -58.90 11.09
CA VAL D 165 -26.76 -58.87 10.75
C VAL D 165 -25.98 -58.31 11.95
N PRO D 166 -24.96 -58.99 12.45
CA PRO D 166 -24.25 -58.44 13.60
C PRO D 166 -23.31 -57.34 13.16
N PHE D 167 -23.29 -56.27 13.95
CA PHE D 167 -22.49 -55.09 13.71
C PHE D 167 -21.65 -54.88 14.96
N VAL D 168 -20.34 -55.14 14.87
CA VAL D 168 -19.45 -55.03 16.02
C VAL D 168 -18.59 -53.79 15.86
N LEU D 169 -18.46 -53.03 16.94
CA LEU D 169 -17.67 -51.81 16.97
C LEU D 169 -16.41 -52.01 17.80
N MET D 170 -15.25 -51.83 17.18
CA MET D 170 -13.99 -51.91 17.90
C MET D 170 -13.77 -50.51 18.44
N ASN D 171 -14.15 -50.28 19.67
CA ASN D 171 -14.00 -48.95 20.26
C ASN D 171 -12.61 -48.75 20.82
N SER D 172 -12.40 -47.61 21.46
CA SER D 172 -11.16 -47.31 22.14
C SER D 172 -11.47 -46.65 23.47
N PHE D 173 -10.49 -46.68 24.36
CA PHE D 173 -10.65 -46.10 25.69
C PHE D 173 -10.93 -44.60 25.65
N ASN D 174 -10.44 -43.91 24.60
CA ASN D 174 -10.69 -42.50 24.42
C ASN D 174 -12.13 -42.17 24.05
N THR D 175 -12.88 -43.13 23.51
CA THR D 175 -14.24 -42.88 23.04
C THR D 175 -15.32 -43.63 23.79
N ASP D 176 -15.00 -44.77 24.41
CA ASP D 176 -16.00 -45.59 25.08
C ASP D 176 -16.90 -44.77 26.01
N GLN D 177 -16.33 -43.84 26.78
CA GLN D 177 -17.17 -43.09 27.71
C GLN D 177 -18.18 -42.23 26.96
N ASP D 178 -17.75 -41.53 25.91
CA ASP D 178 -18.69 -40.79 25.10
C ASP D 178 -19.59 -41.74 24.31
N THR D 179 -19.00 -42.84 23.85
CA THR D 179 -19.73 -43.86 23.09
C THR D 179 -20.83 -44.51 23.92
N GLN D 180 -20.49 -44.94 25.14
CA GLN D 180 -21.48 -45.57 26.01
C GLN D 180 -22.68 -44.67 26.24
N SER D 181 -22.48 -43.36 26.18
CA SER D 181 -23.60 -42.44 26.29
C SER D 181 -24.42 -42.37 25.01
N ILE D 182 -23.77 -42.02 23.90
CA ILE D 182 -24.49 -41.81 22.64
C ILE D 182 -25.15 -43.07 22.11
N ILE D 183 -24.56 -44.26 22.32
CA ILE D 183 -25.14 -45.47 21.75
C ILE D 183 -26.57 -45.69 22.21
N LYS D 184 -26.93 -45.18 23.38
CA LYS D 184 -28.29 -45.34 23.87
C LYS D 184 -29.35 -44.80 22.92
N LYS D 185 -28.99 -43.84 22.06
CA LYS D 185 -29.95 -43.30 21.11
C LYS D 185 -30.43 -44.34 20.11
N TYR D 186 -29.72 -45.45 19.97
CA TYR D 186 -30.11 -46.52 19.05
C TYR D 186 -30.96 -47.59 19.70
N GLN D 187 -31.43 -47.37 20.93
CA GLN D 187 -32.27 -48.35 21.59
C GLN D 187 -33.58 -48.53 20.83
N GLY D 188 -34.29 -49.61 21.16
CA GLY D 188 -35.54 -49.94 20.50
C GLY D 188 -35.33 -50.61 19.15
N HIS D 189 -34.96 -49.83 18.13
CA HIS D 189 -34.69 -50.33 16.79
C HIS D 189 -34.01 -51.69 16.81
N ASN D 190 -34.48 -52.59 15.95
CA ASN D 190 -33.96 -53.95 15.85
C ASN D 190 -32.53 -53.93 15.30
N VAL D 191 -31.57 -53.70 16.20
CA VAL D 191 -30.17 -53.61 15.84
C VAL D 191 -29.34 -54.15 17.00
N ASP D 192 -28.65 -55.27 16.77
CA ASP D 192 -27.80 -55.91 17.77
C ASP D 192 -26.47 -55.16 17.85
N ILE D 193 -26.33 -54.28 18.82
CA ILE D 193 -25.10 -53.50 18.98
C ILE D 193 -24.29 -54.06 20.14
N ILE D 194 -23.02 -54.36 19.87
CA ILE D 194 -22.09 -54.90 20.85
C ILE D 194 -20.84 -54.02 20.84
N THR D 195 -20.31 -53.72 22.03
CA THR D 195 -19.16 -52.83 22.14
C THR D 195 -18.09 -53.44 23.05
N PHE D 196 -16.83 -53.19 22.70
CA PHE D 196 -15.70 -53.67 23.48
C PHE D 196 -14.53 -52.72 23.27
N ASN D 197 -13.62 -52.71 24.23
CA ASN D 197 -12.45 -51.85 24.19
C ASN D 197 -11.22 -52.65 23.78
N GLN D 198 -10.42 -52.07 22.88
CA GLN D 198 -9.21 -52.72 22.43
C GLN D 198 -8.15 -52.73 23.52
N SER D 199 -6.98 -53.30 23.21
CA SER D 199 -5.91 -53.39 24.17
C SER D 199 -5.41 -52.00 24.57
N ARG D 200 -5.03 -51.86 25.84
CA ARG D 200 -4.55 -50.60 26.40
C ARG D 200 -3.10 -50.80 26.79
N TYR D 201 -2.19 -50.55 25.85
CA TYR D 201 -0.79 -50.73 26.21
C TYR D 201 -0.22 -49.46 26.83
N PRO D 202 0.76 -49.62 27.71
CA PRO D 202 1.43 -48.47 28.30
C PRO D 202 2.52 -47.91 27.39
N ARG D 203 2.79 -46.62 27.55
CA ARG D 203 3.85 -45.97 26.79
C ARG D 203 5.22 -46.30 27.38
N ILE D 204 6.20 -46.51 26.50
CA ILE D 204 7.56 -46.87 26.88
C ILE D 204 8.45 -45.64 26.76
N ILE D 205 9.20 -45.34 27.82
CA ILE D 205 10.08 -44.17 27.86
C ILE D 205 11.19 -44.31 26.82
N LYS D 206 11.36 -43.26 26.01
CA LYS D 206 12.36 -43.26 24.95
C LYS D 206 13.78 -43.46 25.46
N ASP D 207 14.14 -42.81 26.56
CA ASP D 207 15.51 -42.90 27.07
C ASP D 207 15.77 -44.17 27.88
N SER D 208 14.89 -44.49 28.84
CA SER D 208 15.11 -45.65 29.68
C SER D 208 14.65 -46.95 29.04
N LEU D 209 13.79 -46.89 28.02
CA LEU D 209 13.23 -48.10 27.41
C LEU D 209 12.49 -48.92 28.45
N LEU D 210 11.72 -48.23 29.27
CA LEU D 210 10.91 -48.83 30.32
C LEU D 210 9.53 -48.20 30.28
N PRO D 211 8.51 -48.89 30.77
CA PRO D 211 7.17 -48.31 30.74
C PRO D 211 7.07 -47.07 31.62
N ALA D 212 6.48 -46.01 31.08
CA ALA D 212 6.31 -44.79 31.85
C ALA D 212 5.39 -44.95 33.06
N PRO D 213 4.24 -45.64 32.98
CA PRO D 213 3.39 -45.74 34.17
C PRO D 213 3.90 -46.77 35.17
N LYS D 214 3.64 -46.46 36.44
CA LYS D 214 4.00 -47.31 37.56
C LYS D 214 2.80 -48.07 38.15
N SER D 215 1.73 -47.36 38.48
CA SER D 215 0.55 -47.97 39.05
C SER D 215 -0.38 -48.52 37.97
N PHE D 216 -1.42 -49.22 38.45
CA PHE D 216 -2.44 -49.79 37.57
C PHE D 216 -3.43 -48.72 37.11
N ASP D 217 -3.78 -47.79 38.00
CA ASP D 217 -4.71 -46.70 37.70
C ASP D 217 -3.98 -45.46 37.19
N ALA D 218 -2.84 -45.63 36.52
CA ALA D 218 -2.06 -44.53 36.01
C ALA D 218 -2.86 -43.73 34.97
N PRO D 219 -2.50 -42.45 34.77
CA PRO D 219 -3.24 -41.60 33.82
C PRO D 219 -3.17 -42.07 32.38
N LEU D 220 -4.20 -41.70 31.63
CA LEU D 220 -4.35 -42.09 30.22
C LEU D 220 -3.14 -41.68 29.39
N GLN D 221 -2.46 -40.61 29.78
CA GLN D 221 -1.29 -40.14 29.04
C GLN D 221 -0.19 -41.20 29.03
N ASP D 222 -0.24 -42.15 29.95
CA ASP D 222 0.71 -43.24 30.01
C ASP D 222 0.34 -44.41 29.12
N TRP D 223 -0.77 -44.32 28.39
CA TRP D 223 -1.22 -45.41 27.53
C TRP D 223 -1.54 -44.88 26.14
N TYR D 224 -1.60 -45.81 25.18
CA TYR D 224 -1.94 -45.48 23.80
C TYR D 224 -2.59 -46.69 23.16
N PRO D 225 -3.56 -46.49 22.27
CA PRO D 225 -4.19 -47.63 21.58
C PRO D 225 -3.31 -48.15 20.46
N PRO D 226 -3.05 -49.46 20.42
CA PRO D 226 -2.21 -50.03 19.35
C PRO D 226 -2.90 -50.07 18.00
N GLY D 227 -2.18 -50.58 17.00
CA GLY D 227 -2.71 -50.62 15.64
C GLY D 227 -3.89 -51.55 15.45
N HIS D 228 -4.45 -51.46 14.25
CA HIS D 228 -5.64 -52.24 13.87
C HIS D 228 -5.47 -53.74 14.05
N GLY D 229 -4.26 -54.26 13.86
CA GLY D 229 -4.04 -55.70 13.98
C GLY D 229 -4.43 -56.28 15.32
N ASP D 230 -4.57 -55.42 16.33
CA ASP D 230 -5.03 -55.88 17.63
C ASP D 230 -6.45 -56.44 17.58
N VAL D 231 -7.18 -56.17 16.49
CA VAL D 231 -8.55 -56.63 16.33
C VAL D 231 -8.68 -58.14 16.55
N PHE D 232 -7.82 -58.93 15.90
CA PHE D 232 -7.93 -60.39 15.97
C PHE D 232 -7.92 -60.90 17.40
N GLU D 233 -6.90 -60.55 18.16
CA GLU D 233 -6.86 -61.00 19.55
C GLU D 233 -7.94 -60.31 20.38
N SER D 234 -8.16 -59.02 20.15
CA SER D 234 -9.17 -58.29 20.92
C SER D 234 -10.54 -58.96 20.81
N LEU D 235 -10.90 -59.40 19.60
CA LEU D 235 -12.18 -60.07 19.44
C LEU D 235 -12.25 -61.31 20.34
N TYR D 236 -11.15 -62.05 20.41
CA TYR D 236 -11.08 -63.23 21.27
C TYR D 236 -11.02 -62.84 22.74
N ASN D 237 -10.02 -62.05 23.11
CA ASN D 237 -9.78 -61.68 24.51
C ASN D 237 -11.00 -61.04 25.16
N SER D 238 -11.81 -60.32 24.41
CA SER D 238 -13.00 -59.73 24.97
C SER D 238 -14.14 -60.72 25.11
N GLY D 239 -14.04 -61.88 24.48
CA GLY D 239 -15.12 -62.83 24.46
C GLY D 239 -16.10 -62.57 23.34
N THR D 240 -15.85 -61.54 22.53
CA THR D 240 -16.73 -61.23 21.42
C THR D 240 -16.76 -62.39 20.43
N LEU D 241 -15.61 -63.03 20.23
CA LEU D 241 -15.56 -64.18 19.33
C LEU D 241 -16.55 -65.23 19.78
N ASP D 242 -16.65 -65.47 21.09
CA ASP D 242 -17.66 -66.39 21.59
C ASP D 242 -19.05 -65.82 21.32
N LYS D 243 -19.25 -64.55 21.65
CA LYS D 243 -20.54 -63.91 21.41
C LYS D 243 -20.93 -64.00 19.95
N LEU D 244 -19.95 -63.87 19.05
CA LEU D 244 -20.23 -64.01 17.62
C LEU D 244 -20.47 -65.47 17.28
N LEU D 245 -19.60 -66.35 17.76
CA LEU D 245 -19.75 -67.78 17.49
C LEU D 245 -21.07 -68.29 18.02
N GLU D 246 -21.57 -67.70 19.11
CA GLU D 246 -22.86 -68.09 19.66
C GLU D 246 -24.01 -67.92 18.67
N ARG D 247 -23.87 -67.05 17.67
CA ARG D 247 -24.93 -66.91 16.67
C ARG D 247 -24.54 -67.52 15.33
N GLY D 248 -23.46 -68.30 15.28
CA GLY D 248 -23.09 -69.00 14.06
C GLY D 248 -22.57 -68.19 12.89
N VAL D 249 -22.10 -66.97 13.11
CA VAL D 249 -21.58 -66.17 12.01
C VAL D 249 -20.25 -66.76 11.55
N GLU D 250 -20.08 -66.92 10.23
CA GLU D 250 -18.88 -67.51 9.67
C GLU D 250 -18.00 -66.54 8.89
N TYR D 251 -18.54 -65.47 8.34
CA TYR D 251 -17.77 -64.52 7.55
C TYR D 251 -17.76 -63.16 8.23
N ILE D 252 -16.57 -62.57 8.31
CA ILE D 252 -16.36 -61.28 8.96
C ILE D 252 -15.94 -60.28 7.90
N PHE D 253 -16.49 -59.06 8.01
CA PHE D 253 -16.17 -57.96 7.11
C PHE D 253 -15.71 -56.77 7.94
N LEU D 254 -14.57 -56.20 7.59
CA LEU D 254 -14.06 -55.02 8.29
C LEU D 254 -13.96 -53.83 7.34
N SER D 255 -14.22 -52.65 7.89
CA SER D 255 -14.11 -51.41 7.14
C SER D 255 -14.03 -50.26 8.14
N ASN D 256 -13.34 -49.20 7.73
CA ASN D 256 -13.20 -48.04 8.59
C ASN D 256 -14.47 -47.19 8.57
N ALA D 257 -14.83 -46.67 9.74
CA ALA D 257 -16.00 -45.80 9.87
C ALA D 257 -15.91 -44.56 8.98
N ASP D 258 -14.69 -44.15 8.65
CA ASP D 258 -14.48 -42.98 7.80
C ASP D 258 -14.77 -43.21 6.32
N ASN D 259 -14.87 -44.45 5.87
CA ASN D 259 -15.14 -44.73 4.45
C ASN D 259 -16.62 -45.03 4.27
N LEU D 260 -17.39 -43.98 3.98
CA LEU D 260 -18.83 -44.13 3.79
C LEU D 260 -19.20 -45.06 2.64
N GLY D 261 -18.26 -45.36 1.75
CA GLY D 261 -18.53 -46.23 0.62
C GLY D 261 -18.58 -47.71 0.93
N ALA D 262 -18.15 -48.10 2.12
CA ALA D 262 -18.12 -49.51 2.53
C ALA D 262 -19.52 -50.01 2.88
N VAL D 263 -20.36 -50.08 1.86
CA VAL D 263 -21.74 -50.53 2.03
C VAL D 263 -21.78 -52.03 1.77
N VAL D 264 -22.71 -52.72 2.43
CA VAL D 264 -22.86 -54.16 2.27
C VAL D 264 -23.38 -54.48 0.87
N ASP D 265 -22.57 -55.20 0.10
CA ASP D 265 -22.91 -55.60 -1.27
C ASP D 265 -22.80 -57.12 -1.33
N THR D 266 -23.95 -57.79 -1.35
CA THR D 266 -23.99 -59.25 -1.40
C THR D 266 -23.20 -59.87 -2.54
N ARG D 267 -22.84 -59.09 -3.57
CA ARG D 267 -22.05 -59.62 -4.68
C ARG D 267 -20.69 -60.15 -4.23
N ILE D 268 -20.01 -59.41 -3.36
CA ILE D 268 -18.67 -59.82 -2.91
C ILE D 268 -18.72 -61.09 -2.07
N LEU D 269 -19.78 -61.27 -1.27
CA LEU D 269 -19.87 -62.45 -0.42
C LEU D 269 -19.95 -63.75 -1.22
N GLN D 270 -20.56 -63.73 -2.41
CA GLN D 270 -20.61 -64.96 -3.20
C GLN D 270 -19.21 -65.38 -3.67
N HIS D 271 -18.40 -64.42 -4.10
CA HIS D 271 -17.03 -64.75 -4.51
C HIS D 271 -16.29 -65.40 -3.35
N MET D 272 -16.52 -64.91 -2.13
CA MET D 272 -15.92 -65.51 -0.95
C MET D 272 -16.40 -66.93 -0.73
N ILE D 273 -17.72 -67.14 -0.78
CA ILE D 273 -18.29 -68.47 -0.59
C ILE D 273 -17.76 -69.44 -1.65
N ASP D 274 -17.55 -68.97 -2.88
CA ASP D 274 -17.05 -69.84 -3.93
C ASP D 274 -15.56 -70.10 -3.77
N THR D 275 -14.75 -69.06 -3.60
CA THR D 275 -13.31 -69.24 -3.47
C THR D 275 -12.87 -69.66 -2.08
N LYS D 276 -13.74 -69.54 -1.07
CA LYS D 276 -13.44 -69.93 0.31
C LYS D 276 -12.08 -69.41 0.78
N ALA D 277 -11.65 -68.27 0.25
CA ALA D 277 -10.38 -67.68 0.66
C ALA D 277 -10.45 -67.20 2.11
N GLU D 278 -9.32 -67.30 2.80
CA GLU D 278 -9.24 -66.87 4.19
C GLU D 278 -9.15 -65.36 4.36
N TYR D 279 -8.85 -64.62 3.30
CA TYR D 279 -8.66 -63.17 3.42
C TYR D 279 -8.84 -62.54 2.06
N ILE D 280 -9.82 -61.64 1.92
CA ILE D 280 -10.05 -60.95 0.65
C ILE D 280 -10.08 -59.45 0.91
N MET D 281 -9.17 -58.72 0.27
CA MET D 281 -9.04 -57.28 0.41
C MET D 281 -9.56 -56.60 -0.85
N GLU D 282 -10.37 -55.57 -0.68
CA GLU D 282 -10.81 -54.77 -1.82
C GLU D 282 -9.72 -53.80 -2.22
N LEU D 283 -9.49 -53.67 -3.54
CA LEU D 283 -8.46 -52.80 -4.07
C LEU D 283 -9.04 -51.85 -5.11
N THR D 284 -8.34 -50.75 -5.32
CA THR D 284 -8.72 -49.73 -6.30
C THR D 284 -7.49 -49.25 -7.05
N ASP D 285 -7.71 -48.83 -8.29
CA ASP D 285 -6.62 -48.35 -9.13
C ASP D 285 -6.13 -47.00 -8.62
N LYS D 286 -4.82 -46.87 -8.46
CA LYS D 286 -4.24 -45.64 -7.93
C LYS D 286 -4.52 -44.45 -8.84
N THR D 287 -5.11 -43.41 -8.26
CA THR D 287 -5.30 -42.15 -8.95
C THR D 287 -4.07 -41.27 -8.74
N LYS D 288 -4.08 -40.09 -9.35
CA LYS D 288 -2.96 -39.17 -9.21
C LYS D 288 -2.66 -38.86 -7.75
N ALA D 289 -3.68 -38.88 -6.90
CA ALA D 289 -3.53 -38.63 -5.47
C ALA D 289 -3.17 -39.88 -4.67
N ASP D 290 -3.23 -41.06 -5.28
CA ASP D 290 -2.98 -42.30 -4.56
C ASP D 290 -1.60 -42.90 -4.87
N VAL D 291 -0.68 -42.11 -5.41
CA VAL D 291 0.67 -42.60 -5.67
C VAL D 291 1.31 -43.06 -4.36
N LYS D 292 1.12 -42.29 -3.29
CA LYS D 292 1.57 -42.64 -1.96
C LYS D 292 0.62 -43.70 -1.38
N GLY D 293 0.93 -44.18 -0.18
CA GLY D 293 0.09 -45.20 0.42
C GLY D 293 0.34 -46.61 -0.07
N GLY D 294 0.01 -47.58 0.78
CA GLY D 294 0.29 -48.98 0.57
C GLY D 294 -0.14 -49.60 -0.74
N THR D 295 0.65 -50.56 -1.21
CA THR D 295 0.38 -51.25 -2.47
C THR D 295 0.67 -52.74 -2.30
N ILE D 296 -0.18 -53.56 -2.92
CA ILE D 296 -0.04 -55.01 -2.84
C ILE D 296 1.20 -55.46 -3.61
N ILE D 297 1.90 -56.44 -3.06
CA ILE D 297 3.11 -56.98 -3.67
C ILE D 297 3.02 -58.50 -3.69
N ASP D 298 3.52 -59.11 -4.77
CA ASP D 298 3.38 -60.55 -4.93
C ASP D 298 4.14 -61.31 -3.85
N TYR D 299 5.29 -60.78 -3.43
CA TYR D 299 6.12 -61.33 -2.35
C TYR D 299 6.30 -62.85 -2.47
N GLU D 300 6.71 -63.30 -3.65
CA GLU D 300 6.94 -64.73 -3.92
C GLU D 300 5.67 -65.55 -3.75
N GLY D 301 4.59 -65.08 -4.38
CA GLY D 301 3.30 -65.75 -4.30
C GLY D 301 2.55 -65.45 -3.02
N LYS D 302 3.28 -65.36 -1.90
CA LYS D 302 2.68 -65.04 -0.59
C LYS D 302 2.44 -63.53 -0.54
N VAL D 303 1.41 -63.11 -1.28
CA VAL D 303 1.04 -61.71 -1.47
C VAL D 303 1.20 -60.88 -0.20
N ARG D 304 1.94 -59.78 -0.31
CA ARG D 304 2.21 -58.89 0.81
C ARG D 304 1.91 -57.43 0.44
N LEU D 305 2.33 -56.51 1.31
CA LEU D 305 2.05 -55.09 1.20
C LEU D 305 3.22 -54.32 1.78
N LEU D 306 3.45 -53.10 1.28
CA LEU D 306 4.54 -52.27 1.79
C LEU D 306 4.22 -50.80 1.55
N GLU D 307 4.90 -49.95 2.31
CA GLU D 307 4.71 -48.50 2.25
C GLU D 307 6.06 -47.79 2.34
N ILE D 308 6.00 -46.46 2.32
CA ILE D 308 7.18 -45.63 2.48
C ILE D 308 7.91 -45.97 3.77
N ALA D 309 7.18 -46.51 4.76
CA ALA D 309 7.77 -46.94 6.02
C ALA D 309 8.84 -48.02 5.84
N GLN D 310 8.80 -48.77 4.74
CA GLN D 310 9.81 -49.79 4.52
C GLN D 310 10.39 -49.82 3.11
N VAL D 311 9.88 -49.04 2.17
CA VAL D 311 10.49 -49.00 0.84
C VAL D 311 11.82 -48.27 0.92
N PRO D 312 12.90 -48.80 0.32
CA PRO D 312 14.20 -48.15 0.42
C PRO D 312 14.22 -46.76 -0.24
N LYS D 313 14.83 -45.81 0.47
CA LYS D 313 14.93 -44.44 0.01
C LYS D 313 15.54 -44.32 -1.38
N GLU D 314 16.45 -45.22 -1.72
CA GLU D 314 17.07 -45.22 -3.04
C GLU D 314 16.10 -45.63 -4.14
N HIS D 315 14.93 -46.16 -3.78
CA HIS D 315 13.97 -46.61 -4.77
C HIS D 315 12.59 -45.99 -4.60
N VAL D 316 12.39 -45.14 -3.61
CA VAL D 316 11.08 -44.50 -3.42
C VAL D 316 10.63 -43.82 -4.70
N ASN D 317 11.55 -43.12 -5.39
CA ASN D 317 11.19 -42.48 -6.64
C ASN D 317 10.76 -43.52 -7.66
N GLU D 318 11.46 -44.65 -7.71
CA GLU D 318 11.07 -45.73 -8.61
C GLU D 318 9.73 -46.31 -8.19
N PHE D 319 9.54 -46.50 -6.88
CA PHE D 319 8.29 -47.02 -6.35
C PHE D 319 7.12 -46.10 -6.64
N LYS D 320 7.36 -44.79 -6.69
CA LYS D 320 6.31 -43.83 -7.01
C LYS D 320 5.89 -43.86 -8.47
N SER D 321 6.63 -44.56 -9.34
CA SER D 321 6.24 -44.64 -10.73
C SER D 321 4.87 -45.26 -10.87
N ILE D 322 4.14 -44.81 -11.90
CA ILE D 322 2.79 -45.32 -12.17
C ILE D 322 2.82 -46.80 -12.54
N LYS D 323 3.92 -47.26 -13.12
CA LYS D 323 4.07 -48.65 -13.50
C LYS D 323 4.47 -49.52 -12.31
N LYS D 324 4.26 -50.82 -12.48
CA LYS D 324 4.57 -51.86 -11.48
C LYS D 324 3.68 -51.83 -10.24
N PHE D 325 3.35 -50.65 -9.73
CA PHE D 325 2.54 -50.53 -8.51
C PHE D 325 1.26 -49.79 -8.83
N LYS D 326 0.33 -50.49 -9.46
CA LYS D 326 -0.93 -49.89 -9.90
C LYS D 326 -2.11 -50.10 -8.95
N TYR D 327 -1.92 -50.77 -7.82
CA TYR D 327 -3.02 -50.97 -6.87
C TYR D 327 -2.63 -50.46 -5.50
N PHE D 328 -3.62 -50.03 -4.73
CA PHE D 328 -3.39 -49.60 -3.35
C PHE D 328 -4.46 -50.17 -2.42
N ASN D 329 -4.11 -50.24 -1.14
CA ASN D 329 -4.95 -50.84 -0.10
C ASN D 329 -6.10 -49.92 0.30
N THR D 330 -7.34 -50.36 0.06
CA THR D 330 -8.54 -49.63 0.44
C THR D 330 -8.94 -49.84 1.89
N ASN D 331 -8.38 -50.85 2.55
CA ASN D 331 -8.69 -51.32 3.91
C ASN D 331 -10.04 -52.02 4.04
N ASN D 332 -10.85 -52.10 2.99
CA ASN D 332 -12.07 -52.88 3.07
C ASN D 332 -11.67 -54.35 2.97
N ILE D 333 -11.89 -55.12 4.03
CA ILE D 333 -11.42 -56.50 4.06
C ILE D 333 -12.53 -57.46 4.49
N TRP D 334 -12.54 -58.63 3.87
CA TRP D 334 -13.47 -59.73 4.16
C TRP D 334 -12.66 -60.88 4.73
N MET D 335 -13.12 -61.47 5.84
CA MET D 335 -12.36 -62.51 6.50
C MET D 335 -13.26 -63.60 7.06
N ASN D 336 -12.65 -64.76 7.31
CA ASN D 336 -13.31 -65.91 7.92
C ASN D 336 -13.11 -65.87 9.42
N LEU D 337 -14.21 -65.94 10.17
CA LEU D 337 -14.12 -65.86 11.63
C LEU D 337 -13.35 -67.03 12.23
N ARG D 338 -13.55 -68.24 11.70
CA ARG D 338 -12.79 -69.38 12.21
C ARG D 338 -11.31 -69.26 11.84
N ALA D 339 -11.01 -68.64 10.71
CA ALA D 339 -9.62 -68.37 10.37
C ALA D 339 -9.00 -67.45 11.39
N ILE D 340 -9.71 -66.39 11.76
CA ILE D 340 -9.23 -65.49 12.80
C ILE D 340 -9.01 -66.27 14.08
N LYS D 341 -9.96 -67.13 14.44
CA LYS D 341 -9.79 -67.96 15.63
C LYS D 341 -8.56 -68.85 15.50
N ARG D 342 -8.42 -69.52 14.37
CA ARG D 342 -7.29 -70.43 14.17
C ARG D 342 -5.94 -69.72 14.27
N VAL D 343 -5.79 -68.53 13.66
CA VAL D 343 -4.51 -67.85 13.77
C VAL D 343 -4.18 -67.51 15.22
N VAL D 344 -5.21 -67.32 16.04
CA VAL D 344 -4.99 -67.06 17.46
C VAL D 344 -4.69 -68.37 18.17
N GLU D 345 -5.49 -69.40 17.89
CA GLU D 345 -5.27 -70.71 18.48
C GLU D 345 -3.91 -71.27 18.09
N GLU D 346 -3.51 -71.05 16.83
CA GLU D 346 -2.21 -71.50 16.34
C GLU D 346 -1.08 -70.57 16.76
N ASN D 347 -1.39 -69.40 17.30
CA ASN D 347 -0.41 -68.39 17.69
C ASN D 347 0.49 -67.98 16.52
N GLU D 348 -0.01 -68.14 15.30
CA GLU D 348 0.73 -67.78 14.09
C GLU D 348 0.72 -66.28 13.86
N LEU D 349 -0.13 -65.54 14.57
CA LEU D 349 -0.27 -64.09 14.49
C LEU D 349 0.98 -63.32 14.88
N GLU D 350 1.72 -62.86 13.87
CA GLU D 350 2.93 -62.06 14.04
C GLU D 350 2.77 -60.90 13.07
N MET D 351 3.02 -59.67 13.54
CA MET D 351 2.75 -58.50 12.73
C MET D 351 3.95 -57.59 12.52
N GLU D 352 3.91 -56.87 11.41
CA GLU D 352 4.92 -55.88 11.05
C GLU D 352 4.83 -54.71 12.01
N ILE D 353 5.85 -54.54 12.85
CA ILE D 353 5.84 -53.48 13.85
C ILE D 353 6.05 -52.12 13.20
N ILE D 354 5.24 -51.13 13.60
CA ILE D 354 5.32 -49.75 13.14
C ILE D 354 5.65 -48.91 14.37
N ALA D 355 6.74 -48.15 14.29
CA ALA D 355 7.20 -47.34 15.43
C ALA D 355 6.83 -45.87 15.26
N ASN D 356 6.10 -45.34 16.24
CA ASN D 356 5.66 -43.95 16.30
C ASN D 356 6.15 -43.33 17.60
N GLU D 357 6.49 -42.04 17.56
CA GLU D 357 6.99 -41.33 18.72
C GLU D 357 6.10 -40.16 19.08
N LYS D 358 6.06 -39.86 20.39
CA LYS D 358 5.31 -38.74 20.94
C LYS D 358 6.14 -38.16 22.09
N SER D 359 5.73 -36.99 22.57
CA SER D 359 6.42 -36.33 23.67
C SER D 359 5.42 -35.98 24.76
N ILE D 360 5.47 -36.70 25.88
CA ILE D 360 4.58 -36.43 27.01
C ILE D 360 5.09 -35.20 27.75
N PRO D 361 4.26 -34.15 27.92
CA PRO D 361 4.63 -32.91 28.61
C PRO D 361 5.13 -33.14 30.03
N ALA D 371 9.67 -38.12 26.13
CA ALA D 371 9.49 -38.77 24.83
C ALA D 371 9.20 -40.26 25.00
N ILE D 372 8.35 -40.80 24.13
CA ILE D 372 7.92 -42.19 24.19
C ILE D 372 7.84 -42.77 22.78
N TYR D 373 7.81 -44.10 22.71
CA TYR D 373 7.65 -44.86 21.48
C TYR D 373 6.35 -45.63 21.50
N GLN D 374 5.74 -45.77 20.33
CA GLN D 374 4.51 -46.53 20.16
C GLN D 374 4.68 -47.55 19.04
N LEU D 375 4.17 -48.76 19.26
CA LEU D 375 4.22 -49.83 18.29
C LEU D 375 2.83 -50.06 17.71
N GLU D 376 2.74 -50.04 16.38
CA GLU D 376 1.46 -50.16 15.68
C GLU D 376 1.61 -51.13 14.52
N THR D 377 0.46 -51.49 13.94
CA THR D 377 0.34 -52.49 12.88
C THR D 377 -0.77 -52.06 11.93
N ALA D 378 -0.74 -52.62 10.72
CA ALA D 378 -1.73 -52.31 9.69
C ALA D 378 -2.70 -53.45 9.48
N VAL D 379 -3.92 -53.08 9.08
CA VAL D 379 -4.99 -54.04 8.81
C VAL D 379 -4.69 -54.91 7.59
N GLY D 380 -3.89 -54.41 6.64
CA GLY D 380 -3.55 -55.18 5.46
C GLY D 380 -2.41 -56.17 5.60
N ALA D 381 -1.41 -55.84 6.42
CA ALA D 381 -0.24 -56.71 6.61
C ALA D 381 -0.58 -58.15 6.94
N ALA D 382 -1.72 -58.40 7.58
CA ALA D 382 -2.06 -59.78 7.96
C ALA D 382 -2.29 -60.70 6.76
N ILE D 383 -2.50 -60.14 5.57
CA ILE D 383 -2.77 -60.88 4.34
C ILE D 383 -1.86 -62.10 4.12
N ARG D 384 -0.59 -62.00 4.49
CA ARG D 384 0.38 -63.07 4.24
C ARG D 384 0.06 -64.38 4.97
N HIS D 385 -0.48 -64.32 6.19
CA HIS D 385 -0.75 -65.52 6.96
C HIS D 385 -2.09 -66.17 6.66
N PHE D 386 -2.61 -66.05 5.45
CA PHE D 386 -3.92 -66.61 5.15
C PHE D 386 -3.91 -67.38 3.84
N LYS D 387 -4.56 -68.54 3.87
CA LYS D 387 -4.66 -69.40 2.70
C LYS D 387 -5.61 -68.82 1.65
N ASN D 388 -5.24 -68.99 0.38
CA ASN D 388 -5.98 -68.50 -0.78
C ASN D 388 -6.22 -66.99 -0.73
N ALA D 389 -5.46 -66.28 0.10
CA ALA D 389 -5.60 -64.84 0.22
C ALA D 389 -5.32 -64.14 -1.10
N HIS D 390 -6.30 -63.41 -1.62
CA HIS D 390 -6.14 -62.69 -2.87
C HIS D 390 -7.06 -61.49 -2.85
N GLY D 391 -6.76 -60.52 -3.71
CA GLY D 391 -7.55 -59.29 -3.74
C GLY D 391 -8.48 -59.10 -4.91
N VAL D 392 -9.42 -58.18 -4.73
CA VAL D 392 -10.40 -57.79 -5.72
C VAL D 392 -10.28 -56.28 -5.95
N ASN D 393 -10.40 -55.85 -7.20
CA ASN D 393 -10.36 -54.43 -7.54
C ASN D 393 -11.81 -53.97 -7.74
N VAL D 394 -12.21 -52.94 -7.02
CA VAL D 394 -13.59 -52.48 -7.03
C VAL D 394 -13.65 -51.07 -7.60
N PRO D 395 -14.80 -50.67 -8.14
CA PRO D 395 -14.95 -49.29 -8.64
C PRO D 395 -14.79 -48.29 -7.51
N ARG D 396 -14.32 -47.10 -7.87
CA ARG D 396 -14.00 -46.08 -6.86
C ARG D 396 -15.20 -45.63 -6.05
N ARG D 397 -16.43 -45.94 -6.47
CA ARG D 397 -17.60 -45.58 -5.67
C ARG D 397 -17.56 -46.19 -4.27
N ARG D 398 -16.61 -47.10 -4.01
CA ARG D 398 -16.41 -47.73 -2.71
C ARG D 398 -15.36 -47.05 -1.85
N PHE D 399 -14.66 -46.03 -2.34
CA PHE D 399 -13.64 -45.33 -1.56
C PHE D 399 -13.82 -43.82 -1.64
N LEU D 400 -14.38 -43.25 -0.58
CA LEU D 400 -14.62 -41.82 -0.45
C LEU D 400 -14.39 -41.47 1.00
N PRO D 401 -13.14 -41.25 1.39
CA PRO D 401 -12.83 -40.99 2.80
C PRO D 401 -13.16 -39.56 3.20
N VAL D 402 -13.30 -39.36 4.49
CA VAL D 402 -13.55 -38.05 5.06
C VAL D 402 -12.43 -37.79 6.06
N LYS D 403 -11.33 -37.28 5.53
CA LYS D 403 -10.13 -36.97 6.29
C LYS D 403 -9.92 -35.50 6.53
N THR D 404 -10.36 -34.65 5.62
CA THR D 404 -10.08 -33.22 5.70
C THR D 404 -11.22 -32.40 5.14
N CYS D 405 -11.14 -31.09 5.43
CA CYS D 405 -12.12 -30.11 4.98
C CYS D 405 -12.51 -30.27 3.52
N SER D 406 -11.55 -30.56 2.65
CA SER D 406 -11.87 -30.71 1.23
C SER D 406 -12.85 -31.86 0.95
N ASP D 407 -13.00 -32.80 1.87
CA ASP D 407 -13.97 -33.88 1.68
C ASP D 407 -15.36 -33.50 2.15
N LEU D 408 -15.48 -32.86 3.32
CA LEU D 408 -16.79 -32.51 3.87
C LEU D 408 -17.60 -31.63 2.96
N LEU D 409 -16.96 -30.80 2.15
CA LEU D 409 -17.71 -29.95 1.23
C LEU D 409 -18.38 -30.77 0.14
N LEU D 410 -17.63 -31.71 -0.44
CA LEU D 410 -18.16 -32.57 -1.50
C LEU D 410 -19.37 -33.37 -1.03
N VAL D 411 -19.33 -33.92 0.18
CA VAL D 411 -20.43 -34.76 0.66
C VAL D 411 -21.66 -33.95 1.06
N LYS D 412 -21.52 -32.72 1.51
CA LYS D 412 -22.70 -31.96 1.88
C LYS D 412 -23.37 -31.27 0.71
N SER D 413 -22.72 -31.19 -0.44
CA SER D 413 -23.24 -30.48 -1.59
C SER D 413 -24.42 -31.22 -2.21
N ASP D 414 -24.99 -30.60 -3.24
CA ASP D 414 -26.10 -31.15 -4.03
C ASP D 414 -25.66 -32.25 -4.98
N LEU D 415 -24.37 -32.59 -4.99
CA LEU D 415 -23.88 -33.64 -5.87
C LEU D 415 -24.19 -35.03 -5.35
N TYR D 416 -24.58 -35.16 -4.09
CA TYR D 416 -24.90 -36.45 -3.52
C TYR D 416 -26.28 -36.43 -2.91
N ARG D 417 -26.96 -37.57 -3.01
CA ARG D 417 -28.28 -37.79 -2.45
C ARG D 417 -28.23 -39.07 -1.63
N LEU D 418 -28.92 -39.06 -0.50
CA LEU D 418 -28.97 -40.19 0.41
C LEU D 418 -30.32 -40.87 0.25
N GLU D 419 -30.31 -42.16 -0.06
CA GLU D 419 -31.53 -42.95 -0.17
C GLU D 419 -31.44 -44.09 0.83
N HIS D 420 -32.31 -44.03 1.83
CA HIS D 420 -32.36 -44.99 2.93
C HIS D 420 -30.99 -45.26 3.56
N GLY D 421 -30.08 -44.31 3.44
CA GLY D 421 -28.75 -44.43 3.99
C GLY D 421 -27.61 -44.82 3.07
N GLN D 422 -27.83 -44.88 1.75
CA GLN D 422 -26.77 -45.18 0.81
C GLN D 422 -26.53 -43.98 -0.10
N LEU D 423 -25.26 -43.62 -0.29
CA LEU D 423 -24.90 -42.49 -1.15
C LEU D 423 -24.59 -42.99 -2.55
N VAL D 424 -25.29 -42.45 -3.54
CA VAL D 424 -25.06 -42.75 -4.94
C VAL D 424 -24.97 -41.43 -5.69
N MET D 425 -23.90 -41.23 -6.44
CA MET D 425 -23.78 -39.98 -7.19
C MET D 425 -24.81 -39.93 -8.31
N ASP D 426 -25.28 -38.72 -8.58
CA ASP D 426 -26.24 -38.46 -9.64
C ASP D 426 -25.74 -39.03 -10.96
N PRO D 427 -26.51 -39.91 -11.62
CA PRO D 427 -26.06 -40.49 -12.89
C PRO D 427 -25.80 -39.44 -13.98
N ASN D 428 -26.27 -38.21 -13.79
CA ASN D 428 -26.04 -37.16 -14.77
C ASN D 428 -24.62 -36.60 -14.73
N ARG D 429 -23.89 -36.81 -13.65
CA ARG D 429 -22.53 -36.30 -13.55
C ARG D 429 -21.59 -37.08 -14.47
N PHE D 430 -20.98 -36.37 -15.42
CA PHE D 430 -19.97 -36.93 -16.31
C PHE D 430 -18.60 -36.82 -15.67
N GLY D 431 -17.71 -37.74 -16.05
CA GLY D 431 -16.37 -37.77 -15.51
C GLY D 431 -16.34 -38.10 -14.02
N GLY D 432 -15.14 -38.03 -13.45
CA GLY D 432 -14.95 -38.31 -12.05
C GLY D 432 -15.41 -37.17 -11.17
N VAL D 433 -15.13 -37.33 -9.88
CA VAL D 433 -15.51 -36.30 -8.91
C VAL D 433 -14.68 -35.04 -9.13
N PRO D 434 -15.26 -33.85 -9.03
CA PRO D 434 -14.49 -32.62 -9.18
C PRO D 434 -13.46 -32.50 -8.05
N VAL D 435 -12.34 -31.88 -8.35
CA VAL D 435 -11.29 -31.68 -7.37
C VAL D 435 -11.51 -30.38 -6.62
N ILE D 436 -11.51 -30.47 -5.29
CA ILE D 436 -11.69 -29.34 -4.38
C ILE D 436 -10.51 -29.31 -3.41
N LYS D 437 -9.84 -28.16 -3.32
CA LYS D 437 -8.67 -28.03 -2.44
C LYS D 437 -8.71 -26.68 -1.75
N LEU D 438 -9.25 -26.66 -0.52
CA LEU D 438 -9.37 -25.42 0.26
C LEU D 438 -8.06 -25.07 0.94
N GLY D 439 -7.85 -23.78 1.17
CA GLY D 439 -6.62 -23.31 1.76
C GLY D 439 -6.52 -23.61 3.25
N SER D 440 -5.33 -23.32 3.77
CA SER D 440 -4.97 -23.57 5.15
C SER D 440 -5.87 -22.90 6.18
N ASP D 441 -6.68 -21.93 5.78
CA ASP D 441 -7.57 -21.25 6.72
C ASP D 441 -8.79 -22.07 7.14
N PHE D 442 -9.14 -23.12 6.40
CA PHE D 442 -10.34 -23.90 6.67
C PHE D 442 -10.08 -25.21 7.40
N LYS D 443 -8.95 -25.30 8.12
CA LYS D 443 -8.58 -26.54 8.80
C LYS D 443 -9.62 -27.02 9.80
N LYS D 444 -10.00 -26.19 10.76
CA LYS D 444 -10.95 -26.61 11.79
C LYS D 444 -12.39 -26.65 11.29
N VAL D 445 -13.09 -27.72 11.66
CA VAL D 445 -14.47 -27.95 11.26
C VAL D 445 -15.44 -26.93 11.84
N SER D 446 -15.08 -26.27 12.95
CA SER D 446 -15.96 -25.26 13.52
C SER D 446 -16.03 -24.03 12.62
N ASP D 447 -14.87 -23.50 12.24
CA ASP D 447 -14.79 -22.33 11.37
C ASP D 447 -15.48 -22.56 10.04
N PHE D 448 -15.46 -23.79 9.54
CA PHE D 448 -16.08 -24.11 8.26
C PHE D 448 -17.51 -23.60 8.17
N GLN D 449 -18.26 -23.65 9.27
CA GLN D 449 -19.64 -23.21 9.22
C GLN D 449 -19.75 -21.69 9.10
N LYS D 450 -18.73 -20.97 9.55
CA LYS D 450 -18.74 -19.51 9.50
C LYS D 450 -18.55 -18.98 8.08
N ARG D 451 -17.57 -19.49 7.35
CA ARG D 451 -17.29 -18.99 6.02
C ARG D 451 -18.20 -19.54 4.94
N ILE D 452 -18.78 -20.72 5.14
CA ILE D 452 -19.66 -21.29 4.12
C ILE D 452 -21.00 -21.66 4.75
N PRO D 453 -21.84 -20.68 5.07
CA PRO D 453 -23.13 -20.98 5.69
C PRO D 453 -24.02 -21.84 4.83
N SER D 454 -23.91 -21.75 3.51
CA SER D 454 -24.67 -22.61 2.60
C SER D 454 -23.73 -23.16 1.56
N ILE D 455 -23.83 -24.47 1.31
CA ILE D 455 -22.91 -25.13 0.37
C ILE D 455 -23.16 -24.60 -1.05
N PRO D 456 -22.10 -24.30 -1.80
CA PRO D 456 -22.30 -23.83 -3.17
C PRO D 456 -22.72 -24.96 -4.09
N ARG D 457 -23.43 -24.60 -5.15
CA ARG D 457 -23.86 -25.58 -6.13
C ARG D 457 -22.62 -26.04 -6.88
N ILE D 458 -22.33 -27.34 -6.86
CA ILE D 458 -21.12 -27.82 -7.51
C ILE D 458 -21.39 -28.70 -8.72
N VAL D 459 -22.64 -28.80 -9.17
CA VAL D 459 -22.86 -29.53 -10.41
C VAL D 459 -22.19 -28.76 -11.55
N GLU D 460 -21.65 -29.50 -12.53
CA GLU D 460 -20.96 -28.92 -13.68
C GLU D 460 -19.68 -28.19 -13.31
N LEU D 461 -19.16 -28.36 -12.10
CA LEU D 461 -17.88 -27.78 -11.72
C LEU D 461 -16.77 -28.74 -12.10
N ASP D 462 -15.65 -28.18 -12.57
CA ASP D 462 -14.50 -28.98 -12.97
C ASP D 462 -13.32 -28.94 -12.01
N HIS D 463 -12.95 -27.77 -11.50
CA HIS D 463 -11.80 -27.66 -10.62
C HIS D 463 -11.97 -26.37 -9.84
N LEU D 464 -11.68 -26.43 -8.53
CA LEU D 464 -11.84 -25.28 -7.66
C LEU D 464 -10.68 -25.16 -6.68
N THR D 465 -10.11 -23.96 -6.59
CA THR D 465 -9.04 -23.65 -5.65
C THR D 465 -9.42 -22.42 -4.86
N ILE D 466 -9.24 -22.47 -3.54
CA ILE D 466 -9.56 -21.37 -2.67
C ILE D 466 -8.38 -21.15 -1.74
N THR D 467 -7.85 -19.94 -1.72
CA THR D 467 -6.72 -19.58 -0.87
C THR D 467 -7.02 -18.24 -0.21
N GLY D 468 -6.67 -18.12 1.06
CA GLY D 468 -6.95 -16.91 1.82
C GLY D 468 -8.38 -16.83 2.33
N ALA D 469 -8.72 -15.65 2.83
CA ALA D 469 -10.04 -15.39 3.42
C ALA D 469 -11.09 -15.23 2.33
N VAL D 470 -11.91 -16.26 2.14
CA VAL D 470 -12.99 -16.23 1.17
C VAL D 470 -14.30 -16.57 1.86
N ASN D 471 -15.30 -15.71 1.73
CA ASN D 471 -16.62 -15.96 2.27
C ASN D 471 -17.60 -16.13 1.12
N LEU D 472 -18.32 -17.25 1.12
CA LEU D 472 -19.26 -17.58 0.05
C LEU D 472 -20.68 -17.34 0.54
N GLY D 473 -21.38 -16.42 -0.13
CA GLY D 473 -22.75 -16.16 0.21
C GLY D 473 -23.64 -17.31 -0.24
N ARG D 474 -24.93 -17.16 0.02
CA ARG D 474 -25.87 -18.19 -0.38
C ARG D 474 -26.08 -18.20 -1.89
N ASN D 475 -26.52 -19.37 -2.38
CA ASN D 475 -26.85 -19.61 -3.78
C ASN D 475 -25.71 -19.29 -4.74
N VAL D 476 -24.47 -19.60 -4.36
CA VAL D 476 -23.34 -19.38 -5.24
C VAL D 476 -23.22 -20.57 -6.20
N THR D 477 -23.03 -20.27 -7.48
CA THR D 477 -22.93 -21.30 -8.51
C THR D 477 -21.57 -21.22 -9.19
N LEU D 478 -20.87 -22.36 -9.25
CA LEU D 478 -19.54 -22.45 -9.84
C LEU D 478 -19.59 -23.37 -11.06
N LYS D 479 -19.10 -22.90 -12.19
CA LYS D 479 -19.07 -23.67 -13.41
C LYS D 479 -17.68 -23.65 -14.02
N GLY D 480 -17.25 -24.81 -14.53
CA GLY D 480 -15.93 -24.94 -15.12
C GLY D 480 -14.82 -24.92 -14.09
N THR D 481 -13.80 -24.09 -14.32
CA THR D 481 -12.69 -23.92 -13.40
C THR D 481 -12.80 -22.56 -12.72
N VAL D 482 -12.61 -22.54 -11.40
CA VAL D 482 -12.68 -21.31 -10.63
C VAL D 482 -11.47 -21.25 -9.72
N ILE D 483 -10.70 -20.17 -9.81
CA ILE D 483 -9.50 -19.98 -9.00
C ILE D 483 -9.69 -18.69 -8.22
N ILE D 484 -9.70 -18.78 -6.89
CA ILE D 484 -9.89 -17.63 -6.01
C ILE D 484 -8.63 -17.46 -5.18
N VAL D 485 -8.01 -16.28 -5.28
CA VAL D 485 -6.76 -16.00 -4.58
C VAL D 485 -6.93 -14.70 -3.83
N ALA D 486 -7.17 -14.78 -2.53
CA ALA D 486 -7.36 -13.59 -1.73
C ALA D 486 -6.04 -12.89 -1.45
N THR D 487 -6.09 -11.57 -1.39
CA THR D 487 -4.91 -10.78 -1.06
C THR D 487 -4.52 -11.05 0.39
N GLU D 488 -3.20 -11.15 0.63
CA GLU D 488 -2.71 -11.45 1.97
C GLU D 488 -3.26 -10.48 3.01
N GLY D 489 -4.03 -11.01 3.96
CA GLY D 489 -4.61 -10.22 5.01
C GLY D 489 -5.97 -9.60 4.72
N SER D 490 -6.41 -9.62 3.47
CA SER D 490 -7.70 -9.07 3.09
C SER D 490 -8.71 -10.18 2.89
N THR D 491 -9.98 -9.81 2.79
CA THR D 491 -11.04 -10.79 2.63
C THR D 491 -11.78 -10.54 1.33
N ILE D 492 -12.30 -11.61 0.74
CA ILE D 492 -13.11 -11.57 -0.47
C ILE D 492 -14.48 -12.11 -0.13
N ASP D 493 -15.50 -11.26 -0.17
CA ASP D 493 -16.88 -11.66 0.08
C ASP D 493 -17.58 -11.85 -1.26
N ILE D 494 -17.69 -13.09 -1.72
CA ILE D 494 -18.35 -13.39 -2.98
C ILE D 494 -19.81 -13.01 -2.81
N PRO D 495 -20.35 -12.14 -3.66
CA PRO D 495 -21.73 -11.70 -3.47
C PRO D 495 -22.70 -12.86 -3.68
N PRO D 496 -23.81 -12.86 -2.96
CA PRO D 496 -24.83 -13.90 -3.15
C PRO D 496 -25.30 -13.99 -4.59
N GLY D 497 -25.73 -15.20 -4.99
CA GLY D 497 -26.22 -15.40 -6.33
C GLY D 497 -25.17 -15.43 -7.42
N SER D 498 -23.91 -15.16 -7.08
CA SER D 498 -22.84 -15.13 -8.07
C SER D 498 -22.78 -16.40 -8.89
N VAL D 499 -22.61 -16.22 -10.20
CA VAL D 499 -22.42 -17.29 -11.16
C VAL D 499 -21.05 -17.08 -11.76
N LEU D 500 -20.14 -18.01 -11.54
CA LEU D 500 -18.78 -17.91 -12.04
C LEU D 500 -18.52 -18.98 -13.09
N GLU D 501 -17.97 -18.57 -14.23
CA GLU D 501 -17.63 -19.48 -15.31
C GLU D 501 -16.19 -19.22 -15.73
N ASN D 502 -15.41 -20.29 -15.84
CA ASN D 502 -14.00 -20.28 -16.24
C ASN D 502 -13.24 -18.98 -15.99
N CYS D 503 -12.94 -18.64 -14.75
CA CYS D 503 -12.28 -17.36 -14.52
C CYS D 503 -11.48 -17.37 -13.23
N VAL D 504 -10.54 -16.42 -13.17
CA VAL D 504 -9.67 -16.18 -12.03
C VAL D 504 -10.24 -14.98 -11.26
N VAL D 505 -10.26 -15.08 -9.94
CA VAL D 505 -10.75 -14.02 -9.07
C VAL D 505 -9.68 -13.68 -8.05
N GLN D 506 -9.34 -12.40 -7.95
CA GLN D 506 -8.32 -11.92 -7.05
C GLN D 506 -8.69 -10.53 -6.54
N GLY D 507 -8.34 -10.23 -5.30
CA GLY D 507 -8.64 -8.92 -4.74
C GLY D 507 -9.16 -8.84 -3.31
N SER D 508 -10.05 -7.89 -3.06
CA SER D 508 -10.66 -7.70 -1.74
C SER D 508 -12.02 -7.03 -1.91
N LEU D 509 -13.03 -7.54 -1.22
CA LEU D 509 -14.39 -7.00 -1.35
C LEU D 509 -15.12 -7.20 -0.04
N ARG D 510 -15.58 -6.10 0.56
CA ARG D 510 -16.29 -6.11 1.83
C ARG D 510 -17.77 -5.84 1.64
N ILE D 511 -18.61 -6.63 2.30
CA ILE D 511 -20.05 -6.46 2.27
C ILE D 511 -20.51 -6.29 3.71
N LEU D 512 -20.94 -5.09 4.05
CA LEU D 512 -21.43 -4.76 5.38
C LEU D 512 -22.88 -4.33 5.27
N GLU D 513 -23.70 -4.71 6.24
CA GLU D 513 -25.10 -4.34 6.18
C GLU D 513 -25.23 -2.82 6.29
N HIS D 514 -26.12 -2.26 5.47
CA HIS D 514 -26.33 -0.82 5.43
C HIS D 514 -26.56 -0.22 6.80
N ALA E 32 -22.23 58.13 -23.56
CA ALA E 32 -21.98 58.47 -24.96
C ALA E 32 -21.47 57.26 -25.74
N SER E 33 -20.59 56.48 -25.09
CA SER E 33 -19.99 55.33 -25.74
C SER E 33 -21.05 54.36 -26.27
N THR E 34 -22.19 54.27 -25.58
CA THR E 34 -23.27 53.39 -26.05
C THR E 34 -23.76 53.79 -27.43
N SER E 35 -23.93 55.10 -27.67
CA SER E 35 -24.38 55.56 -28.98
C SER E 35 -23.32 55.31 -30.04
N VAL E 36 -22.04 55.50 -29.70
CA VAL E 36 -20.95 55.22 -30.64
C VAL E 36 -20.93 53.74 -31.00
N ALA E 37 -21.01 52.87 -29.99
CA ALA E 37 -21.05 51.44 -30.23
C ALA E 37 -22.26 51.04 -31.07
N ALA E 38 -23.43 51.61 -30.74
CA ALA E 38 -24.63 51.32 -31.51
C ALA E 38 -24.48 51.75 -32.96
N SER E 39 -23.82 52.90 -33.18
CA SER E 39 -23.59 53.34 -34.55
C SER E 39 -22.66 52.40 -35.29
N GLN E 40 -21.54 52.03 -34.64
CA GLN E 40 -20.62 51.09 -35.26
C GLN E 40 -21.29 49.74 -35.48
N MET E 41 -22.09 49.29 -34.50
CA MET E 41 -22.79 48.02 -34.65
C MET E 41 -23.74 48.08 -35.83
N ARG E 42 -24.56 49.13 -35.90
CA ARG E 42 -25.48 49.31 -37.02
C ARG E 42 -24.75 49.22 -38.35
N ASN E 43 -23.66 49.98 -38.49
CA ASN E 43 -22.90 49.98 -39.74
C ASN E 43 -22.33 48.60 -40.04
N ALA E 44 -21.84 47.90 -39.03
CA ALA E 44 -21.29 46.56 -39.24
C ALA E 44 -22.39 45.57 -39.61
N LEU E 45 -23.51 45.60 -38.89
CA LEU E 45 -24.63 44.72 -39.20
C LEU E 45 -25.16 45.00 -40.59
N ASN E 46 -25.31 46.28 -40.94
CA ASN E 46 -25.82 46.65 -42.25
C ASN E 46 -24.83 46.30 -43.36
N ALA E 47 -23.53 46.44 -43.09
CA ALA E 47 -22.54 46.10 -44.11
C ALA E 47 -22.62 44.63 -44.47
N LEU E 48 -22.79 43.76 -43.47
CA LEU E 48 -22.96 42.34 -43.76
C LEU E 48 -24.23 42.11 -44.56
N ALA E 49 -25.33 42.75 -44.14
CA ALA E 49 -26.58 42.65 -44.88
C ALA E 49 -26.48 43.22 -46.28
N GLU E 50 -25.58 44.18 -46.50
CA GLU E 50 -25.39 44.70 -47.85
C GLU E 50 -24.63 43.71 -48.72
N THR E 51 -23.61 43.06 -48.17
CA THR E 51 -22.86 42.05 -48.92
C THR E 51 -23.61 40.73 -48.83
N VAL E 52 -24.46 40.47 -49.82
CA VAL E 52 -25.29 39.27 -49.86
C VAL E 52 -25.56 38.93 -51.32
N PRO E 53 -25.53 37.66 -51.72
CA PRO E 53 -25.75 37.31 -53.12
C PRO E 53 -27.21 37.31 -53.59
N ASP E 54 -28.15 36.90 -52.74
CA ASP E 54 -29.50 36.77 -53.27
C ASP E 54 -30.53 37.67 -52.57
N PRO E 55 -31.53 38.13 -53.31
CA PRO E 55 -32.58 38.99 -52.72
C PRO E 55 -33.38 38.33 -51.62
N ASN E 56 -33.79 37.07 -51.81
CA ASN E 56 -34.56 36.38 -50.77
C ASN E 56 -33.78 36.32 -49.47
N GLU E 57 -32.49 36.00 -49.56
CA GLU E 57 -31.65 36.01 -48.36
C GLU E 57 -31.57 37.42 -47.80
N ARG E 58 -31.39 38.41 -48.66
CA ARG E 58 -31.37 39.80 -48.24
C ARG E 58 -32.64 40.16 -47.48
N LYS E 59 -33.80 39.75 -48.00
CA LYS E 59 -35.05 40.00 -47.28
C LYS E 59 -35.01 39.33 -45.91
N ARG E 60 -34.69 38.05 -45.89
CA ARG E 60 -34.58 37.31 -44.63
C ARG E 60 -33.55 37.95 -43.71
N PHE E 61 -32.33 38.12 -44.22
CA PHE E 61 -31.26 38.71 -43.42
C PHE E 61 -31.59 40.11 -42.93
N GLU E 62 -32.23 40.94 -43.75
CA GLU E 62 -32.54 42.30 -43.30
C GLU E 62 -33.48 42.27 -42.11
N ALA E 63 -34.57 41.53 -42.21
CA ALA E 63 -35.51 41.45 -41.08
C ALA E 63 -34.83 40.83 -39.87
N GLU E 64 -34.15 39.69 -40.09
CA GLU E 64 -33.45 38.99 -39.03
C GLU E 64 -32.42 39.88 -38.34
N MET E 65 -31.52 40.48 -39.12
CA MET E 65 -30.47 41.32 -38.54
C MET E 65 -31.03 42.57 -37.88
N ASP E 66 -32.11 43.15 -38.41
CA ASP E 66 -32.68 44.34 -37.81
C ASP E 66 -33.23 44.07 -36.41
N ASN E 67 -33.72 42.86 -36.16
CA ASN E 67 -34.19 42.51 -34.83
C ASN E 67 -33.07 42.57 -33.80
N PHE E 68 -31.88 42.07 -34.15
CA PHE E 68 -30.76 42.06 -33.22
C PHE E 68 -30.30 43.46 -32.87
N PHE E 69 -30.37 44.40 -33.82
CA PHE E 69 -30.01 45.78 -33.53
C PHE E 69 -30.85 46.33 -32.39
N ALA E 70 -32.16 46.07 -32.41
CA ALA E 70 -33.01 46.51 -31.31
C ALA E 70 -32.65 45.79 -30.02
N LEU E 71 -32.43 44.47 -30.10
CA LEU E 71 -32.03 43.71 -28.93
C LEU E 71 -30.73 44.24 -28.34
N PHE E 72 -29.72 44.43 -29.20
CA PHE E 72 -28.43 44.95 -28.75
C PHE E 72 -28.57 46.30 -28.08
N ARG E 73 -29.41 47.18 -28.65
CA ARG E 73 -29.65 48.47 -28.03
C ARG E 73 -30.21 48.32 -26.63
N ARG E 74 -31.25 47.49 -26.49
CA ARG E 74 -31.81 47.25 -25.16
C ARG E 74 -30.78 46.64 -24.23
N PHE E 75 -29.94 45.74 -24.76
CA PHE E 75 -28.92 45.11 -23.93
C PHE E 75 -28.01 46.15 -23.28
N LEU E 76 -27.45 47.06 -24.08
CA LEU E 76 -26.62 48.11 -23.50
C LEU E 76 -27.42 48.98 -22.54
N ASN E 77 -28.61 49.40 -22.98
CA ASN E 77 -29.47 50.25 -22.15
C ASN E 77 -29.87 49.53 -20.87
N ASP E 78 -30.27 48.27 -20.96
CA ASP E 78 -30.66 47.51 -19.79
C ASP E 78 -29.49 47.34 -18.81
N LYS E 79 -28.26 47.26 -19.31
CA LYS E 79 -27.13 47.16 -18.39
C LYS E 79 -26.91 48.49 -17.67
N ALA E 80 -27.04 49.61 -18.39
CA ALA E 80 -26.90 50.90 -17.73
C ALA E 80 -28.00 51.08 -16.69
N LYS E 81 -29.21 50.63 -17.01
CA LYS E 81 -30.32 50.69 -16.08
C LYS E 81 -30.26 49.58 -15.04
N GLY E 82 -29.51 48.51 -15.31
CA GLY E 82 -29.42 47.38 -14.40
C GLY E 82 -30.74 46.66 -14.22
N ASN E 86 -37.40 42.33 -8.55
CA ASN E 86 -37.56 42.94 -7.23
C ASN E 86 -38.21 41.94 -6.28
N TRP E 87 -37.45 41.53 -5.25
CA TRP E 87 -37.96 40.58 -4.29
C TRP E 87 -39.28 41.05 -3.69
N ASP E 88 -39.44 42.37 -3.53
CA ASP E 88 -40.71 42.90 -3.05
C ASP E 88 -41.84 42.57 -4.00
N ARG E 89 -41.55 42.48 -5.29
CA ARG E 89 -42.51 42.16 -6.32
C ARG E 89 -42.66 40.66 -6.54
N ILE E 90 -41.82 39.86 -5.89
CA ILE E 90 -41.86 38.40 -6.01
C ILE E 90 -42.93 37.88 -5.05
N ALA E 91 -44.19 38.11 -5.40
CA ALA E 91 -45.29 37.65 -4.59
C ALA E 91 -45.66 36.23 -4.97
N PRO E 92 -46.08 35.43 -4.00
CA PRO E 92 -46.40 34.03 -4.28
C PRO E 92 -47.57 33.91 -5.23
N PRO E 93 -47.62 32.82 -6.01
CA PRO E 93 -48.73 32.60 -6.94
C PRO E 93 -50.04 32.41 -6.20
N GLN E 94 -51.06 33.15 -6.63
CA GLN E 94 -52.37 33.04 -6.00
C GLN E 94 -53.08 31.76 -6.45
N PRO E 95 -53.99 31.24 -5.61
CA PRO E 95 -54.71 30.00 -5.95
C PRO E 95 -55.43 30.01 -7.28
N SER E 96 -55.76 31.20 -7.78
CA SER E 96 -56.45 31.34 -9.06
C SER E 96 -55.56 31.10 -10.27
N GLN E 97 -54.25 31.04 -10.08
CA GLN E 97 -53.30 30.91 -11.17
C GLN E 97 -52.93 29.47 -11.54
N VAL E 98 -53.38 28.45 -10.82
CA VAL E 98 -52.98 27.07 -11.13
C VAL E 98 -54.18 26.15 -11.10
N VAL E 99 -54.35 25.39 -12.19
CA VAL E 99 -55.42 24.40 -12.37
C VAL E 99 -54.83 23.01 -12.20
N ASN E 100 -55.55 22.13 -11.53
CA ASN E 100 -55.06 20.77 -11.30
C ASN E 100 -55.57 19.80 -12.36
N TYR E 101 -54.66 18.93 -12.83
CA TYR E 101 -54.97 17.92 -13.84
C TYR E 101 -56.15 17.03 -13.44
N ASP E 102 -56.27 16.71 -12.15
CA ASP E 102 -57.38 15.88 -11.70
C ASP E 102 -58.71 16.61 -11.76
N ASP E 103 -58.70 17.94 -11.82
CA ASP E 103 -59.93 18.72 -11.92
C ASP E 103 -60.42 18.87 -13.35
N ILE E 104 -59.56 18.71 -14.34
CA ILE E 104 -59.97 18.86 -15.74
C ILE E 104 -60.98 17.78 -16.11
N GLY E 105 -61.92 18.15 -16.96
CA GLY E 105 -62.99 17.29 -17.41
C GLY E 105 -62.58 16.19 -18.38
N LYS E 106 -63.62 15.59 -18.96
CA LYS E 106 -63.57 14.49 -19.92
C LYS E 106 -62.68 14.75 -21.13
N GLU E 107 -62.27 13.68 -21.80
CA GLU E 107 -61.44 13.76 -22.99
C GLU E 107 -62.16 14.56 -24.08
N SER E 108 -61.37 15.31 -24.87
CA SER E 108 -61.90 16.07 -25.99
C SER E 108 -62.29 15.16 -27.13
N SER E 109 -63.43 15.48 -27.76
CA SER E 109 -63.93 14.67 -28.87
C SER E 109 -63.02 14.76 -30.09
N VAL E 110 -62.87 13.63 -30.76
CA VAL E 110 -62.05 13.43 -31.96
C VAL E 110 -62.21 14.55 -32.99
N GLU E 111 -63.45 15.02 -33.16
CA GLU E 111 -63.75 16.06 -34.15
C GLU E 111 -62.93 17.32 -33.92
N PHE E 112 -62.68 17.68 -32.67
CA PHE E 112 -61.90 18.88 -32.36
C PHE E 112 -60.40 18.74 -32.56
N LEU E 113 -59.89 17.54 -32.83
CA LEU E 113 -58.46 17.32 -32.96
C LEU E 113 -57.87 17.80 -34.28
N ASN E 114 -58.67 17.95 -35.33
CA ASN E 114 -58.14 18.42 -36.62
C ASN E 114 -57.40 19.75 -36.52
N LYS E 115 -57.77 20.61 -35.57
CA LYS E 115 -57.13 21.91 -35.44
C LYS E 115 -55.91 21.93 -34.51
N LEU E 116 -55.52 20.82 -33.91
CA LEU E 116 -54.32 20.81 -33.07
C LEU E 116 -53.06 20.69 -33.92
N ALA E 117 -51.94 21.18 -33.37
CA ALA E 117 -50.65 21.10 -34.05
C ALA E 117 -49.52 20.97 -33.03
N VAL E 118 -48.53 20.14 -33.33
CA VAL E 118 -47.40 19.87 -32.44
C VAL E 118 -46.10 20.33 -33.11
N VAL E 119 -45.31 21.11 -32.38
CA VAL E 119 -44.04 21.65 -32.84
C VAL E 119 -42.96 21.28 -31.83
N LYS E 120 -41.84 20.75 -32.33
CA LYS E 120 -40.73 20.29 -31.51
C LYS E 120 -39.45 21.09 -31.73
N LEU E 121 -38.74 21.33 -30.64
CA LEU E 121 -37.42 21.94 -30.71
C LEU E 121 -36.45 20.83 -31.10
N ASN E 122 -35.59 21.11 -32.08
CA ASN E 122 -34.65 20.11 -32.57
C ASN E 122 -33.26 20.72 -32.72
N GLY E 123 -32.84 21.51 -31.73
CA GLY E 123 -31.56 22.16 -31.73
C GLY E 123 -30.45 21.49 -30.96
N GLY E 124 -30.70 20.37 -30.29
CA GLY E 124 -29.66 19.73 -29.48
C GLY E 124 -28.76 18.79 -30.24
N LEU E 125 -27.46 19.00 -30.09
CA LEU E 125 -26.39 18.19 -30.65
C LEU E 125 -25.97 17.10 -29.67
N GLY E 126 -25.49 15.99 -30.22
CA GLY E 126 -25.00 14.94 -29.34
C GLY E 126 -23.72 15.29 -28.62
N THR E 127 -23.11 16.44 -28.96
CA THR E 127 -21.89 16.88 -28.30
C THR E 127 -22.10 17.07 -26.81
N SER E 128 -23.32 17.41 -26.39
CA SER E 128 -23.62 17.53 -24.97
C SER E 128 -23.36 16.22 -24.23
N MET E 129 -23.55 15.09 -24.91
CA MET E 129 -23.31 13.77 -24.30
C MET E 129 -22.19 13.02 -25.00
N GLY E 130 -21.31 13.72 -25.70
CA GLY E 130 -20.20 13.07 -26.39
C GLY E 130 -20.63 12.10 -27.46
N CYS E 131 -21.70 12.41 -28.17
CA CYS E 131 -22.21 11.57 -29.24
C CYS E 131 -22.13 12.35 -30.55
N VAL E 132 -21.91 11.65 -31.64
CA VAL E 132 -21.87 12.32 -32.93
C VAL E 132 -23.29 12.58 -33.42
N GLY E 133 -23.43 13.65 -34.20
CA GLY E 133 -24.71 14.02 -34.76
C GLY E 133 -25.68 14.68 -33.79
N PRO E 134 -26.91 14.86 -34.26
CA PRO E 134 -27.95 15.48 -33.43
C PRO E 134 -28.40 14.58 -32.29
N LYS E 135 -28.74 15.21 -31.17
CA LYS E 135 -29.24 14.46 -30.02
C LYS E 135 -30.49 13.67 -30.39
N SER E 136 -31.32 14.23 -31.27
CA SER E 136 -32.53 13.57 -31.70
C SER E 136 -32.29 12.23 -32.36
N VAL E 137 -31.09 12.00 -32.89
CA VAL E 137 -30.77 10.74 -33.56
C VAL E 137 -30.26 9.65 -32.61
N ILE E 138 -29.70 10.03 -31.46
CA ILE E 138 -29.14 9.03 -30.55
C ILE E 138 -30.23 8.05 -30.12
N GLU E 139 -29.85 6.79 -29.98
CA GLU E 139 -30.79 5.76 -29.61
C GLU E 139 -31.10 5.80 -28.12
N VAL E 140 -32.25 5.26 -27.76
CA VAL E 140 -32.70 5.18 -26.37
C VAL E 140 -33.00 3.74 -25.95
N ARG E 141 -33.75 3.02 -26.76
CA ARG E 141 -34.14 1.66 -26.45
C ARG E 141 -34.37 0.91 -27.75
N GLU E 142 -33.96 -0.36 -27.77
CA GLU E 142 -34.16 -1.23 -28.93
C GLU E 142 -33.79 -0.52 -30.24
N GLY E 143 -32.71 0.25 -30.19
CA GLY E 143 -32.23 0.97 -31.36
C GLY E 143 -33.05 2.16 -31.80
N MET E 144 -34.20 2.42 -31.19
CA MET E 144 -35.02 3.54 -31.61
C MET E 144 -34.42 4.87 -31.17
N SER E 145 -34.56 5.88 -32.01
CA SER E 145 -34.10 7.22 -31.67
C SER E 145 -35.22 8.01 -31.00
N PHE E 146 -34.83 9.11 -30.34
CA PHE E 146 -35.80 9.95 -29.68
C PHE E 146 -36.81 10.52 -30.67
N LEU E 147 -36.36 10.83 -31.88
CA LEU E 147 -37.27 11.30 -32.91
C LEU E 147 -38.27 10.22 -33.29
N ASP E 148 -37.78 8.97 -33.40
CA ASP E 148 -38.64 7.86 -33.78
C ASP E 148 -39.88 7.74 -32.89
N LEU E 149 -39.70 7.80 -31.58
CA LEU E 149 -40.85 7.70 -30.68
C LEU E 149 -41.87 8.78 -30.95
N SER E 150 -41.45 10.02 -31.20
CA SER E 150 -42.42 11.08 -31.45
C SER E 150 -43.29 10.74 -32.64
N VAL E 151 -42.67 10.42 -33.77
CA VAL E 151 -43.43 10.03 -34.96
C VAL E 151 -44.33 8.85 -34.63
N ARG E 152 -43.76 7.84 -33.96
CA ARG E 152 -44.52 6.66 -33.58
C ARG E 152 -45.73 7.03 -32.73
N GLN E 153 -45.59 8.04 -31.88
CA GLN E 153 -46.75 8.49 -31.10
C GLN E 153 -47.78 9.13 -32.02
N ILE E 154 -47.33 9.91 -32.99
CA ILE E 154 -48.22 10.51 -33.97
C ILE E 154 -48.93 9.43 -34.76
N GLU E 155 -48.20 8.40 -35.19
CA GLU E 155 -48.78 7.31 -35.97
C GLU E 155 -49.94 6.65 -35.24
N HIS E 156 -49.77 6.33 -33.96
CA HIS E 156 -50.85 5.68 -33.22
C HIS E 156 -52.10 6.55 -33.15
N LEU E 157 -51.93 7.86 -32.93
CA LEU E 157 -53.08 8.75 -32.87
C LEU E 157 -53.82 8.85 -34.20
N ASN E 158 -53.09 8.99 -35.31
CA ASN E 158 -53.75 9.09 -36.60
C ASN E 158 -54.51 7.81 -36.96
N ARG E 159 -53.95 6.64 -36.67
CA ARG E 159 -54.61 5.40 -37.04
C ARG E 159 -55.84 5.09 -36.19
N THR E 160 -55.85 5.51 -34.91
CA THR E 160 -57.01 5.23 -34.08
C THR E 160 -58.24 6.05 -34.48
N TYR E 161 -58.06 7.20 -35.11
CA TYR E 161 -59.20 8.03 -35.50
C TYR E 161 -59.18 8.55 -36.92
N ASN E 162 -58.15 8.23 -37.72
CA ASN E 162 -58.03 8.70 -39.10
C ASN E 162 -58.02 10.23 -39.17
N VAL E 163 -57.07 10.83 -38.45
CA VAL E 163 -56.86 12.27 -38.42
C VAL E 163 -55.37 12.49 -38.58
N ASN E 164 -54.98 13.60 -39.20
CA ASN E 164 -53.57 13.84 -39.49
C ASN E 164 -53.08 15.11 -38.79
N VAL E 165 -52.50 14.93 -37.62
CA VAL E 165 -51.96 16.02 -36.82
C VAL E 165 -50.62 16.45 -37.43
N PRO E 166 -50.41 17.74 -37.69
CA PRO E 166 -49.11 18.15 -38.24
C PRO E 166 -48.07 18.15 -37.16
N PHE E 167 -46.88 17.68 -37.52
CA PHE E 167 -45.74 17.57 -36.61
C PHE E 167 -44.62 18.39 -37.22
N VAL E 168 -44.31 19.53 -36.62
CA VAL E 168 -43.28 20.43 -37.14
C VAL E 168 -42.06 20.38 -36.24
N LEU E 169 -40.89 20.31 -36.88
CA LEU E 169 -39.62 20.26 -36.18
C LEU E 169 -38.86 21.57 -36.35
N MET E 170 -38.54 22.22 -35.23
CA MET E 170 -37.75 23.44 -35.27
C MET E 170 -36.30 22.97 -35.25
N ASN E 171 -35.70 22.86 -36.42
CA ASN E 171 -34.33 22.36 -36.50
C ASN E 171 -33.32 23.47 -36.24
N SER E 172 -32.06 23.13 -36.44
CA SER E 172 -30.96 24.07 -36.30
C SER E 172 -29.97 23.82 -37.43
N PHE E 173 -29.14 24.83 -37.69
CA PHE E 173 -28.13 24.73 -38.73
C PHE E 173 -27.09 23.65 -38.43
N ASN E 174 -26.85 23.37 -37.15
CA ASN E 174 -25.91 22.33 -36.75
C ASN E 174 -26.41 20.91 -37.03
N THR E 175 -27.72 20.72 -37.18
CA THR E 175 -28.28 19.40 -37.35
C THR E 175 -28.99 19.16 -38.68
N ASP E 176 -29.48 20.22 -39.33
CA ASP E 176 -30.21 20.07 -40.58
C ASP E 176 -29.50 19.17 -41.58
N GLN E 177 -28.18 19.30 -41.73
CA GLN E 177 -27.50 18.49 -42.73
C GLN E 177 -27.59 17.01 -42.37
N ASP E 178 -27.34 16.66 -41.11
CA ASP E 178 -27.51 15.28 -40.68
C ASP E 178 -28.99 14.91 -40.67
N THR E 179 -29.84 15.87 -40.26
CA THR E 179 -31.28 15.66 -40.20
C THR E 179 -31.88 15.38 -41.56
N GLN E 180 -31.52 16.20 -42.56
CA GLN E 180 -32.06 16.01 -43.90
C GLN E 180 -31.77 14.62 -44.43
N SER E 181 -30.68 14.02 -43.99
CA SER E 181 -30.36 12.66 -44.39
C SER E 181 -31.24 11.64 -43.68
N ILE E 182 -31.21 11.65 -42.35
CA ILE E 182 -31.92 10.63 -41.57
C ILE E 182 -33.44 10.71 -41.74
N ILE E 183 -34.02 11.89 -41.93
CA ILE E 183 -35.47 11.99 -42.03
C ILE E 183 -36.04 11.15 -43.17
N LYS E 184 -35.25 10.89 -44.20
CA LYS E 184 -35.73 10.07 -45.32
C LYS E 184 -36.22 8.70 -44.90
N LYS E 185 -35.74 8.16 -43.78
CA LYS E 185 -36.21 6.85 -43.33
C LYS E 185 -37.69 6.82 -43.00
N TYR E 186 -38.32 7.97 -42.81
CA TYR E 186 -39.74 8.06 -42.51
C TYR E 186 -40.61 8.22 -43.74
N GLN E 187 -40.06 8.07 -44.93
CA GLN E 187 -40.86 8.21 -46.14
C GLN E 187 -41.92 7.12 -46.21
N GLY E 188 -42.91 7.33 -47.09
CA GLY E 188 -44.00 6.41 -47.25
C GLY E 188 -45.07 6.55 -46.19
N HIS E 189 -44.80 6.03 -44.99
CA HIS E 189 -45.69 6.11 -43.85
C HIS E 189 -46.44 7.44 -43.79
N ASN E 190 -47.73 7.36 -43.43
CA ASN E 190 -48.62 8.52 -43.34
C ASN E 190 -48.17 9.46 -42.22
N VAL E 191 -47.19 10.30 -42.54
CA VAL E 191 -46.63 11.25 -41.58
C VAL E 191 -46.18 12.50 -42.33
N ASP E 192 -46.86 13.62 -42.10
CA ASP E 192 -46.55 14.90 -42.73
C ASP E 192 -45.38 15.55 -41.99
N ILE E 193 -44.17 15.42 -42.53
CA ILE E 193 -42.98 15.99 -41.90
C ILE E 193 -42.56 17.23 -42.67
N ILE E 194 -42.39 18.34 -41.94
CA ILE E 194 -41.96 19.62 -42.49
C ILE E 194 -40.80 20.10 -41.64
N THR E 195 -39.77 20.65 -42.29
CA THR E 195 -38.57 21.08 -41.58
C THR E 195 -38.17 22.49 -41.99
N PHE E 196 -37.62 23.23 -41.02
CA PHE E 196 -37.16 24.59 -41.24
C PHE E 196 -36.03 24.88 -40.25
N ASN E 197 -35.19 25.83 -40.62
CA ASN E 197 -34.07 26.24 -39.79
C ASN E 197 -34.38 27.55 -39.09
N GLN E 198 -34.03 27.62 -37.81
CA GLN E 198 -34.27 28.82 -37.03
C GLN E 198 -33.31 29.93 -37.46
N SER E 199 -33.42 31.09 -36.80
CA SER E 199 -32.58 32.23 -37.13
C SER E 199 -31.11 31.92 -36.84
N ARG E 200 -30.23 32.46 -37.70
CA ARG E 200 -28.79 32.26 -37.60
C ARG E 200 -28.17 33.62 -37.27
N TYR E 201 -28.08 33.93 -35.99
CA TYR E 201 -27.47 35.22 -35.69
C TYR E 201 -25.96 35.10 -35.57
N PRO E 202 -25.25 36.17 -35.88
CA PRO E 202 -23.80 36.18 -35.75
C PRO E 202 -23.37 36.43 -34.32
N ARG E 203 -22.18 35.94 -33.99
CA ARG E 203 -21.58 36.19 -32.69
C ARG E 203 -20.99 37.58 -32.64
N ILE E 204 -21.16 38.25 -31.50
CA ILE E 204 -20.70 39.62 -31.29
C ILE E 204 -19.43 39.60 -30.44
N ILE E 205 -18.38 40.26 -30.94
CA ILE E 205 -17.10 40.31 -30.25
C ILE E 205 -17.24 41.05 -28.93
N LYS E 206 -16.79 40.42 -27.84
CA LYS E 206 -16.92 40.99 -26.51
C LYS E 206 -16.22 42.34 -26.36
N ASP E 207 -15.03 42.48 -26.93
CA ASP E 207 -14.28 43.72 -26.77
C ASP E 207 -14.75 44.83 -27.71
N SER E 208 -14.90 44.54 -29.00
CA SER E 208 -15.31 45.57 -29.95
C SER E 208 -16.81 45.80 -29.98
N LEU E 209 -17.62 44.86 -29.48
CA LEU E 209 -19.08 44.96 -29.54
C LEU E 209 -19.53 45.07 -31.00
N LEU E 210 -18.93 44.26 -31.85
CA LEU E 210 -19.24 44.21 -33.26
C LEU E 210 -19.36 42.76 -33.69
N PRO E 211 -20.10 42.46 -34.74
CA PRO E 211 -20.22 41.07 -35.19
C PRO E 211 -18.89 40.51 -35.68
N ALA E 212 -18.57 39.31 -35.21
CA ALA E 212 -17.33 38.66 -35.64
C ALA E 212 -17.28 38.34 -37.14
N PRO E 213 -18.33 37.85 -37.78
CA PRO E 213 -18.23 37.55 -39.21
C PRO E 213 -18.33 38.79 -40.09
N LYS E 214 -17.60 38.74 -41.20
CA LYS E 214 -17.58 39.80 -42.19
C LYS E 214 -18.36 39.45 -43.46
N SER E 215 -18.06 38.30 -44.06
CA SER E 215 -18.73 37.86 -45.28
C SER E 215 -20.05 37.16 -44.98
N PHE E 216 -20.76 36.84 -46.06
CA PHE E 216 -22.03 36.12 -45.99
C PHE E 216 -21.81 34.63 -45.76
N ASP E 217 -20.79 34.05 -46.39
CA ASP E 217 -20.45 32.65 -46.26
C ASP E 217 -19.44 32.40 -45.14
N ALA E 218 -19.45 33.23 -44.09
CA ALA E 218 -18.53 33.10 -42.98
C ALA E 218 -18.72 31.75 -42.27
N PRO E 219 -17.68 31.28 -41.57
CA PRO E 219 -17.77 29.99 -40.87
C PRO E 219 -18.80 29.96 -39.75
N LEU E 220 -19.29 28.75 -39.49
CA LEU E 220 -20.32 28.51 -38.47
C LEU E 220 -19.89 29.00 -37.10
N GLN E 221 -18.58 29.01 -36.82
CA GLN E 221 -18.08 29.47 -35.53
C GLN E 221 -18.45 30.93 -35.27
N ASP E 222 -18.78 31.67 -36.31
CA ASP E 222 -19.19 33.06 -36.20
C ASP E 222 -20.68 33.21 -35.92
N TRP E 223 -21.42 32.10 -35.81
CA TRP E 223 -22.86 32.15 -35.60
C TRP E 223 -23.25 31.23 -34.45
N TYR E 224 -24.45 31.45 -33.92
CA TYR E 224 -25.00 30.63 -32.85
C TYR E 224 -26.51 30.68 -32.95
N PRO E 225 -27.19 29.58 -32.60
CA PRO E 225 -28.65 29.59 -32.62
C PRO E 225 -29.22 30.28 -31.39
N PRO E 226 -30.14 31.23 -31.58
CA PRO E 226 -30.73 31.94 -30.43
C PRO E 226 -31.70 31.09 -29.62
N GLY E 227 -32.29 31.68 -28.58
CA GLY E 227 -33.17 30.95 -27.70
C GLY E 227 -34.48 30.53 -28.35
N HIS E 228 -35.22 29.74 -27.57
CA HIS E 228 -36.50 29.15 -28.01
C HIS E 228 -37.50 30.19 -28.49
N GLY E 229 -37.49 31.39 -27.91
CA GLY E 229 -38.47 32.41 -28.29
C GLY E 229 -38.45 32.76 -29.76
N ASP E 230 -37.37 32.42 -30.46
CA ASP E 230 -37.29 32.64 -31.90
C ASP E 230 -38.34 31.82 -32.65
N VAL E 231 -38.93 30.81 -32.00
CA VAL E 231 -39.93 29.95 -32.63
C VAL E 231 -41.06 30.75 -33.28
N PHE E 232 -41.64 31.70 -32.53
CA PHE E 232 -42.80 32.45 -33.03
C PHE E 232 -42.53 33.11 -34.38
N GLU E 233 -41.48 33.92 -34.46
CA GLU E 233 -41.16 34.54 -35.73
C GLU E 233 -40.69 33.51 -36.76
N SER E 234 -39.87 32.55 -36.32
CA SER E 234 -39.36 31.54 -37.24
C SER E 234 -40.48 30.80 -37.94
N LEU E 235 -41.55 30.48 -37.20
CA LEU E 235 -42.69 29.80 -37.83
C LEU E 235 -43.27 30.65 -38.95
N TYR E 236 -43.35 31.96 -38.73
CA TYR E 236 -43.85 32.87 -39.75
C TYR E 236 -42.86 33.04 -40.90
N ASN E 237 -41.65 33.49 -40.58
CA ASN E 237 -40.63 33.79 -41.59
C ASN E 237 -40.35 32.63 -42.53
N SER E 238 -40.45 31.40 -42.05
CA SER E 238 -40.20 30.26 -42.91
C SER E 238 -41.37 29.95 -43.83
N GLY E 239 -42.53 30.55 -43.58
CA GLY E 239 -43.73 30.22 -44.31
C GLY E 239 -44.46 29.06 -43.71
N THR E 240 -43.94 28.49 -42.62
CA THR E 240 -44.60 27.38 -41.96
C THR E 240 -45.96 27.81 -41.43
N LEU E 241 -46.05 29.05 -40.94
CA LEU E 241 -47.32 29.54 -40.46
C LEU E 241 -48.36 29.46 -41.57
N ASP E 242 -47.97 29.80 -42.80
CA ASP E 242 -48.88 29.62 -43.93
C ASP E 242 -49.18 28.15 -44.12
N LYS E 243 -48.12 27.32 -44.15
CA LYS E 243 -48.29 25.88 -44.30
C LYS E 243 -49.22 25.32 -43.23
N LEU E 244 -49.12 25.84 -42.01
CA LEU E 244 -50.02 25.40 -40.94
C LEU E 244 -51.41 25.95 -41.18
N LEU E 245 -51.49 27.25 -41.46
CA LEU E 245 -52.78 27.88 -41.71
C LEU E 245 -53.46 27.23 -42.91
N GLU E 246 -52.67 26.78 -43.88
CA GLU E 246 -53.22 26.09 -45.05
C GLU E 246 -54.01 24.84 -44.69
N ARG E 247 -53.72 24.22 -43.54
CA ARG E 247 -54.50 23.06 -43.12
C ARG E 247 -55.44 23.37 -41.95
N GLY E 248 -55.63 24.64 -41.64
CA GLY E 248 -56.61 25.05 -40.64
C GLY E 248 -56.34 24.69 -39.19
N VAL E 249 -55.08 24.41 -38.82
CA VAL E 249 -54.78 24.07 -37.44
C VAL E 249 -54.92 25.33 -36.58
N GLU E 250 -55.61 25.20 -35.43
CA GLU E 250 -55.84 26.32 -34.55
C GLU E 250 -55.09 26.26 -33.23
N TYR E 251 -54.73 25.06 -32.76
CA TYR E 251 -54.02 24.91 -31.49
C TYR E 251 -52.64 24.33 -31.74
N ILE E 252 -51.63 24.92 -31.11
CA ILE E 252 -50.25 24.52 -31.26
C ILE E 252 -49.76 24.01 -29.91
N PHE E 253 -49.00 22.93 -29.94
CA PHE E 253 -48.41 22.33 -28.75
C PHE E 253 -46.91 22.22 -28.94
N LEU E 254 -46.14 22.71 -27.96
CA LEU E 254 -44.70 22.63 -28.01
C LEU E 254 -44.16 21.80 -26.86
N SER E 255 -43.08 21.08 -27.14
CA SER E 255 -42.39 20.28 -26.13
C SER E 255 -41.00 19.97 -26.65
N ASN E 256 -40.07 19.81 -25.72
CA ASN E 256 -38.70 19.52 -26.10
C ASN E 256 -38.56 18.04 -26.46
N ALA E 257 -37.76 17.78 -27.51
CA ALA E 257 -37.50 16.41 -27.95
C ALA E 257 -36.90 15.54 -26.86
N ASP E 258 -36.22 16.16 -25.89
CA ASP E 258 -35.61 15.42 -24.80
C ASP E 258 -36.59 14.91 -23.75
N ASN E 259 -37.83 15.41 -23.70
CA ASN E 259 -38.80 14.96 -22.71
C ASN E 259 -39.73 13.93 -23.33
N LEU E 260 -39.36 12.66 -23.19
CA LEU E 260 -40.16 11.57 -23.74
C LEU E 260 -41.57 11.51 -23.17
N GLY E 261 -41.83 12.17 -22.03
CA GLY E 261 -43.14 12.16 -21.42
C GLY E 261 -44.18 13.05 -22.07
N ALA E 262 -43.76 13.93 -22.98
CA ALA E 262 -44.63 14.88 -23.65
C ALA E 262 -45.47 14.20 -24.73
N VAL E 263 -46.38 13.34 -24.30
CA VAL E 263 -47.23 12.62 -25.22
C VAL E 263 -48.53 13.41 -25.39
N VAL E 264 -49.11 13.31 -26.57
CA VAL E 264 -50.37 14.02 -26.86
C VAL E 264 -51.52 13.36 -26.11
N ASP E 265 -52.14 14.12 -25.21
CA ASP E 265 -53.24 13.65 -24.38
C ASP E 265 -54.45 14.56 -24.66
N THR E 266 -55.43 14.01 -25.38
CA THR E 266 -56.64 14.74 -25.75
C THR E 266 -57.37 15.37 -24.56
N ARG E 267 -57.08 14.94 -23.34
CA ARG E 267 -57.72 15.54 -22.17
C ARG E 267 -57.40 17.02 -22.02
N ILE E 268 -56.13 17.38 -22.19
CA ILE E 268 -55.72 18.78 -22.03
C ILE E 268 -56.34 19.68 -23.09
N LEU E 269 -56.52 19.19 -24.31
CA LEU E 269 -57.10 20.02 -25.37
C LEU E 269 -58.53 20.47 -25.06
N GLN E 270 -59.30 19.66 -24.32
CA GLN E 270 -60.64 20.09 -23.97
C GLN E 270 -60.61 21.30 -23.04
N HIS E 271 -59.75 21.29 -22.03
CA HIS E 271 -59.64 22.43 -21.14
C HIS E 271 -59.31 23.68 -21.94
N MET E 272 -58.44 23.54 -22.94
CA MET E 272 -58.10 24.65 -23.83
C MET E 272 -59.33 25.12 -24.60
N ILE E 273 -60.05 24.18 -25.22
CA ILE E 273 -61.26 24.53 -25.96
C ILE E 273 -62.28 25.21 -25.05
N ASP E 274 -62.34 24.79 -23.79
CA ASP E 274 -63.29 25.41 -22.86
C ASP E 274 -62.81 26.78 -22.40
N THR E 275 -61.57 26.88 -21.92
CA THR E 275 -61.05 28.15 -21.42
C THR E 275 -60.55 29.07 -22.51
N LYS E 276 -60.34 28.57 -23.73
CA LYS E 276 -59.87 29.36 -24.86
C LYS E 276 -58.69 30.28 -24.48
N ALA E 277 -57.87 29.84 -23.53
CA ALA E 277 -56.72 30.61 -23.10
C ALA E 277 -55.68 30.68 -24.21
N GLU E 278 -54.98 31.82 -24.26
CA GLU E 278 -53.95 32.02 -25.28
C GLU E 278 -52.64 31.28 -24.98
N TYR E 279 -52.44 30.80 -23.76
CA TYR E 279 -51.17 30.17 -23.41
C TYR E 279 -51.39 29.30 -22.19
N ILE E 280 -51.16 27.99 -22.32
CA ILE E 280 -51.30 27.06 -21.19
C ILE E 280 -50.03 26.26 -21.04
N MET E 281 -49.39 26.38 -19.89
CA MET E 281 -48.13 25.70 -19.57
C MET E 281 -48.39 24.58 -18.58
N GLU E 282 -47.83 23.41 -18.84
CA GLU E 282 -47.93 22.32 -17.89
C GLU E 282 -46.90 22.50 -16.78
N LEU E 283 -47.33 22.27 -15.53
CA LEU E 283 -46.47 22.43 -14.37
C LEU E 283 -46.47 21.15 -13.54
N THR E 284 -45.41 20.99 -12.74
CA THR E 284 -45.26 19.86 -11.85
C THR E 284 -44.73 20.34 -10.49
N ASP E 285 -45.09 19.61 -9.44
CA ASP E 285 -44.66 19.97 -8.10
C ASP E 285 -43.17 19.71 -7.95
N LYS E 286 -42.45 20.70 -7.42
CA LYS E 286 -41.01 20.58 -7.26
C LYS E 286 -40.64 19.44 -6.33
N THR E 287 -39.77 18.56 -6.84
CA THR E 287 -39.20 17.49 -6.04
C THR E 287 -37.90 18.00 -5.42
N LYS E 288 -37.27 17.15 -4.61
CA LYS E 288 -36.02 17.54 -3.96
C LYS E 288 -34.97 17.99 -4.98
N ALA E 289 -34.99 17.45 -6.19
CA ALA E 289 -34.08 17.83 -7.25
C ALA E 289 -34.54 19.02 -8.07
N ASP E 290 -35.77 19.49 -7.89
CA ASP E 290 -36.31 20.58 -8.68
C ASP E 290 -36.36 21.90 -7.94
N VAL E 291 -35.60 22.04 -6.85
CA VAL E 291 -35.55 23.31 -6.13
C VAL E 291 -35.06 24.41 -7.05
N LYS E 292 -34.05 24.11 -7.87
CA LYS E 292 -33.52 25.00 -8.89
C LYS E 292 -34.49 25.03 -10.08
N GLY E 293 -34.19 25.85 -11.08
CA GLY E 293 -35.06 25.96 -12.24
C GLY E 293 -36.26 26.84 -12.06
N GLY E 294 -36.76 27.38 -13.17
CA GLY E 294 -37.82 28.37 -13.21
C GLY E 294 -39.11 28.07 -12.48
N THR E 295 -39.75 29.12 -11.96
CA THR E 295 -40.99 29.01 -11.23
C THR E 295 -41.91 30.16 -11.62
N ILE E 296 -43.21 29.83 -11.75
CA ILE E 296 -44.22 30.81 -12.12
C ILE E 296 -44.44 31.80 -10.99
N ILE E 297 -44.63 33.07 -11.35
CA ILE E 297 -44.87 34.13 -10.38
C ILE E 297 -46.08 34.92 -10.83
N ASP E 298 -46.96 35.28 -9.88
CA ASP E 298 -48.21 35.95 -10.25
C ASP E 298 -47.98 37.35 -10.79
N TYR E 299 -47.00 38.08 -10.23
CA TYR E 299 -46.64 39.44 -10.62
C TYR E 299 -47.86 40.32 -10.90
N GLU E 300 -48.76 40.40 -9.92
CA GLU E 300 -49.99 41.19 -10.02
C GLU E 300 -50.91 40.69 -11.13
N GLY E 301 -51.18 39.39 -11.12
CA GLY E 301 -52.04 38.79 -12.12
C GLY E 301 -51.36 38.51 -13.45
N LYS E 302 -50.43 39.38 -13.82
CA LYS E 302 -49.65 39.23 -15.06
C LYS E 302 -48.59 38.15 -14.83
N VAL E 303 -49.04 36.90 -14.82
CA VAL E 303 -48.21 35.73 -14.56
C VAL E 303 -46.88 35.81 -15.28
N ARG E 304 -45.80 35.69 -14.51
CA ARG E 304 -44.44 35.80 -15.01
C ARG E 304 -43.63 34.60 -14.53
N LEU E 305 -42.32 34.62 -14.79
CA LEU E 305 -41.41 33.53 -14.47
C LEU E 305 -40.04 34.13 -14.19
N LEU E 306 -39.25 33.43 -13.36
CA LEU E 306 -37.90 33.90 -13.05
C LEU E 306 -37.03 32.73 -12.64
N GLU E 307 -35.71 32.95 -12.73
CA GLU E 307 -34.70 31.95 -12.40
C GLU E 307 -33.53 32.61 -11.68
N ILE E 308 -32.54 31.78 -11.36
CA ILE E 308 -31.31 32.25 -10.71
C ILE E 308 -30.67 33.36 -11.54
N ALA E 309 -30.94 33.38 -12.85
CA ALA E 309 -30.43 34.42 -13.73
C ALA E 309 -30.89 35.82 -13.33
N GLN E 310 -32.00 35.92 -12.61
CA GLN E 310 -32.48 37.23 -12.16
C GLN E 310 -32.92 37.30 -10.72
N VAL E 311 -32.99 36.19 -9.99
CA VAL E 311 -33.35 36.27 -8.57
C VAL E 311 -32.19 36.87 -7.78
N PRO E 312 -32.44 37.83 -6.90
CA PRO E 312 -31.33 38.45 -6.15
C PRO E 312 -30.61 37.47 -5.24
N LYS E 313 -29.28 37.53 -5.28
CA LYS E 313 -28.43 36.65 -4.48
C LYS E 313 -28.76 36.69 -2.99
N GLU E 314 -29.19 37.84 -2.49
CA GLU E 314 -29.56 37.96 -1.08
C GLU E 314 -30.84 37.21 -0.73
N HIS E 315 -31.59 36.73 -1.72
CA HIS E 315 -32.84 36.04 -1.47
C HIS E 315 -32.89 34.65 -2.07
N VAL E 316 -31.84 34.21 -2.77
CA VAL E 316 -31.83 32.87 -3.35
C VAL E 316 -32.14 31.82 -2.29
N ASN E 317 -31.56 31.97 -1.09
CA ASN E 317 -31.85 31.03 -0.02
C ASN E 317 -33.33 31.05 0.33
N GLU E 318 -33.92 32.24 0.37
CA GLU E 318 -35.35 32.35 0.61
C GLU E 318 -36.14 31.72 -0.54
N PHE E 319 -35.70 32.01 -1.77
CA PHE E 319 -36.34 31.46 -2.96
C PHE E 319 -36.25 29.93 -3.00
N LYS E 320 -35.16 29.37 -2.47
CA LYS E 320 -35.02 27.92 -2.42
C LYS E 320 -35.94 27.25 -1.41
N SER E 321 -36.60 28.00 -0.54
CA SER E 321 -37.50 27.38 0.42
C SER E 321 -38.62 26.66 -0.32
N ILE E 322 -39.09 25.56 0.29
CA ILE E 322 -40.17 24.76 -0.29
C ILE E 322 -41.46 25.57 -0.35
N LYS E 323 -41.62 26.52 0.55
CA LYS E 323 -42.81 27.38 0.55
C LYS E 323 -42.68 28.50 -0.47
N LYS E 324 -43.82 29.10 -0.79
CA LYS E 324 -43.96 30.21 -1.74
C LYS E 324 -43.68 29.81 -3.19
N PHE E 325 -42.67 29.00 -3.45
CA PHE E 325 -42.30 28.62 -4.81
C PHE E 325 -42.41 27.10 -4.96
N LYS E 326 -43.65 26.62 -5.07
CA LYS E 326 -43.91 25.19 -5.13
C LYS E 326 -44.11 24.63 -6.54
N TYR E 327 -44.00 25.45 -7.59
CA TYR E 327 -44.15 24.93 -8.95
C TYR E 327 -42.94 25.30 -9.79
N PHE E 328 -42.64 24.47 -10.79
CA PHE E 328 -41.56 24.76 -11.73
C PHE E 328 -42.00 24.47 -13.16
N ASN E 329 -41.32 25.14 -14.09
CA ASN E 329 -41.65 25.09 -15.52
C ASN E 329 -41.21 23.78 -16.17
N THR E 330 -42.18 23.01 -16.68
CA THR E 330 -41.92 21.76 -17.40
C THR E 330 -41.56 21.97 -18.86
N ASN E 331 -41.82 23.16 -19.41
CA ASN E 331 -41.65 23.54 -20.80
C ASN E 331 -42.69 22.95 -21.75
N ASN E 332 -43.58 22.08 -21.28
CA ASN E 332 -44.67 21.61 -22.14
C ASN E 332 -45.69 22.74 -22.23
N ILE E 333 -45.88 23.29 -23.43
CA ILE E 333 -46.75 24.45 -23.59
C ILE E 333 -47.75 24.25 -24.71
N TRP E 334 -48.96 24.74 -24.50
CA TRP E 334 -50.07 24.71 -25.45
C TRP E 334 -50.39 26.14 -25.86
N MET E 335 -50.52 26.40 -27.17
CA MET E 335 -50.72 27.76 -27.62
C MET E 335 -51.69 27.82 -28.81
N ASN E 336 -52.24 29.01 -29.03
CA ASN E 336 -53.13 29.29 -30.15
C ASN E 336 -52.30 29.85 -31.30
N LEU E 337 -52.46 29.24 -32.48
CA LEU E 337 -51.69 29.68 -33.65
C LEU E 337 -52.03 31.10 -34.06
N ARG E 338 -53.31 31.48 -34.03
CA ARG E 338 -53.66 32.85 -34.37
C ARG E 338 -53.16 33.82 -33.32
N ALA E 339 -53.10 33.39 -32.06
CA ALA E 339 -52.50 34.23 -31.02
C ALA E 339 -51.03 34.46 -31.34
N ILE E 340 -50.31 33.40 -31.72
CA ILE E 340 -48.93 33.54 -32.12
C ILE E 340 -48.84 34.52 -33.29
N LYS E 341 -49.73 34.38 -34.26
CA LYS E 341 -49.73 35.28 -35.40
C LYS E 341 -49.93 36.72 -34.95
N ARG E 342 -50.93 36.95 -34.09
CA ARG E 342 -51.21 38.31 -33.62
C ARG E 342 -50.02 38.91 -32.87
N VAL E 343 -49.38 38.16 -31.96
CA VAL E 343 -48.25 38.74 -31.23
C VAL E 343 -47.12 39.10 -32.19
N VAL E 344 -47.00 38.39 -33.31
CA VAL E 344 -45.98 38.74 -34.28
C VAL E 344 -46.43 39.95 -35.09
N GLU E 345 -47.68 39.92 -35.54
CA GLU E 345 -48.23 41.06 -36.28
C GLU E 345 -48.24 42.32 -35.41
N GLU E 346 -48.56 42.16 -34.13
CA GLU E 346 -48.59 43.29 -33.20
C GLU E 346 -47.19 43.63 -32.68
N ASN E 347 -46.20 42.77 -32.90
CA ASN E 347 -44.83 42.97 -32.42
C ASN E 347 -44.77 43.24 -30.91
N GLU E 348 -45.78 42.79 -30.17
CA GLU E 348 -45.82 42.98 -28.73
C GLU E 348 -44.85 42.06 -28.01
N LEU E 349 -44.37 41.04 -28.71
CA LEU E 349 -43.41 40.05 -28.20
C LEU E 349 -42.07 40.69 -27.88
N GLU E 350 -41.81 40.90 -26.60
CA GLU E 350 -40.55 41.44 -26.10
C GLU E 350 -40.08 40.45 -25.04
N MET E 351 -38.86 39.96 -25.18
CA MET E 351 -38.40 38.84 -24.37
C MET E 351 -37.22 39.18 -23.47
N GLU E 352 -37.16 38.45 -22.37
CA GLU E 352 -36.09 38.55 -21.38
C GLU E 352 -34.79 38.04 -22.01
N ILE E 353 -33.85 38.95 -22.27
CA ILE E 353 -32.60 38.56 -22.90
C ILE E 353 -31.72 37.81 -21.91
N ILE E 354 -31.12 36.71 -22.41
CA ILE E 354 -30.20 35.87 -21.64
C ILE E 354 -28.83 36.00 -22.28
N ALA E 355 -27.82 36.37 -21.48
CA ALA E 355 -26.47 36.59 -22.00
C ALA E 355 -25.58 35.38 -21.70
N ASN E 356 -25.01 34.81 -22.76
CA ASN E 356 -24.11 33.67 -22.70
C ASN E 356 -22.80 34.03 -23.38
N GLU E 357 -21.70 33.51 -22.84
CA GLU E 357 -20.37 33.80 -23.38
C GLU E 357 -19.65 32.54 -23.81
N LYS E 358 -18.81 32.70 -24.83
CA LYS E 358 -17.97 31.64 -25.36
C LYS E 358 -16.63 32.25 -25.77
N SER E 359 -15.66 31.39 -26.05
CA SER E 359 -14.33 31.83 -26.45
C SER E 359 -13.93 31.13 -27.74
N ILE E 360 -13.94 31.87 -28.85
CA ILE E 360 -13.58 31.32 -30.15
C ILE E 360 -12.07 31.12 -30.21
N PRO E 361 -11.57 29.90 -30.47
CA PRO E 361 -10.15 29.59 -30.55
C PRO E 361 -9.41 30.44 -31.57
N ALA E 371 -13.35 36.30 -27.18
CA ALA E 371 -14.56 36.20 -26.36
C ALA E 371 -15.75 36.81 -27.10
N ILE E 372 -16.93 36.20 -26.94
CA ILE E 372 -18.15 36.63 -27.60
C ILE E 372 -19.33 36.54 -26.64
N TYR E 373 -20.40 37.25 -26.99
CA TYR E 373 -21.67 37.27 -26.26
C TYR E 373 -22.77 36.66 -27.10
N GLN E 374 -23.68 35.93 -26.44
CA GLN E 374 -24.83 35.32 -27.10
C GLN E 374 -26.10 35.68 -26.33
N LEU E 375 -27.16 35.99 -27.07
CA LEU E 375 -28.44 36.37 -26.52
C LEU E 375 -29.45 35.25 -26.73
N GLU E 376 -30.11 34.84 -25.64
CA GLU E 376 -31.09 33.75 -25.68
C GLU E 376 -32.32 34.14 -24.87
N THR E 377 -33.37 33.33 -25.03
CA THR E 377 -34.67 33.54 -24.42
C THR E 377 -35.26 32.19 -24.04
N ALA E 378 -36.23 32.20 -23.14
CA ALA E 378 -36.87 30.98 -22.68
C ALA E 378 -38.27 30.82 -23.25
N VAL E 379 -38.68 29.57 -23.42
CA VAL E 379 -40.00 29.22 -23.95
C VAL E 379 -41.12 29.61 -23.01
N GLY E 380 -40.86 29.68 -21.70
CA GLY E 380 -41.89 30.07 -20.75
C GLY E 380 -42.10 31.56 -20.57
N ALA E 381 -41.03 32.36 -20.68
CA ALA E 381 -41.10 33.81 -20.50
C ALA E 381 -42.18 34.49 -21.35
N ALA E 382 -42.55 33.93 -22.49
CA ALA E 382 -43.54 34.57 -23.34
C ALA E 382 -44.93 34.67 -22.69
N ILE E 383 -45.17 33.91 -21.63
CA ILE E 383 -46.44 33.86 -20.90
C ILE E 383 -47.06 35.24 -20.62
N ARG E 384 -46.22 36.26 -20.37
CA ARG E 384 -46.71 37.59 -20.03
C ARG E 384 -47.56 38.25 -21.13
N HIS E 385 -47.26 38.01 -22.39
CA HIS E 385 -47.98 38.65 -23.50
C HIS E 385 -49.27 37.94 -23.90
N PHE E 386 -49.93 37.21 -23.01
CA PHE E 386 -51.08 36.43 -23.46
C PHE E 386 -52.29 36.56 -22.54
N LYS E 387 -53.45 36.71 -23.17
CA LYS E 387 -54.72 36.78 -22.47
C LYS E 387 -55.16 35.42 -21.94
N ASN E 388 -55.77 35.43 -20.77
CA ASN E 388 -56.24 34.23 -20.07
C ASN E 388 -55.14 33.21 -19.83
N ALA E 389 -53.89 33.63 -19.95
CA ALA E 389 -52.76 32.73 -19.73
C ALA E 389 -52.77 32.19 -18.30
N HIS E 390 -52.85 30.86 -18.18
CA HIS E 390 -52.84 30.23 -16.87
C HIS E 390 -52.25 28.84 -17.02
N GLY E 391 -51.80 28.30 -15.90
CA GLY E 391 -51.16 27.00 -15.93
C GLY E 391 -51.92 25.82 -15.35
N VAL E 392 -51.46 24.63 -15.72
CA VAL E 392 -52.02 23.37 -15.24
C VAL E 392 -50.89 22.58 -14.60
N ASN E 393 -51.20 21.90 -13.49
CA ASN E 393 -50.24 21.04 -12.82
C ASN E 393 -50.54 19.60 -13.20
N VAL E 394 -49.56 18.88 -13.73
CA VAL E 394 -49.77 17.54 -14.25
C VAL E 394 -48.96 16.56 -13.41
N PRO E 395 -49.36 15.28 -13.39
CA PRO E 395 -48.59 14.27 -12.67
C PRO E 395 -47.20 14.11 -13.28
N ARG E 396 -46.24 13.71 -12.44
CA ARG E 396 -44.85 13.65 -12.87
C ARG E 396 -44.60 12.67 -14.00
N ARG E 397 -45.54 11.78 -14.31
CA ARG E 397 -45.35 10.87 -15.44
C ARG E 397 -45.13 11.61 -16.75
N ARG E 398 -45.32 12.93 -16.78
CA ARG E 398 -45.10 13.77 -17.95
C ARG E 398 -43.73 14.42 -18.03
N PHE E 399 -42.88 14.28 -17.01
CA PHE E 399 -41.54 14.88 -17.04
C PHE E 399 -40.47 13.86 -16.70
N LEU E 400 -39.76 13.41 -17.73
CA LEU E 400 -38.66 12.45 -17.59
C LEU E 400 -37.63 12.81 -18.64
N PRO E 401 -36.75 13.75 -18.33
CA PRO E 401 -35.76 14.20 -19.31
C PRO E 401 -34.60 13.24 -19.43
N VAL E 402 -33.88 13.35 -20.54
CA VAL E 402 -32.70 12.54 -20.78
C VAL E 402 -31.55 13.53 -21.03
N LYS E 403 -30.95 13.98 -19.94
CA LYS E 403 -29.86 14.93 -19.94
C LYS E 403 -28.52 14.29 -19.62
N THR E 404 -28.51 13.23 -18.83
CA THR E 404 -27.26 12.64 -18.36
C THR E 404 -27.39 11.13 -18.21
N CYS E 405 -26.23 10.50 -18.03
CA CYS E 405 -26.10 9.06 -17.86
C CYS E 405 -27.11 8.48 -16.88
N SER E 406 -27.39 9.18 -15.78
CA SER E 406 -28.34 8.67 -14.80
C SER E 406 -29.74 8.49 -15.37
N ASP E 407 -30.08 9.15 -16.47
CA ASP E 407 -31.39 8.97 -17.07
C ASP E 407 -31.44 7.75 -18.00
N LEU E 408 -30.42 7.59 -18.85
CA LEU E 408 -30.38 6.51 -19.82
C LEU E 408 -30.44 5.13 -19.17
N LEU E 409 -29.93 4.98 -17.96
CA LEU E 409 -30.00 3.67 -17.31
C LEU E 409 -31.43 3.34 -16.91
N LEU E 410 -32.13 4.31 -16.32
CA LEU E 410 -33.51 4.09 -15.89
C LEU E 410 -34.43 3.71 -17.05
N VAL E 411 -34.28 4.37 -18.21
CA VAL E 411 -35.16 4.09 -19.35
C VAL E 411 -34.86 2.77 -20.05
N LYS E 412 -33.63 2.30 -20.04
CA LYS E 412 -33.35 1.04 -20.72
C LYS E 412 -33.64 -0.19 -19.87
N SER E 413 -33.84 -0.03 -18.57
CA SER E 413 -34.06 -1.15 -17.67
C SER E 413 -35.41 -1.81 -17.92
N ASP E 414 -35.67 -2.87 -17.16
CA ASP E 414 -36.92 -3.62 -17.16
C ASP E 414 -38.05 -2.89 -16.49
N LEU E 415 -37.81 -1.68 -15.97
CA LEU E 415 -38.86 -0.92 -15.30
C LEU E 415 -39.84 -0.28 -16.26
N TYR E 416 -39.50 -0.20 -17.54
CA TYR E 416 -40.38 0.43 -18.52
C TYR E 416 -40.62 -0.50 -19.70
N ARG E 417 -41.84 -0.41 -20.23
CA ARG E 417 -42.25 -1.16 -21.41
C ARG E 417 -42.86 -0.18 -22.39
N LEU E 418 -42.61 -0.41 -23.68
CA LEU E 418 -43.10 0.46 -24.72
C LEU E 418 -44.30 -0.16 -25.42
N GLU E 419 -45.43 0.56 -25.43
CA GLU E 419 -46.65 0.11 -26.08
C GLU E 419 -47.05 1.14 -27.12
N HIS E 420 -47.04 0.73 -28.39
CA HIS E 420 -47.35 1.60 -29.53
C HIS E 420 -46.56 2.91 -29.49
N GLY E 421 -45.45 2.95 -28.75
CA GLY E 421 -44.64 4.14 -28.62
C GLY E 421 -44.86 5.00 -27.39
N GLN E 422 -45.63 4.53 -26.41
CA GLN E 422 -45.84 5.28 -25.18
C GLN E 422 -45.27 4.50 -24.01
N LEU E 423 -44.53 5.18 -23.13
CA LEU E 423 -43.93 4.57 -21.95
C LEU E 423 -44.84 4.79 -20.74
N VAL E 424 -45.22 3.70 -20.09
CA VAL E 424 -45.98 3.75 -18.85
C VAL E 424 -45.31 2.82 -17.87
N MET E 425 -45.03 3.31 -16.66
CA MET E 425 -44.38 2.49 -15.67
C MET E 425 -45.31 1.37 -15.20
N ASP E 426 -44.71 0.23 -14.87
CA ASP E 426 -45.39 -0.94 -14.36
C ASP E 426 -46.25 -0.55 -13.15
N PRO E 427 -47.56 -0.81 -13.18
CA PRO E 427 -48.41 -0.44 -12.04
C PRO E 427 -48.01 -1.11 -10.74
N ASN E 428 -47.17 -2.13 -10.77
CA ASN E 428 -46.72 -2.80 -9.56
C ASN E 428 -45.67 -2.02 -8.78
N ARG E 429 -45.00 -1.07 -9.41
CA ARG E 429 -43.98 -0.28 -8.72
C ARG E 429 -44.60 0.65 -7.69
N PHE E 430 -44.20 0.48 -6.43
CA PHE E 430 -44.62 1.34 -5.34
C PHE E 430 -43.68 2.55 -5.24
N GLY E 431 -44.21 3.66 -4.77
CA GLY E 431 -43.44 4.88 -4.64
C GLY E 431 -42.99 5.44 -5.98
N GLY E 432 -42.18 6.49 -5.90
CA GLY E 432 -41.65 7.12 -7.08
C GLY E 432 -40.52 6.34 -7.71
N VAL E 433 -39.92 6.95 -8.72
CA VAL E 433 -38.80 6.30 -9.42
C VAL E 433 -37.59 6.21 -8.50
N PRO E 434 -36.86 5.09 -8.51
CA PRO E 434 -35.65 4.98 -7.68
C PRO E 434 -34.60 5.98 -8.13
N VAL E 435 -33.80 6.46 -7.19
CA VAL E 435 -32.76 7.43 -7.49
C VAL E 435 -31.48 6.70 -7.88
N ILE E 436 -30.92 7.08 -9.03
CA ILE E 436 -29.69 6.53 -9.58
C ILE E 436 -28.72 7.69 -9.84
N LYS E 437 -27.52 7.59 -9.29
CA LYS E 437 -26.52 8.66 -9.44
C LYS E 437 -25.15 8.04 -9.68
N LEU E 438 -24.76 7.90 -10.95
CA LEU E 438 -23.49 7.30 -11.32
C LEU E 438 -22.34 8.28 -11.20
N GLY E 439 -21.15 7.75 -10.95
CA GLY E 439 -19.98 8.58 -10.76
C GLY E 439 -19.46 9.21 -12.04
N SER E 440 -18.48 10.08 -11.84
CA SER E 440 -17.87 10.88 -12.90
C SER E 440 -17.25 10.06 -14.02
N ASP E 441 -17.04 8.76 -13.83
CA ASP E 441 -16.45 7.94 -14.88
C ASP E 441 -17.40 7.60 -16.03
N PHE E 442 -18.71 7.73 -15.84
CA PHE E 442 -19.69 7.33 -16.85
C PHE E 442 -20.25 8.49 -17.66
N LYS E 443 -19.51 9.60 -17.74
CA LYS E 443 -19.99 10.79 -18.44
C LYS E 443 -20.32 10.52 -19.91
N LYS E 444 -19.38 9.99 -20.68
CA LYS E 444 -19.60 9.77 -22.10
C LYS E 444 -20.48 8.55 -22.38
N VAL E 445 -21.44 8.72 -23.28
CA VAL E 445 -22.39 7.67 -23.66
C VAL E 445 -21.73 6.49 -24.36
N SER E 446 -20.57 6.69 -24.99
CA SER E 446 -19.89 5.57 -25.62
C SER E 446 -19.35 4.59 -24.60
N ASP E 447 -18.63 5.10 -23.60
CA ASP E 447 -18.07 4.26 -22.54
C ASP E 447 -19.15 3.50 -21.79
N PHE E 448 -20.35 4.08 -21.66
CA PHE E 448 -21.44 3.44 -20.94
C PHE E 448 -21.68 2.00 -21.41
N GLN E 449 -21.49 1.74 -22.70
CA GLN E 449 -21.74 0.39 -23.19
C GLN E 449 -20.66 -0.59 -22.76
N LYS E 450 -19.46 -0.10 -22.46
CA LYS E 450 -18.35 -0.96 -22.05
C LYS E 450 -18.53 -1.51 -20.63
N ARG E 451 -18.89 -0.65 -19.68
CA ARG E 451 -19.02 -1.07 -18.30
C ARG E 451 -20.35 -1.74 -17.97
N ILE E 452 -21.41 -1.47 -18.72
CA ILE E 452 -22.70 -2.10 -18.43
C ILE E 452 -23.24 -2.79 -19.68
N PRO E 453 -22.69 -3.92 -20.07
CA PRO E 453 -23.17 -4.62 -21.27
C PRO E 453 -24.63 -5.03 -21.20
N SER E 454 -25.15 -5.31 -20.01
CA SER E 454 -26.56 -5.63 -19.84
C SER E 454 -27.08 -4.86 -18.64
N ILE E 455 -28.24 -4.23 -18.81
CA ILE E 455 -28.82 -3.41 -17.75
C ILE E 455 -29.19 -4.27 -16.56
N PRO E 456 -28.88 -3.87 -15.34
CA PRO E 456 -29.26 -4.66 -14.17
C PRO E 456 -30.75 -4.57 -13.90
N ARG E 457 -31.28 -5.60 -13.26
CA ARG E 457 -32.69 -5.61 -12.89
C ARG E 457 -32.87 -4.56 -11.80
N ILE E 458 -33.75 -3.58 -12.01
CA ILE E 458 -33.90 -2.52 -11.02
C ILE E 458 -35.25 -2.54 -10.32
N VAL E 459 -36.07 -3.57 -10.54
CA VAL E 459 -37.30 -3.65 -9.75
C VAL E 459 -36.92 -3.86 -8.30
N GLU E 460 -37.70 -3.28 -7.39
CA GLU E 460 -37.48 -3.38 -5.95
C GLU E 460 -36.20 -2.70 -5.48
N LEU E 461 -35.55 -1.90 -6.32
CA LEU E 461 -34.38 -1.13 -5.91
C LEU E 461 -34.86 0.18 -5.31
N ASP E 462 -34.20 0.62 -4.26
CA ASP E 462 -34.56 1.87 -3.59
C ASP E 462 -33.61 3.03 -3.84
N HIS E 463 -32.31 2.79 -3.80
CA HIS E 463 -31.34 3.87 -3.99
C HIS E 463 -30.04 3.21 -4.42
N LEU E 464 -29.37 3.80 -5.40
CA LEU E 464 -28.13 3.25 -5.93
C LEU E 464 -27.09 4.33 -6.15
N THR E 465 -25.89 4.10 -5.65
CA THR E 465 -24.77 5.01 -5.81
C THR E 465 -23.57 4.23 -6.31
N ILE E 466 -22.89 4.75 -7.32
CA ILE E 466 -21.72 4.10 -7.90
C ILE E 466 -20.63 5.13 -8.06
N THR E 467 -19.46 4.85 -7.53
CA THR E 467 -18.30 5.73 -7.63
C THR E 467 -17.09 4.90 -7.99
N GLY E 468 -16.26 5.44 -8.87
CA GLY E 468 -15.08 4.72 -9.34
C GLY E 468 -15.38 3.70 -10.42
N ALA E 469 -14.37 2.89 -10.72
CA ALA E 469 -14.44 1.88 -11.79
C ALA E 469 -15.26 0.69 -11.32
N VAL E 470 -16.49 0.58 -11.81
CA VAL E 470 -17.37 -0.54 -11.49
C VAL E 470 -17.87 -1.17 -12.77
N ASN E 471 -17.68 -2.48 -12.91
CA ASN E 471 -18.20 -3.23 -14.05
C ASN E 471 -19.26 -4.18 -13.57
N LEU E 472 -20.44 -4.10 -14.18
CA LEU E 472 -21.59 -4.91 -13.79
C LEU E 472 -21.76 -6.03 -14.79
N GLY E 473 -21.66 -7.27 -14.32
CA GLY E 473 -21.84 -8.41 -15.19
C GLY E 473 -23.31 -8.58 -15.55
N ARG E 474 -23.57 -9.61 -16.35
CA ARG E 474 -24.93 -9.88 -16.75
C ARG E 474 -25.77 -10.44 -15.60
N ASN E 475 -27.08 -10.26 -15.72
CA ASN E 475 -28.08 -10.76 -14.77
C ASN E 475 -27.83 -10.30 -13.33
N VAL E 476 -27.42 -9.06 -13.15
CA VAL E 476 -27.21 -8.53 -11.79
C VAL E 476 -28.55 -8.02 -11.25
N THR E 477 -28.86 -8.39 -10.01
CA THR E 477 -30.11 -7.99 -9.37
C THR E 477 -29.80 -7.16 -8.12
N LEU E 478 -30.41 -5.98 -8.03
CA LEU E 478 -30.22 -5.06 -6.92
C LEU E 478 -31.52 -4.86 -6.17
N LYS E 479 -31.48 -5.04 -4.85
CA LYS E 479 -32.66 -4.89 -4.01
C LYS E 479 -32.36 -3.97 -2.84
N GLY E 480 -33.31 -3.10 -2.54
CA GLY E 480 -33.15 -2.14 -1.45
C GLY E 480 -32.17 -1.04 -1.82
N THR E 481 -31.23 -0.77 -0.92
CA THR E 481 -30.19 0.23 -1.14
C THR E 481 -28.86 -0.47 -1.40
N VAL E 482 -28.13 0.00 -2.41
CA VAL E 482 -26.84 -0.57 -2.76
C VAL E 482 -25.85 0.57 -2.95
N ILE E 483 -24.75 0.53 -2.22
CA ILE E 483 -23.71 1.55 -2.29
C ILE E 483 -22.41 0.88 -2.69
N ILE E 484 -21.86 1.28 -3.83
CA ILE E 484 -20.61 0.73 -4.35
C ILE E 484 -19.57 1.85 -4.39
N VAL E 485 -18.45 1.65 -3.69
CA VAL E 485 -17.41 2.66 -3.60
C VAL E 485 -16.10 1.99 -3.96
N ALA E 486 -15.65 2.19 -5.20
CA ALA E 486 -14.41 1.58 -5.64
C ALA E 486 -13.19 2.29 -5.06
N THR E 487 -12.15 1.51 -4.80
CA THR E 487 -10.89 2.07 -4.32
C THR E 487 -10.28 2.94 -5.40
N GLU E 488 -9.70 4.07 -4.99
CA GLU E 488 -9.10 5.01 -5.94
C GLU E 488 -8.09 4.32 -6.86
N GLY E 489 -8.41 4.29 -8.15
CA GLY E 489 -7.57 3.68 -9.15
C GLY E 489 -7.77 2.21 -9.42
N SER E 490 -8.52 1.50 -8.57
CA SER E 490 -8.77 0.08 -8.76
C SER E 490 -10.16 -0.14 -9.33
N THR E 491 -10.42 -1.36 -9.77
CA THR E 491 -11.69 -1.68 -10.40
C THR E 491 -12.40 -2.77 -9.60
N ILE E 492 -13.72 -2.74 -9.63
CA ILE E 492 -14.57 -3.74 -8.98
C ILE E 492 -15.39 -4.40 -10.08
N ASP E 493 -15.14 -5.69 -10.33
CA ASP E 493 -15.91 -6.47 -11.31
C ASP E 493 -16.95 -7.29 -10.57
N ILE E 494 -18.19 -6.79 -10.54
CA ILE E 494 -19.28 -7.50 -9.87
C ILE E 494 -19.51 -8.79 -10.63
N PRO E 495 -19.44 -9.95 -9.97
CA PRO E 495 -19.61 -11.20 -10.69
C PRO E 495 -21.02 -11.36 -11.22
N PRO E 496 -21.19 -12.02 -12.35
CA PRO E 496 -22.53 -12.27 -12.90
C PRO E 496 -23.44 -12.97 -11.90
N GLY E 497 -24.74 -12.71 -12.03
CA GLY E 497 -25.72 -13.33 -11.16
C GLY E 497 -25.80 -12.78 -9.75
N SER E 498 -24.92 -11.84 -9.39
CA SER E 498 -24.91 -11.27 -8.07
C SER E 498 -26.28 -10.72 -7.67
N VAL E 499 -26.67 -11.02 -6.44
CA VAL E 499 -27.90 -10.51 -5.83
C VAL E 499 -27.47 -9.72 -4.61
N LEU E 500 -27.74 -8.42 -4.62
CA LEU E 500 -27.36 -7.55 -3.51
C LEU E 500 -28.59 -7.01 -2.80
N GLU E 501 -28.59 -7.12 -1.48
CA GLU E 501 -29.67 -6.60 -0.65
C GLU E 501 -29.09 -5.76 0.46
N ASN E 502 -29.64 -4.55 0.64
CA ASN E 502 -29.24 -3.56 1.64
C ASN E 502 -27.79 -3.67 2.13
N CYS E 503 -26.82 -3.30 1.30
CA CYS E 503 -25.44 -3.45 1.77
C CYS E 503 -24.49 -2.50 1.06
N VAL E 504 -23.35 -2.29 1.71
CA VAL E 504 -22.25 -1.47 1.23
C VAL E 504 -21.19 -2.38 0.63
N VAL E 505 -20.66 -2.00 -0.52
CA VAL E 505 -19.62 -2.78 -1.20
C VAL E 505 -18.43 -1.88 -1.47
N GLN E 506 -17.25 -2.33 -1.05
CA GLN E 506 -16.02 -1.56 -1.20
C GLN E 506 -14.86 -2.51 -1.42
N GLY E 507 -13.88 -2.07 -2.23
CA GLY E 507 -12.71 -2.89 -2.49
C GLY E 507 -12.19 -2.95 -3.92
N SER E 508 -11.67 -4.11 -4.31
CA SER E 508 -11.17 -4.35 -5.67
C SER E 508 -11.26 -5.83 -5.99
N LEU E 509 -11.77 -6.16 -7.18
CA LEU E 509 -11.95 -7.55 -7.56
C LEU E 509 -11.79 -7.68 -9.07
N ARG E 510 -10.82 -8.48 -9.50
CA ARG E 510 -10.51 -8.69 -10.91
C ARG E 510 -11.02 -10.05 -11.37
N ILE E 511 -11.66 -10.08 -12.54
CA ILE E 511 -12.14 -11.31 -13.14
C ILE E 511 -11.52 -11.41 -14.53
N LEU E 512 -10.61 -12.35 -14.69
CA LEU E 512 -9.93 -12.56 -15.96
C LEU E 512 -10.26 -13.96 -16.44
N GLU E 513 -10.42 -14.11 -17.75
CA GLU E 513 -10.73 -15.42 -18.29
C GLU E 513 -9.56 -16.37 -18.06
N HIS E 514 -9.86 -17.60 -17.67
CA HIS E 514 -8.85 -18.60 -17.36
C HIS E 514 -7.83 -18.75 -18.48
N ALA F 32 -40.12 -6.21 -52.36
CA ALA F 32 -39.76 -5.48 -53.56
C ALA F 32 -38.32 -4.98 -53.49
N SER F 33 -37.93 -4.50 -52.30
CA SER F 33 -36.59 -3.95 -52.11
C SER F 33 -35.50 -4.95 -52.48
N THR F 34 -35.76 -6.25 -52.29
CA THR F 34 -34.79 -7.26 -52.67
C THR F 34 -34.49 -7.22 -54.16
N SER F 35 -35.51 -7.10 -55.00
CA SER F 35 -35.30 -7.02 -56.44
C SER F 35 -34.57 -5.74 -56.83
N VAL F 36 -34.92 -4.62 -56.19
CA VAL F 36 -34.23 -3.36 -56.45
C VAL F 36 -32.75 -3.47 -56.08
N ALA F 37 -32.46 -3.98 -54.89
CA ALA F 37 -31.08 -4.16 -54.46
C ALA F 37 -30.33 -5.11 -55.39
N ALA F 38 -30.97 -6.23 -55.76
CA ALA F 38 -30.34 -7.17 -56.69
C ALA F 38 -30.08 -6.52 -58.05
N SER F 39 -31.01 -5.68 -58.50
CA SER F 39 -30.82 -4.99 -59.78
C SER F 39 -29.66 -3.99 -59.69
N GLN F 40 -29.64 -3.19 -58.62
CA GLN F 40 -28.55 -2.24 -58.43
C GLN F 40 -27.22 -2.97 -58.28
N MET F 41 -27.22 -4.08 -57.54
CA MET F 41 -26.00 -4.86 -57.37
C MET F 41 -25.49 -5.38 -58.72
N ARG F 42 -26.39 -5.97 -59.50
CA ARG F 42 -26.04 -6.47 -60.83
C ARG F 42 -25.38 -5.38 -61.67
N ASN F 43 -25.99 -4.20 -61.72
CA ASN F 43 -25.44 -3.11 -62.52
C ASN F 43 -24.06 -2.69 -62.02
N ALA F 44 -23.88 -2.62 -60.71
CA ALA F 44 -22.59 -2.25 -60.14
C ALA F 44 -21.54 -3.32 -60.39
N LEU F 45 -21.89 -4.59 -60.15
CA LEU F 45 -20.96 -5.68 -60.40
C LEU F 45 -20.57 -5.75 -61.88
N ASN F 46 -21.53 -5.59 -62.77
CA ASN F 46 -21.25 -5.65 -64.20
C ASN F 46 -20.42 -4.45 -64.65
N ALA F 47 -20.68 -3.27 -64.09
CA ALA F 47 -19.91 -2.10 -64.47
C ALA F 47 -18.43 -2.27 -64.15
N LEU F 48 -18.13 -2.85 -62.98
CA LEU F 48 -16.74 -3.13 -62.64
C LEU F 48 -16.14 -4.14 -63.62
N ALA F 49 -16.90 -5.20 -63.91
CA ALA F 49 -16.45 -6.21 -64.87
C ALA F 49 -16.28 -5.63 -66.26
N GLU F 50 -17.03 -4.56 -66.60
CA GLU F 50 -16.84 -3.94 -67.91
C GLU F 50 -15.55 -3.15 -67.96
N THR F 51 -15.21 -2.42 -66.90
CA THR F 51 -13.97 -1.66 -66.86
C THR F 51 -12.84 -2.59 -66.43
N VAL F 52 -12.14 -3.15 -67.42
CA VAL F 52 -11.05 -4.11 -67.19
C VAL F 52 -10.08 -4.00 -68.35
N PRO F 53 -8.77 -4.07 -68.10
CA PRO F 53 -7.79 -3.94 -69.19
C PRO F 53 -7.59 -5.19 -70.05
N ASP F 54 -7.63 -6.38 -69.48
CA ASP F 54 -7.30 -7.53 -70.32
C ASP F 54 -8.43 -8.55 -70.44
N PRO F 55 -8.52 -9.21 -71.60
CA PRO F 55 -9.57 -10.22 -71.81
C PRO F 55 -9.49 -11.42 -70.87
N ASN F 56 -8.28 -11.96 -70.64
CA ASN F 56 -8.14 -13.10 -69.73
C ASN F 56 -8.68 -12.75 -68.36
N GLU F 57 -8.35 -11.57 -67.85
CA GLU F 57 -8.90 -11.14 -66.57
C GLU F 57 -10.41 -11.02 -66.67
N ARG F 58 -10.89 -10.42 -67.75
CA ARG F 58 -12.33 -10.29 -67.98
C ARG F 58 -13.02 -11.65 -67.91
N LYS F 59 -12.44 -12.66 -68.56
CA LYS F 59 -13.03 -13.99 -68.50
C LYS F 59 -13.10 -14.48 -67.06
N ARG F 60 -11.97 -14.44 -66.36
CA ARG F 60 -11.92 -14.86 -64.96
C ARG F 60 -12.86 -14.00 -64.11
N PHE F 61 -12.72 -12.68 -64.22
CA PHE F 61 -13.57 -11.77 -63.45
C PHE F 61 -15.05 -11.95 -63.75
N GLU F 62 -15.43 -12.18 -65.01
CA GLU F 62 -16.85 -12.33 -65.31
C GLU F 62 -17.44 -13.54 -64.62
N ALA F 63 -16.79 -14.70 -64.73
CA ALA F 63 -17.30 -15.88 -64.04
C ALA F 63 -17.29 -15.67 -62.54
N GLU F 64 -16.17 -15.17 -62.02
CA GLU F 64 -16.03 -14.89 -60.59
C GLU F 64 -17.12 -13.95 -60.09
N MET F 65 -17.27 -12.80 -60.75
CA MET F 65 -18.28 -11.82 -60.33
C MET F 65 -19.70 -12.35 -60.50
N ASP F 66 -19.95 -13.15 -61.53
CA ASP F 66 -21.29 -13.71 -61.72
C ASP F 66 -21.69 -14.65 -60.60
N ASN F 67 -20.73 -15.37 -60.01
CA ASN F 67 -21.04 -16.24 -58.88
C ASN F 67 -21.56 -15.45 -57.68
N PHE F 68 -20.95 -14.30 -57.40
CA PHE F 68 -21.38 -13.49 -56.26
C PHE F 68 -22.79 -12.95 -56.44
N PHE F 69 -23.15 -12.61 -57.67
CA PHE F 69 -24.52 -12.15 -57.95
C PHE F 69 -25.53 -13.21 -57.52
N ALA F 70 -25.26 -14.48 -57.85
CA ALA F 70 -26.14 -15.56 -57.43
C ALA F 70 -26.13 -15.70 -55.92
N LEU F 71 -24.95 -15.65 -55.31
CA LEU F 71 -24.84 -15.72 -53.86
C LEU F 71 -25.61 -14.58 -53.21
N PHE F 72 -25.38 -13.36 -53.68
CA PHE F 72 -26.05 -12.18 -53.13
C PHE F 72 -27.56 -12.31 -53.26
N ARG F 73 -28.04 -12.82 -54.41
CA ARG F 73 -29.47 -13.03 -54.59
C ARG F 73 -30.00 -13.98 -53.53
N ARG F 74 -29.35 -15.12 -53.35
CA ARG F 74 -29.79 -16.07 -52.33
C ARG F 74 -29.75 -15.44 -50.95
N PHE F 75 -28.72 -14.63 -50.67
CA PHE F 75 -28.60 -14.01 -49.35
C PHE F 75 -29.82 -13.16 -49.04
N LEU F 76 -30.20 -12.25 -49.93
CA LEU F 76 -31.38 -11.45 -49.67
C LEU F 76 -32.62 -12.31 -49.57
N ASN F 77 -32.77 -13.26 -50.50
CA ASN F 77 -33.92 -14.17 -50.47
C ASN F 77 -33.93 -14.99 -49.19
N ASP F 78 -32.76 -15.54 -48.82
CA ASP F 78 -32.67 -16.31 -47.59
C ASP F 78 -32.92 -15.44 -46.37
N LYS F 79 -32.54 -14.15 -46.43
CA LYS F 79 -32.82 -13.27 -45.31
C LYS F 79 -34.30 -12.95 -45.22
N ALA F 80 -34.96 -12.73 -46.36
CA ALA F 80 -36.40 -12.49 -46.34
C ALA F 80 -37.13 -13.73 -45.83
N LYS F 81 -36.66 -14.91 -46.24
CA LYS F 81 -37.24 -16.16 -45.77
C LYS F 81 -36.77 -16.52 -44.37
N GLY F 82 -35.64 -15.96 -43.93
CA GLY F 82 -35.10 -16.25 -42.61
C GLY F 82 -34.68 -17.70 -42.46
N ASN F 86 -33.35 -26.38 -37.89
CA ASN F 86 -34.52 -26.85 -37.17
C ASN F 86 -34.13 -27.91 -36.15
N TRP F 87 -34.32 -27.59 -34.87
CA TRP F 87 -33.95 -28.53 -33.81
C TRP F 87 -34.64 -29.87 -34.01
N ASP F 88 -35.85 -29.86 -34.58
CA ASP F 88 -36.53 -31.11 -34.90
C ASP F 88 -35.73 -31.93 -35.91
N ARG F 89 -35.01 -31.25 -36.79
CA ARG F 89 -34.19 -31.88 -37.81
C ARG F 89 -32.79 -32.22 -37.31
N ILE F 90 -32.45 -31.77 -36.10
CA ILE F 90 -31.14 -32.01 -35.50
C ILE F 90 -31.19 -33.38 -34.83
N ALA F 91 -31.22 -34.42 -35.65
CA ALA F 91 -31.25 -35.79 -35.16
C ALA F 91 -29.82 -36.28 -34.92
N PRO F 92 -29.63 -37.10 -33.89
CA PRO F 92 -28.28 -37.56 -33.57
C PRO F 92 -27.71 -38.44 -34.67
N PRO F 93 -26.39 -38.45 -34.84
CA PRO F 93 -25.77 -39.29 -35.85
C PRO F 93 -25.95 -40.77 -35.53
N GLN F 94 -26.41 -41.54 -36.52
CA GLN F 94 -26.62 -42.96 -36.31
C GLN F 94 -25.28 -43.70 -36.32
N PRO F 95 -25.23 -44.86 -35.65
CA PRO F 95 -23.98 -45.65 -35.59
C PRO F 95 -23.35 -45.97 -36.94
N SER F 96 -24.16 -45.97 -37.98
CA SER F 96 -23.70 -46.24 -39.33
C SER F 96 -22.95 -45.08 -39.96
N GLN F 97 -23.00 -43.90 -39.37
CA GLN F 97 -22.39 -42.71 -39.93
C GLN F 97 -20.93 -42.46 -39.53
N VAL F 98 -20.35 -43.24 -38.62
CA VAL F 98 -18.98 -42.98 -38.19
C VAL F 98 -18.17 -44.28 -38.10
N VAL F 99 -17.00 -44.27 -38.74
CA VAL F 99 -16.06 -45.39 -38.80
C VAL F 99 -14.90 -45.09 -37.84
N ASN F 100 -14.44 -46.10 -37.11
CA ASN F 100 -13.35 -45.91 -36.17
C ASN F 100 -11.99 -46.25 -36.78
N TYR F 101 -11.00 -45.40 -36.49
CA TYR F 101 -9.63 -45.57 -36.98
C TYR F 101 -9.04 -46.94 -36.62
N ASP F 102 -9.38 -47.47 -35.45
CA ASP F 102 -8.86 -48.78 -35.05
C ASP F 102 -9.47 -49.91 -35.87
N ASP F 103 -10.62 -49.69 -36.51
CA ASP F 103 -11.25 -50.70 -37.34
C ASP F 103 -10.71 -50.76 -38.76
N ILE F 104 -10.09 -49.68 -39.25
CA ILE F 104 -9.56 -49.67 -40.61
C ILE F 104 -8.41 -50.67 -40.73
N GLY F 105 -8.32 -51.31 -41.90
CA GLY F 105 -7.34 -52.33 -42.19
C GLY F 105 -5.91 -51.84 -42.36
N LYS F 106 -5.11 -52.77 -42.88
CA LYS F 106 -3.69 -52.62 -43.14
C LYS F 106 -3.39 -51.41 -44.03
N GLU F 107 -2.13 -50.96 -43.98
CA GLU F 107 -1.65 -49.84 -44.77
C GLU F 107 -1.85 -50.09 -46.27
N SER F 108 -2.14 -49.02 -47.00
CA SER F 108 -2.30 -49.10 -48.44
C SER F 108 -0.96 -49.28 -49.15
N SER F 109 -0.95 -50.12 -50.19
CA SER F 109 0.27 -50.40 -50.93
C SER F 109 0.79 -49.17 -51.66
N VAL F 110 2.12 -49.02 -51.65
CA VAL F 110 2.87 -47.94 -52.29
C VAL F 110 2.39 -47.61 -53.70
N GLU F 111 2.04 -48.66 -54.46
CA GLU F 111 1.60 -48.48 -55.85
C GLU F 111 0.41 -47.53 -55.97
N PHE F 112 -0.50 -47.56 -55.00
CA PHE F 112 -1.68 -46.70 -55.02
C PHE F 112 -1.41 -45.25 -54.64
N LEU F 113 -0.21 -44.92 -54.18
CA LEU F 113 0.09 -43.55 -53.73
C LEU F 113 0.32 -42.56 -54.86
N ASN F 114 0.70 -43.03 -56.06
CA ASN F 114 0.91 -42.13 -57.19
C ASN F 114 -0.30 -41.26 -57.51
N LYS F 115 -1.50 -41.73 -57.23
CA LYS F 115 -2.71 -40.96 -57.52
C LYS F 115 -3.20 -40.08 -56.37
N LEU F 116 -2.53 -40.06 -55.23
CA LEU F 116 -2.94 -39.17 -54.15
C LEU F 116 -2.43 -37.75 -54.38
N ALA F 117 -3.12 -36.77 -53.80
CA ALA F 117 -2.71 -35.38 -53.89
C ALA F 117 -3.08 -34.61 -52.63
N VAL F 118 -2.20 -33.72 -52.20
CA VAL F 118 -2.37 -32.93 -50.98
C VAL F 118 -2.46 -31.44 -51.35
N VAL F 119 -3.49 -30.78 -50.82
CA VAL F 119 -3.76 -29.37 -51.05
C VAL F 119 -3.88 -28.69 -49.70
N LYS F 120 -3.19 -27.56 -49.54
CA LYS F 120 -3.15 -26.81 -48.29
C LYS F 120 -3.77 -25.42 -48.43
N LEU F 121 -4.50 -25.01 -47.39
CA LEU F 121 -4.99 -23.65 -47.31
C LEU F 121 -3.84 -22.79 -46.84
N ASN F 122 -3.60 -21.67 -47.53
CA ASN F 122 -2.48 -20.80 -47.21
C ASN F 122 -2.92 -19.34 -47.18
N GLY F 123 -4.09 -19.10 -46.59
CA GLY F 123 -4.65 -17.77 -46.51
C GLY F 123 -4.43 -17.01 -45.22
N GLY F 124 -3.81 -17.62 -44.21
CA GLY F 124 -3.63 -16.95 -42.93
C GLY F 124 -2.41 -16.07 -42.83
N LEU F 125 -2.64 -14.83 -42.38
CA LEU F 125 -1.62 -13.84 -42.15
C LEU F 125 -1.14 -13.89 -40.71
N GLY F 126 0.11 -13.50 -40.49
CA GLY F 126 0.61 -13.45 -39.13
C GLY F 126 -0.03 -12.36 -38.28
N THR F 127 -0.85 -11.50 -38.90
CA THR F 127 -1.53 -10.44 -38.17
C THR F 127 -2.42 -11.00 -37.06
N SER F 128 -2.94 -12.21 -37.25
CA SER F 128 -3.72 -12.85 -36.21
C SER F 128 -2.94 -13.02 -34.91
N MET F 129 -1.62 -13.18 -35.01
CA MET F 129 -0.75 -13.32 -33.85
C MET F 129 0.25 -12.18 -33.74
N GLY F 130 -0.04 -11.04 -34.36
CA GLY F 130 0.87 -9.91 -34.30
C GLY F 130 2.23 -10.17 -34.90
N CYS F 131 2.28 -10.95 -35.97
CA CYS F 131 3.52 -11.27 -36.65
C CYS F 131 3.45 -10.73 -38.07
N VAL F 132 4.58 -10.32 -38.61
CA VAL F 132 4.61 -9.83 -39.97
C VAL F 132 4.59 -11.00 -40.94
N GLY F 133 4.03 -10.76 -42.12
CA GLY F 133 3.97 -11.75 -43.17
C GLY F 133 2.94 -12.85 -42.97
N PRO F 134 3.02 -13.85 -43.84
CA PRO F 134 2.08 -14.99 -43.77
C PRO F 134 2.31 -15.86 -42.55
N LYS F 135 1.21 -16.39 -42.00
CA LYS F 135 1.32 -17.27 -40.85
C LYS F 135 2.18 -18.49 -41.16
N SER F 136 2.11 -18.97 -42.40
CA SER F 136 2.89 -20.14 -42.83
C SER F 136 4.39 -19.93 -42.69
N VAL F 137 4.85 -18.68 -42.67
CA VAL F 137 6.27 -18.41 -42.57
C VAL F 137 6.80 -18.34 -41.13
N ILE F 138 5.93 -18.07 -40.16
CA ILE F 138 6.39 -17.95 -38.78
C ILE F 138 7.03 -19.25 -38.32
N GLU F 139 8.09 -19.14 -37.54
CA GLU F 139 8.82 -20.30 -37.06
C GLU F 139 8.09 -20.98 -35.92
N VAL F 140 8.41 -22.25 -35.72
CA VAL F 140 7.84 -23.06 -34.63
C VAL F 140 8.93 -23.64 -33.74
N ARG F 141 9.94 -24.26 -34.35
CA ARG F 141 11.04 -24.86 -33.61
C ARG F 141 12.28 -24.84 -34.48
N GLU F 142 13.43 -24.60 -33.86
CA GLU F 142 14.72 -24.61 -34.54
C GLU F 142 14.66 -23.82 -35.85
N GLY F 143 13.96 -22.69 -35.82
CA GLY F 143 13.83 -21.82 -36.96
C GLY F 143 12.96 -22.32 -38.10
N MET F 144 12.46 -23.54 -38.03
CA MET F 144 11.65 -24.06 -39.12
C MET F 144 10.27 -23.42 -39.14
N SER F 145 9.77 -23.15 -40.34
CA SER F 145 8.43 -22.59 -40.50
C SER F 145 7.40 -23.71 -40.64
N PHE F 146 6.13 -23.35 -40.47
CA PHE F 146 5.06 -24.32 -40.61
C PHE F 146 5.04 -24.92 -42.01
N LEU F 147 5.38 -24.11 -43.01
CA LEU F 147 5.47 -24.62 -44.37
C LEU F 147 6.61 -25.62 -44.48
N ASP F 148 7.74 -25.32 -43.85
CA ASP F 148 8.91 -26.20 -43.90
C ASP F 148 8.57 -27.63 -43.50
N LEU F 149 7.87 -27.80 -42.38
CA LEU F 149 7.52 -29.15 -41.95
C LEU F 149 6.69 -29.88 -43.00
N SER F 150 5.74 -29.20 -43.63
CA SER F 150 4.91 -29.86 -44.64
C SER F 150 5.79 -30.41 -45.76
N VAL F 151 6.64 -29.57 -46.34
CA VAL F 151 7.54 -30.01 -47.40
C VAL F 151 8.40 -31.16 -46.88
N ARG F 152 8.97 -30.97 -45.69
CA ARG F 152 9.82 -32.00 -45.09
C ARG F 152 9.08 -33.33 -44.97
N GLN F 153 7.78 -33.28 -44.67
CA GLN F 153 7.01 -34.52 -44.62
C GLN F 153 6.88 -35.13 -46.00
N ILE F 154 6.67 -34.29 -47.02
CA ILE F 154 6.62 -34.75 -48.39
C ILE F 154 7.95 -35.39 -48.78
N GLU F 155 9.05 -34.74 -48.44
CA GLU F 155 10.39 -35.25 -48.77
C GLU F 155 10.61 -36.65 -48.21
N HIS F 156 10.27 -36.88 -46.94
CA HIS F 156 10.46 -38.19 -46.35
C HIS F 156 9.66 -39.26 -47.08
N LEU F 157 8.41 -38.95 -47.45
CA LEU F 157 7.59 -39.92 -48.16
C LEU F 157 8.15 -40.27 -49.54
N ASN F 158 8.58 -39.27 -50.31
CA ASN F 158 9.13 -39.57 -51.63
C ASN F 158 10.40 -40.39 -51.56
N ARG F 159 11.28 -40.11 -50.60
CA ARG F 159 12.54 -40.84 -50.54
C ARG F 159 12.36 -42.29 -50.06
N THR F 160 11.39 -42.55 -49.20
CA THR F 160 11.20 -43.93 -48.73
C THR F 160 10.66 -44.85 -49.82
N TYR F 161 9.95 -44.33 -50.82
CA TYR F 161 9.40 -45.18 -51.86
C TYR F 161 9.62 -44.70 -53.29
N ASN F 162 10.30 -43.57 -53.49
CA ASN F 162 10.55 -43.00 -54.83
C ASN F 162 9.25 -42.75 -55.58
N VAL F 163 8.39 -41.96 -54.95
CA VAL F 163 7.11 -41.53 -55.53
C VAL F 163 6.99 -40.04 -55.29
N ASN F 164 6.31 -39.34 -56.19
CA ASN F 164 6.22 -37.88 -56.08
C ASN F 164 4.77 -37.43 -55.92
N VAL F 165 4.39 -37.22 -54.67
CA VAL F 165 3.05 -36.75 -54.32
C VAL F 165 2.98 -35.25 -54.59
N PRO F 166 1.98 -34.76 -55.33
CA PRO F 166 1.91 -33.32 -55.58
C PRO F 166 1.41 -32.60 -54.34
N PHE F 167 2.00 -31.44 -54.09
CA PHE F 167 1.68 -30.62 -52.94
C PHE F 167 1.23 -29.26 -53.48
N VAL F 168 -0.07 -28.96 -53.35
CA VAL F 168 -0.63 -27.73 -53.88
C VAL F 168 -0.99 -26.81 -52.72
N LEU F 169 -0.63 -25.54 -52.87
CA LEU F 169 -0.91 -24.51 -51.87
C LEU F 169 -1.99 -23.56 -52.36
N MET F 170 -3.08 -23.47 -51.62
CA MET F 170 -4.14 -22.51 -51.94
C MET F 170 -3.72 -21.23 -51.25
N ASN F 171 -3.06 -20.35 -51.98
CA ASN F 171 -2.59 -19.10 -51.38
C ASN F 171 -3.68 -18.04 -51.37
N SER F 172 -3.31 -16.85 -50.96
CA SER F 172 -4.18 -15.69 -50.97
C SER F 172 -3.40 -14.48 -51.45
N PHE F 173 -4.15 -13.47 -51.87
CA PHE F 173 -3.53 -12.24 -52.39
C PHE F 173 -2.70 -11.53 -51.33
N ASN F 174 -3.03 -11.70 -50.06
CA ASN F 174 -2.26 -11.10 -48.97
C ASN F 174 -0.90 -11.74 -48.75
N THR F 175 -0.69 -12.96 -49.22
CA THR F 175 0.55 -13.68 -48.96
C THR F 175 1.37 -14.02 -50.20
N ASP F 176 0.72 -14.13 -51.37
CA ASP F 176 1.42 -14.52 -52.59
C ASP F 176 2.71 -13.73 -52.82
N GLN F 177 2.69 -12.42 -52.61
CA GLN F 177 3.91 -11.65 -52.87
C GLN F 177 5.02 -12.05 -51.91
N ASP F 178 4.72 -12.17 -50.62
CA ASP F 178 5.72 -12.64 -49.68
C ASP F 178 6.03 -14.11 -49.94
N THR F 179 5.01 -14.89 -50.28
CA THR F 179 5.16 -16.31 -50.58
C THR F 179 6.05 -16.55 -51.79
N GLN F 180 5.79 -15.83 -52.88
CA GLN F 180 6.59 -16.00 -54.09
C GLN F 180 8.07 -15.76 -53.82
N SER F 181 8.38 -14.92 -52.85
CA SER F 181 9.77 -14.70 -52.48
C SER F 181 10.34 -15.88 -51.70
N ILE F 182 9.70 -16.20 -50.56
CA ILE F 182 10.25 -17.23 -49.68
C ILE F 182 10.28 -18.62 -50.30
N ILE F 183 9.32 -18.96 -51.17
CA ILE F 183 9.30 -20.31 -51.74
C ILE F 183 10.57 -20.64 -52.50
N LYS F 184 11.26 -19.62 -53.02
CA LYS F 184 12.50 -19.86 -53.78
C LYS F 184 13.54 -20.64 -52.99
N LYS F 185 13.50 -20.57 -51.66
CA LYS F 185 14.48 -21.29 -50.85
C LYS F 185 14.38 -22.81 -51.01
N TYR F 186 13.26 -23.31 -51.52
CA TYR F 186 13.05 -24.74 -51.71
C TYR F 186 13.46 -25.25 -53.08
N GLN F 187 14.17 -24.42 -53.87
CA GLN F 187 14.59 -24.86 -55.19
C GLN F 187 15.56 -26.04 -55.10
N GLY F 188 15.76 -26.69 -56.24
CA GLY F 188 16.61 -27.85 -56.34
C GLY F 188 15.96 -29.14 -55.85
N HIS F 189 15.89 -29.29 -54.52
CA HIS F 189 15.26 -30.45 -53.88
C HIS F 189 14.03 -30.94 -54.64
N ASN F 190 13.91 -32.27 -54.73
CA ASN F 190 12.82 -32.94 -55.44
C ASN F 190 11.48 -32.69 -54.76
N VAL F 191 10.89 -31.53 -55.05
CA VAL F 191 9.62 -31.12 -54.49
C VAL F 191 8.88 -30.28 -55.52
N ASP F 192 7.77 -30.82 -56.02
CA ASP F 192 6.91 -30.15 -57.00
C ASP F 192 6.01 -29.14 -56.31
N ILE F 193 6.38 -27.86 -56.33
CA ILE F 193 5.60 -26.81 -55.68
C ILE F 193 4.87 -26.02 -56.75
N ILE F 194 3.56 -25.88 -56.57
CA ILE F 194 2.68 -25.12 -57.48
C ILE F 194 1.88 -24.16 -56.62
N THR F 195 1.71 -22.94 -57.11
CA THR F 195 0.99 -21.91 -56.35
C THR F 195 -0.04 -21.19 -57.21
N PHE F 196 -1.15 -20.82 -56.56
CA PHE F 196 -2.22 -20.11 -57.22
C PHE F 196 -2.95 -19.27 -56.18
N ASN F 197 -3.61 -18.21 -56.66
CA ASN F 197 -4.35 -17.31 -55.79
C ASN F 197 -5.84 -17.60 -55.89
N GLN F 198 -6.51 -17.61 -54.75
CA GLN F 198 -7.94 -17.88 -54.72
C GLN F 198 -8.72 -16.67 -55.27
N SER F 199 -10.04 -16.80 -55.29
CA SER F 199 -10.89 -15.74 -55.80
C SER F 199 -10.77 -14.48 -54.95
N ARG F 200 -10.83 -13.33 -55.61
CA ARG F 200 -10.70 -12.03 -54.96
C ARG F 200 -12.02 -11.29 -55.09
N TYR F 201 -12.91 -11.49 -54.13
CA TYR F 201 -14.18 -10.78 -54.24
C TYR F 201 -14.10 -9.40 -53.62
N PRO F 202 -14.89 -8.46 -54.13
CA PRO F 202 -14.92 -7.12 -53.55
C PRO F 202 -15.82 -7.06 -52.32
N ARG F 203 -15.52 -6.11 -51.45
CA ARG F 203 -16.34 -5.89 -50.27
C ARG F 203 -17.61 -5.13 -50.65
N ILE F 204 -18.72 -5.51 -50.03
CA ILE F 204 -20.04 -4.92 -50.29
C ILE F 204 -20.39 -3.95 -49.17
N ILE F 205 -20.75 -2.72 -49.55
CA ILE F 205 -21.09 -1.69 -48.58
C ILE F 205 -22.34 -2.08 -47.82
N LYS F 206 -22.25 -2.03 -46.48
CA LYS F 206 -23.36 -2.44 -45.62
C LYS F 206 -24.63 -1.61 -45.86
N ASP F 207 -24.49 -0.30 -46.05
CA ASP F 207 -25.66 0.56 -46.21
C ASP F 207 -26.23 0.52 -47.62
N SER F 208 -25.39 0.67 -48.63
CA SER F 208 -25.89 0.67 -50.01
C SER F 208 -26.07 -0.72 -50.59
N LEU F 209 -25.45 -1.74 -49.99
CA LEU F 209 -25.50 -3.10 -50.51
C LEU F 209 -24.96 -3.14 -51.94
N LEU F 210 -23.86 -2.44 -52.16
CA LEU F 210 -23.18 -2.36 -53.45
C LEU F 210 -21.69 -2.54 -53.23
N PRO F 211 -20.96 -3.00 -54.23
CA PRO F 211 -19.51 -3.18 -54.06
C PRO F 211 -18.79 -1.87 -53.83
N ALA F 212 -17.93 -1.85 -52.82
CA ALA F 212 -17.16 -0.65 -52.52
C ALA F 212 -16.20 -0.22 -53.63
N PRO F 213 -15.45 -1.11 -54.29
CA PRO F 213 -14.53 -0.65 -55.33
C PRO F 213 -15.21 -0.31 -56.64
N LYS F 214 -14.66 0.69 -57.31
CA LYS F 214 -15.13 1.16 -58.61
C LYS F 214 -14.23 0.74 -59.75
N SER F 215 -12.93 1.02 -59.66
CA SER F 215 -11.98 0.68 -60.70
C SER F 215 -11.50 -0.77 -60.57
N PHE F 216 -10.72 -1.20 -61.57
CA PHE F 216 -10.14 -2.52 -61.58
C PHE F 216 -8.91 -2.61 -60.67
N ASP F 217 -8.11 -1.55 -60.63
CA ASP F 217 -6.91 -1.49 -59.79
C ASP F 217 -7.21 -0.90 -58.42
N ALA F 218 -8.43 -1.10 -57.91
CA ALA F 218 -8.83 -0.57 -56.62
C ALA F 218 -7.96 -1.15 -55.49
N PRO F 219 -7.87 -0.42 -54.37
CA PRO F 219 -7.04 -0.90 -53.25
C PRO F 219 -7.54 -2.20 -52.63
N LEU F 220 -6.59 -2.92 -52.04
CA LEU F 220 -6.86 -4.22 -51.42
C LEU F 220 -7.93 -4.14 -50.34
N GLN F 221 -8.07 -2.97 -49.69
CA GLN F 221 -9.08 -2.80 -48.65
C GLN F 221 -10.48 -2.99 -49.19
N ASP F 222 -10.66 -2.90 -50.50
CA ASP F 222 -11.95 -3.09 -51.15
C ASP F 222 -12.24 -4.55 -51.46
N TRP F 223 -11.33 -5.47 -51.12
CA TRP F 223 -11.50 -6.88 -51.42
C TRP F 223 -11.25 -7.71 -50.17
N TYR F 224 -11.72 -8.96 -50.22
CA TYR F 224 -11.52 -9.90 -49.12
C TYR F 224 -11.52 -11.31 -49.69
N PRO F 225 -10.73 -12.21 -49.14
CA PRO F 225 -10.72 -13.59 -49.60
C PRO F 225 -11.91 -14.37 -49.05
N PRO F 226 -12.67 -15.05 -49.91
CA PRO F 226 -13.84 -15.81 -49.45
C PRO F 226 -13.46 -17.07 -48.69
N GLY F 227 -14.47 -17.82 -48.24
CA GLY F 227 -14.24 -19.00 -47.44
C GLY F 227 -13.56 -20.15 -48.19
N HIS F 228 -13.22 -21.17 -47.40
CA HIS F 228 -12.50 -22.34 -47.90
C HIS F 228 -13.20 -23.02 -49.07
N GLY F 229 -14.54 -23.00 -49.09
CA GLY F 229 -15.27 -23.67 -50.16
C GLY F 229 -14.91 -23.19 -51.55
N ASP F 230 -14.28 -22.02 -51.65
CA ASP F 230 -13.83 -21.53 -52.94
C ASP F 230 -12.77 -22.43 -53.55
N VAL F 231 -12.19 -23.33 -52.75
CA VAL F 231 -11.14 -24.24 -53.22
C VAL F 231 -11.58 -25.02 -54.46
N PHE F 232 -12.78 -25.61 -54.43
CA PHE F 232 -13.23 -26.45 -55.54
C PHE F 232 -13.18 -25.72 -56.87
N GLU F 233 -13.85 -24.57 -56.96
CA GLU F 233 -13.81 -23.81 -58.20
C GLU F 233 -12.42 -23.23 -58.46
N SER F 234 -11.77 -22.73 -57.42
CA SER F 234 -10.44 -22.14 -57.59
C SER F 234 -9.47 -23.12 -58.22
N LEU F 235 -9.52 -24.38 -57.80
CA LEU F 235 -8.64 -25.38 -58.40
C LEU F 235 -8.88 -25.47 -59.90
N TYR F 236 -10.14 -25.43 -60.31
CA TYR F 236 -10.49 -25.46 -61.73
C TYR F 236 -10.12 -24.16 -62.43
N ASN F 237 -10.68 -23.05 -61.96
CA ASN F 237 -10.49 -21.75 -62.59
C ASN F 237 -9.03 -21.36 -62.79
N SER F 238 -8.16 -21.80 -61.89
CA SER F 238 -6.74 -21.50 -62.05
C SER F 238 -6.05 -22.40 -63.05
N GLY F 239 -6.70 -23.49 -63.45
CA GLY F 239 -6.08 -24.46 -64.32
C GLY F 239 -5.29 -25.49 -63.54
N THR F 240 -5.28 -25.39 -62.21
CA THR F 240 -4.57 -26.35 -61.38
C THR F 240 -5.17 -27.74 -61.57
N LEU F 241 -6.50 -27.80 -61.71
CA LEU F 241 -7.15 -29.09 -61.93
C LEU F 241 -6.56 -29.78 -63.15
N ASP F 242 -6.31 -29.01 -64.22
CA ASP F 242 -5.63 -29.58 -65.37
C ASP F 242 -4.22 -30.00 -65.01
N LYS F 243 -3.49 -29.11 -64.33
CA LYS F 243 -2.13 -29.41 -63.89
C LYS F 243 -2.10 -30.67 -63.03
N LEU F 244 -3.12 -30.87 -62.20
CA LEU F 244 -3.20 -32.08 -61.40
C LEU F 244 -3.58 -33.26 -62.27
N LEU F 245 -4.61 -33.07 -63.10
CA LEU F 245 -5.05 -34.15 -63.99
C LEU F 245 -3.93 -34.55 -64.93
N GLU F 246 -3.06 -33.60 -65.29
CA GLU F 246 -1.92 -33.90 -66.15
C GLU F 246 -1.00 -34.95 -65.56
N ARG F 247 -0.98 -35.13 -64.23
CA ARG F 247 -0.17 -36.17 -63.63
C ARG F 247 -1.00 -37.35 -63.12
N GLY F 248 -2.28 -37.41 -63.48
CA GLY F 248 -3.11 -38.55 -63.14
C GLY F 248 -3.48 -38.75 -61.69
N VAL F 249 -3.39 -37.72 -60.86
CA VAL F 249 -3.75 -37.88 -59.45
C VAL F 249 -5.27 -38.05 -59.33
N GLU F 250 -5.70 -39.03 -58.55
CA GLU F 250 -7.12 -39.33 -58.40
C GLU F 250 -7.68 -39.01 -57.01
N TYR F 251 -6.85 -38.99 -55.97
CA TYR F 251 -7.31 -38.71 -54.62
C TYR F 251 -6.67 -37.42 -54.11
N ILE F 252 -7.50 -36.57 -53.52
CA ILE F 252 -7.06 -35.27 -53.02
C ILE F 252 -7.25 -35.27 -51.51
N PHE F 253 -6.28 -34.71 -50.80
CA PHE F 253 -6.31 -34.58 -49.36
C PHE F 253 -6.13 -33.12 -48.98
N LEU F 254 -7.02 -32.60 -48.14
CA LEU F 254 -6.93 -31.22 -47.69
C LEU F 254 -6.74 -31.16 -46.18
N SER F 255 -5.98 -30.16 -45.75
CA SER F 255 -5.75 -29.91 -44.33
C SER F 255 -5.23 -28.48 -44.20
N ASN F 256 -5.54 -27.86 -43.07
CA ASN F 256 -5.09 -26.49 -42.84
C ASN F 256 -3.61 -26.50 -42.45
N ALA F 257 -2.87 -25.53 -42.96
CA ALA F 257 -1.45 -25.40 -42.66
C ALA F 257 -1.17 -25.25 -41.16
N ASP F 258 -2.15 -24.76 -40.41
CA ASP F 258 -2.01 -24.59 -38.97
C ASP F 258 -2.10 -25.88 -38.16
N ASN F 259 -2.57 -26.98 -38.72
CA ASN F 259 -2.69 -28.24 -37.98
C ASN F 259 -1.50 -29.14 -38.32
N LEU F 260 -0.44 -29.03 -37.51
CA LEU F 260 0.76 -29.82 -37.72
C LEU F 260 0.51 -31.32 -37.64
N GLY F 261 -0.61 -31.75 -37.07
CA GLY F 261 -0.92 -33.17 -36.95
C GLY F 261 -1.39 -33.84 -38.20
N ALA F 262 -1.72 -33.08 -39.24
CA ALA F 262 -2.23 -33.60 -40.51
C ALA F 262 -1.09 -34.19 -41.35
N VAL F 263 -0.53 -35.29 -40.87
CA VAL F 263 0.55 -35.97 -41.56
C VAL F 263 -0.07 -37.01 -42.47
N VAL F 264 0.58 -37.27 -43.60
CA VAL F 264 0.10 -38.27 -44.55
C VAL F 264 0.28 -39.67 -43.98
N ASP F 265 -0.83 -40.37 -43.78
CA ASP F 265 -0.84 -41.73 -43.23
C ASP F 265 -1.51 -42.64 -44.25
N THR F 266 -0.70 -43.45 -44.93
CA THR F 266 -1.18 -44.37 -45.96
C THR F 266 -2.30 -45.29 -45.49
N ARG F 267 -2.52 -45.43 -44.18
CA ARG F 267 -3.60 -46.27 -43.69
C ARG F 267 -4.97 -45.76 -44.13
N ILE F 268 -5.19 -44.45 -44.05
CA ILE F 268 -6.49 -43.89 -44.41
C ILE F 268 -6.80 -44.05 -45.90
N LEU F 269 -5.77 -43.99 -46.76
CA LEU F 269 -6.00 -44.14 -48.19
C LEU F 269 -6.58 -45.50 -48.57
N GLN F 270 -6.25 -46.55 -47.83
CA GLN F 270 -6.82 -47.86 -48.13
C GLN F 270 -8.32 -47.88 -47.90
N HIS F 271 -8.79 -47.31 -46.79
CA HIS F 271 -10.23 -47.24 -46.54
C HIS F 271 -10.93 -46.52 -47.69
N MET F 272 -10.30 -45.48 -48.20
CA MET F 272 -10.84 -44.74 -49.35
C MET F 272 -10.92 -45.62 -50.58
N ILE F 273 -9.82 -46.31 -50.91
CA ILE F 273 -9.80 -47.21 -52.08
C ILE F 273 -10.86 -48.29 -51.95
N ASP F 274 -11.10 -48.78 -50.73
CA ASP F 274 -12.10 -49.82 -50.53
C ASP F 274 -13.52 -49.26 -50.60
N THR F 275 -13.81 -48.21 -49.84
CA THR F 275 -15.15 -47.65 -49.84
C THR F 275 -15.43 -46.71 -51.00
N LYS F 276 -14.40 -46.27 -51.73
CA LYS F 276 -14.55 -45.38 -52.89
C LYS F 276 -15.50 -44.22 -52.61
N ALA F 277 -15.56 -43.77 -51.36
CA ALA F 277 -16.42 -42.65 -51.01
C ALA F 277 -15.91 -41.36 -51.64
N GLU F 278 -16.86 -40.48 -52.00
CA GLU F 278 -16.51 -39.21 -52.61
C GLU F 278 -15.99 -38.17 -51.63
N TYR F 279 -16.16 -38.39 -50.32
CA TYR F 279 -15.74 -37.39 -49.34
C TYR F 279 -15.59 -38.07 -47.99
N ILE F 280 -14.37 -38.04 -47.42
CA ILE F 280 -14.12 -38.64 -46.11
C ILE F 280 -13.46 -37.61 -45.21
N MET F 281 -14.13 -37.30 -44.10
CA MET F 281 -13.67 -36.30 -43.14
C MET F 281 -13.16 -37.00 -41.89
N GLU F 282 -12.00 -36.58 -41.41
CA GLU F 282 -11.48 -37.11 -40.15
C GLU F 282 -12.17 -36.42 -38.98
N LEU F 283 -12.55 -37.21 -37.97
CA LEU F 283 -13.24 -36.69 -36.79
C LEU F 283 -12.52 -37.11 -35.53
N THR F 284 -12.76 -36.35 -34.46
CA THR F 284 -12.19 -36.61 -33.15
C THR F 284 -13.25 -36.40 -32.08
N ASP F 285 -13.12 -37.13 -30.97
CA ASP F 285 -14.06 -37.01 -29.87
C ASP F 285 -13.89 -35.67 -29.17
N LYS F 286 -15.01 -34.99 -28.94
CA LYS F 286 -14.96 -33.68 -28.31
C LYS F 286 -14.39 -33.74 -26.90
N THR F 287 -13.37 -32.94 -26.66
CA THR F 287 -12.81 -32.76 -25.33
C THR F 287 -13.55 -31.61 -24.64
N LYS F 288 -13.19 -31.36 -23.38
CA LYS F 288 -13.82 -30.28 -22.64
C LYS F 288 -13.72 -28.95 -23.35
N ALA F 289 -12.66 -28.74 -24.13
CA ALA F 289 -12.47 -27.53 -24.90
C ALA F 289 -13.14 -27.55 -26.27
N ASP F 290 -13.67 -28.71 -26.69
CA ASP F 290 -14.28 -28.84 -28.01
C ASP F 290 -15.80 -28.88 -27.97
N VAL F 291 -16.40 -28.43 -26.87
CA VAL F 291 -17.87 -28.38 -26.80
C VAL F 291 -18.41 -27.47 -27.89
N LYS F 292 -17.74 -26.34 -28.11
CA LYS F 292 -18.03 -25.41 -29.19
C LYS F 292 -17.50 -25.99 -30.50
N GLY F 293 -17.73 -25.29 -31.61
CA GLY F 293 -17.27 -25.79 -32.89
C GLY F 293 -18.13 -26.87 -33.52
N GLY F 294 -18.05 -26.96 -34.84
CA GLY F 294 -18.89 -27.81 -35.67
C GLY F 294 -18.99 -29.27 -35.29
N THR F 295 -20.16 -29.87 -35.54
CA THR F 295 -20.41 -31.27 -35.25
C THR F 295 -21.23 -31.88 -36.38
N ILE F 296 -20.89 -33.14 -36.69
CA ILE F 296 -21.56 -33.86 -37.76
C ILE F 296 -22.99 -34.20 -37.35
N ILE F 297 -23.91 -34.10 -38.30
CA ILE F 297 -25.32 -34.38 -38.08
C ILE F 297 -25.81 -35.31 -39.17
N ASP F 298 -26.69 -36.25 -38.80
CA ASP F 298 -27.14 -37.25 -39.76
C ASP F 298 -27.94 -36.63 -40.90
N TYR F 299 -28.70 -35.58 -40.59
CA TYR F 299 -29.48 -34.81 -41.56
C TYR F 299 -30.25 -35.68 -42.56
N GLU F 300 -31.00 -36.65 -42.02
CA GLU F 300 -31.79 -37.57 -42.84
C GLU F 300 -30.92 -38.40 -43.77
N GLY F 301 -29.88 -39.00 -43.20
CA GLY F 301 -28.95 -39.83 -43.96
C GLY F 301 -27.93 -39.02 -44.74
N LYS F 302 -28.35 -37.89 -45.30
CA LYS F 302 -27.46 -36.98 -46.03
C LYS F 302 -26.66 -36.17 -45.01
N VAL F 303 -25.69 -36.84 -44.39
CA VAL F 303 -24.86 -36.31 -43.32
C VAL F 303 -24.46 -34.85 -43.56
N ARG F 304 -24.75 -34.01 -42.57
CA ARG F 304 -24.46 -32.58 -42.65
C ARG F 304 -23.72 -32.11 -41.40
N LEU F 305 -23.59 -30.80 -41.24
CA LEU F 305 -22.82 -30.16 -40.18
C LEU F 305 -23.49 -28.85 -39.82
N LEU F 306 -23.30 -28.41 -38.57
CA LEU F 306 -23.88 -27.14 -38.12
C LEU F 306 -23.05 -26.59 -36.96
N GLU F 307 -23.21 -25.29 -36.73
CA GLU F 307 -22.48 -24.58 -35.67
C GLU F 307 -23.39 -23.58 -34.99
N ILE F 308 -22.82 -22.87 -34.01
CA ILE F 308 -23.52 -21.81 -33.30
C ILE F 308 -24.08 -20.78 -34.27
N ALA F 309 -23.48 -20.67 -35.45
CA ALA F 309 -23.96 -19.76 -36.49
C ALA F 309 -25.38 -20.08 -36.94
N GLN F 310 -25.84 -21.32 -36.75
CA GLN F 310 -27.20 -21.67 -37.14
C GLN F 310 -27.97 -22.48 -36.11
N VAL F 311 -27.36 -22.93 -35.02
CA VAL F 311 -28.12 -23.65 -34.00
C VAL F 311 -29.02 -22.65 -33.26
N PRO F 312 -30.30 -22.97 -33.03
CA PRO F 312 -31.18 -22.02 -32.33
C PRO F 312 -30.74 -21.76 -30.89
N LYS F 313 -30.77 -20.47 -30.52
CA LYS F 313 -30.37 -20.03 -29.19
C LYS F 313 -31.14 -20.75 -28.08
N GLU F 314 -32.39 -21.13 -28.35
CA GLU F 314 -33.18 -21.85 -27.36
C GLU F 314 -32.69 -23.26 -27.12
N HIS F 315 -31.79 -23.77 -27.97
CA HIS F 315 -31.30 -25.12 -27.82
C HIS F 315 -29.78 -25.22 -27.73
N VAL F 316 -29.07 -24.09 -27.82
CA VAL F 316 -27.60 -24.13 -27.69
C VAL F 316 -27.20 -24.83 -26.40
N ASN F 317 -27.89 -24.54 -25.30
CA ASN F 317 -27.58 -25.22 -24.05
C ASN F 317 -27.78 -26.72 -24.18
N GLU F 318 -28.85 -27.13 -24.85
CA GLU F 318 -29.07 -28.55 -25.08
C GLU F 318 -27.99 -29.10 -26.01
N PHE F 319 -27.66 -28.34 -27.05
CA PHE F 319 -26.62 -28.74 -28.00
C PHE F 319 -25.26 -28.86 -27.33
N LYS F 320 -25.01 -28.06 -26.30
CA LYS F 320 -23.75 -28.14 -25.58
C LYS F 320 -23.63 -29.39 -24.72
N SER F 321 -24.70 -30.15 -24.54
CA SER F 321 -24.61 -31.37 -23.76
C SER F 321 -23.62 -32.34 -24.41
N ILE F 322 -22.94 -33.11 -23.56
CA ILE F 322 -21.96 -34.08 -24.04
C ILE F 322 -22.63 -35.18 -24.85
N LYS F 323 -23.91 -35.44 -24.60
CA LYS F 323 -24.66 -36.43 -25.34
C LYS F 323 -25.15 -35.87 -26.66
N LYS F 324 -25.54 -36.79 -27.56
CA LYS F 324 -26.05 -36.49 -28.89
C LYS F 324 -25.02 -35.90 -29.85
N PHE F 325 -24.16 -35.00 -29.39
CA PHE F 325 -23.18 -34.34 -30.24
C PHE F 325 -21.78 -34.66 -29.73
N LYS F 326 -21.33 -35.88 -30.01
CA LYS F 326 -20.04 -36.37 -29.52
C LYS F 326 -18.89 -36.25 -30.52
N TYR F 327 -19.11 -35.70 -31.71
CA TYR F 327 -18.02 -35.55 -32.67
C TYR F 327 -17.91 -34.10 -33.12
N PHE F 328 -16.70 -33.69 -33.50
CA PHE F 328 -16.50 -32.36 -34.06
C PHE F 328 -15.58 -32.41 -35.28
N ASN F 329 -15.71 -31.40 -36.14
CA ASN F 329 -15.00 -31.31 -37.41
C ASN F 329 -13.53 -30.94 -37.23
N THR F 330 -12.63 -31.84 -37.63
CA THR F 330 -11.19 -31.60 -37.58
C THR F 330 -10.68 -30.82 -38.78
N ASN F 331 -11.47 -30.73 -39.85
CA ASN F 331 -11.14 -30.14 -41.15
C ASN F 331 -10.16 -30.96 -41.98
N ASN F 332 -9.62 -32.06 -41.47
CA ASN F 332 -8.78 -32.93 -42.29
C ASN F 332 -9.73 -33.71 -43.20
N ILE F 333 -9.65 -33.48 -44.52
CA ILE F 333 -10.60 -34.09 -45.44
C ILE F 333 -9.88 -34.76 -46.60
N TRP F 334 -10.41 -35.90 -47.03
CA TRP F 334 -9.94 -36.68 -48.15
C TRP F 334 -11.01 -36.64 -49.25
N MET F 335 -10.61 -36.36 -50.49
CA MET F 335 -11.60 -36.20 -51.55
C MET F 335 -11.10 -36.78 -52.86
N ASN F 336 -12.06 -37.04 -53.75
CA ASN F 336 -11.80 -37.53 -55.10
C ASN F 336 -11.71 -36.33 -56.04
N LEU F 337 -10.60 -36.25 -56.80
CA LEU F 337 -10.40 -35.13 -57.70
C LEU F 337 -11.45 -35.06 -58.80
N ARG F 338 -11.83 -36.22 -59.36
CA ARG F 338 -12.87 -36.22 -60.38
C ARG F 338 -14.22 -35.84 -59.79
N ALA F 339 -14.46 -36.19 -58.53
CA ALA F 339 -15.68 -35.76 -57.86
C ALA F 339 -15.72 -34.25 -57.78
N ILE F 340 -14.61 -33.63 -57.38
CA ILE F 340 -14.53 -32.18 -57.35
C ILE F 340 -14.80 -31.62 -58.73
N LYS F 341 -14.21 -32.21 -59.76
CA LYS F 341 -14.46 -31.76 -61.12
C LYS F 341 -15.94 -31.90 -61.46
N ARG F 342 -16.52 -33.06 -61.18
CA ARG F 342 -17.93 -33.29 -61.50
C ARG F 342 -18.87 -32.30 -60.81
N VAL F 343 -18.66 -32.02 -59.52
CA VAL F 343 -19.54 -31.06 -58.85
C VAL F 343 -19.45 -29.69 -59.52
N VAL F 344 -18.30 -29.37 -60.11
CA VAL F 344 -18.16 -28.10 -60.82
C VAL F 344 -18.81 -28.21 -62.19
N GLU F 345 -18.53 -29.30 -62.90
CA GLU F 345 -19.14 -29.52 -64.21
C GLU F 345 -20.66 -29.62 -64.09
N GLU F 346 -21.14 -30.28 -63.04
CA GLU F 346 -22.57 -30.41 -62.79
C GLU F 346 -23.16 -29.16 -62.14
N ASN F 347 -22.32 -28.22 -61.69
CA ASN F 347 -22.75 -27.01 -61.00
C ASN F 347 -23.61 -27.31 -59.77
N GLU F 348 -23.45 -28.50 -59.19
CA GLU F 348 -24.18 -28.89 -58.00
C GLU F 348 -23.64 -28.21 -56.75
N LEU F 349 -22.45 -27.60 -56.86
CA LEU F 349 -21.80 -26.87 -55.78
C LEU F 349 -22.57 -25.65 -55.31
N GLU F 350 -23.25 -25.78 -54.18
CA GLU F 350 -24.02 -24.73 -53.54
C GLU F 350 -23.61 -24.77 -52.08
N MET F 351 -23.27 -23.61 -51.51
CA MET F 351 -22.71 -23.57 -50.17
C MET F 351 -23.50 -22.71 -49.19
N GLU F 352 -23.37 -23.10 -47.92
CA GLU F 352 -23.98 -22.38 -46.79
C GLU F 352 -23.28 -21.04 -46.62
N ILE F 353 -24.00 -19.95 -46.88
CA ILE F 353 -23.42 -18.61 -46.79
C ILE F 353 -23.20 -18.23 -45.33
N ILE F 354 -22.01 -17.68 -45.06
CA ILE F 354 -21.63 -17.18 -43.74
C ILE F 354 -21.37 -15.69 -43.88
N ALA F 355 -22.05 -14.88 -43.07
CA ALA F 355 -21.94 -13.42 -43.16
C ALA F 355 -21.03 -12.86 -42.07
N ASN F 356 -20.00 -12.13 -42.49
CA ASN F 356 -19.03 -11.48 -41.62
C ASN F 356 -19.00 -9.99 -41.93
N GLU F 357 -18.77 -9.18 -40.89
CA GLU F 357 -18.75 -7.73 -41.03
C GLU F 357 -17.39 -7.15 -40.62
N LYS F 358 -17.03 -6.06 -41.27
CA LYS F 358 -15.82 -5.31 -40.99
C LYS F 358 -16.12 -3.82 -41.15
N SER F 359 -15.20 -2.99 -40.68
CA SER F 359 -15.36 -1.54 -40.77
C SER F 359 -14.11 -0.93 -41.41
N ILE F 360 -14.24 -0.49 -42.65
CA ILE F 360 -13.12 0.12 -43.37
C ILE F 360 -12.91 1.54 -42.85
N PRO F 361 -11.70 1.88 -42.35
CA PRO F 361 -11.38 3.20 -41.83
C PRO F 361 -11.63 4.33 -42.83
N ALA F 371 -18.85 0.45 -43.06
CA ALA F 371 -19.17 -0.94 -42.74
C ALA F 371 -19.39 -1.75 -44.00
N ILE F 372 -18.98 -3.02 -43.97
CA ILE F 372 -19.08 -3.92 -45.11
C ILE F 372 -19.49 -5.31 -44.65
N TYR F 373 -19.98 -6.11 -45.61
CA TYR F 373 -20.38 -7.49 -45.41
C TYR F 373 -19.48 -8.43 -46.20
N GLN F 374 -19.19 -9.59 -45.62
CA GLN F 374 -18.39 -10.61 -46.28
C GLN F 374 -19.12 -11.95 -46.22
N LEU F 375 -19.07 -12.68 -47.33
CA LEU F 375 -19.69 -14.00 -47.45
C LEU F 375 -18.62 -15.08 -47.48
N GLU F 376 -18.75 -16.05 -46.58
CA GLU F 376 -17.77 -17.12 -46.44
C GLU F 376 -18.49 -18.46 -46.32
N THR F 377 -17.70 -19.53 -46.42
CA THR F 377 -18.17 -20.91 -46.42
C THR F 377 -17.16 -21.78 -45.69
N ALA F 378 -17.62 -22.96 -45.26
CA ALA F 378 -16.79 -23.90 -44.53
C ALA F 378 -16.38 -25.10 -45.39
N VAL F 379 -15.20 -25.65 -45.07
CA VAL F 379 -14.65 -26.80 -45.77
C VAL F 379 -15.47 -28.07 -45.53
N GLY F 380 -16.16 -28.16 -44.39
CA GLY F 380 -16.97 -29.34 -44.10
C GLY F 380 -18.36 -29.35 -44.70
N ALA F 381 -19.01 -28.19 -44.83
CA ALA F 381 -20.37 -28.10 -45.36
C ALA F 381 -20.57 -28.82 -46.69
N ALA F 382 -19.53 -28.95 -47.51
CA ALA F 382 -19.70 -29.60 -48.80
C ALA F 382 -20.05 -31.08 -48.69
N ILE F 383 -19.85 -31.69 -47.54
CA ILE F 383 -20.11 -33.11 -47.29
C ILE F 383 -21.43 -33.63 -47.85
N ARG F 384 -22.49 -32.80 -47.81
CA ARG F 384 -23.82 -33.24 -48.25
C ARG F 384 -23.91 -33.60 -49.73
N HIS F 385 -23.18 -32.92 -50.61
CA HIS F 385 -23.27 -33.16 -52.04
C HIS F 385 -22.35 -34.27 -52.54
N PHE F 386 -22.05 -35.28 -51.72
CA PHE F 386 -21.14 -36.33 -52.14
C PHE F 386 -21.67 -37.72 -51.82
N LYS F 387 -21.50 -38.61 -52.78
CA LYS F 387 -21.93 -40.00 -52.64
C LYS F 387 -21.02 -40.76 -51.68
N ASN F 388 -21.64 -41.64 -50.89
CA ASN F 388 -20.98 -42.47 -49.87
C ASN F 388 -20.19 -41.63 -48.87
N ALA F 389 -20.48 -40.34 -48.78
CA ALA F 389 -19.79 -39.46 -47.85
C ALA F 389 -20.00 -39.90 -46.42
N HIS F 390 -18.91 -40.23 -45.73
CA HIS F 390 -18.99 -40.65 -44.34
C HIS F 390 -17.68 -40.29 -43.66
N GLY F 391 -17.72 -40.24 -42.33
CA GLY F 391 -16.55 -39.85 -41.58
C GLY F 391 -15.83 -40.93 -40.80
N VAL F 392 -14.59 -40.62 -40.42
CA VAL F 392 -13.74 -41.50 -39.64
C VAL F 392 -13.31 -40.75 -38.39
N ASN F 393 -13.25 -41.44 -37.26
CA ASN F 393 -12.81 -40.85 -36.00
C ASN F 393 -11.36 -41.28 -35.77
N VAL F 394 -10.47 -40.31 -35.60
CA VAL F 394 -9.05 -40.59 -35.47
C VAL F 394 -8.57 -40.19 -34.08
N PRO F 395 -7.46 -40.78 -33.62
CA PRO F 395 -6.91 -40.38 -32.31
C PRO F 395 -6.47 -38.93 -32.33
N ARG F 396 -6.53 -38.29 -31.15
CA ARG F 396 -6.25 -36.86 -31.06
C ARG F 396 -4.84 -36.47 -31.47
N ARG F 397 -3.92 -37.43 -31.62
CA ARG F 397 -2.58 -37.07 -32.09
C ARG F 397 -2.59 -36.42 -33.46
N ARG F 398 -3.74 -36.39 -34.14
CA ARG F 398 -3.90 -35.73 -35.43
C ARG F 398 -4.44 -34.31 -35.35
N PHE F 399 -4.80 -33.81 -34.17
CA PHE F 399 -5.31 -32.45 -34.04
C PHE F 399 -4.57 -31.67 -32.95
N LEU F 400 -3.67 -30.80 -33.40
CA LEU F 400 -2.87 -29.96 -32.51
C LEU F 400 -2.69 -28.62 -33.21
N PRO F 401 -3.66 -27.74 -33.08
CA PRO F 401 -3.60 -26.45 -33.78
C PRO F 401 -2.68 -25.48 -33.08
N VAL F 402 -2.26 -24.47 -33.84
CA VAL F 402 -1.41 -23.40 -33.32
C VAL F 402 -2.15 -22.09 -33.62
N LYS F 403 -3.07 -21.73 -32.74
CA LYS F 403 -3.89 -20.54 -32.84
C LYS F 403 -3.48 -19.46 -31.86
N THR F 404 -2.92 -19.82 -30.71
CA THR F 404 -2.62 -18.85 -29.67
C THR F 404 -1.36 -19.25 -28.91
N CYS F 405 -0.89 -18.27 -28.13
CA CYS F 405 0.31 -18.40 -27.31
C CYS F 405 0.37 -19.71 -26.53
N SER F 406 -0.75 -20.15 -25.97
CA SER F 406 -0.76 -21.40 -25.21
C SER F 406 -0.38 -22.61 -26.03
N ASP F 407 -0.46 -22.54 -27.35
CA ASP F 407 -0.05 -23.67 -28.18
C ASP F 407 1.46 -23.66 -28.45
N LEU F 408 2.01 -22.50 -28.77
CA LEU F 408 3.43 -22.40 -29.12
C LEU F 408 4.35 -22.86 -27.99
N LEU F 409 3.93 -22.71 -26.74
CA LEU F 409 4.77 -23.16 -25.63
C LEU F 409 4.86 -24.68 -25.60
N LEU F 410 3.73 -25.35 -25.76
CA LEU F 410 3.71 -26.81 -25.74
C LEU F 410 4.59 -27.42 -26.82
N VAL F 411 4.57 -26.88 -28.03
CA VAL F 411 5.36 -27.44 -29.12
C VAL F 411 6.85 -27.14 -29.02
N LYS F 412 7.26 -26.03 -28.42
CA LYS F 412 8.68 -25.75 -28.31
C LYS F 412 9.37 -26.46 -27.14
N SER F 413 8.60 -26.99 -26.20
CA SER F 413 9.16 -27.62 -25.02
C SER F 413 9.85 -28.94 -25.37
N ASP F 414 10.43 -29.55 -24.33
CA ASP F 414 11.10 -30.84 -24.42
C ASP F 414 10.12 -32.00 -24.52
N LEU F 415 8.82 -31.73 -24.53
CA LEU F 415 7.84 -32.81 -24.61
C LEU F 415 7.71 -33.39 -26.01
N TYR F 416 8.26 -32.72 -27.03
CA TYR F 416 8.15 -33.21 -28.39
C TYR F 416 9.51 -33.39 -29.05
N ARG F 417 9.59 -34.38 -29.92
CA ARG F 417 10.78 -34.76 -30.63
C ARG F 417 10.44 -34.72 -32.12
N LEU F 418 11.38 -34.25 -32.92
CA LEU F 418 11.19 -34.15 -34.37
C LEU F 418 11.98 -35.25 -35.06
N GLU F 419 11.28 -36.08 -35.84
CA GLU F 419 11.91 -37.15 -36.61
C GLU F 419 11.53 -36.96 -38.07
N HIS F 420 12.53 -36.69 -38.91
CA HIS F 420 12.36 -36.48 -40.34
C HIS F 420 11.25 -35.47 -40.65
N GLY F 421 10.89 -34.64 -39.68
CA GLY F 421 9.82 -33.67 -39.84
C GLY F 421 8.46 -34.03 -39.28
N GLN F 422 8.34 -35.11 -38.50
CA GLN F 422 7.07 -35.47 -37.88
C GLN F 422 7.16 -35.36 -36.36
N LEU F 423 6.14 -34.77 -35.76
CA LEU F 423 6.08 -34.62 -34.31
C LEU F 423 5.44 -35.86 -33.69
N VAL F 424 6.14 -36.49 -32.76
CA VAL F 424 5.60 -37.64 -32.03
C VAL F 424 5.80 -37.38 -30.55
N MET F 425 4.72 -37.51 -29.77
CA MET F 425 4.85 -37.30 -28.35
C MET F 425 5.65 -38.43 -27.71
N ASP F 426 6.44 -38.08 -26.70
CA ASP F 426 7.28 -39.02 -25.99
C ASP F 426 6.46 -40.19 -25.45
N PRO F 427 6.80 -41.43 -25.81
CA PRO F 427 6.00 -42.57 -25.33
C PRO F 427 6.00 -42.70 -23.81
N ASN F 428 6.90 -41.99 -23.12
CA ASN F 428 6.96 -42.02 -21.66
C ASN F 428 5.89 -41.18 -21.01
N ARG F 429 5.30 -40.22 -21.72
CA ARG F 429 4.26 -39.36 -21.16
C ARG F 429 2.98 -40.14 -20.92
N PHE F 430 2.55 -40.19 -19.65
CA PHE F 430 1.29 -40.77 -19.26
C PHE F 430 0.18 -39.72 -19.35
N GLY F 431 -1.05 -40.20 -19.59
CA GLY F 431 -2.18 -39.31 -19.72
C GLY F 431 -2.10 -38.41 -20.94
N GLY F 432 -3.08 -37.52 -21.04
CA GLY F 432 -3.14 -36.58 -22.14
C GLY F 432 -2.16 -35.45 -22.00
N VAL F 433 -2.27 -34.50 -22.93
CA VAL F 433 -1.37 -33.34 -22.92
C VAL F 433 -1.71 -32.45 -21.73
N PRO F 434 -0.71 -31.91 -21.03
CA PRO F 434 -0.98 -30.98 -19.92
C PRO F 434 -1.66 -29.72 -20.44
N VAL F 435 -2.50 -29.13 -19.60
CA VAL F 435 -3.21 -27.91 -19.98
C VAL F 435 -2.38 -26.70 -19.57
N ILE F 436 -2.17 -25.80 -20.52
CA ILE F 436 -1.42 -24.56 -20.32
C ILE F 436 -2.29 -23.39 -20.76
N LYS F 437 -2.48 -22.41 -19.88
CA LYS F 437 -3.33 -21.26 -20.18
C LYS F 437 -2.66 -19.98 -19.65
N LEU F 438 -1.93 -19.29 -20.52
CA LEU F 438 -1.22 -18.08 -20.15
C LEU F 438 -2.14 -16.86 -20.15
N GLY F 439 -1.80 -15.88 -19.33
CA GLY F 439 -2.62 -14.71 -19.20
C GLY F 439 -2.55 -13.77 -20.38
N SER F 440 -3.42 -12.76 -20.32
CA SER F 440 -3.60 -11.77 -21.37
C SER F 440 -2.34 -10.99 -21.73
N ASP F 441 -1.30 -11.04 -20.91
CA ASP F 441 -0.07 -10.31 -21.22
C ASP F 441 0.79 -10.94 -22.30
N PHE F 442 0.58 -12.21 -22.64
CA PHE F 442 1.41 -12.93 -23.59
C PHE F 442 0.79 -13.04 -24.98
N LYS F 443 -0.13 -12.14 -25.32
CA LYS F 443 -0.83 -12.21 -26.60
C LYS F 443 0.10 -12.18 -27.81
N LYS F 444 0.94 -11.15 -27.92
CA LYS F 444 1.82 -11.02 -29.08
C LYS F 444 3.01 -11.98 -29.03
N VAL F 445 3.28 -12.62 -30.17
CA VAL F 445 4.38 -13.58 -30.30
C VAL F 445 5.75 -12.95 -30.14
N SER F 446 5.89 -11.65 -30.36
CA SER F 446 7.18 -11.00 -30.16
C SER F 446 7.54 -10.94 -28.69
N ASP F 447 6.62 -10.44 -27.86
CA ASP F 447 6.83 -10.35 -26.42
C ASP F 447 7.14 -11.70 -25.80
N PHE F 448 6.55 -12.77 -26.35
CA PHE F 448 6.77 -14.11 -25.82
C PHE F 448 8.25 -14.44 -25.64
N GLN F 449 9.09 -13.96 -26.55
CA GLN F 449 10.52 -14.29 -26.44
C GLN F 449 11.18 -13.55 -25.29
N LYS F 450 10.62 -12.41 -24.88
CA LYS F 450 11.19 -11.63 -23.79
C LYS F 450 10.99 -12.29 -22.43
N ARG F 451 9.76 -12.74 -22.15
CA ARG F 451 9.47 -13.31 -20.85
C ARG F 451 9.88 -14.76 -20.70
N ILE F 452 9.99 -15.52 -21.78
CA ILE F 452 10.40 -16.92 -21.69
C ILE F 452 11.59 -17.18 -22.59
N PRO F 453 12.79 -16.71 -22.24
CA PRO F 453 13.95 -16.93 -23.09
C PRO F 453 14.29 -18.40 -23.29
N SER F 454 13.99 -19.25 -22.32
CA SER F 454 14.19 -20.69 -22.45
C SER F 454 12.93 -21.39 -21.96
N ILE F 455 12.46 -22.36 -22.74
CA ILE F 455 11.21 -23.06 -22.39
C ILE F 455 11.42 -23.87 -21.12
N PRO F 456 10.48 -23.85 -20.18
CA PRO F 456 10.61 -24.66 -18.98
C PRO F 456 10.39 -26.13 -19.27
N ARG F 457 10.98 -26.98 -18.44
CA ARG F 457 10.80 -28.42 -18.57
C ARG F 457 9.36 -28.73 -18.18
N ILE F 458 8.59 -29.35 -19.08
CA ILE F 458 7.18 -29.60 -18.78
C ILE F 458 6.86 -31.08 -18.62
N VAL F 459 7.86 -31.96 -18.60
CA VAL F 459 7.54 -33.35 -18.31
C VAL F 459 7.05 -33.44 -16.88
N GLU F 460 6.10 -34.34 -16.64
CA GLU F 460 5.50 -34.55 -15.31
C GLU F 460 4.70 -33.35 -14.82
N LEU F 461 4.39 -32.38 -15.68
CA LEU F 461 3.54 -31.27 -15.31
C LEU F 461 2.09 -31.67 -15.55
N ASP F 462 1.21 -31.24 -14.65
CA ASP F 462 -0.22 -31.55 -14.77
C ASP F 462 -1.09 -30.38 -15.19
N HIS F 463 -0.89 -29.20 -14.63
CA HIS F 463 -1.73 -28.06 -14.96
C HIS F 463 -0.94 -26.81 -14.61
N LEU F 464 -0.98 -25.81 -15.50
CA LEU F 464 -0.24 -24.58 -15.29
C LEU F 464 -1.09 -23.36 -15.65
N THR F 465 -1.12 -22.39 -14.75
CA THR F 465 -1.83 -21.14 -14.95
C THR F 465 -0.90 -19.99 -14.63
N ILE F 466 -0.87 -18.99 -15.50
CA ILE F 466 -0.02 -17.83 -15.34
C ILE F 466 -0.84 -16.59 -15.59
N THR F 467 -0.84 -15.67 -14.63
CA THR F 467 -1.56 -14.42 -14.75
C THR F 467 -0.65 -13.29 -14.28
N GLY F 468 -0.69 -12.17 -15.00
CA GLY F 468 0.17 -11.05 -14.70
C GLY F 468 1.59 -11.22 -15.25
N ALA F 469 2.46 -10.31 -14.81
CA ALA F 469 3.84 -10.26 -15.25
C ALA F 469 4.66 -11.36 -14.59
N VAL F 470 4.98 -12.41 -15.34
CA VAL F 470 5.81 -13.50 -14.85
C VAL F 470 6.97 -13.72 -15.79
N ASN F 471 8.19 -13.68 -15.26
CA ASN F 471 9.39 -13.95 -16.04
C ASN F 471 10.02 -15.24 -15.54
N LEU F 472 10.24 -16.18 -16.46
CA LEU F 472 10.79 -17.49 -16.13
C LEU F 472 12.25 -17.54 -16.52
N GLY F 473 13.13 -17.76 -15.55
CA GLY F 473 14.54 -17.89 -15.84
C GLY F 473 14.82 -19.20 -16.52
N ARG F 474 16.10 -19.40 -16.83
CA ARG F 474 16.50 -20.65 -17.47
C ARG F 474 16.42 -21.84 -16.50
N ASN F 475 16.30 -23.02 -17.10
CA ASN F 475 16.27 -24.30 -16.40
C ASN F 475 15.19 -24.38 -15.31
N VAL F 476 14.01 -23.82 -15.58
CA VAL F 476 12.92 -23.91 -14.63
C VAL F 476 12.21 -25.24 -14.81
N THR F 477 11.92 -25.92 -13.71
CA THR F 477 11.26 -27.22 -13.72
C THR F 477 9.94 -27.14 -12.97
N LEU F 478 8.86 -27.57 -13.63
CA LEU F 478 7.52 -27.55 -13.08
C LEU F 478 6.99 -28.97 -12.94
N LYS F 479 6.52 -29.32 -11.75
CA LYS F 479 5.99 -30.65 -11.49
C LYS F 479 4.63 -30.56 -10.83
N GLY F 480 3.71 -31.42 -11.27
CA GLY F 480 2.36 -31.41 -10.74
C GLY F 480 1.56 -30.21 -11.23
N THR F 481 0.90 -29.52 -10.30
CA THR F 481 0.14 -28.33 -10.60
C THR F 481 0.88 -27.10 -10.10
N VAL F 482 0.95 -26.06 -10.92
CA VAL F 482 1.63 -24.83 -10.55
C VAL F 482 0.71 -23.67 -10.90
N ILE F 483 0.41 -22.83 -9.92
CA ILE F 483 -0.46 -21.67 -10.12
C ILE F 483 0.33 -20.43 -9.75
N ILE F 484 0.52 -19.54 -10.71
CA ILE F 484 1.26 -18.31 -10.50
C ILE F 484 0.32 -17.14 -10.70
N VAL F 485 0.17 -16.29 -9.69
CA VAL F 485 -0.76 -15.17 -9.73
C VAL F 485 0.03 -13.93 -9.32
N ALA F 486 0.44 -13.13 -10.30
CA ALA F 486 1.20 -11.92 -10.01
C ALA F 486 0.32 -10.83 -9.46
N THR F 487 0.89 -10.03 -8.55
CA THR F 487 0.18 -8.89 -8.01
C THR F 487 -0.08 -7.87 -9.11
N GLU F 488 -1.27 -7.27 -9.11
CA GLU F 488 -1.64 -6.30 -10.14
C GLU F 488 -0.59 -5.20 -10.28
N GLY F 489 0.05 -5.14 -11.44
CA GLY F 489 1.05 -4.13 -11.74
C GLY F 489 2.47 -4.47 -11.34
N SER F 490 2.69 -5.52 -10.56
CA SER F 490 4.02 -5.91 -10.13
C SER F 490 4.49 -7.12 -10.95
N THR F 491 5.77 -7.43 -10.84
CA THR F 491 6.34 -8.52 -11.62
C THR F 491 6.91 -9.58 -10.69
N ILE F 492 6.88 -10.83 -11.15
CA ILE F 492 7.44 -11.96 -10.44
C ILE F 492 8.54 -12.55 -11.31
N ASP F 493 9.78 -12.45 -10.86
CA ASP F 493 10.92 -13.04 -11.56
C ASP F 493 11.29 -14.36 -10.91
N ILE F 494 10.81 -15.46 -11.50
CA ILE F 494 11.10 -16.79 -10.96
C ILE F 494 12.60 -17.01 -11.09
N PRO F 495 13.31 -17.30 -10.01
CA PRO F 495 14.76 -17.45 -10.09
C PRO F 495 15.13 -18.66 -10.92
N PRO F 496 16.26 -18.60 -11.62
CA PRO F 496 16.73 -19.74 -12.40
C PRO F 496 16.87 -21.01 -11.55
N GLY F 497 16.70 -22.15 -12.21
CA GLY F 497 16.83 -23.43 -11.52
C GLY F 497 15.68 -23.81 -10.62
N SER F 498 14.69 -22.93 -10.44
CA SER F 498 13.58 -23.21 -9.55
C SER F 498 12.88 -24.52 -9.91
N VAL F 499 12.57 -25.29 -8.88
CA VAL F 499 11.83 -26.54 -8.98
C VAL F 499 10.55 -26.34 -8.17
N LEU F 500 9.42 -26.39 -8.84
CA LEU F 500 8.12 -26.19 -8.19
C LEU F 500 7.30 -27.48 -8.22
N GLU F 501 6.77 -27.85 -7.07
CA GLU F 501 5.91 -29.03 -6.95
C GLU F 501 4.63 -28.63 -6.21
N ASN F 502 3.49 -29.03 -6.79
CA ASN F 502 2.15 -28.77 -6.27
C ASN F 502 2.02 -27.54 -5.36
N CYS F 503 2.10 -26.33 -5.91
CA CYS F 503 2.02 -25.18 -5.01
C CYS F 503 1.52 -23.94 -5.74
N VAL F 504 1.02 -23.01 -4.93
CA VAL F 504 0.52 -21.71 -5.36
C VAL F 504 1.61 -20.67 -5.12
N VAL F 505 1.82 -19.79 -6.09
CA VAL F 505 2.84 -18.74 -5.98
C VAL F 505 2.17 -17.40 -6.23
N GLN F 506 2.38 -16.47 -5.30
CA GLN F 506 1.79 -15.14 -5.38
C GLN F 506 2.75 -14.13 -4.77
N GLY F 507 2.76 -12.91 -5.33
CA GLY F 507 3.63 -11.87 -4.82
C GLY F 507 4.36 -10.99 -5.82
N SER F 508 5.58 -10.57 -5.46
CA SER F 508 6.43 -9.76 -6.33
C SER F 508 7.88 -10.00 -5.97
N LEU F 509 8.73 -10.20 -6.98
CA LEU F 509 10.15 -10.49 -6.72
C LEU F 509 10.97 -9.95 -7.88
N ARG F 510 11.90 -9.05 -7.57
CA ARG F 510 12.76 -8.42 -8.56
C ARG F 510 14.16 -9.00 -8.50
N ILE F 511 14.73 -9.29 -9.67
CA ILE F 511 16.10 -9.78 -9.78
C ILE F 511 16.84 -8.82 -10.69
N LEU F 512 17.76 -8.06 -10.11
CA LEU F 512 18.56 -7.09 -10.85
C LEU F 512 20.02 -7.49 -10.73
N GLU F 513 20.77 -7.31 -11.81
CA GLU F 513 22.18 -7.67 -11.76
C GLU F 513 22.91 -6.76 -10.78
N HIS F 514 23.80 -7.36 -9.99
CA HIS F 514 24.54 -6.63 -8.97
C HIS F 514 25.23 -5.39 -9.53
N ALA G 32 29.67 -24.66 -54.06
CA ALA G 32 29.63 -23.87 -55.29
C ALA G 32 29.21 -22.44 -55.01
N SER G 33 28.22 -22.28 -54.11
CA SER G 33 27.70 -20.96 -53.80
C SER G 33 28.79 -20.02 -53.31
N THR G 34 29.81 -20.55 -52.64
CA THR G 34 30.92 -19.71 -52.17
C THR G 34 31.62 -19.02 -53.35
N SER G 35 31.87 -19.76 -54.43
CA SER G 35 32.50 -19.15 -55.61
C SER G 35 31.60 -18.11 -56.25
N VAL G 36 30.30 -18.39 -56.32
CA VAL G 36 29.35 -17.42 -56.88
C VAL G 36 29.34 -16.16 -56.04
N ALA G 37 29.24 -16.31 -54.71
CA ALA G 37 29.25 -15.16 -53.82
C ALA G 37 30.56 -14.38 -53.94
N ALA G 38 31.68 -15.09 -53.98
CA ALA G 38 32.97 -14.42 -54.14
C ALA G 38 33.05 -13.68 -55.46
N SER G 39 32.50 -14.25 -56.53
CA SER G 39 32.50 -13.58 -57.82
C SER G 39 31.63 -12.33 -57.77
N GLN G 40 30.41 -12.46 -57.23
CA GLN G 40 29.52 -11.30 -57.12
C GLN G 40 30.12 -10.24 -56.21
N MET G 41 30.74 -10.67 -55.10
CA MET G 41 31.38 -9.72 -54.19
C MET G 41 32.50 -8.97 -54.90
N ARG G 42 33.37 -9.71 -55.59
CA ARG G 42 34.46 -9.10 -56.34
C ARG G 42 33.95 -8.03 -57.30
N ASN G 43 32.92 -8.38 -58.09
CA ASN G 43 32.37 -7.43 -59.06
C ASN G 43 31.77 -6.21 -58.35
N ALA G 44 31.08 -6.42 -57.23
CA ALA G 44 30.49 -5.30 -56.51
C ALA G 44 31.57 -4.43 -55.86
N LEU G 45 32.56 -5.04 -55.21
CA LEU G 45 33.64 -4.28 -54.61
C LEU G 45 34.42 -3.50 -55.67
N ASN G 46 34.72 -4.14 -56.80
CA ASN G 46 35.47 -3.47 -57.86
C ASN G 46 34.64 -2.38 -58.52
N ALA G 47 33.33 -2.57 -58.67
CA ALA G 47 32.49 -1.55 -59.28
C ALA G 47 32.51 -0.28 -58.45
N LEU G 48 32.43 -0.41 -57.13
CA LEU G 48 32.50 0.76 -56.26
C LEU G 48 33.87 1.44 -56.40
N ALA G 49 34.94 0.64 -56.41
CA ALA G 49 36.28 1.18 -56.60
C ALA G 49 36.43 1.82 -57.97
N GLU G 50 35.68 1.35 -58.97
CA GLU G 50 35.76 1.98 -60.29
C GLU G 50 35.05 3.33 -60.30
N THR G 51 33.90 3.43 -59.64
CA THR G 51 33.19 4.70 -59.55
C THR G 51 33.79 5.53 -58.44
N VAL G 52 34.76 6.37 -58.79
CA VAL G 52 35.50 7.21 -57.84
C VAL G 52 35.96 8.46 -58.57
N PRO G 53 35.88 9.64 -57.94
CA PRO G 53 36.29 10.87 -58.63
C PRO G 53 37.79 11.12 -58.73
N ASP G 54 38.57 10.73 -57.71
CA ASP G 54 39.97 11.12 -57.78
C ASP G 54 40.93 9.94 -57.76
N PRO G 55 42.07 10.06 -58.47
CA PRO G 55 43.06 8.97 -58.49
C PRO G 55 43.65 8.62 -57.14
N ASN G 56 43.99 9.62 -56.33
CA ASN G 56 44.54 9.34 -55.00
C ASN G 56 43.58 8.51 -54.18
N GLU G 57 42.29 8.85 -54.22
CA GLU G 57 41.30 8.04 -53.53
C GLU G 57 41.25 6.65 -54.14
N ARG G 58 41.27 6.58 -55.47
CA ARG G 58 41.28 5.29 -56.15
C ARG G 58 42.45 4.43 -55.68
N LYS G 59 43.64 5.02 -55.58
CA LYS G 59 44.77 4.26 -55.06
C LYS G 59 44.49 3.74 -53.66
N ARG G 60 44.08 4.66 -52.78
CA ARG G 60 43.74 4.28 -51.41
C ARG G 60 42.61 3.26 -51.39
N PHE G 61 41.50 3.58 -52.05
CA PHE G 61 40.35 2.68 -52.08
C PHE G 61 40.68 1.31 -52.67
N GLU G 62 41.50 1.26 -53.73
CA GLU G 62 41.81 -0.04 -54.33
C GLU G 62 42.57 -0.92 -53.36
N ALA G 63 43.63 -0.38 -52.73
CA ALA G 63 44.37 -1.18 -51.77
C ALA G 63 43.47 -1.58 -50.61
N GLU G 64 42.75 -0.60 -50.05
CA GLU G 64 41.83 -0.85 -48.95
C GLU G 64 40.78 -1.90 -49.29
N MET G 65 40.08 -1.70 -50.41
CA MET G 65 39.03 -2.64 -50.80
C MET G 65 39.58 -4.02 -51.16
N ASP G 66 40.78 -4.09 -51.74
CA ASP G 66 41.36 -5.38 -52.10
C ASP G 66 41.64 -6.25 -50.88
N ASN G 67 41.97 -5.63 -49.75
CA ASN G 67 42.19 -6.40 -48.52
C ASN G 67 40.92 -7.11 -48.06
N PHE G 68 39.78 -6.44 -48.13
CA PHE G 68 38.52 -7.03 -47.69
C PHE G 68 38.12 -8.22 -48.55
N PHE G 69 38.39 -8.16 -49.85
CA PHE G 69 38.10 -9.30 -50.72
C PHE G 69 38.80 -10.56 -50.24
N ALA G 70 40.08 -10.43 -49.85
CA ALA G 70 40.80 -11.58 -49.32
C ALA G 70 40.20 -12.01 -47.99
N LEU G 71 39.88 -11.05 -47.12
CA LEU G 71 39.26 -11.36 -45.84
C LEU G 71 37.94 -12.08 -46.05
N PHE G 72 37.08 -11.53 -46.92
CA PHE G 72 35.79 -12.13 -47.20
C PHE G 72 35.93 -13.55 -47.72
N ARG G 73 36.90 -13.78 -48.60
CA ARG G 73 37.14 -15.13 -49.11
C ARG G 73 37.45 -16.09 -47.96
N ARG G 74 38.40 -15.70 -47.09
CA ARG G 74 38.72 -16.54 -45.94
C ARG G 74 37.51 -16.74 -45.05
N PHE G 75 36.70 -15.68 -44.87
CA PHE G 75 35.52 -15.78 -44.02
C PHE G 75 34.59 -16.89 -44.49
N LEU G 76 34.23 -16.89 -45.79
CA LEU G 76 33.39 -17.97 -46.29
C LEU G 76 34.08 -19.32 -46.15
N ASN G 77 35.36 -19.39 -46.54
CA ASN G 77 36.12 -20.62 -46.43
C ASN G 77 36.26 -21.07 -44.98
N ASP G 78 36.55 -20.14 -44.08
CA ASP G 78 36.70 -20.48 -42.66
C ASP G 78 35.39 -20.99 -42.08
N LYS G 79 34.24 -20.53 -42.57
CA LYS G 79 32.98 -21.07 -42.07
C LYS G 79 32.77 -22.49 -42.53
N ALA G 80 33.12 -22.79 -43.79
CA ALA G 80 33.01 -24.16 -44.26
C ALA G 80 33.96 -25.07 -43.49
N LYS G 81 35.16 -24.56 -43.20
CA LYS G 81 36.13 -25.31 -42.40
C LYS G 81 35.81 -25.26 -40.91
N GLY G 82 35.02 -24.29 -40.47
CA GLY G 82 34.69 -24.15 -39.06
C GLY G 82 35.91 -23.83 -38.21
N ASN G 86 41.30 -25.56 -30.42
CA ASN G 86 41.28 -26.94 -29.93
C ASN G 86 41.66 -26.96 -28.45
N TRP G 87 40.70 -27.38 -27.62
CA TRP G 87 40.96 -27.43 -26.18
C TRP G 87 42.19 -28.28 -25.87
N ASP G 88 42.43 -29.31 -26.67
CA ASP G 88 43.64 -30.11 -26.50
C ASP G 88 44.89 -29.26 -26.71
N ARG G 89 44.81 -28.26 -27.57
CA ARG G 89 45.91 -27.36 -27.87
C ARG G 89 45.96 -26.17 -26.94
N ILE G 90 44.98 -26.02 -26.06
CA ILE G 90 44.93 -24.93 -25.10
C ILE G 90 45.80 -25.31 -23.90
N ALA G 91 47.11 -25.29 -24.12
CA ALA G 91 48.05 -25.63 -23.06
C ALA G 91 48.37 -24.39 -22.22
N PRO G 92 48.56 -24.57 -20.92
CA PRO G 92 48.80 -23.41 -20.06
C PRO G 92 50.12 -22.72 -20.40
N PRO G 93 50.22 -21.42 -20.13
CA PRO G 93 51.46 -20.68 -20.41
C PRO G 93 52.60 -21.19 -19.55
N GLN G 94 53.73 -21.48 -20.20
CA GLN G 94 54.89 -21.97 -19.47
C GLN G 94 55.57 -20.83 -18.71
N PRO G 95 56.29 -21.14 -17.62
CA PRO G 95 56.96 -20.12 -16.81
C PRO G 95 57.90 -19.20 -17.59
N SER G 96 58.40 -19.68 -18.73
CA SER G 96 59.29 -18.92 -19.58
C SER G 96 58.60 -17.81 -20.36
N GLN G 97 57.27 -17.81 -20.41
CA GLN G 97 56.52 -16.85 -21.21
C GLN G 97 56.11 -15.57 -20.48
N VAL G 98 56.36 -15.42 -19.18
CA VAL G 98 55.90 -14.22 -18.47
C VAL G 98 57.01 -13.68 -17.58
N VAL G 99 57.29 -12.38 -17.73
CA VAL G 99 58.29 -11.64 -16.98
C VAL G 99 57.59 -10.75 -15.97
N ASN G 100 58.12 -10.67 -14.75
CA ASN G 100 57.50 -9.85 -13.72
C ASN G 100 58.10 -8.45 -13.65
N TYR G 101 57.22 -7.46 -13.48
CA TYR G 101 57.61 -6.05 -13.40
C TYR G 101 58.65 -5.78 -12.32
N ASP G 102 58.57 -6.49 -11.19
CA ASP G 102 59.54 -6.30 -10.12
C ASP G 102 60.92 -6.81 -10.48
N ASP G 103 61.03 -7.69 -11.48
CA ASP G 103 62.31 -8.22 -11.92
C ASP G 103 63.04 -7.32 -12.92
N ILE G 104 62.32 -6.43 -13.61
CA ILE G 104 62.95 -5.56 -14.59
C ILE G 104 63.90 -4.59 -13.90
N GLY G 105 65.00 -4.29 -14.59
CA GLY G 105 66.05 -3.42 -14.10
C GLY G 105 65.72 -1.93 -14.03
N LYS G 106 66.79 -1.17 -13.83
CA LYS G 106 66.79 0.28 -13.70
C LYS G 106 66.15 0.97 -14.91
N GLU G 107 65.75 2.23 -14.69
CA GLU G 107 65.14 3.08 -15.70
C GLU G 107 66.05 3.25 -16.92
N SER G 108 65.44 3.34 -18.10
CA SER G 108 66.18 3.57 -19.33
C SER G 108 66.68 5.01 -19.42
N SER G 109 67.89 5.16 -19.97
CA SER G 109 68.51 6.47 -20.10
C SER G 109 67.75 7.38 -21.06
N VAL G 110 67.66 8.66 -20.68
CA VAL G 110 66.97 9.70 -21.44
C VAL G 110 67.33 9.67 -22.93
N GLU G 111 68.60 9.40 -23.25
CA GLU G 111 69.05 9.38 -24.63
C GLU G 111 68.25 8.41 -25.50
N PHE G 112 67.84 7.27 -24.95
CA PHE G 112 67.09 6.29 -25.70
C PHE G 112 65.62 6.66 -25.91
N LEU G 113 65.13 7.72 -25.27
CA LEU G 113 63.73 8.10 -25.40
C LEU G 113 63.39 8.79 -26.72
N ASN G 114 64.37 9.40 -27.39
CA ASN G 114 64.12 10.04 -28.67
C ASN G 114 63.54 9.08 -29.71
N LYS G 115 63.85 7.79 -29.62
CA LYS G 115 63.33 6.82 -30.58
C LYS G 115 62.03 6.14 -30.15
N LEU G 116 61.48 6.46 -28.99
CA LEU G 116 60.19 5.89 -28.60
C LEU G 116 59.04 6.66 -29.27
N ALA G 117 57.91 5.98 -29.42
CA ALA G 117 56.72 6.60 -30.01
C ALA G 117 55.45 6.01 -29.40
N VAL G 118 54.47 6.89 -29.14
CA VAL G 118 53.21 6.49 -28.52
C VAL G 118 52.08 6.77 -29.51
N VAL G 119 51.23 5.76 -29.70
CA VAL G 119 50.08 5.81 -30.61
C VAL G 119 48.84 5.41 -29.82
N LYS G 120 47.79 6.21 -29.95
CA LYS G 120 46.53 6.01 -29.23
C LYS G 120 45.37 5.68 -30.17
N LEU G 121 44.53 4.76 -29.72
CA LEU G 121 43.28 4.47 -30.42
C LEU G 121 42.32 5.58 -30.05
N ASN G 122 41.67 6.18 -31.05
CA ASN G 122 40.77 7.29 -30.82
C ASN G 122 39.48 7.09 -31.60
N GLY G 123 38.98 5.86 -31.60
CA GLY G 123 37.77 5.51 -32.31
C GLY G 123 36.49 5.49 -31.50
N GLY G 124 36.55 5.70 -30.19
CA GLY G 124 35.36 5.62 -29.35
C GLY G 124 34.54 6.89 -29.30
N LEU G 125 33.25 6.75 -29.56
CA LEU G 125 32.27 7.82 -29.50
C LEU G 125 31.62 7.87 -28.11
N GLY G 126 31.18 9.07 -27.74
CA GLY G 126 30.49 9.17 -26.47
C GLY G 126 29.13 8.52 -26.45
N THR G 127 28.67 8.04 -27.61
CA THR G 127 27.38 7.36 -27.69
C THR G 127 27.34 6.12 -26.80
N SER G 128 28.49 5.49 -26.58
CA SER G 128 28.57 4.36 -25.67
C SER G 128 28.09 4.72 -24.27
N MET G 129 28.28 5.97 -23.87
CA MET G 129 27.83 6.45 -22.55
C MET G 129 26.78 7.54 -22.66
N GLY G 130 26.09 7.61 -23.79
CA GLY G 130 25.07 8.64 -23.97
C GLY G 130 25.59 10.05 -23.91
N CYS G 131 26.78 10.28 -24.42
CA CYS G 131 27.41 11.60 -24.43
C CYS G 131 27.62 12.00 -25.88
N VAL G 132 27.54 13.29 -26.15
CA VAL G 132 27.76 13.78 -27.50
C VAL G 132 29.26 13.83 -27.78
N GLY G 133 29.61 13.67 -29.06
CA GLY G 133 30.98 13.73 -29.50
C GLY G 133 31.83 12.51 -29.18
N PRO G 134 33.12 12.65 -29.43
CA PRO G 134 34.06 11.55 -29.16
C PRO G 134 34.25 11.31 -27.67
N LYS G 135 34.43 10.04 -27.31
CA LYS G 135 34.66 9.70 -25.90
C LYS G 135 35.87 10.43 -25.36
N SER G 136 36.90 10.61 -26.19
CA SER G 136 38.12 11.28 -25.78
C SER G 136 37.88 12.72 -25.31
N VAL G 137 36.78 13.33 -25.73
CA VAL G 137 36.50 14.71 -25.35
C VAL G 137 35.74 14.84 -24.03
N ILE G 138 35.03 13.79 -23.60
CA ILE G 138 34.25 13.87 -22.37
C ILE G 138 35.18 14.15 -21.20
N GLU G 139 34.70 14.97 -20.26
CA GLU G 139 35.49 15.34 -19.11
C GLU G 139 35.56 14.21 -18.10
N VAL G 140 36.59 14.24 -17.27
CA VAL G 140 36.79 13.25 -16.21
C VAL G 140 36.91 13.92 -14.84
N ARG G 141 37.75 14.95 -14.74
CA ARG G 141 37.98 15.63 -13.48
C ARG G 141 38.39 17.06 -13.79
N GLU G 142 37.92 18.00 -12.96
CA GLU G 142 38.28 19.41 -13.09
C GLU G 142 38.20 19.89 -14.53
N GLY G 143 37.18 19.42 -15.24
CA GLY G 143 36.95 19.81 -16.62
C GLY G 143 37.90 19.22 -17.65
N MET G 144 38.94 18.50 -17.23
CA MET G 144 39.89 17.95 -18.19
C MET G 144 39.29 16.77 -18.95
N SER G 145 39.63 16.67 -20.23
CA SER G 145 39.20 15.54 -21.03
C SER G 145 40.25 14.43 -20.97
N PHE G 146 39.83 13.23 -21.39
CA PHE G 146 40.75 12.10 -21.40
C PHE G 146 41.93 12.37 -22.32
N LEU G 147 41.70 13.06 -23.42
CA LEU G 147 42.80 13.43 -24.30
C LEU G 147 43.75 14.40 -23.60
N ASP G 148 43.19 15.36 -22.87
CA ASP G 148 44.01 16.35 -22.16
C ASP G 148 45.06 15.72 -21.28
N LEU G 149 44.67 14.73 -20.48
CA LEU G 149 45.65 14.07 -19.61
C LEU G 149 46.80 13.46 -20.41
N SER G 150 46.50 12.82 -21.54
CA SER G 150 47.57 12.21 -22.33
C SER G 150 48.60 13.25 -22.74
N VAL G 151 48.15 14.34 -23.35
CA VAL G 151 49.05 15.41 -23.74
C VAL G 151 49.80 15.92 -22.52
N ARG G 152 49.06 16.17 -21.44
CA ARG G 152 49.66 16.65 -20.20
C ARG G 152 50.75 15.70 -19.72
N GLN G 153 50.55 14.40 -19.88
CA GLN G 153 51.59 13.44 -19.50
C GLN G 153 52.80 13.59 -20.40
N ILE G 154 52.57 13.77 -21.70
CA ILE G 154 53.65 13.99 -22.64
C ILE G 154 54.40 15.27 -22.29
N GLU G 155 53.66 16.34 -21.98
CA GLU G 155 54.28 17.62 -21.64
C GLU G 155 55.23 17.48 -20.45
N HIS G 156 54.79 16.80 -19.40
CA HIS G 156 55.65 16.64 -18.23
C HIS G 156 56.94 15.92 -18.57
N LEU G 157 56.87 14.87 -19.40
CA LEU G 157 58.07 14.14 -19.80
C LEU G 157 59.04 15.00 -20.61
N ASN G 158 58.54 15.75 -21.58
CA ASN G 158 59.43 16.60 -22.36
C ASN G 158 60.11 17.68 -21.51
N ARG G 159 59.38 18.27 -20.57
CA ARG G 159 59.96 19.34 -19.76
C ARG G 159 61.01 18.83 -18.78
N THR G 160 60.86 17.60 -18.27
CA THR G 160 61.87 17.07 -17.34
C THR G 160 63.19 16.75 -18.02
N TYR G 161 63.20 16.43 -19.32
CA TYR G 161 64.44 16.07 -19.98
C TYR G 161 64.68 16.76 -21.32
N ASN G 162 63.77 17.60 -21.79
CA ASN G 162 63.89 18.29 -23.08
C ASN G 162 64.03 17.29 -24.24
N VAL G 163 63.03 16.40 -24.33
CA VAL G 163 62.93 15.41 -25.39
C VAL G 163 61.51 15.46 -25.91
N ASN G 164 61.31 15.20 -27.19
CA ASN G 164 59.98 15.31 -27.78
C ASN G 164 59.52 13.97 -28.36
N VAL G 165 58.77 13.25 -27.54
CA VAL G 165 58.20 11.96 -27.93
C VAL G 165 57.00 12.21 -28.85
N PRO G 166 56.93 11.57 -30.01
CA PRO G 166 55.78 11.80 -30.89
C PRO G 166 54.57 11.07 -30.35
N PHE G 167 53.43 11.75 -30.43
CA PHE G 167 52.16 11.25 -29.94
C PHE G 167 51.20 11.21 -31.12
N VAL G 168 50.88 10.02 -31.60
CA VAL G 168 50.02 9.85 -32.76
C VAL G 168 48.67 9.33 -32.31
N LEU G 169 47.61 9.90 -32.86
CA LEU G 169 46.24 9.53 -32.56
C LEU G 169 45.62 8.80 -33.75
N MET G 170 45.18 7.56 -33.52
CA MET G 170 44.49 6.82 -34.55
C MET G 170 43.04 7.21 -34.42
N ASN G 171 42.62 8.19 -35.21
CA ASN G 171 41.24 8.66 -35.11
C ASN G 171 40.31 7.78 -35.95
N SER G 172 39.06 8.21 -36.02
CA SER G 172 38.06 7.56 -36.85
C SER G 172 37.23 8.62 -37.54
N PHE G 173 36.55 8.20 -38.60
CA PHE G 173 35.71 9.11 -39.38
C PHE G 173 34.57 9.70 -38.56
N ASN G 174 34.13 8.98 -37.52
CA ASN G 174 33.08 9.47 -36.63
C ASN G 174 33.54 10.60 -35.73
N THR G 175 34.84 10.74 -35.50
CA THR G 175 35.35 11.73 -34.56
C THR G 175 36.23 12.81 -35.18
N ASP G 176 36.88 12.52 -36.31
CA ASP G 176 37.78 13.48 -36.94
C ASP G 176 37.18 14.87 -37.05
N GLN G 177 35.92 14.98 -37.45
CA GLN G 177 35.34 16.31 -37.62
C GLN G 177 35.27 17.04 -36.28
N ASP G 178 34.80 16.37 -35.24
CA ASP G 178 34.81 16.99 -33.92
C ASP G 178 36.24 17.13 -33.41
N THR G 179 37.07 16.14 -33.70
CA THR G 179 38.47 16.13 -33.28
C THR G 179 39.25 17.28 -33.91
N GLN G 180 39.12 17.46 -35.22
CA GLN G 180 39.83 18.54 -35.90
C GLN G 180 39.48 19.89 -35.29
N SER G 181 38.30 20.03 -34.73
CA SER G 181 37.93 21.27 -34.06
C SER G 181 38.61 21.40 -32.71
N ILE G 182 38.39 20.42 -31.82
CA ILE G 182 38.90 20.52 -30.46
C ILE G 182 40.43 20.50 -30.38
N ILE G 183 41.12 19.79 -31.28
CA ILE G 183 42.57 19.71 -31.19
C ILE G 183 43.23 21.07 -31.25
N LYS G 184 42.58 22.05 -31.89
CA LYS G 184 43.15 23.40 -31.97
C LYS G 184 43.47 23.99 -30.60
N LYS G 185 42.79 23.55 -29.55
CA LYS G 185 43.08 24.06 -28.20
C LYS G 185 44.48 23.72 -27.73
N TYR G 186 45.15 22.77 -28.37
CA TYR G 186 46.50 22.39 -27.99
C TYR G 186 47.57 23.13 -28.80
N GLN G 187 47.20 24.14 -29.57
CA GLN G 187 48.18 24.89 -30.34
C GLN G 187 49.17 25.61 -29.42
N GLY G 188 50.27 26.05 -30.01
CA GLY G 188 51.32 26.71 -29.25
C GLY G 188 52.21 25.76 -28.49
N HIS G 189 51.71 25.23 -27.37
CA HIS G 189 52.43 24.27 -26.53
C HIS G 189 53.28 23.31 -27.35
N ASN G 190 54.47 23.04 -26.84
CA ASN G 190 55.44 22.13 -27.47
C ASN G 190 54.92 20.70 -27.48
N VAL G 191 54.05 20.41 -28.45
CA VAL G 191 53.42 19.10 -28.59
C VAL G 191 53.17 18.84 -30.06
N ASP G 192 53.88 17.85 -30.62
CA ASP G 192 53.74 17.45 -32.02
C ASP G 192 52.53 16.55 -32.16
N ILE G 193 51.41 17.11 -32.62
CA ILE G 193 50.17 16.35 -32.78
C ILE G 193 49.95 16.09 -34.26
N ILE G 194 49.73 14.82 -34.60
CA ILE G 194 49.46 14.38 -35.97
C ILE G 194 48.20 13.51 -35.92
N THR G 195 47.33 13.68 -36.91
CA THR G 195 46.07 12.96 -36.93
C THR G 195 45.82 12.32 -38.29
N PHE G 196 45.18 11.15 -38.25
CA PHE G 196 44.85 10.42 -39.47
C PHE G 196 43.62 9.57 -39.20
N ASN G 197 42.92 9.22 -40.27
CA ASN G 197 41.72 8.41 -40.20
C ASN G 197 42.02 6.99 -40.63
N GLN G 198 41.50 6.03 -39.89
CA GLN G 198 41.70 4.62 -40.20
C GLN G 198 40.90 4.24 -41.44
N SER G 199 41.00 2.96 -41.82
CA SER G 199 40.29 2.47 -43.00
C SER G 199 38.79 2.57 -42.81
N ARG G 200 38.09 2.88 -43.91
CA ARG G 200 36.64 3.05 -43.92
C ARG G 200 36.07 1.93 -44.78
N TYR G 201 35.78 0.80 -44.16
CA TYR G 201 35.23 -0.27 -44.98
C TYR G 201 33.71 -0.17 -45.07
N PRO G 202 33.15 -0.64 -46.17
CA PRO G 202 31.69 -0.65 -46.33
C PRO G 202 31.06 -1.83 -45.62
N ARG G 203 29.80 -1.65 -45.23
CA ARG G 203 29.02 -2.71 -44.62
C ARG G 203 28.53 -3.70 -45.68
N ILE G 204 28.55 -4.99 -45.34
CA ILE G 204 28.16 -6.07 -46.24
C ILE G 204 26.77 -6.55 -45.87
N ILE G 205 25.88 -6.60 -46.87
CA ILE G 205 24.50 -7.01 -46.66
C ILE G 205 24.44 -8.47 -46.22
N LYS G 206 23.72 -8.73 -45.12
CA LYS G 206 23.62 -10.06 -44.56
C LYS G 206 23.02 -11.08 -45.54
N ASP G 207 21.99 -10.69 -46.27
CA ASP G 207 21.33 -11.62 -47.19
C ASP G 207 22.07 -11.79 -48.50
N SER G 208 22.42 -10.69 -49.16
CA SER G 208 23.09 -10.79 -50.46
C SER G 208 24.58 -11.03 -50.37
N LEU G 209 25.20 -10.76 -49.22
CA LEU G 209 26.64 -10.88 -49.07
C LEU G 209 27.35 -9.98 -50.07
N LEU G 210 26.85 -8.75 -50.19
CA LEU G 210 27.40 -7.74 -51.09
C LEU G 210 27.46 -6.43 -50.33
N PRO G 211 28.35 -5.53 -50.73
CA PRO G 211 28.45 -4.24 -50.03
C PRO G 211 27.19 -3.41 -50.19
N ALA G 212 26.71 -2.87 -49.07
CA ALA G 212 25.53 -2.02 -49.10
C ALA G 212 25.68 -0.73 -49.90
N PRO G 213 26.79 0.01 -49.83
CA PRO G 213 26.89 1.26 -50.59
C PRO G 213 27.20 1.03 -52.06
N LYS G 214 26.63 1.91 -52.88
CA LYS G 214 26.83 1.91 -54.33
C LYS G 214 27.75 3.03 -54.80
N SER G 215 27.46 4.27 -54.43
CA SER G 215 28.27 5.41 -54.84
C SER G 215 29.48 5.61 -53.93
N PHE G 216 30.31 6.58 -54.32
CA PHE G 216 31.49 6.96 -53.55
C PHE G 216 31.12 7.83 -52.36
N ASP G 217 30.16 8.73 -52.53
CA ASP G 217 29.71 9.63 -51.47
C ASP G 217 28.53 9.04 -50.68
N ALA G 218 28.47 7.71 -50.57
CA ALA G 218 27.40 7.04 -49.85
C ALA G 218 27.38 7.44 -48.38
N PRO G 219 26.21 7.31 -47.74
CA PRO G 219 26.09 7.69 -46.33
C PRO G 219 26.95 6.84 -45.39
N LEU G 220 27.30 7.46 -44.26
CA LEU G 220 28.14 6.82 -43.25
C LEU G 220 27.53 5.52 -42.73
N GLN G 221 26.21 5.40 -42.77
CA GLN G 221 25.55 4.18 -42.31
C GLN G 221 25.98 2.97 -43.13
N ASP G 222 26.52 3.19 -44.32
CA ASP G 222 27.00 2.13 -45.18
C ASP G 222 28.44 1.73 -44.87
N TRP G 223 29.07 2.36 -43.88
CA TRP G 223 30.46 2.08 -43.54
C TRP G 223 30.59 1.86 -42.04
N TYR G 224 31.71 1.25 -41.65
CA TYR G 224 32.01 1.00 -40.25
C TYR G 224 33.51 0.94 -40.08
N PRO G 225 34.03 1.40 -38.94
CA PRO G 225 35.47 1.32 -38.70
C PRO G 225 35.88 -0.07 -38.28
N PRO G 226 36.89 -0.66 -38.93
CA PRO G 226 37.33 -2.02 -38.56
C PRO G 226 38.09 -2.08 -37.25
N GLY G 227 38.52 -3.28 -36.87
CA GLY G 227 39.20 -3.48 -35.62
C GLY G 227 40.57 -2.83 -35.53
N HIS G 228 41.11 -2.89 -34.30
CA HIS G 228 42.38 -2.27 -33.97
C HIS G 228 43.53 -2.70 -34.88
N GLY G 229 43.51 -3.95 -35.35
CA GLY G 229 44.60 -4.46 -36.17
C GLY G 229 44.84 -3.64 -37.43
N ASP G 230 43.88 -2.84 -37.84
CA ASP G 230 44.07 -1.95 -38.98
C ASP G 230 45.15 -0.92 -38.72
N VAL G 231 45.56 -0.74 -37.46
CA VAL G 231 46.59 0.24 -37.10
C VAL G 231 47.85 0.09 -37.93
N PHE G 232 48.38 -1.13 -38.05
CA PHE G 232 49.65 -1.35 -38.73
C PHE G 232 49.64 -0.81 -40.15
N GLU G 233 48.68 -1.24 -40.96
CA GLU G 233 48.60 -0.73 -42.33
C GLU G 233 48.22 0.75 -42.33
N SER G 234 47.29 1.15 -41.47
CA SER G 234 46.85 2.54 -41.43
C SER G 234 48.03 3.48 -41.20
N LEU G 235 48.94 3.11 -40.30
CA LEU G 235 50.11 3.94 -40.06
C LEU G 235 50.92 4.11 -41.34
N TYR G 236 51.08 3.03 -42.10
CA TYR G 236 51.81 3.07 -43.37
C TYR G 236 51.04 3.84 -44.43
N ASN G 237 49.83 3.35 -44.75
CA ASN G 237 49.03 3.92 -45.84
C ASN G 237 48.79 5.41 -45.70
N SER G 238 48.72 5.92 -44.48
CA SER G 238 48.53 7.35 -44.30
C SER G 238 49.81 8.15 -44.49
N GLY G 239 50.95 7.46 -44.53
CA GLY G 239 52.23 8.13 -44.59
C GLY G 239 52.75 8.48 -43.23
N THR G 240 52.01 8.14 -42.18
CA THR G 240 52.45 8.42 -40.81
C THR G 240 53.74 7.66 -40.53
N LEU G 241 53.84 6.44 -41.04
CA LEU G 241 55.06 5.66 -40.85
C LEU G 241 56.26 6.44 -41.38
N ASP G 242 56.10 7.09 -42.54
CA ASP G 242 57.16 7.94 -43.04
C ASP G 242 57.37 9.11 -42.09
N LYS G 243 56.27 9.78 -41.71
CA LYS G 243 56.36 10.89 -40.77
C LYS G 243 57.06 10.48 -39.48
N LEU G 244 56.80 9.25 -39.02
CA LEU G 244 57.48 8.77 -37.83
C LEU G 244 58.93 8.44 -38.16
N LEU G 245 59.15 7.72 -39.25
CA LEU G 245 60.51 7.38 -39.66
C LEU G 245 61.32 8.64 -39.91
N GLU G 246 60.66 9.71 -40.37
CA GLU G 246 61.34 10.97 -40.59
C GLU G 246 61.96 11.54 -39.32
N ARG G 247 61.47 11.17 -38.14
CA ARG G 247 62.09 11.62 -36.90
C ARG G 247 62.86 10.50 -36.20
N GLY G 248 63.11 9.39 -36.88
CA GLY G 248 63.94 8.33 -36.35
C GLY G 248 63.41 7.53 -35.18
N VAL G 249 62.10 7.53 -34.93
CA VAL G 249 61.57 6.77 -33.81
C VAL G 249 61.66 5.28 -34.13
N GLU G 250 62.16 4.49 -33.17
CA GLU G 250 62.34 3.06 -33.35
C GLU G 250 61.41 2.19 -32.52
N TYR G 251 60.91 2.70 -31.38
CA TYR G 251 60.03 1.93 -30.51
C TYR G 251 58.67 2.58 -30.46
N ILE G 252 57.63 1.77 -30.60
CA ILE G 252 56.25 2.23 -30.64
C ILE G 252 55.53 1.65 -29.43
N PHE G 253 54.70 2.46 -28.79
CA PHE G 253 53.88 2.06 -27.65
C PHE G 253 52.43 2.38 -27.95
N LEU G 254 51.55 1.39 -27.76
CA LEU G 254 50.13 1.59 -27.99
C LEU G 254 49.36 1.39 -26.70
N SER G 255 48.28 2.16 -26.56
CA SER G 255 47.38 2.03 -25.42
C SER G 255 46.07 2.72 -25.77
N ASN G 256 44.99 2.21 -25.20
CA ASN G 256 43.68 2.78 -25.45
C ASN G 256 43.50 4.07 -24.65
N ALA G 257 42.85 5.06 -25.29
CA ALA G 257 42.59 6.33 -24.64
C ALA G 257 41.77 6.18 -23.36
N ASP G 258 40.99 5.11 -23.24
CA ASP G 258 40.19 4.85 -22.06
C ASP G 258 40.95 4.36 -20.83
N ASN G 259 42.20 3.92 -20.98
CA ASN G 259 42.98 3.42 -19.84
C ASN G 259 43.92 4.51 -19.34
N LEU G 260 43.44 5.30 -18.39
CA LEU G 260 44.24 6.39 -17.82
C LEU G 260 45.52 5.90 -17.17
N GLY G 261 45.63 4.62 -16.85
CA GLY G 261 46.83 4.08 -16.22
C GLY G 261 48.01 3.88 -17.14
N ALA G 262 47.80 3.98 -18.45
CA ALA G 262 48.84 3.77 -19.45
C ALA G 262 49.77 4.98 -19.53
N VAL G 263 50.53 5.19 -18.47
CA VAL G 263 51.46 6.30 -18.41
C VAL G 263 52.82 5.81 -18.89
N VAL G 264 53.57 6.70 -19.53
CA VAL G 264 54.90 6.34 -20.03
C VAL G 264 55.86 6.15 -18.87
N ASP G 265 56.40 4.93 -18.74
CA ASP G 265 57.32 4.56 -17.66
C ASP G 265 58.61 4.07 -18.32
N THR G 266 59.64 4.91 -18.26
CA THR G 266 60.94 4.60 -18.86
C THR G 266 61.52 3.25 -18.42
N ARG G 267 61.02 2.67 -17.33
CA ARG G 267 61.52 1.37 -16.88
C ARG G 267 61.27 0.28 -17.91
N ILE G 268 60.08 0.25 -18.49
CA ILE G 268 59.74 -0.81 -19.45
C ILE G 268 60.59 -0.71 -20.71
N LEU G 269 60.92 0.51 -21.15
CA LEU G 269 61.72 0.68 -22.36
C LEU G 269 63.12 0.05 -22.24
N GLN G 270 63.70 0.02 -21.04
CA GLN G 270 65.00 -0.62 -20.90
C GLN G 270 64.92 -2.12 -21.16
N HIS G 271 63.91 -2.79 -20.62
CA HIS G 271 63.74 -4.21 -20.87
C HIS G 271 63.62 -4.46 -22.37
N MET G 272 62.91 -3.57 -23.06
CA MET G 272 62.79 -3.67 -24.51
C MET G 272 64.13 -3.52 -25.19
N ILE G 273 64.90 -2.49 -24.83
CA ILE G 273 66.22 -2.27 -25.41
C ILE G 273 67.13 -3.48 -25.16
N ASP G 274 66.98 -4.11 -24.00
CA ASP G 274 67.81 -5.27 -23.69
C ASP G 274 67.34 -6.51 -24.45
N THR G 275 66.05 -6.83 -24.37
CA THR G 275 65.53 -8.02 -25.04
C THR G 275 65.26 -7.82 -26.52
N LYS G 276 65.23 -6.57 -27.00
CA LYS G 276 64.98 -6.26 -28.41
C LYS G 276 63.81 -7.05 -28.98
N ALA G 277 62.82 -7.35 -28.15
CA ALA G 277 61.66 -8.10 -28.59
C ALA G 277 60.82 -7.28 -29.57
N GLU G 278 60.23 -7.98 -30.54
CA GLU G 278 59.40 -7.32 -31.54
C GLU G 278 58.01 -6.96 -31.03
N TYR G 279 57.58 -7.50 -29.90
CA TYR G 279 56.22 -7.25 -29.41
C TYR G 279 56.20 -7.58 -27.92
N ILE G 280 55.89 -6.58 -27.08
CA ILE G 280 55.80 -6.79 -25.64
C ILE G 280 54.47 -6.26 -25.14
N MET G 281 53.66 -7.16 -24.56
CA MET G 281 52.34 -6.84 -24.04
C MET G 281 52.37 -6.82 -22.52
N GLU G 282 51.79 -5.79 -21.92
CA GLU G 282 51.67 -5.73 -20.48
C GLU G 282 50.50 -6.59 -20.02
N LEU G 283 50.71 -7.35 -18.95
CA LEU G 283 49.69 -8.26 -18.43
C LEU G 283 49.46 -7.99 -16.94
N THR G 284 48.27 -8.39 -16.48
CA THR G 284 47.88 -8.24 -15.08
C THR G 284 47.18 -9.52 -14.62
N ASP G 285 47.30 -9.81 -13.32
CA ASP G 285 46.67 -11.00 -12.75
C ASP G 285 45.16 -10.82 -12.71
N LYS G 286 44.44 -11.83 -13.18
CA LYS G 286 42.99 -11.76 -13.24
C LYS G 286 42.38 -11.63 -11.85
N THR G 287 41.56 -10.59 -11.68
CA THR G 287 40.78 -10.42 -10.46
C THR G 287 39.45 -11.13 -10.63
N LYS G 288 38.63 -11.11 -9.58
CA LYS G 288 37.33 -11.76 -9.62
C LYS G 288 36.48 -11.26 -10.79
N ALA G 289 36.66 -10.00 -11.19
CA ALA G 289 35.94 -9.43 -12.32
C ALA G 289 36.63 -9.67 -13.66
N ASP G 290 37.85 -10.20 -13.68
CA ASP G 290 38.58 -10.41 -14.92
C ASP G 290 38.60 -11.87 -15.36
N VAL G 291 37.70 -12.70 -14.82
CA VAL G 291 37.62 -14.10 -15.27
C VAL G 291 37.32 -14.15 -16.77
N LYS G 292 36.43 -13.28 -17.23
CA LYS G 292 36.12 -13.10 -18.64
C LYS G 292 37.25 -12.33 -19.31
N GLY G 293 37.16 -12.15 -20.63
CA GLY G 293 38.21 -11.44 -21.34
C GLY G 293 39.44 -12.26 -21.65
N GLY G 294 40.15 -11.85 -22.70
CA GLY G 294 41.28 -12.55 -23.26
C GLY G 294 42.42 -12.96 -22.34
N THR G 295 43.05 -14.08 -22.66
CA THR G 295 44.17 -14.60 -21.89
C THR G 295 45.22 -15.17 -22.83
N ILE G 296 46.49 -14.94 -22.47
CA ILE G 296 47.61 -15.41 -23.27
C ILE G 296 47.71 -16.92 -23.20
N ILE G 297 48.07 -17.54 -24.33
CA ILE G 297 48.22 -18.99 -24.42
C ILE G 297 49.56 -19.27 -25.08
N ASP G 298 50.27 -20.29 -24.57
CA ASP G 298 51.62 -20.58 -25.07
C ASP G 298 51.58 -21.15 -26.50
N TYR G 299 50.58 -21.97 -26.79
CA TYR G 299 50.39 -22.61 -28.10
C TYR G 299 51.70 -23.11 -28.71
N GLU G 300 52.42 -23.93 -27.96
CA GLU G 300 53.70 -24.51 -28.40
C GLU G 300 54.76 -23.43 -28.65
N GLY G 301 54.94 -22.56 -27.66
CA GLY G 301 55.91 -21.48 -27.77
C GLY G 301 55.43 -20.28 -28.56
N LYS G 302 54.62 -20.52 -29.60
CA LYS G 302 54.06 -19.45 -30.41
C LYS G 302 52.91 -18.80 -29.64
N VAL G 303 53.29 -18.03 -28.63
CA VAL G 303 52.37 -17.35 -27.72
C VAL G 303 51.19 -16.73 -28.46
N ARG G 304 49.98 -17.13 -28.06
CA ARG G 304 48.76 -16.64 -28.68
C ARG G 304 47.76 -16.18 -27.62
N LEU G 305 46.52 -15.92 -28.04
CA LEU G 305 45.46 -15.38 -27.21
C LEU G 305 44.13 -15.95 -27.69
N LEU G 306 43.16 -16.04 -26.78
CA LEU G 306 41.83 -16.54 -27.12
C LEU G 306 40.80 -15.99 -26.15
N GLU G 307 39.54 -16.00 -26.60
CA GLU G 307 38.41 -15.48 -25.82
C GLU G 307 37.20 -16.37 -26.02
N ILE G 308 36.10 -15.98 -25.39
CA ILE G 308 34.82 -16.67 -25.53
C ILE G 308 34.43 -16.78 -26.99
N ALA G 309 34.92 -15.85 -27.82
CA ALA G 309 34.66 -15.86 -29.25
C ALA G 309 35.16 -17.13 -29.93
N GLN G 310 36.13 -17.83 -29.34
CA GLN G 310 36.64 -19.05 -29.94
C GLN G 310 36.84 -20.21 -28.96
N VAL G 311 36.68 -20.01 -27.66
CA VAL G 311 36.79 -21.14 -26.74
C VAL G 311 35.56 -22.03 -26.88
N PRO G 312 35.72 -23.35 -26.96
CA PRO G 312 34.55 -24.23 -27.13
C PRO G 312 33.59 -24.18 -25.94
N LYS G 313 32.30 -24.11 -26.27
CA LYS G 313 31.25 -24.03 -25.26
C LYS G 313 31.32 -25.16 -24.25
N GLU G 314 31.78 -26.34 -24.68
CA GLU G 314 31.92 -27.48 -23.77
C GLU G 314 33.04 -27.28 -22.75
N HIS G 315 33.88 -26.26 -22.93
CA HIS G 315 34.99 -26.02 -22.04
C HIS G 315 35.02 -24.61 -21.46
N VAL G 316 34.08 -23.75 -21.84
CA VAL G 316 34.06 -22.39 -21.29
C VAL G 316 34.05 -22.43 -19.77
N ASN G 317 33.27 -23.34 -19.18
CA ASN G 317 33.25 -23.47 -17.74
C ASN G 317 34.64 -23.82 -17.21
N GLU G 318 35.32 -24.73 -17.91
CA GLU G 318 36.69 -25.08 -17.52
C GLU G 318 37.61 -23.89 -17.72
N PHE G 319 37.45 -23.17 -18.82
CA PHE G 319 38.27 -22.00 -19.11
C PHE G 319 38.09 -20.90 -18.08
N LYS G 320 36.89 -20.78 -17.52
CA LYS G 320 36.63 -19.77 -16.50
C LYS G 320 37.28 -20.12 -15.16
N SER G 321 37.80 -21.34 -15.00
CA SER G 321 38.45 -21.68 -13.74
C SER G 321 39.64 -20.76 -13.48
N ILE G 322 39.88 -20.50 -12.19
CA ILE G 322 40.99 -19.63 -11.78
C ILE G 322 42.34 -20.22 -12.15
N LYS G 323 42.42 -21.55 -12.23
CA LYS G 323 43.65 -22.21 -12.61
C LYS G 323 43.86 -22.19 -14.13
N LYS G 324 45.12 -22.45 -14.52
CA LYS G 324 45.55 -22.51 -15.92
C LYS G 324 45.54 -21.16 -16.64
N PHE G 325 44.53 -20.32 -16.40
CA PHE G 325 44.40 -19.04 -17.10
C PHE G 325 44.44 -17.92 -16.07
N LYS G 326 45.64 -17.60 -15.60
CA LYS G 326 45.82 -16.58 -14.56
C LYS G 326 46.20 -15.19 -15.09
N TYR G 327 46.32 -15.00 -16.40
CA TYR G 327 46.66 -13.69 -16.93
C TYR G 327 45.62 -13.25 -17.95
N PHE G 328 45.44 -11.94 -18.10
CA PHE G 328 44.54 -11.39 -19.11
C PHE G 328 45.19 -10.21 -19.82
N ASN G 329 44.71 -9.95 -21.04
CA ASN G 329 45.25 -8.92 -21.92
C ASN G 329 44.85 -7.51 -21.48
N THR G 330 45.84 -6.70 -21.12
CA THR G 330 45.61 -5.31 -20.74
C THR G 330 45.51 -4.36 -21.92
N ASN G 331 45.93 -4.80 -23.10
CA ASN G 331 46.03 -4.04 -24.35
C ASN G 331 47.16 -3.01 -24.36
N ASN G 332 47.89 -2.82 -23.27
CA ASN G 332 49.06 -1.94 -23.31
C ASN G 332 50.16 -2.70 -24.02
N ILE G 333 50.58 -2.22 -25.19
CA ILE G 333 51.54 -2.97 -26.00
C ILE G 333 52.70 -2.07 -26.45
N TRP G 334 53.89 -2.66 -26.47
CA TRP G 334 55.12 -2.02 -26.91
C TRP G 334 55.60 -2.73 -28.16
N MET G 335 55.96 -1.97 -29.20
CA MET G 335 56.34 -2.59 -30.47
C MET G 335 57.48 -1.83 -31.14
N ASN G 336 58.14 -2.52 -32.06
CA ASN G 336 59.21 -1.96 -32.88
C ASN G 336 58.61 -1.44 -34.19
N LEU G 337 58.89 -0.17 -34.51
CA LEU G 337 58.34 0.43 -35.71
C LEU G 337 58.83 -0.27 -36.99
N ARG G 338 60.11 -0.61 -37.04
CA ARG G 338 60.60 -1.33 -38.21
C ARG G 338 60.03 -2.73 -38.30
N ALA G 339 59.75 -3.35 -37.15
CA ALA G 339 59.08 -4.64 -37.16
C ALA G 339 57.69 -4.51 -37.78
N ILE G 340 56.95 -3.48 -37.39
CA ILE G 340 55.65 -3.23 -38.00
C ILE G 340 55.81 -3.03 -39.50
N LYS G 341 56.82 -2.25 -39.89
CA LYS G 341 57.06 -2.04 -41.31
C LYS G 341 57.34 -3.36 -42.02
N ARG G 342 58.24 -4.17 -41.47
CA ARG G 342 58.59 -5.45 -42.07
C ARG G 342 57.39 -6.37 -42.24
N VAL G 343 56.55 -6.51 -41.21
CA VAL G 343 55.39 -7.38 -41.34
C VAL G 343 54.44 -6.86 -42.43
N VAL G 344 54.41 -5.54 -42.63
CA VAL G 344 53.58 -4.99 -43.69
C VAL G 344 54.25 -5.20 -45.04
N GLU G 345 55.55 -4.92 -45.11
CA GLU G 345 56.30 -5.14 -46.34
C GLU G 345 56.27 -6.61 -46.73
N GLU G 346 56.37 -7.50 -45.74
CA GLU G 346 56.32 -8.93 -46.00
C GLU G 346 54.89 -9.44 -46.14
N ASN G 347 53.88 -8.62 -45.84
CA ASN G 347 52.47 -9.01 -45.88
C ASN G 347 52.18 -10.24 -45.01
N GLU G 348 53.00 -10.45 -43.99
CA GLU G 348 52.84 -11.57 -43.08
C GLU G 348 51.69 -11.32 -42.10
N LEU G 349 51.24 -10.09 -42.00
CA LEU G 349 50.13 -9.66 -41.14
C LEU G 349 48.81 -10.30 -41.57
N GLU G 350 48.39 -11.32 -40.83
CA GLU G 350 47.14 -12.03 -41.05
C GLU G 350 46.46 -12.08 -39.69
N MET G 351 45.18 -11.71 -39.64
CA MET G 351 44.49 -11.55 -38.36
C MET G 351 43.24 -12.41 -38.22
N GLU G 352 42.95 -12.73 -36.96
CA GLU G 352 41.76 -13.48 -36.57
C GLU G 352 40.54 -12.62 -36.81
N ILE G 353 39.70 -13.00 -37.77
CA ILE G 353 38.52 -12.20 -38.10
C ILE G 353 37.46 -12.34 -37.02
N ILE G 354 36.87 -11.20 -36.65
CA ILE G 354 35.79 -11.13 -35.66
C ILE G 354 34.55 -10.63 -36.38
N ALA G 355 33.46 -11.40 -36.30
CA ALA G 355 32.23 -11.07 -37.00
C ALA G 355 31.20 -10.45 -36.07
N ASN G 356 30.76 -9.25 -36.42
CA ASN G 356 29.75 -8.48 -35.68
C ASN G 356 28.61 -8.14 -36.62
N GLU G 357 27.38 -8.15 -36.09
CA GLU G 357 26.20 -7.86 -36.88
C GLU G 357 25.44 -6.66 -36.34
N LYS G 358 24.80 -5.94 -37.24
CA LYS G 358 23.97 -4.79 -36.92
C LYS G 358 22.76 -4.80 -37.84
N SER G 359 21.77 -3.96 -37.52
CA SER G 359 20.55 -3.84 -38.31
C SER G 359 20.32 -2.38 -38.66
N ILE G 360 20.54 -2.03 -39.93
CA ILE G 360 20.35 -0.66 -40.40
C ILE G 360 18.86 -0.36 -40.51
N PRO G 361 18.35 0.67 -39.83
CA PRO G 361 16.93 1.06 -39.85
C PRO G 361 16.43 1.35 -41.26
N ALA G 371 20.01 -5.93 -42.36
CA ALA G 371 21.03 -6.54 -41.53
C ALA G 371 22.38 -6.58 -42.26
N ILE G 372 23.47 -6.39 -41.53
CA ILE G 372 24.81 -6.33 -42.09
C ILE G 372 25.80 -7.05 -41.17
N TYR G 373 26.96 -7.39 -41.74
CA TYR G 373 28.06 -8.03 -41.03
C TYR G 373 29.26 -7.09 -41.00
N GLN G 374 30.01 -7.14 -39.90
CA GLN G 374 31.22 -6.35 -39.74
C GLN G 374 32.37 -7.24 -39.29
N LEU G 375 33.55 -7.00 -39.85
CA LEU G 375 34.76 -7.76 -39.55
C LEU G 375 35.71 -6.93 -38.71
N GLU G 376 36.16 -7.48 -37.59
CA GLU G 376 37.05 -6.79 -36.67
C GLU G 376 38.18 -7.73 -36.23
N THR G 377 39.18 -7.13 -35.58
CA THR G 377 40.39 -7.78 -35.13
C THR G 377 40.83 -7.18 -33.80
N ALA G 378 41.65 -7.92 -33.07
CA ALA G 378 42.12 -7.48 -31.76
C ALA G 378 43.59 -7.05 -31.81
N VAL G 379 43.91 -6.10 -30.93
CA VAL G 379 45.27 -5.57 -30.82
C VAL G 379 46.26 -6.60 -30.29
N GLY G 380 45.78 -7.58 -29.52
CA GLY G 380 46.66 -8.61 -28.98
C GLY G 380 46.97 -9.78 -29.90
N ALA G 381 46.01 -10.17 -30.75
CA ALA G 381 46.19 -11.30 -31.65
C ALA G 381 47.45 -11.24 -32.50
N ALA G 382 47.96 -10.05 -32.80
CA ALA G 382 49.14 -9.95 -33.64
C ALA G 382 50.39 -10.54 -33.00
N ILE G 383 50.39 -10.77 -31.69
CA ILE G 383 51.52 -11.30 -30.94
C ILE G 383 52.23 -12.49 -31.59
N ARG G 384 51.48 -13.36 -32.27
CA ARG G 384 52.06 -14.58 -32.84
C ARG G 384 53.11 -14.35 -33.92
N HIS G 385 52.97 -13.30 -34.73
CA HIS G 385 53.89 -13.05 -35.83
C HIS G 385 55.13 -12.24 -35.44
N PHE G 386 55.62 -12.34 -34.21
CA PHE G 386 56.73 -11.49 -33.81
C PHE G 386 57.81 -12.28 -33.07
N LYS G 387 59.05 -11.97 -33.43
CA LYS G 387 60.23 -12.59 -32.81
C LYS G 387 60.44 -12.06 -31.39
N ASN G 388 60.88 -12.95 -30.51
CA ASN G 388 61.12 -12.69 -29.09
C ASN G 388 59.88 -12.13 -28.38
N ALA G 389 58.71 -12.30 -28.99
CA ALA G 389 57.47 -11.84 -28.39
C ALA G 389 57.21 -12.51 -27.06
N HIS G 390 57.13 -11.72 -25.99
CA HIS G 390 56.86 -12.25 -24.67
C HIS G 390 56.20 -11.15 -23.86
N GLY G 391 55.53 -11.57 -22.78
CA GLY G 391 54.81 -10.61 -21.97
C GLY G 391 55.39 -10.27 -20.61
N VAL G 392 54.92 -9.16 -20.06
CA VAL G 392 55.32 -8.67 -18.75
C VAL G 392 54.06 -8.51 -17.92
N ASN G 393 54.14 -8.85 -16.64
CA ASN G 393 53.02 -8.70 -15.71
C ASN G 393 53.29 -7.44 -14.89
N VAL G 394 52.35 -6.50 -14.90
CA VAL G 394 52.55 -5.20 -14.24
C VAL G 394 51.54 -5.07 -13.10
N PRO G 395 51.85 -4.24 -12.10
CA PRO G 395 50.90 -4.00 -11.02
C PRO G 395 49.62 -3.35 -11.54
N ARG G 396 48.51 -3.63 -10.85
CA ARG G 396 47.21 -3.17 -11.32
C ARG G 396 47.08 -1.65 -11.42
N ARG G 397 48.00 -0.88 -10.82
CA ARG G 397 47.93 0.57 -10.96
C ARG G 397 48.00 1.02 -12.42
N ARG G 398 48.29 0.11 -13.35
CA ARG G 398 48.33 0.39 -14.78
C ARG G 398 47.04 0.08 -15.52
N PHE G 399 46.03 -0.49 -14.87
CA PHE G 399 44.77 -0.81 -15.53
C PHE G 399 43.58 -0.29 -14.72
N LEU G 400 43.01 0.82 -15.19
CA LEU G 400 41.85 1.44 -14.57
C LEU G 400 41.01 2.02 -15.68
N PRO G 401 40.16 1.20 -16.30
CA PRO G 401 39.36 1.66 -17.43
C PRO G 401 38.18 2.50 -17.01
N VAL G 402 37.67 3.27 -17.96
CA VAL G 402 36.48 4.10 -17.75
C VAL G 402 35.47 3.70 -18.82
N LYS G 403 34.71 2.65 -18.51
CA LYS G 403 33.69 2.09 -19.39
C LYS G 403 32.28 2.40 -18.95
N THR G 404 32.05 2.57 -17.65
CA THR G 404 30.70 2.74 -17.14
C THR G 404 30.68 3.67 -15.93
N CYS G 405 29.46 4.06 -15.58
CA CYS G 405 29.19 4.94 -14.44
C CYS G 405 29.95 4.55 -13.18
N SER G 406 30.06 3.25 -12.90
CA SER G 406 30.77 2.82 -11.70
C SER G 406 32.24 3.22 -11.70
N ASP G 407 32.82 3.52 -12.85
CA ASP G 407 34.21 3.97 -12.89
C ASP G 407 34.34 5.47 -12.63
N LEU G 408 33.47 6.28 -13.24
CA LEU G 408 33.54 7.73 -13.12
C LEU G 408 33.42 8.21 -11.68
N LEU G 409 32.68 7.48 -10.84
CA LEU G 409 32.57 7.90 -9.44
C LEU G 409 33.88 7.74 -8.71
N LEU G 410 34.54 6.60 -8.90
CA LEU G 410 35.82 6.34 -8.24
C LEU G 410 36.88 7.37 -8.59
N VAL G 411 36.98 7.76 -9.87
CA VAL G 411 38.01 8.70 -10.29
C VAL G 411 37.73 10.15 -9.87
N LYS G 412 36.48 10.55 -9.73
CA LYS G 412 36.23 11.93 -9.32
C LYS G 412 36.30 12.14 -7.82
N SER G 413 36.30 11.07 -7.02
CA SER G 413 36.29 11.18 -5.57
C SER G 413 37.64 11.70 -5.06
N ASP G 414 37.70 11.86 -3.74
CA ASP G 414 38.88 12.30 -3.01
C ASP G 414 39.93 11.22 -2.91
N LEU G 415 39.68 10.03 -3.45
CA LEU G 415 40.64 8.95 -3.38
C LEU G 415 41.79 9.11 -4.35
N TYR G 416 41.67 9.99 -5.33
CA TYR G 416 42.73 10.20 -6.30
C TYR G 416 43.10 11.67 -6.38
N ARG G 417 44.38 11.91 -6.60
CA ARG G 417 44.93 13.25 -6.78
C ARG G 417 45.76 13.27 -8.05
N LEU G 418 45.70 14.37 -8.77
CA LEU G 418 46.41 14.53 -10.03
C LEU G 418 47.65 15.38 -9.83
N GLU G 419 48.82 14.84 -10.20
CA GLU G 419 50.09 15.54 -10.10
C GLU G 419 50.69 15.61 -11.50
N HIS G 420 50.80 16.83 -12.03
CA HIS G 420 51.31 17.10 -13.37
C HIS G 420 50.64 16.22 -14.44
N GLY G 421 49.45 15.70 -14.14
CA GLY G 421 48.73 14.84 -15.05
C GLY G 421 48.83 13.35 -14.83
N GLN G 422 49.40 12.90 -13.71
CA GLN G 422 49.46 11.48 -13.39
C GLN G 422 48.65 11.19 -12.12
N LEU G 423 47.82 10.15 -12.18
CA LEU G 423 47.01 9.74 -11.03
C LEU G 423 47.73 8.68 -10.23
N VAL G 424 47.93 8.94 -8.94
CA VAL G 424 48.51 7.97 -8.02
C VAL G 424 47.62 7.92 -6.79
N MET G 425 47.21 6.71 -6.40
CA MET G 425 46.35 6.58 -5.24
C MET G 425 47.10 6.93 -3.96
N ASP G 426 46.38 7.51 -3.02
CA ASP G 426 46.88 7.91 -1.72
C ASP G 426 47.55 6.72 -1.04
N PRO G 427 48.83 6.82 -0.65
CA PRO G 427 49.50 5.69 0.00
C PRO G 427 48.84 5.27 1.31
N ASN G 428 47.94 6.08 1.86
CA ASN G 428 47.25 5.72 3.09
C ASN G 428 46.15 4.69 2.89
N ARG G 429 45.65 4.52 1.67
CA ARG G 429 44.62 3.53 1.41
C ARG G 429 45.18 2.11 1.51
N PHE G 430 44.61 1.34 2.44
CA PHE G 430 44.94 -0.07 2.61
C PHE G 430 44.06 -0.92 1.69
N GLY G 431 44.60 -2.08 1.30
CA GLY G 431 43.90 -2.97 0.40
C GLY G 431 43.69 -2.38 -0.98
N GLY G 432 42.96 -3.14 -1.80
CA GLY G 432 42.67 -2.71 -3.15
C GLY G 432 41.61 -1.63 -3.22
N VAL G 433 41.22 -1.30 -4.43
CA VAL G 433 40.20 -0.27 -4.63
C VAL G 433 38.85 -0.78 -4.15
N PRO G 434 38.05 0.05 -3.48
CA PRO G 434 36.72 -0.38 -3.05
C PRO G 434 35.84 -0.67 -4.25
N VAL G 435 34.92 -1.60 -4.09
CA VAL G 435 34.01 -1.97 -5.17
C VAL G 435 32.76 -1.10 -5.10
N ILE G 436 32.42 -0.48 -6.22
CA ILE G 436 31.26 0.38 -6.37
C ILE G 436 30.43 -0.13 -7.54
N LYS G 437 29.15 -0.39 -7.30
CA LYS G 437 28.26 -0.92 -8.34
C LYS G 437 26.91 -0.22 -8.27
N LEU G 438 26.73 0.80 -9.10
CA LEU G 438 25.49 1.58 -9.12
C LEU G 438 24.41 0.87 -9.93
N GLY G 439 23.17 1.15 -9.58
CA GLY G 439 22.06 0.49 -10.24
C GLY G 439 21.80 0.98 -11.65
N SER G 440 20.88 0.28 -12.30
CA SER G 440 20.53 0.52 -13.70
C SER G 440 20.01 1.93 -13.97
N ASP G 441 19.65 2.69 -12.94
CA ASP G 441 19.16 4.05 -13.14
C ASP G 441 20.24 5.07 -13.49
N PHE G 442 21.52 4.77 -13.25
CA PHE G 442 22.60 5.74 -13.45
C PHE G 442 23.36 5.51 -14.76
N LYS G 443 22.74 4.87 -15.74
CA LYS G 443 23.42 4.54 -17.00
C LYS G 443 23.96 5.77 -17.73
N LYS G 444 23.11 6.76 -18.01
CA LYS G 444 23.55 7.93 -18.77
C LYS G 444 24.36 8.90 -17.92
N VAL G 445 25.48 9.37 -18.48
CA VAL G 445 26.39 10.29 -17.81
C VAL G 445 25.77 11.66 -17.53
N SER G 446 24.74 12.05 -18.28
CA SER G 446 24.09 13.32 -18.01
C SER G 446 23.33 13.28 -16.69
N ASP G 447 22.50 12.26 -16.50
CA ASP G 447 21.73 12.10 -15.27
C ASP G 447 22.63 12.00 -14.04
N PHE G 448 23.83 11.44 -14.21
CA PHE G 448 24.76 11.27 -13.10
C PHE G 448 24.97 12.57 -12.33
N GLN G 449 24.98 13.71 -13.02
CA GLN G 449 25.20 14.97 -12.32
C GLN G 449 24.00 15.38 -11.48
N LYS G 450 22.81 14.91 -11.84
CA LYS G 450 21.59 15.26 -11.12
C LYS G 450 21.51 14.58 -9.75
N ARG G 451 21.77 13.27 -9.70
CA ARG G 451 21.64 12.55 -8.45
C ARG G 451 22.85 12.68 -7.53
N ILE G 452 24.03 12.95 -8.07
CA ILE G 452 25.22 13.07 -7.22
C ILE G 452 25.91 14.41 -7.49
N PRO G 453 25.32 15.52 -7.04
CA PRO G 453 25.94 16.83 -7.28
C PRO G 453 27.33 16.98 -6.68
N SER G 454 27.62 16.29 -5.59
CA SER G 454 28.95 16.31 -5.00
C SER G 454 29.34 14.88 -4.66
N ILE G 455 30.55 14.49 -5.03
CA ILE G 455 31.01 13.12 -4.83
C ILE G 455 31.12 12.83 -3.33
N PRO G 456 30.66 11.68 -2.87
CA PRO G 456 30.79 11.35 -1.45
C PRO G 456 32.22 11.00 -1.09
N ARG G 457 32.57 11.22 0.18
CA ARG G 457 33.90 10.87 0.66
C ARG G 457 33.98 9.35 0.69
N ILE G 458 34.94 8.76 -0.02
CA ILE G 458 35.02 7.31 -0.10
C ILE G 458 36.25 6.73 0.59
N VAL G 459 37.03 7.54 1.31
CA VAL G 459 38.11 6.94 2.08
C VAL G 459 37.50 6.07 3.16
N GLU G 460 38.17 4.95 3.47
CA GLU G 460 37.71 4.00 4.47
C GLU G 460 36.42 3.28 4.09
N LEU G 461 35.99 3.38 2.83
CA LEU G 461 34.82 2.64 2.37
C LEU G 461 35.27 1.27 1.89
N ASP G 462 34.46 0.25 2.17
CA ASP G 462 34.78 -1.12 1.77
C ASP G 462 33.94 -1.66 0.62
N HIS G 463 32.63 -1.43 0.62
CA HIS G 463 31.78 -1.96 -0.43
C HIS G 463 30.52 -1.11 -0.46
N LEU G 464 30.06 -0.76 -1.65
CA LEU G 464 28.88 0.08 -1.81
C LEU G 464 27.98 -0.43 -2.91
N THR G 465 26.70 -0.55 -2.60
CA THR G 465 25.68 -0.97 -3.56
C THR G 465 24.53 0.01 -3.53
N ILE G 466 24.07 0.43 -4.69
CA ILE G 466 22.98 1.39 -4.81
C ILE G 466 22.00 0.86 -5.84
N THR G 467 20.74 0.73 -5.45
CA THR G 467 19.68 0.28 -6.34
C THR G 467 18.48 1.18 -6.17
N GLY G 468 17.83 1.51 -7.28
CA GLY G 468 16.70 2.42 -7.26
C GLY G 468 17.10 3.89 -7.20
N ALA G 469 16.10 4.72 -6.97
CA ALA G 469 16.29 6.17 -6.93
C ALA G 469 16.95 6.60 -5.64
N VAL G 470 18.24 6.94 -5.70
CA VAL G 470 18.96 7.41 -4.52
C VAL G 470 19.62 8.74 -4.86
N ASN G 471 19.37 9.75 -4.03
CA ASN G 471 19.99 11.06 -4.18
C ASN G 471 20.90 11.30 -2.99
N LEU G 472 22.15 11.61 -3.26
CA LEU G 472 23.15 11.81 -2.22
C LEU G 472 23.41 13.31 -2.06
N GLY G 473 23.14 13.82 -0.87
CA GLY G 473 23.40 15.22 -0.62
C GLY G 473 24.88 15.49 -0.49
N ARG G 474 25.21 16.75 -0.25
CA ARG G 474 26.61 17.11 -0.10
C ARG G 474 27.19 16.60 1.21
N ASN G 475 28.52 16.45 1.21
CA ASN G 475 29.30 16.02 2.37
C ASN G 475 28.83 14.70 2.98
N VAL G 476 28.46 13.75 2.12
CA VAL G 476 28.07 12.43 2.61
C VAL G 476 29.32 11.58 2.81
N THR G 477 29.40 10.90 3.96
CA THR G 477 30.55 10.07 4.30
C THR G 477 30.10 8.63 4.48
N LEU G 478 30.77 7.71 3.78
CA LEU G 478 30.46 6.29 3.83
C LEU G 478 31.65 5.53 4.40
N LYS G 479 31.39 4.70 5.41
CA LYS G 479 32.43 3.92 6.05
C LYS G 479 32.01 2.46 6.13
N GLY G 480 32.95 1.56 5.86
CA GLY G 480 32.68 0.14 5.87
C GLY G 480 31.86 -0.29 4.66
N THR G 481 30.81 -1.06 4.92
CA THR G 481 29.90 -1.52 3.88
C THR G 481 28.59 -0.75 3.98
N VAL G 482 28.08 -0.29 2.85
CA VAL G 482 26.81 0.45 2.81
C VAL G 482 25.96 -0.13 1.70
N ILE G 483 24.75 -0.56 2.05
CA ILE G 483 23.82 -1.14 1.09
C ILE G 483 22.55 -0.29 1.10
N ILE G 484 22.23 0.30 -0.04
CA ILE G 484 21.06 1.15 -0.18
C ILE G 484 20.11 0.51 -1.18
N VAL G 485 18.89 0.23 -0.75
CA VAL G 485 17.90 -0.46 -1.58
C VAL G 485 16.62 0.37 -1.54
N ALA G 486 16.39 1.14 -2.59
CA ALA G 486 15.19 1.97 -2.64
C ALA G 486 13.95 1.14 -2.94
N THR G 487 12.83 1.55 -2.37
CA THR G 487 11.56 0.89 -2.66
C THR G 487 11.20 1.13 -4.12
N GLU G 488 10.67 0.09 -4.76
CA GLU G 488 10.32 0.18 -6.18
C GLU G 488 9.42 1.37 -6.47
N GLY G 489 9.94 2.31 -7.26
CA GLY G 489 9.20 3.50 -7.64
C GLY G 489 9.33 4.69 -6.72
N SER G 490 9.89 4.52 -5.52
CA SER G 490 10.06 5.61 -4.57
C SER G 490 11.50 6.09 -4.58
N THR G 491 11.74 7.23 -3.94
CA THR G 491 13.06 7.83 -3.90
C THR G 491 13.55 7.95 -2.47
N ILE G 492 14.86 7.86 -2.29
CA ILE G 492 15.53 8.02 -1.00
C ILE G 492 16.48 9.20 -1.12
N ASP G 493 16.19 10.27 -0.39
CA ASP G 493 17.06 11.45 -0.36
C ASP G 493 17.92 11.41 0.90
N ILE G 494 19.15 10.95 0.75
CA ILE G 494 20.08 10.88 1.89
C ILE G 494 20.34 12.31 2.35
N PRO G 495 20.09 12.63 3.61
CA PRO G 495 20.28 14.00 4.07
C PRO G 495 21.73 14.40 4.03
N PRO G 496 22.03 15.67 3.78
CA PRO G 496 23.41 16.15 3.80
C PRO G 496 24.11 15.85 5.12
N GLY G 497 25.44 15.69 5.05
CA GLY G 497 26.23 15.42 6.22
C GLY G 497 26.13 14.03 6.79
N SER G 498 25.26 13.19 6.24
CA SER G 498 25.08 11.84 6.74
C SER G 498 26.39 11.06 6.81
N VAL G 499 26.56 10.36 7.92
CA VAL G 499 27.70 9.48 8.17
C VAL G 499 27.13 8.10 8.36
N LEU G 500 27.48 7.18 7.46
CA LEU G 500 26.98 5.82 7.51
C LEU G 500 28.12 4.84 7.79
N GLU G 501 27.89 3.96 8.76
CA GLU G 501 28.85 2.92 9.11
C GLU G 501 28.15 1.58 9.13
N ASN G 502 28.76 0.58 8.49
CA ASN G 502 28.28 -0.79 8.37
C ASN G 502 26.78 -0.99 8.53
N CYS G 503 25.96 -0.58 7.55
CA CYS G 503 24.53 -0.73 7.75
C CYS G 503 23.79 -0.82 6.42
N VAL G 504 22.58 -1.36 6.51
CA VAL G 504 21.64 -1.51 5.40
C VAL G 504 20.63 -0.38 5.49
N VAL G 505 20.31 0.22 4.35
CA VAL G 505 19.35 1.32 4.29
C VAL G 505 18.27 0.98 3.27
N GLN G 506 17.03 1.07 3.69
CA GLN G 506 15.88 0.75 2.84
C GLN G 506 14.71 1.65 3.21
N GLY G 507 13.91 2.02 2.21
CA GLY G 507 12.76 2.86 2.45
C GLY G 507 12.46 3.97 1.46
N SER G 508 11.95 5.11 1.95
CA SER G 508 11.65 6.28 1.13
C SER G 508 11.70 7.52 2.00
N LEU G 509 12.36 8.57 1.52
CA LEU G 509 12.51 9.78 2.31
C LEU G 509 12.61 10.97 1.36
N ARG G 510 11.68 11.92 1.50
CA ARG G 510 11.61 13.10 0.65
C ARG G 510 12.08 14.34 1.41
N ILE G 511 12.92 15.15 0.77
CA ILE G 511 13.40 16.39 1.34
C ILE G 511 13.01 17.50 0.38
N LEU G 512 12.05 18.33 0.79
CA LEU G 512 11.57 19.44 -0.01
C LEU G 512 11.86 20.72 0.74
N GLU G 513 12.22 21.77 0.00
CA GLU G 513 12.51 23.04 0.64
C GLU G 513 11.24 23.58 1.29
N HIS G 514 11.39 24.13 2.50
CA HIS G 514 10.27 24.67 3.25
C HIS G 514 9.42 25.63 2.44
N ALA H 32 47.46 39.59 -24.06
CA ALA H 32 47.36 39.97 -25.46
C ALA H 32 45.97 39.67 -26.01
N SER H 33 45.42 38.52 -25.62
CA SER H 33 44.11 38.09 -26.12
C SER H 33 43.04 39.13 -25.85
N THR H 34 43.15 39.89 -24.74
CA THR H 34 42.19 40.94 -24.44
C THR H 34 42.15 41.99 -25.54
N SER H 35 43.32 42.42 -26.02
CA SER H 35 43.37 43.40 -27.09
C SER H 35 42.81 42.85 -28.39
N VAL H 36 43.12 41.59 -28.70
CA VAL H 36 42.58 40.95 -29.91
C VAL H 36 41.06 40.87 -29.83
N ALA H 37 40.53 40.40 -28.70
CA ALA H 37 39.08 40.32 -28.52
C ALA H 37 38.44 41.71 -28.60
N ALA H 38 39.04 42.71 -27.94
CA ALA H 38 38.51 44.06 -28.01
C ALA H 38 38.54 44.60 -29.44
N SER H 39 39.60 44.29 -30.18
CA SER H 39 39.68 44.72 -31.57
C SER H 39 38.61 44.07 -32.43
N GLN H 40 38.45 42.75 -32.29
CA GLN H 40 37.41 42.04 -33.04
C GLN H 40 36.03 42.52 -32.62
N MET H 41 35.83 42.75 -31.33
CA MET H 41 34.54 43.23 -30.85
C MET H 41 34.22 44.60 -31.45
N ARG H 42 35.19 45.52 -31.39
CA ARG H 42 35.02 46.85 -31.99
C ARG H 42 34.58 46.76 -33.43
N ASN H 43 35.28 45.95 -34.23
CA ASN H 43 34.94 45.81 -35.65
C ASN H 43 33.54 45.24 -35.82
N ALA H 44 33.16 44.26 -35.00
CA ALA H 44 31.83 43.68 -35.11
C ALA H 44 30.75 44.67 -34.67
N LEU H 45 30.98 45.35 -33.55
CA LEU H 45 30.00 46.35 -33.08
C LEU H 45 29.85 47.48 -34.09
N ASN H 46 30.95 47.96 -34.65
CA ASN H 46 30.89 49.03 -35.63
C ASN H 46 30.24 48.58 -36.92
N ALA H 47 30.49 47.33 -37.34
CA ALA H 47 29.87 46.83 -38.57
C ALA H 47 28.36 46.83 -38.47
N LEU H 48 27.83 46.41 -37.32
CA LEU H 48 26.39 46.45 -37.12
C LEU H 48 25.88 47.89 -37.14
N ALA H 49 26.59 48.78 -36.45
CA ALA H 49 26.23 50.19 -36.44
C ALA H 49 26.34 50.81 -37.82
N GLU H 50 27.20 50.28 -38.69
CA GLU H 50 27.28 50.81 -40.04
C GLU H 50 26.09 50.37 -40.88
N THR H 51 25.66 49.13 -40.73
CA THR H 51 24.47 48.64 -41.45
C THR H 51 23.23 49.05 -40.68
N VAL H 52 22.67 50.20 -41.04
CA VAL H 52 21.50 50.77 -40.38
C VAL H 52 20.74 51.61 -41.41
N PRO H 53 19.42 51.56 -41.42
CA PRO H 53 18.65 52.33 -42.41
C PRO H 53 18.48 53.81 -42.11
N ASP H 54 18.33 54.21 -40.85
CA ASP H 54 18.02 55.62 -40.62
C ASP H 54 19.05 56.34 -39.76
N PRO H 55 19.27 57.63 -40.02
CA PRO H 55 20.24 58.41 -39.24
C PRO H 55 19.90 58.51 -37.77
N ASN H 56 18.64 58.76 -37.42
CA ASN H 56 18.26 58.84 -36.01
C ASN H 56 18.62 57.57 -35.28
N GLU H 57 18.33 56.42 -35.89
CA GLU H 57 18.72 55.15 -35.29
C GLU H 57 20.23 55.07 -35.20
N ARG H 58 20.93 55.47 -36.27
CA ARG H 58 22.38 55.48 -36.27
C ARG H 58 22.91 56.32 -35.11
N LYS H 59 22.34 57.50 -34.88
CA LYS H 59 22.76 58.31 -33.76
C LYS H 59 22.54 57.55 -32.45
N ARG H 60 21.33 57.04 -32.24
CA ARG H 60 21.02 56.27 -31.06
C ARG H 60 21.92 55.04 -30.96
N PHE H 61 21.96 54.24 -32.02
CA PHE H 61 22.77 53.02 -32.02
C PHE H 61 24.25 53.30 -31.79
N GLU H 62 24.78 54.37 -32.39
CA GLU H 62 26.21 54.65 -32.20
C GLU H 62 26.53 54.94 -30.74
N ALA H 63 25.76 55.83 -30.11
CA ALA H 63 26.02 56.13 -28.71
C ALA H 63 25.79 54.88 -27.86
N GLU H 64 24.66 54.22 -28.06
CA GLU H 64 24.33 53.00 -27.32
C GLU H 64 25.41 51.94 -27.47
N MET H 65 25.77 51.61 -28.71
CA MET H 65 26.78 50.57 -28.95
C MET H 65 28.16 50.98 -28.45
N ASP H 66 28.50 52.26 -28.53
CA ASP H 66 29.81 52.72 -28.04
C ASP H 66 29.95 52.55 -26.54
N ASN H 67 28.85 52.67 -25.78
CA ASN H 67 28.92 52.44 -24.34
C ASN H 67 29.31 51.00 -24.02
N PHE H 68 28.76 50.03 -24.75
CA PHE H 68 29.07 48.63 -24.50
C PHE H 68 30.53 48.32 -24.78
N PHE H 69 31.11 48.95 -25.81
CA PHE H 69 32.53 48.74 -26.09
C PHE H 69 33.38 49.09 -24.87
N ALA H 70 33.07 50.22 -24.23
CA ALA H 70 33.81 50.58 -23.01
C ALA H 70 33.53 49.58 -21.90
N LEU H 71 32.26 49.19 -21.73
CA LEU H 71 31.91 48.20 -20.72
C LEU H 71 32.63 46.89 -20.99
N PHE H 72 32.57 46.42 -22.24
CA PHE H 72 33.23 45.17 -22.61
C PHE H 72 34.72 45.24 -22.34
N ARG H 73 35.35 46.37 -22.64
CA ARG H 73 36.77 46.54 -22.34
C ARG H 73 37.03 46.38 -20.86
N ARG H 74 36.26 47.08 -20.02
CA ARG H 74 36.42 46.95 -18.58
C ARG H 74 36.18 45.52 -18.14
N PHE H 75 35.19 44.85 -18.74
CA PHE H 75 34.90 43.47 -18.36
C PHE H 75 36.11 42.58 -18.56
N LEU H 76 36.70 42.61 -19.75
CA LEU H 76 37.91 41.81 -19.97
C LEU H 76 39.03 42.23 -19.04
N ASN H 77 39.24 43.54 -18.89
CA ASN H 77 40.28 44.03 -17.99
C ASN H 77 40.01 43.60 -16.56
N ASP H 78 38.76 43.75 -16.10
CA ASP H 78 38.42 43.32 -14.74
C ASP H 78 38.59 41.81 -14.58
N LYS H 79 38.31 41.05 -15.64
CA LYS H 79 38.50 39.60 -15.56
C LYS H 79 39.98 39.24 -15.55
N ALA H 80 40.79 39.94 -16.35
CA ALA H 80 42.23 39.67 -16.34
C ALA H 80 42.84 40.05 -15.00
N LYS H 81 42.39 41.16 -14.41
CA LYS H 81 42.89 41.58 -13.10
C LYS H 81 42.27 40.79 -11.96
N GLY H 82 41.12 40.18 -12.18
CA GLY H 82 40.45 39.41 -11.15
C GLY H 82 40.03 40.24 -9.95
N ASN H 86 37.40 43.49 -0.86
CA ASN H 86 38.36 43.08 0.17
C ASN H 86 37.66 42.99 1.52
N TRP H 87 37.60 41.77 2.07
CA TRP H 87 36.95 41.57 3.35
C TRP H 87 37.53 42.49 4.42
N ASP H 88 38.82 42.80 4.33
CA ASP H 88 39.45 43.75 5.24
C ASP H 88 38.82 45.12 5.10
N ARG H 89 38.38 45.48 3.89
CA ARG H 89 37.76 46.75 3.60
C ARG H 89 36.26 46.75 3.83
N ILE H 90 35.68 45.61 4.15
CA ILE H 90 34.24 45.49 4.40
C ILE H 90 33.99 45.92 5.84
N ALA H 91 34.10 47.23 6.09
CA ALA H 91 33.89 47.77 7.42
C ALA H 91 32.40 48.07 7.63
N PRO H 92 31.92 47.88 8.86
CA PRO H 92 30.50 48.09 9.13
C PRO H 92 30.08 49.52 8.94
N PRO H 93 28.81 49.76 8.60
CA PRO H 93 28.31 51.13 8.41
C PRO H 93 28.35 51.91 9.73
N GLN H 94 28.92 53.11 9.67
CA GLN H 94 29.02 53.95 10.85
C GLN H 94 27.66 54.60 11.17
N PRO H 95 27.44 54.96 12.45
CA PRO H 95 26.16 55.57 12.86
C PRO H 95 25.74 56.80 12.08
N SER H 96 26.70 57.49 11.48
CA SER H 96 26.44 58.69 10.70
C SER H 96 25.83 58.39 9.33
N GLN H 97 25.85 57.14 8.89
CA GLN H 97 25.39 56.78 7.56
C GLN H 97 23.91 56.39 7.47
N VAL H 98 23.17 56.30 8.57
CA VAL H 98 21.77 55.87 8.49
C VAL H 98 20.89 56.77 9.35
N VAL H 99 19.83 57.29 8.74
CA VAL H 99 18.84 58.16 9.37
C VAL H 99 17.57 57.36 9.59
N ASN H 100 16.92 57.54 10.75
CA ASN H 100 15.71 56.80 11.06
C ASN H 100 14.45 57.58 10.66
N TYR H 101 13.49 56.84 10.07
CA TYR H 101 12.21 57.41 9.63
C TYR H 101 11.47 58.15 10.74
N ASP H 102 11.55 57.63 11.97
CA ASP H 102 10.89 58.30 13.09
C ASP H 102 11.54 59.61 13.48
N ASP H 103 12.79 59.84 13.06
CA ASP H 103 13.48 61.08 13.35
C ASP H 103 13.18 62.19 12.35
N ILE H 104 12.72 61.84 11.13
CA ILE H 104 12.42 62.85 10.13
C ILE H 104 11.25 63.72 10.58
N GLY H 105 11.32 65.00 10.22
CA GLY H 105 10.34 66.00 10.59
C GLY H 105 8.98 65.88 9.92
N LYS H 106 8.21 66.95 10.10
CA LYS H 106 6.86 67.12 9.59
C LYS H 106 6.79 66.94 8.07
N GLU H 107 5.57 66.66 7.60
CA GLU H 107 5.29 66.49 6.18
C GLU H 107 5.69 67.74 5.39
N SER H 108 6.17 67.51 4.16
CA SER H 108 6.54 68.61 3.27
C SER H 108 5.29 69.30 2.73
N SER H 109 5.36 70.63 2.63
CA SER H 109 4.24 71.42 2.16
C SER H 109 3.95 71.15 0.68
N VAL H 110 2.66 71.12 0.36
CA VAL H 110 2.10 70.88 -0.97
C VAL H 110 2.83 71.66 -2.07
N GLU H 111 3.20 72.90 -1.77
CA GLU H 111 3.88 73.76 -2.75
C GLU H 111 5.17 73.13 -3.28
N PHE H 112 5.89 72.40 -2.43
CA PHE H 112 7.15 71.78 -2.83
C PHE H 112 6.96 70.51 -3.67
N LEU H 113 5.74 70.01 -3.82
CA LEU H 113 5.51 68.78 -4.57
C LEU H 113 5.55 68.95 -6.08
N ASN H 114 5.35 70.17 -6.59
CA ASN H 114 5.40 70.40 -8.04
C ASN H 114 6.72 69.96 -8.66
N LYS H 115 7.81 69.99 -7.91
CA LYS H 115 9.11 69.59 -8.45
C LYS H 115 9.46 68.12 -8.25
N LEU H 116 8.60 67.32 -7.63
CA LEU H 116 8.89 65.89 -7.49
C LEU H 116 8.53 65.14 -8.77
N ALA H 117 9.19 63.99 -8.97
CA ALA H 117 8.90 63.14 -10.13
C ALA H 117 9.11 61.68 -9.77
N VAL H 118 8.22 60.81 -10.27
CA VAL H 118 8.25 59.38 -9.99
C VAL H 118 8.49 58.62 -11.29
N VAL H 119 9.45 57.71 -11.27
CA VAL H 119 9.83 56.88 -12.40
C VAL H 119 9.78 55.42 -11.96
N LYS H 120 9.14 54.58 -12.77
CA LYS H 120 8.95 53.16 -12.48
C LYS H 120 9.66 52.27 -13.50
N LEU H 121 10.24 51.19 -13.00
CA LEU H 121 10.80 50.16 -13.85
C LEU H 121 9.65 49.30 -14.34
N ASN H 122 9.61 49.04 -15.65
CA ASN H 122 8.52 48.28 -16.24
C ASN H 122 9.07 47.23 -17.20
N GLY H 123 10.15 46.57 -16.79
CA GLY H 123 10.79 45.55 -17.57
C GLY H 123 10.43 44.11 -17.28
N GLY H 124 9.59 43.85 -16.28
CA GLY H 124 9.26 42.48 -15.92
C GLY H 124 8.13 41.86 -16.71
N LEU H 125 8.38 40.69 -17.26
CA LEU H 125 7.44 39.88 -18.00
C LEU H 125 6.72 38.90 -17.08
N GLY H 126 5.50 38.55 -17.46
CA GLY H 126 4.78 37.57 -16.66
C GLY H 126 5.35 36.16 -16.77
N THR H 127 6.33 35.97 -17.67
CA THR H 127 6.94 34.65 -17.83
C THR H 127 7.60 34.18 -16.54
N SER H 128 8.06 35.11 -15.71
CA SER H 128 8.62 34.75 -14.41
C SER H 128 7.64 33.97 -13.55
N MET H 129 6.33 34.24 -13.71
CA MET H 129 5.30 33.54 -12.97
C MET H 129 4.37 32.74 -13.88
N GLY H 130 4.84 32.40 -15.08
CA GLY H 130 4.01 31.64 -16.00
C GLY H 130 2.74 32.34 -16.43
N CYS H 131 2.81 33.66 -16.59
CA CYS H 131 1.67 34.47 -16.99
C CYS H 131 2.00 35.11 -18.32
N VAL H 132 0.98 35.31 -19.15
CA VAL H 132 1.19 35.96 -20.43
C VAL H 132 1.30 37.46 -20.22
N GLY H 133 2.05 38.11 -21.11
CA GLY H 133 2.23 39.55 -21.09
C GLY H 133 3.15 40.08 -20.00
N PRO H 134 3.16 41.39 -19.86
CA PRO H 134 4.00 42.05 -18.85
C PRO H 134 3.50 41.78 -17.43
N LYS H 135 4.46 41.69 -16.51
CA LYS H 135 4.10 41.47 -15.10
C LYS H 135 3.21 42.60 -14.60
N SER H 136 3.45 43.83 -15.08
CA SER H 136 2.65 44.97 -14.68
C SER H 136 1.17 44.83 -14.99
N VAL H 137 0.81 43.98 -15.95
CA VAL H 137 -0.58 43.80 -16.33
C VAL H 137 -1.32 42.75 -15.50
N ILE H 138 -0.60 41.80 -14.89
CA ILE H 138 -1.26 40.74 -14.13
C ILE H 138 -2.07 41.35 -12.99
N GLU H 139 -3.23 40.76 -12.73
CA GLU H 139 -4.11 41.26 -11.68
C GLU H 139 -3.58 40.88 -10.30
N VAL H 140 -3.99 41.64 -9.30
CA VAL H 140 -3.61 41.40 -7.91
C VAL H 140 -4.83 41.25 -7.01
N ARG H 141 -5.78 42.18 -7.12
CA ARG H 141 -6.97 42.16 -6.28
C ARG H 141 -8.10 42.82 -7.03
N GLU H 142 -9.30 42.29 -6.87
CA GLU H 142 -10.50 42.86 -7.49
C GLU H 142 -10.26 43.26 -8.95
N GLY H 143 -9.53 42.40 -9.69
CA GLY H 143 -9.24 42.63 -11.08
C GLY H 143 -8.25 43.73 -11.40
N MET H 144 -7.80 44.49 -10.42
CA MET H 144 -6.86 45.57 -10.70
C MET H 144 -5.47 45.04 -11.00
N SER H 145 -4.77 45.70 -11.92
CA SER H 145 -3.40 45.35 -12.22
C SER H 145 -2.44 46.16 -11.34
N PHE H 146 -1.19 45.71 -11.28
CA PHE H 146 -0.19 46.41 -10.50
C PHE H 146 0.02 47.83 -11.00
N LEU H 147 -0.07 48.02 -12.31
CA LEU H 147 0.03 49.37 -12.86
C LEU H 147 -1.14 50.23 -12.42
N ASP H 148 -2.35 49.65 -12.39
CA ASP H 148 -3.54 50.38 -11.98
C ASP H 148 -3.38 51.02 -10.61
N LEU H 149 -2.89 50.28 -9.63
CA LEU H 149 -2.72 50.86 -8.30
C LEU H 149 -1.78 52.05 -8.32
N SER H 150 -0.68 51.98 -9.07
CA SER H 150 0.24 53.12 -9.11
C SER H 150 -0.47 54.38 -9.58
N VAL H 151 -1.14 54.29 -10.73
CA VAL H 151 -1.89 55.44 -11.24
C VAL H 151 -2.90 55.89 -10.21
N ARG H 152 -3.65 54.93 -9.66
CA ARG H 152 -4.66 55.24 -8.65
C ARG H 152 -4.04 55.99 -7.47
N GLN H 153 -2.82 55.63 -7.09
CA GLN H 153 -2.16 56.36 -6.01
C GLN H 153 -1.86 57.78 -6.45
N ILE H 154 -1.38 57.95 -7.69
CA ILE H 154 -1.12 59.27 -8.23
C ILE H 154 -2.40 60.08 -8.28
N GLU H 155 -3.48 59.45 -8.76
CA GLU H 155 -4.77 60.13 -8.87
C GLU H 155 -5.23 60.68 -7.53
N HIS H 156 -5.13 59.88 -6.47
CA HIS H 156 -5.53 60.35 -5.15
C HIS H 156 -4.71 61.57 -4.72
N LEU H 157 -3.41 61.58 -5.02
CA LEU H 157 -2.57 62.72 -4.68
C LEU H 157 -2.96 63.98 -5.43
N ASN H 158 -3.18 63.89 -6.75
CA ASN H 158 -3.56 65.08 -7.50
C ASN H 158 -4.92 65.63 -7.06
N ARG H 159 -5.88 64.76 -6.79
CA ARG H 159 -7.21 65.23 -6.40
C ARG H 159 -7.23 65.86 -5.01
N THR H 160 -6.39 65.38 -4.08
CA THR H 160 -6.38 65.97 -2.74
C THR H 160 -5.72 67.35 -2.71
N TYR H 161 -4.79 67.66 -3.62
CA TYR H 161 -4.14 68.97 -3.60
C TYR H 161 -4.09 69.70 -4.93
N ASN H 162 -4.63 69.14 -6.02
CA ASN H 162 -4.61 69.78 -7.34
C ASN H 162 -3.19 70.06 -7.81
N VAL H 163 -2.37 69.01 -7.84
CA VAL H 163 -1.01 69.06 -8.32
C VAL H 163 -0.82 67.86 -9.23
N ASN H 164 0.04 68.00 -10.24
CA ASN H 164 0.23 66.93 -11.21
C ASN H 164 1.67 66.43 -11.22
N VAL H 165 1.90 65.37 -10.46
CA VAL H 165 3.21 64.72 -10.37
C VAL H 165 3.44 63.89 -11.63
N PRO H 166 4.55 64.03 -12.32
CA PRO H 166 4.76 63.22 -13.52
C PRO H 166 5.12 61.80 -13.12
N PHE H 167 4.57 60.86 -13.87
CA PHE H 167 4.76 59.43 -13.64
C PHE H 167 5.37 58.85 -14.90
N VAL H 168 6.65 58.47 -14.84
CA VAL H 168 7.37 57.96 -15.99
C VAL H 168 7.58 56.47 -15.83
N LEU H 169 7.33 55.73 -16.90
CA LEU H 169 7.49 54.28 -16.93
C LEU H 169 8.70 53.90 -17.78
N MET H 170 9.66 53.22 -17.17
CA MET H 170 10.81 52.73 -17.92
C MET H 170 10.39 51.38 -18.46
N ASN H 171 9.92 51.37 -19.70
CA ASN H 171 9.43 50.13 -20.29
C ASN H 171 10.58 49.31 -20.87
N SER H 172 10.21 48.22 -21.55
CA SER H 172 11.15 47.35 -22.21
C SER H 172 10.55 46.92 -23.54
N PHE H 173 11.43 46.47 -24.43
CA PHE H 173 11.00 46.01 -25.76
C PHE H 173 10.10 44.79 -25.66
N ASN H 174 10.25 43.97 -24.62
CA ASN H 174 9.41 42.80 -24.40
C ASN H 174 7.99 43.15 -24.00
N THR H 175 7.74 44.34 -23.47
CA THR H 175 6.42 44.70 -22.97
C THR H 175 5.76 45.87 -23.68
N ASP H 176 6.55 46.76 -24.29
CA ASP H 176 6.00 47.94 -24.96
C ASP H 176 4.84 47.61 -25.88
N GLN H 177 4.93 46.53 -26.66
CA GLN H 177 3.85 46.25 -27.60
C GLN H 177 2.55 45.94 -26.86
N ASP H 178 2.62 45.11 -25.81
CA ASP H 178 1.42 44.88 -25.00
C ASP H 178 1.08 46.13 -24.21
N THR H 179 2.11 46.82 -23.72
CA THR H 179 1.94 48.04 -22.94
C THR H 179 1.26 49.14 -23.74
N GLN H 180 1.75 49.40 -24.96
CA GLN H 180 1.15 50.44 -25.79
C GLN H 180 -0.33 50.20 -26.01
N SER H 181 -0.76 48.94 -25.98
CA SER H 181 -2.17 48.63 -26.11
C SER H 181 -2.93 48.92 -24.82
N ILE H 182 -2.52 48.31 -23.71
CA ILE H 182 -3.24 48.44 -22.45
C ILE H 182 -3.25 49.85 -21.90
N ILE H 183 -2.18 50.63 -22.10
CA ILE H 183 -2.15 51.98 -21.53
C ILE H 183 -3.32 52.85 -21.99
N LYS H 184 -3.88 52.56 -23.16
CA LYS H 184 -5.00 53.35 -23.65
C LYS H 184 -6.19 53.39 -22.68
N LYS H 185 -6.34 52.38 -21.82
CA LYS H 185 -7.44 52.37 -20.87
C LYS H 185 -7.38 53.52 -19.87
N TYR H 186 -6.23 54.17 -19.74
CA TYR H 186 -6.08 55.30 -18.83
C TYR H 186 -6.33 56.64 -19.48
N GLN H 187 -6.84 56.67 -20.71
CA GLN H 187 -7.10 57.94 -21.38
C GLN H 187 -8.17 58.72 -20.64
N GLY H 188 -8.27 60.02 -20.98
CA GLY H 188 -9.21 60.91 -20.34
C GLY H 188 -8.75 61.40 -18.98
N HIS H 189 -8.85 60.53 -17.97
CA HIS H 189 -8.42 60.82 -16.59
C HIS H 189 -7.16 61.67 -16.56
N ASN H 190 -7.15 62.63 -15.63
CA ASN H 190 -6.03 63.55 -15.44
C ASN H 190 -4.79 62.81 -14.95
N VAL H 191 -4.07 62.22 -15.91
CA VAL H 191 -2.86 61.46 -15.62
C VAL H 191 -1.90 61.60 -16.80
N ASP H 192 -0.77 62.27 -16.55
CA ASP H 192 0.26 62.49 -17.56
C ASP H 192 1.12 61.23 -17.68
N ILE H 193 0.85 60.40 -18.68
CA ILE H 193 1.59 59.16 -18.88
C ILE H 193 2.56 59.33 -20.04
N ILE H 194 3.83 59.02 -19.79
CA ILE H 194 4.89 59.09 -20.79
C ILE H 194 5.60 57.75 -20.80
N THR H 195 5.92 57.25 -21.99
CA THR H 195 6.54 55.93 -22.12
C THR H 195 7.76 55.98 -23.03
N PHE H 196 8.75 55.17 -22.69
CA PHE H 196 9.97 55.06 -23.49
C PHE H 196 10.57 53.68 -23.28
N ASN H 197 11.38 53.26 -24.25
CA ASN H 197 12.03 51.97 -24.21
C ASN H 197 13.49 52.13 -23.82
N GLN H 198 13.95 51.27 -22.93
CA GLN H 198 15.33 51.31 -22.48
C GLN H 198 16.27 50.82 -23.58
N SER H 199 17.57 50.81 -23.29
CA SER H 199 18.56 50.39 -24.26
C SER H 199 18.37 48.92 -24.64
N ARG H 200 18.64 48.61 -25.91
CA ARG H 200 18.51 47.27 -26.45
C ARG H 200 19.90 46.78 -26.84
N TYR H 201 20.59 46.17 -25.90
CA TYR H 201 21.91 45.71 -26.27
C TYR H 201 21.86 44.31 -26.87
N PRO H 202 22.80 43.99 -27.76
CA PRO H 202 22.85 42.66 -28.34
C PRO H 202 23.55 41.67 -27.41
N ARG H 203 23.19 40.40 -27.57
CA ARG H 203 23.83 39.33 -26.81
C ARG H 203 25.19 39.01 -27.41
N ILE H 204 26.16 38.74 -26.54
CA ILE H 204 27.54 38.46 -26.94
C ILE H 204 27.79 36.96 -26.85
N ILE H 205 28.29 36.37 -27.94
CA ILE H 205 28.56 34.94 -27.99
C ILE H 205 29.67 34.59 -27.00
N LYS H 206 29.39 33.58 -26.15
CA LYS H 206 30.34 33.18 -25.12
C LYS H 206 31.68 32.72 -25.69
N ASP H 207 31.67 31.97 -26.78
CA ASP H 207 32.91 31.44 -27.34
C ASP H 207 33.68 32.47 -28.17
N SER H 208 33.00 33.15 -29.10
CA SER H 208 33.70 34.12 -29.94
C SER H 208 33.87 35.48 -29.29
N LEU H 209 33.09 35.78 -28.25
CA LEU H 209 33.12 37.09 -27.60
C LEU H 209 32.79 38.19 -28.60
N LEU H 210 31.78 37.94 -29.42
CA LEU H 210 31.30 38.86 -30.44
C LEU H 210 29.79 38.92 -30.38
N PRO H 211 29.18 40.01 -30.84
CA PRO H 211 27.72 40.09 -30.80
C PRO H 211 27.06 39.06 -31.71
N ALA H 212 26.06 38.37 -31.16
CA ALA H 212 25.34 37.37 -31.94
C ALA H 212 24.59 37.93 -33.14
N PRO H 213 23.90 39.07 -33.08
CA PRO H 213 23.18 39.54 -34.25
C PRO H 213 24.09 40.21 -35.28
N LYS H 214 23.73 40.01 -36.55
CA LYS H 214 24.45 40.56 -37.68
C LYS H 214 23.72 41.74 -38.33
N SER H 215 22.45 41.55 -38.68
CA SER H 215 21.65 42.58 -39.31
C SER H 215 21.04 43.54 -38.29
N PHE H 216 20.39 44.58 -38.81
CA PHE H 216 19.68 45.56 -37.99
C PHE H 216 18.34 45.02 -37.51
N ASP H 217 17.63 44.28 -38.37
CA ASP H 217 16.34 43.70 -38.04
C ASP H 217 16.46 42.31 -37.45
N ALA H 218 17.56 42.03 -36.74
CA ALA H 218 17.79 40.73 -36.13
C ALA H 218 16.70 40.38 -35.11
N PRO H 219 16.49 39.09 -34.87
CA PRO H 219 15.46 38.68 -33.90
C PRO H 219 15.76 39.10 -32.47
N LEU H 220 14.68 39.25 -31.70
CA LEU H 220 14.76 39.68 -30.30
C LEU H 220 15.65 38.77 -29.47
N GLN H 221 15.74 37.50 -29.85
CA GLN H 221 16.58 36.54 -29.11
C GLN H 221 18.04 36.96 -29.12
N ASP H 222 18.44 37.82 -30.04
CA ASP H 222 19.80 38.33 -30.12
C ASP H 222 20.02 39.54 -29.22
N TRP H 223 19.00 39.99 -28.49
CA TRP H 223 19.12 41.16 -27.64
C TRP H 223 18.59 40.85 -26.24
N TYR H 224 18.97 41.71 -25.29
CA TYR H 224 18.51 41.58 -23.91
C TYR H 224 18.50 42.96 -23.28
N PRO H 225 17.55 43.23 -22.39
CA PRO H 225 17.52 44.53 -21.71
C PRO H 225 18.54 44.57 -20.58
N PRO H 226 19.37 45.62 -20.52
CA PRO H 226 20.39 45.71 -19.47
C PRO H 226 19.81 46.05 -18.11
N GLY H 227 20.68 46.15 -17.11
CA GLY H 227 20.23 46.40 -15.75
C GLY H 227 19.62 47.78 -15.53
N HIS H 228 19.09 47.94 -14.31
CA HIS H 228 18.39 49.15 -13.91
C HIS H 228 19.21 50.42 -14.08
N GLY H 229 20.54 50.33 -13.91
CA GLY H 229 21.38 51.51 -14.03
C GLY H 229 21.28 52.22 -15.36
N ASP H 230 20.77 51.54 -16.38
CA ASP H 230 20.56 52.15 -17.68
C ASP H 230 19.56 53.30 -17.62
N VAL H 231 18.79 53.39 -16.52
CA VAL H 231 17.79 54.45 -16.36
C VAL H 231 18.38 55.85 -16.58
N PHE H 232 19.50 56.15 -15.94
CA PHE H 232 20.08 57.49 -16.03
C PHE H 232 20.30 57.92 -17.47
N GLU H 233 21.05 57.14 -18.24
CA GLU H 233 21.27 57.51 -19.63
C GLU H 233 19.98 57.40 -20.44
N SER H 234 19.19 56.35 -20.20
CA SER H 234 17.95 56.17 -20.95
C SER H 234 17.03 57.37 -20.80
N LEU H 235 16.93 57.91 -19.59
CA LEU H 235 16.09 59.08 -19.39
C LEU H 235 16.55 60.24 -20.26
N TYR H 236 17.87 60.42 -20.36
CA TYR H 236 18.45 61.47 -21.19
C TYR H 236 18.28 61.16 -22.67
N ASN H 237 18.84 60.03 -23.11
CA ASN H 237 18.85 59.66 -24.52
C ASN H 237 17.47 59.65 -25.15
N SER H 238 16.44 59.32 -24.39
CA SER H 238 15.09 59.32 -24.95
C SER H 238 14.50 60.70 -25.05
N GLY H 239 15.12 61.69 -24.43
CA GLY H 239 14.57 63.02 -24.38
C GLY H 239 13.60 63.21 -23.23
N THR H 240 13.40 62.15 -22.43
CA THR H 240 12.50 62.24 -21.28
C THR H 240 13.01 63.26 -20.29
N LEU H 241 14.33 63.33 -20.12
CA LEU H 241 14.92 64.32 -19.22
C LEU H 241 14.48 65.72 -19.63
N ASP H 242 14.45 65.99 -20.94
CA ASP H 242 13.93 67.27 -21.39
C ASP H 242 12.44 67.37 -21.07
N LYS H 243 11.69 66.32 -21.41
CA LYS H 243 10.26 66.30 -21.12
C LYS H 243 9.99 66.53 -19.64
N LEU H 244 10.85 65.97 -18.77
CA LEU H 244 10.71 66.21 -17.35
C LEU H 244 11.13 67.63 -17.01
N LEU H 245 12.29 68.04 -17.51
CA LEU H 245 12.79 69.39 -17.25
C LEU H 245 11.82 70.43 -17.78
N GLU H 246 11.11 70.10 -18.87
CA GLU H 246 10.11 71.01 -19.42
C GLU H 246 9.01 71.35 -18.43
N ARG H 247 8.76 70.50 -17.43
CA ARG H 247 7.77 70.82 -16.41
C ARG H 247 8.40 71.19 -15.07
N GLY H 248 9.71 71.45 -15.06
CA GLY H 248 10.38 71.94 -13.86
C GLY H 248 10.52 71.01 -12.69
N VAL H 249 10.42 69.70 -12.89
CA VAL H 249 10.56 68.75 -11.79
C VAL H 249 12.03 68.71 -11.36
N GLU H 250 12.26 68.79 -10.04
CA GLU H 250 13.61 68.79 -9.50
C GLU H 250 13.99 67.54 -8.73
N TYR H 251 13.02 66.80 -8.19
CA TYR H 251 13.29 65.61 -7.41
C TYR H 251 12.68 64.39 -8.10
N ILE H 252 13.46 63.32 -8.19
CA ILE H 252 13.05 62.09 -8.86
C ILE H 252 12.98 61.00 -7.83
N PHE H 253 11.95 60.18 -7.92
CA PHE H 253 11.74 59.02 -7.04
C PHE H 253 11.60 57.77 -7.88
N LEU H 254 12.37 56.74 -7.56
CA LEU H 254 12.30 55.47 -8.28
C LEU H 254 11.88 54.36 -7.34
N SER H 255 11.11 53.41 -7.90
CA SER H 255 10.67 52.23 -7.17
C SER H 255 10.22 51.20 -8.20
N ASN H 256 10.36 49.93 -7.84
CA ASN H 256 9.96 48.86 -8.74
C ASN H 256 8.44 48.69 -8.69
N ALA H 257 7.87 48.43 -9.87
CA ALA H 257 6.43 48.22 -9.98
C ALA H 257 5.95 47.04 -9.13
N ASP H 258 6.82 46.09 -8.84
CA ASP H 258 6.47 44.94 -8.02
C ASP H 258 6.33 45.23 -6.52
N ASN H 259 6.82 46.36 -6.03
CA ASN H 259 6.72 46.68 -4.60
C ASN H 259 5.54 47.62 -4.38
N LEU H 260 4.37 47.03 -4.10
CA LEU H 260 3.16 47.82 -3.88
C LEU H 260 3.29 48.78 -2.69
N GLY H 261 4.26 48.59 -1.82
CA GLY H 261 4.44 49.47 -0.67
C GLY H 261 5.07 50.81 -0.96
N ALA H 262 5.62 50.98 -2.16
CA ALA H 262 6.29 52.22 -2.57
C ALA H 262 5.28 53.32 -2.90
N VAL H 263 4.59 53.78 -1.87
CA VAL H 263 3.60 54.83 -2.01
C VAL H 263 4.28 56.17 -1.77
N VAL H 264 3.82 57.22 -2.46
CA VAL H 264 4.38 58.55 -2.30
C VAL H 264 3.99 59.11 -0.93
N ASP H 265 5.00 59.38 -0.11
CA ASP H 265 4.82 59.90 1.25
C ASP H 265 5.58 61.23 1.33
N THR H 266 4.84 62.33 1.35
CA THR H 266 5.41 63.67 1.41
C THR H 266 6.40 63.88 2.56
N ARG H 267 6.39 63.01 3.57
CA ARG H 267 7.33 63.15 4.69
C ARG H 267 8.78 63.03 4.23
N ILE H 268 9.07 62.04 3.39
CA ILE H 268 10.44 61.82 2.94
C ILE H 268 10.97 62.98 2.09
N LEU H 269 10.11 63.62 1.30
CA LEU H 269 10.56 64.73 0.47
C LEU H 269 11.07 65.91 1.29
N GLN H 270 10.54 66.12 2.49
CA GLN H 270 11.06 67.20 3.33
C GLN H 270 12.50 66.95 3.75
N HIS H 271 12.81 65.73 4.17
CA HIS H 271 14.18 65.40 4.53
C HIS H 271 15.11 65.66 3.36
N MET H 272 14.64 65.34 2.15
CA MET H 272 15.42 65.60 0.93
C MET H 272 15.62 67.10 0.75
N ILE H 273 14.53 67.88 0.83
CA ILE H 273 14.62 69.33 0.70
C ILE H 273 15.55 69.91 1.75
N ASP H 274 15.54 69.35 2.95
CA ASP H 274 16.40 69.86 4.02
C ASP H 274 17.85 69.45 3.82
N THR H 275 18.10 68.16 3.60
CA THR H 275 19.48 67.69 3.44
C THR H 275 20.02 67.89 2.03
N LYS H 276 19.17 68.18 1.04
CA LYS H 276 19.58 68.39 -0.35
C LYS H 276 20.57 67.33 -0.83
N ALA H 277 20.45 66.11 -0.31
CA ALA H 277 21.33 65.03 -0.71
C ALA H 277 21.06 64.62 -2.15
N GLU H 278 22.12 64.22 -2.85
CA GLU H 278 22.01 63.82 -4.25
C GLU H 278 21.41 62.43 -4.43
N TYR H 279 21.35 61.61 -3.39
CA TYR H 279 20.86 60.24 -3.53
C TYR H 279 20.42 59.74 -2.17
N ILE H 280 19.15 59.38 -2.02
CA ILE H 280 18.63 58.86 -0.76
C ILE H 280 17.92 57.54 -1.01
N MET H 281 18.41 56.48 -0.38
CA MET H 281 17.88 55.13 -0.52
C MET H 281 17.14 54.74 0.75
N GLU H 282 15.94 54.20 0.60
CA GLU H 282 15.20 53.70 1.74
C GLU H 282 15.72 52.33 2.14
N LEU H 283 15.87 52.11 3.45
CA LEU H 283 16.40 50.86 3.98
C LEU H 283 15.46 50.27 5.02
N THR H 284 15.57 48.96 5.22
CA THR H 284 14.80 48.23 6.19
C THR H 284 15.70 47.24 6.92
N ASP H 285 15.35 46.95 8.18
CA ASP H 285 16.12 46.03 8.99
C ASP H 285 15.94 44.61 8.47
N LYS H 286 17.06 43.90 8.30
CA LYS H 286 17.01 42.54 7.76
C LYS H 286 16.23 41.61 8.67
N THR H 287 15.24 40.94 8.10
CA THR H 287 14.49 39.91 8.78
C THR H 287 15.19 38.57 8.54
N LYS H 288 14.65 37.51 9.15
CA LYS H 288 15.22 36.18 8.98
C LYS H 288 15.33 35.78 7.51
N ALA H 289 14.42 36.27 6.68
CA ALA H 289 14.43 36.00 5.25
C ALA H 289 15.30 36.97 4.45
N ASP H 290 15.79 38.05 5.07
CA ASP H 290 16.56 39.05 4.37
C ASP H 290 18.06 38.95 4.67
N VAL H 291 18.53 37.82 5.19
CA VAL H 291 19.96 37.64 5.44
C VAL H 291 20.73 37.77 4.13
N LYS H 292 20.19 37.19 3.06
CA LYS H 292 20.73 37.32 1.71
C LYS H 292 20.39 38.71 1.16
N GLY H 293 20.87 39.02 -0.03
CA GLY H 293 20.60 40.32 -0.61
C GLY H 293 21.48 41.44 -0.11
N GLY H 294 21.62 42.47 -0.95
CA GLY H 294 22.52 43.58 -0.73
C GLY H 294 22.44 44.33 0.58
N THR H 295 23.59 44.84 1.02
CA THR H 295 23.69 45.60 2.26
C THR H 295 24.64 46.78 2.06
N ILE H 296 24.27 47.91 2.67
CA ILE H 296 25.06 49.13 2.56
C ILE H 296 26.36 48.97 3.32
N ILE H 297 27.44 49.53 2.76
CA ILE H 297 28.76 49.47 3.36
C ILE H 297 29.35 50.87 3.37
N ASP H 298 30.01 51.23 4.47
CA ASP H 298 30.52 52.59 4.60
C ASP H 298 31.71 52.86 3.68
N TYR H 299 32.57 51.86 3.51
CA TYR H 299 33.78 51.93 2.67
C TYR H 299 34.51 53.26 2.81
N GLU H 300 34.85 53.61 4.06
CA GLU H 300 35.56 54.86 4.37
C GLU H 300 34.74 56.09 3.98
N GLY H 301 33.49 56.13 4.44
CA GLY H 301 32.62 57.25 4.14
C GLY H 301 31.96 57.17 2.77
N LYS H 302 32.66 56.62 1.79
CA LYS H 302 32.14 56.47 0.43
C LYS H 302 31.17 55.29 0.42
N VAL H 303 29.99 55.53 1.01
CA VAL H 303 28.94 54.54 1.15
C VAL H 303 28.74 53.73 -0.12
N ARG H 304 28.85 52.41 0.00
CA ARG H 304 28.70 51.51 -1.13
C ARG H 304 27.78 50.34 -0.77
N LEU H 305 27.73 49.33 -1.64
CA LEU H 305 26.85 48.19 -1.51
C LEU H 305 27.54 46.97 -2.09
N LEU H 306 27.18 45.79 -1.60
CA LEU H 306 27.76 44.55 -2.11
C LEU H 306 26.79 43.39 -1.87
N GLU H 307 26.98 42.32 -2.63
CA GLU H 307 26.14 41.12 -2.57
C GLU H 307 27.00 39.88 -2.70
N ILE H 308 26.33 38.73 -2.68
CA ILE H 308 26.99 37.44 -2.86
C ILE H 308 27.78 37.41 -4.16
N ALA H 309 27.40 38.24 -5.13
CA ALA H 309 28.11 38.35 -6.40
C ALA H 309 29.55 38.82 -6.21
N GLN H 310 29.87 39.48 -5.10
CA GLN H 310 31.25 39.92 -4.87
C GLN H 310 31.76 39.66 -3.47
N VAL H 311 30.95 39.20 -2.53
CA VAL H 311 31.47 38.88 -1.20
C VAL H 311 32.29 37.59 -1.29
N PRO H 312 33.48 37.54 -0.71
CA PRO H 312 34.31 36.33 -0.82
C PRO H 312 33.68 35.10 -0.18
N LYS H 313 33.74 33.99 -0.90
CA LYS H 313 33.15 32.72 -0.45
C LYS H 313 33.66 32.30 0.92
N GLU H 314 34.91 32.61 1.25
CA GLU H 314 35.46 32.28 2.55
C GLU H 314 34.85 33.09 3.68
N HIS H 315 34.10 34.15 3.36
CA HIS H 315 33.51 35.00 4.38
C HIS H 315 32.00 35.15 4.25
N VAL H 316 31.37 34.54 3.25
CA VAL H 316 29.92 34.62 3.09
C VAL H 316 29.23 34.21 4.39
N ASN H 317 29.71 33.16 5.04
CA ASN H 317 29.11 32.74 6.30
C ASN H 317 29.24 33.84 7.34
N GLU H 318 30.41 34.50 7.37
CA GLU H 318 30.60 35.62 8.29
C GLU H 318 29.69 36.78 7.90
N PHE H 319 29.60 37.06 6.60
CA PHE H 319 28.75 38.13 6.10
C PHE H 319 27.27 37.87 6.40
N LYS H 320 26.87 36.60 6.42
CA LYS H 320 25.49 36.26 6.75
C LYS H 320 25.15 36.47 8.21
N SER H 321 26.13 36.72 9.07
CA SER H 321 25.85 36.96 10.48
C SER H 321 24.94 38.17 10.65
N ILE H 322 24.09 38.12 11.67
CA ILE H 322 23.16 39.21 11.95
C ILE H 322 23.90 40.48 12.34
N LYS H 323 25.10 40.35 12.90
CA LYS H 323 25.89 41.51 13.27
C LYS H 323 26.62 42.09 12.06
N LYS H 324 27.06 43.34 12.21
CA LYS H 324 27.78 44.10 11.20
C LYS H 324 26.95 44.48 9.97
N PHE H 325 26.10 43.58 9.48
CA PHE H 325 25.32 43.84 8.27
C PHE H 325 23.84 43.74 8.61
N LYS H 326 23.31 44.78 9.26
CA LYS H 326 21.93 44.79 9.71
C LYS H 326 20.95 45.51 8.78
N TYR H 327 21.40 46.03 7.64
CA TYR H 327 20.50 46.72 6.72
C TYR H 327 20.58 46.09 5.33
N PHE H 328 19.49 46.16 4.58
CA PHE H 328 19.46 45.68 3.20
C PHE H 328 18.75 46.68 2.30
N ASN H 329 19.08 46.62 1.01
CA ASN H 329 18.58 47.54 -0.01
C ASN H 329 17.14 47.25 -0.39
N THR H 330 16.24 48.22 -0.14
CA THR H 330 14.83 48.11 -0.51
C THR H 330 14.56 48.49 -1.96
N ASN H 331 15.52 49.13 -2.62
CA ASN H 331 15.43 49.69 -3.98
C ASN H 331 14.56 50.93 -4.10
N ASN H 332 13.89 51.38 -3.04
CA ASN H 332 13.16 52.64 -3.10
C ASN H 332 14.19 53.76 -3.02
N ILE H 333 14.33 54.56 -4.08
CA ILE H 333 15.37 55.57 -4.12
C ILE H 333 14.81 56.93 -4.52
N TRP H 334 15.33 57.97 -3.89
CA TRP H 334 14.99 59.37 -4.15
C TRP H 334 16.23 60.06 -4.71
N MET H 335 16.06 60.81 -5.80
CA MET H 335 17.22 61.42 -6.46
C MET H 335 16.88 62.80 -7.00
N ASN H 336 17.93 63.58 -7.24
CA ASN H 336 17.85 64.90 -7.84
C ASN H 336 18.01 64.76 -9.35
N LEU H 337 17.04 65.32 -10.10
CA LEU H 337 17.08 65.21 -11.56
C LEU H 337 18.29 65.91 -12.15
N ARG H 338 18.65 67.09 -11.63
CA ARG H 338 19.83 67.77 -12.15
C ARG H 338 21.10 67.03 -11.79
N ALA H 339 21.11 66.33 -10.65
CA ALA H 339 22.25 65.49 -10.30
C ALA H 339 22.42 64.38 -11.34
N ILE H 340 21.30 63.74 -11.70
CA ILE H 340 21.35 62.71 -12.73
C ILE H 340 21.89 63.30 -14.02
N LYS H 341 21.41 64.49 -14.40
CA LYS H 341 21.90 65.14 -15.60
C LYS H 341 23.40 65.39 -15.52
N ARG H 342 23.85 65.95 -14.40
CA ARG H 342 25.27 66.26 -14.23
C ARG H 342 26.15 65.02 -14.32
N VAL H 343 25.77 63.92 -13.66
CA VAL H 343 26.59 62.72 -13.76
C VAL H 343 26.63 62.19 -15.19
N VAL H 344 25.58 62.42 -15.96
CA VAL H 344 25.59 61.99 -17.36
C VAL H 344 26.43 62.94 -18.19
N GLU H 345 26.22 64.25 -17.98
CA GLU H 345 27.00 65.26 -18.69
C GLU H 345 28.48 65.13 -18.35
N GLU H 346 28.79 64.86 -17.08
CA GLU H 346 30.17 64.68 -16.64
C GLU H 346 30.71 63.29 -16.93
N ASN H 347 29.86 62.36 -17.38
CA ASN H 347 30.25 60.96 -17.61
C ASN H 347 30.83 60.32 -16.36
N GLU H 348 30.45 60.82 -15.19
CA GLU H 348 30.90 60.27 -13.92
C GLU H 348 30.21 58.95 -13.61
N LEU H 349 29.16 58.63 -14.35
CA LEU H 349 28.41 57.38 -14.23
C LEU H 349 29.24 56.14 -14.52
N GLU H 350 29.63 55.43 -13.47
CA GLU H 350 30.44 54.22 -13.53
C GLU H 350 29.68 53.16 -12.75
N MET H 351 29.47 52.00 -13.34
CA MET H 351 28.68 50.97 -12.68
C MET H 351 29.40 49.64 -12.55
N GLU H 352 29.05 48.92 -11.49
CA GLU H 352 29.54 47.59 -11.21
C GLU H 352 28.92 46.62 -12.21
N ILE H 353 29.74 46.05 -13.09
CA ILE H 353 29.25 45.13 -14.11
C ILE H 353 28.84 43.80 -13.47
N ILE H 354 27.67 43.30 -13.86
CA ILE H 354 27.13 42.02 -13.40
C ILE H 354 27.03 41.12 -14.62
N ALA H 355 27.64 39.95 -14.57
CA ALA H 355 27.67 39.03 -15.70
C ALA H 355 26.66 37.90 -15.51
N ASN H 356 25.76 37.76 -16.48
CA ASN H 356 24.72 36.74 -16.52
C ASN H 356 24.85 35.94 -17.80
N GLU H 357 24.55 34.64 -17.73
CA GLU H 357 24.66 33.77 -18.88
C GLU H 357 23.31 33.13 -19.22
N LYS H 358 23.11 32.89 -20.51
CA LYS H 358 21.91 32.25 -21.03
C LYS H 358 22.32 31.32 -22.18
N SER H 359 21.38 30.47 -22.59
CA SER H 359 21.62 29.54 -23.69
C SER H 359 20.49 29.68 -24.71
N ILE H 360 20.81 30.27 -25.86
CA ILE H 360 19.82 30.47 -26.92
C ILE H 360 19.54 29.14 -27.59
N PRO H 361 18.27 28.69 -27.64
CA PRO H 361 17.86 27.43 -28.26
C PRO H 361 18.27 27.32 -29.73
N ALA H 371 25.64 29.55 -26.04
CA ALA H 371 25.80 30.27 -24.78
C ALA H 371 26.16 31.73 -25.04
N ILE H 372 25.65 32.63 -24.19
CA ILE H 372 25.86 34.07 -24.32
C ILE H 372 26.09 34.69 -22.96
N TYR H 373 26.67 35.89 -22.97
CA TYR H 373 26.94 36.67 -21.77
C TYR H 373 26.09 37.94 -21.77
N GLN H 374 25.64 38.33 -20.58
CA GLN H 374 24.87 39.56 -20.40
C GLN H 374 25.49 40.39 -19.29
N LEU H 375 25.56 41.70 -19.51
CA LEU H 375 26.09 42.65 -18.54
C LEU H 375 24.95 43.47 -17.94
N GLU H 376 24.86 43.48 -16.61
CA GLU H 376 23.79 44.17 -15.90
C GLU H 376 24.38 44.95 -14.73
N THR H 377 23.53 45.81 -14.16
CA THR H 377 23.89 46.71 -13.07
C THR H 377 22.70 46.84 -12.13
N ALA H 378 22.99 47.29 -10.90
CA ALA H 378 21.97 47.44 -9.88
C ALA H 378 21.63 48.92 -9.64
N VAL H 379 20.39 49.16 -9.23
CA VAL H 379 19.89 50.50 -8.95
C VAL H 379 20.56 51.12 -7.74
N GLY H 380 21.04 50.32 -6.80
CA GLY H 380 21.70 50.84 -5.62
C GLY H 380 23.17 51.21 -5.77
N ALA H 381 23.91 50.46 -6.60
CA ALA H 381 25.34 50.70 -6.79
C ALA H 381 25.70 52.14 -7.13
N ALA H 382 24.79 52.89 -7.75
CA ALA H 382 25.12 54.26 -8.14
C ALA H 382 25.39 55.18 -6.95
N ILE H 383 24.96 54.80 -5.74
CA ILE H 383 25.12 55.59 -4.52
C ILE H 383 26.49 56.24 -4.33
N ARG H 384 27.57 55.57 -4.76
CA ARG H 384 28.93 56.08 -4.54
C ARG H 384 29.22 57.41 -5.22
N HIS H 385 28.64 57.67 -6.39
CA HIS H 385 28.92 58.90 -7.15
C HIS H 385 28.02 60.07 -6.80
N PHE H 386 27.53 60.17 -5.57
CA PHE H 386 26.62 61.25 -5.24
C PHE H 386 27.00 61.91 -3.93
N LYS H 387 26.95 63.24 -3.93
CA LYS H 387 27.25 64.04 -2.75
C LYS H 387 26.12 63.94 -1.72
N ASN H 388 26.52 63.92 -0.44
CA ASN H 388 25.63 63.80 0.70
C ASN H 388 24.75 62.56 0.64
N ALA H 389 25.13 61.60 -0.19
CA ALA H 389 24.38 60.35 -0.32
C ALA H 389 24.34 59.61 1.01
N HIS H 390 23.13 59.40 1.52
CA HIS H 390 22.95 58.69 2.78
C HIS H 390 21.58 58.03 2.75
N GLY H 391 21.41 57.03 3.63
CA GLY H 391 20.18 56.29 3.64
C GLY H 391 19.25 56.53 4.80
N VAL H 392 17.99 56.12 4.62
CA VAL H 392 16.95 56.22 5.63
C VAL H 392 16.39 54.82 5.86
N ASN H 393 16.09 54.50 7.12
CA ASN H 393 15.50 53.22 7.47
C ASN H 393 14.00 53.45 7.69
N VAL H 394 13.17 52.71 6.96
CA VAL H 394 11.72 52.92 7.00
C VAL H 394 11.06 51.69 7.59
N PRO H 395 9.86 51.84 8.15
CA PRO H 395 9.13 50.68 8.67
C PRO H 395 8.80 49.71 7.54
N ARG H 396 8.71 48.42 7.89
CA ARG H 396 8.52 47.38 6.88
C ARG H 396 7.24 47.53 6.07
N ARG H 397 6.28 48.35 6.51
CA ARG H 397 5.08 48.54 5.71
C ARG H 397 5.37 49.06 4.31
N ARG H 398 6.62 49.46 4.03
CA ARG H 398 7.05 49.93 2.72
C ARG H 398 7.67 48.85 1.84
N PHE H 399 7.85 47.63 2.32
CA PHE H 399 8.43 46.56 1.51
C PHE H 399 7.57 45.30 1.57
N LEU H 400 6.81 45.08 0.49
CA LEU H 400 5.96 43.90 0.36
C LEU H 400 5.97 43.50 -1.10
N PRO H 401 6.98 42.74 -1.52
CA PRO H 401 7.11 42.38 -2.92
C PRO H 401 6.17 41.26 -3.30
N VAL H 402 5.95 41.14 -4.61
CA VAL H 402 5.10 40.08 -5.17
C VAL H 402 5.97 39.36 -6.20
N LYS H 403 6.76 38.41 -5.73
CA LYS H 403 7.68 37.61 -6.51
C LYS H 403 7.20 36.19 -6.72
N THR H 404 6.44 35.64 -5.77
CA THR H 404 6.05 34.24 -5.83
C THR H 404 4.66 34.05 -5.24
N CYS H 405 4.14 32.85 -5.48
CA CYS H 405 2.82 32.43 -5.01
C CYS H 405 2.56 32.78 -3.55
N SER H 406 3.56 32.62 -2.69
CA SER H 406 3.36 32.92 -1.28
C SER H 406 3.01 34.38 -1.01
N ASP H 407 3.31 35.28 -1.95
CA ASP H 407 2.93 36.67 -1.75
C ASP H 407 1.50 36.96 -2.18
N LEU H 408 1.08 36.42 -3.33
CA LEU H 408 -0.25 36.67 -3.85
C LEU H 408 -1.36 36.22 -2.92
N LEU H 409 -1.12 35.18 -2.12
CA LEU H 409 -2.15 34.73 -1.19
C LEU H 409 -2.37 35.75 -0.08
N LEU H 410 -1.27 36.27 0.49
CA LEU H 410 -1.36 37.25 1.57
C LEU H 410 -2.10 38.51 1.13
N VAL H 411 -1.84 39.01 -0.07
CA VAL H 411 -2.46 40.25 -0.53
C VAL H 411 -3.93 40.10 -0.90
N LYS H 412 -4.37 38.94 -1.36
CA LYS H 412 -5.78 38.80 -1.71
C LYS H 412 -6.68 38.50 -0.53
N SER H 413 -6.12 38.10 0.61
CA SER H 413 -6.90 37.71 1.77
C SER H 413 -7.61 38.90 2.40
N ASP H 414 -8.38 38.61 3.45
CA ASP H 414 -9.10 39.59 4.25
C ASP H 414 -8.19 40.38 5.17
N LEU H 415 -6.89 40.12 5.14
CA LEU H 415 -5.95 40.84 6.01
C LEU H 415 -5.63 42.24 5.49
N TYR H 416 -5.94 42.54 4.24
CA TYR H 416 -5.66 43.84 3.67
C TYR H 416 -6.91 44.45 3.07
N ARG H 417 -7.01 45.77 3.17
CA ARG H 417 -8.09 46.55 2.61
C ARG H 417 -7.48 47.68 1.80
N LEU H 418 -8.13 48.00 0.68
CA LEU H 418 -7.66 49.03 -0.23
C LEU H 418 -8.49 50.29 -0.06
N GLU H 419 -7.81 51.42 0.23
CA GLU H 419 -8.47 52.70 0.40
C GLU H 419 -7.89 53.66 -0.63
N HIS H 420 -8.73 54.09 -1.58
CA HIS H 420 -8.34 54.96 -2.68
C HIS H 420 -7.08 54.46 -3.40
N GLY H 421 -6.77 53.18 -3.29
CA GLY H 421 -5.59 52.60 -3.90
C GLY H 421 -4.37 52.41 -3.02
N GLN H 422 -4.49 52.60 -1.70
CA GLN H 422 -3.39 52.38 -0.78
C GLN H 422 -3.71 51.24 0.17
N LEU H 423 -2.77 50.33 0.36
CA LEU H 423 -2.94 49.18 1.24
C LEU H 423 -2.38 49.50 2.63
N VAL H 424 -3.23 49.36 3.65
CA VAL H 424 -2.81 49.52 5.03
C VAL H 424 -3.36 48.32 5.80
N MET H 425 -2.48 47.64 6.53
CA MET H 425 -2.93 46.49 7.29
C MET H 425 -3.84 46.90 8.44
N ASP H 426 -4.80 46.05 8.73
CA ASP H 426 -5.76 46.24 9.81
C ASP H 426 -5.04 46.51 11.12
N PRO H 427 -5.31 47.65 11.78
CA PRO H 427 -4.62 47.94 13.05
C PRO H 427 -4.88 46.90 14.13
N ASN H 428 -5.88 46.03 13.95
CA ASN H 428 -6.16 44.98 14.92
C ASN H 428 -5.18 43.83 14.87
N ARG H 429 -4.46 43.66 13.76
CA ARG H 429 -3.49 42.57 13.65
C ARG H 429 -2.28 42.83 14.55
N PHE H 430 -2.06 41.92 15.49
CA PHE H 430 -0.90 41.94 16.35
C PHE H 430 0.27 41.22 15.71
N GLY H 431 1.49 41.63 16.06
CA GLY H 431 2.69 41.05 15.50
C GLY H 431 2.84 41.32 14.01
N GLY H 432 3.88 40.71 13.43
CA GLY H 432 4.16 40.87 12.02
C GLY H 432 3.24 40.04 11.15
N VAL H 433 3.54 40.05 9.86
CA VAL H 433 2.73 39.29 8.90
C VAL H 433 2.93 37.80 9.12
N PRO H 434 1.88 36.99 9.04
CA PRO H 434 2.03 35.54 9.17
C PRO H 434 2.87 34.98 8.03
N VAL H 435 3.60 33.91 8.30
CA VAL H 435 4.43 33.28 7.28
C VAL H 435 3.62 32.23 6.56
N ILE H 436 3.62 32.32 5.22
CA ILE H 436 2.92 31.41 4.33
C ILE H 436 3.93 30.86 3.34
N LYS H 437 4.05 29.54 3.24
CA LYS H 437 5.01 28.90 2.35
C LYS H 437 4.36 27.69 1.67
N LEU H 438 3.85 27.90 0.47
CA LEU H 438 3.18 26.84 -0.30
C LEU H 438 4.19 25.95 -1.00
N GLY H 439 3.79 24.71 -1.23
CA GLY H 439 4.67 23.75 -1.85
C GLY H 439 4.86 23.98 -3.33
N SER H 440 5.76 23.19 -3.89
CA SER H 440 6.18 23.27 -5.29
C SER H 440 5.05 23.08 -6.30
N ASP H 441 3.89 22.59 -5.89
CA ASP H 441 2.78 22.40 -6.81
C ASP H 441 2.06 23.68 -7.21
N PHE H 442 2.24 24.78 -6.48
CA PHE H 442 1.52 26.03 -6.73
C PHE H 442 2.35 27.07 -7.48
N LYS H 443 3.37 26.65 -8.21
CA LYS H 443 4.27 27.58 -8.88
C LYS H 443 3.54 28.49 -9.87
N LYS H 444 2.81 27.92 -10.83
CA LYS H 444 2.14 28.72 -11.85
C LYS H 444 0.89 29.41 -11.32
N VAL H 445 0.76 30.70 -11.65
CA VAL H 445 -0.37 31.53 -11.21
C VAL H 445 -1.70 31.07 -11.78
N SER H 446 -1.71 30.36 -12.90
CA SER H 446 -2.96 29.86 -13.46
C SER H 446 -3.56 28.77 -12.58
N ASP H 447 -2.73 27.78 -12.24
CA ASP H 447 -3.19 26.67 -11.39
C ASP H 447 -3.67 27.17 -10.04
N PHE H 448 -3.09 28.26 -9.53
CA PHE H 448 -3.48 28.79 -8.22
C PHE H 448 -4.99 28.97 -8.10
N GLN H 449 -5.65 29.35 -9.18
CA GLN H 449 -7.09 29.57 -9.09
C GLN H 449 -7.87 28.26 -8.97
N LYS H 450 -7.28 27.17 -9.45
CA LYS H 450 -7.95 25.86 -9.39
C LYS H 450 -8.00 25.30 -7.98
N ARG H 451 -6.87 25.32 -7.27
CA ARG H 451 -6.83 24.71 -5.94
C ARG H 451 -7.38 25.63 -4.85
N ILE H 452 -7.34 26.94 -5.03
CA ILE H 452 -7.86 27.85 -4.01
C ILE H 452 -8.89 28.78 -4.61
N PRO H 453 -10.09 28.29 -4.91
CA PRO H 453 -11.13 29.15 -5.51
C PRO H 453 -11.53 30.33 -4.64
N SER H 454 -11.43 30.21 -3.32
CA SER H 454 -11.71 31.33 -2.43
C SER H 454 -10.62 31.40 -1.38
N ILE H 455 -10.11 32.60 -1.14
CA ILE H 455 -9.00 32.78 -0.19
C ILE H 455 -9.47 32.44 1.22
N PRO H 456 -8.69 31.69 1.99
CA PRO H 456 -9.09 31.37 3.36
C PRO H 456 -8.94 32.57 4.28
N ARG H 457 -9.73 32.58 5.35
CA ARG H 457 -9.64 33.65 6.32
C ARG H 457 -8.31 33.48 7.04
N ILE H 458 -7.46 34.49 7.03
CA ILE H 458 -6.14 34.35 7.64
C ILE H 458 -5.95 35.22 8.87
N VAL H 459 -7.00 35.88 9.36
CA VAL H 459 -6.85 36.59 10.62
C VAL H 459 -6.58 35.56 11.71
N GLU H 460 -5.76 35.92 12.68
CA GLU H 460 -5.38 35.05 13.79
C GLU H 460 -4.58 33.82 13.37
N LEU H 461 -4.07 33.78 12.14
CA LEU H 461 -3.20 32.70 11.72
C LEU H 461 -1.77 33.07 12.08
N ASP H 462 -1.00 32.07 12.52
CA ASP H 462 0.39 32.30 12.91
C ASP H 462 1.42 31.75 11.93
N HIS H 463 1.22 30.54 11.41
CA HIS H 463 2.19 29.92 10.52
C HIS H 463 1.44 28.87 9.72
N LEU H 464 1.71 28.81 8.43
CA LEU H 464 1.03 27.87 7.56
C LEU H 464 2.00 27.22 6.57
N THR H 465 1.95 25.90 6.49
CA THR H 465 2.75 25.13 5.55
C THR H 465 1.84 24.20 4.78
N ILE H 466 2.02 24.16 3.46
CA ILE H 466 1.22 23.29 2.60
C ILE H 466 2.16 22.57 1.65
N THR H 467 2.08 21.25 1.63
CA THR H 467 2.89 20.42 0.77
C THR H 467 2.01 19.37 0.13
N GLY H 468 2.25 19.09 -1.14
CA GLY H 468 1.44 18.16 -1.90
C GLY H 468 0.12 18.75 -2.38
N ALA H 469 -0.73 17.86 -2.89
CA ALA H 469 -2.02 18.24 -3.46
C ALA H 469 -3.01 18.58 -2.36
N VAL H 470 -3.27 19.87 -2.15
CA VAL H 470 -4.23 20.32 -1.16
C VAL H 470 -5.24 21.25 -1.83
N ASN H 471 -6.52 20.94 -1.68
CA ASN H 471 -7.60 21.79 -2.19
C ASN H 471 -8.37 22.36 -1.02
N LEU H 472 -8.47 23.69 -0.98
CA LEU H 472 -9.14 24.39 0.11
C LEU H 472 -10.52 24.82 -0.34
N GLY H 473 -11.55 24.31 0.33
CA GLY H 473 -12.90 24.70 0.00
C GLY H 473 -13.17 26.12 0.44
N ARG H 474 -14.39 26.57 0.18
CA ARG H 474 -14.77 27.91 0.58
C ARG H 474 -14.95 28.02 2.09
N ASN H 475 -14.80 29.25 2.57
CA ASN H 475 -14.99 29.61 3.98
C ASN H 475 -14.11 28.80 4.94
N VAL H 476 -12.86 28.54 4.55
CA VAL H 476 -11.95 27.83 5.44
C VAL H 476 -11.31 28.83 6.38
N THR H 477 -11.26 28.49 7.67
CA THR H 477 -10.68 29.36 8.69
C THR H 477 -9.51 28.67 9.36
N LEU H 478 -8.37 29.34 9.41
CA LEU H 478 -7.14 28.83 9.99
C LEU H 478 -6.73 29.67 11.19
N LYS H 479 -6.49 29.02 12.32
CA LYS H 479 -6.08 29.70 13.54
C LYS H 479 -4.83 29.05 14.11
N GLY H 480 -3.92 29.89 14.58
CA GLY H 480 -2.65 29.42 15.14
C GLY H 480 -1.71 28.90 14.07
N THR H 481 -1.15 27.71 14.30
CA THR H 481 -0.27 27.06 13.36
C THR H 481 -0.98 25.89 12.71
N VAL H 482 -0.86 25.76 11.40
CA VAL H 482 -1.49 24.69 10.65
C VAL H 482 -0.46 24.08 9.71
N ILE H 483 -0.27 22.77 9.81
CA ILE H 483 0.68 22.05 8.98
C ILE H 483 -0.08 21.00 8.19
N ILE H 484 -0.06 21.10 6.87
CA ILE H 484 -0.75 20.16 5.99
C ILE H 484 0.28 19.44 5.16
N VAL H 485 0.31 18.10 5.25
CA VAL H 485 1.30 17.29 4.56
C VAL H 485 0.53 16.22 3.80
N ALA H 486 0.35 16.41 2.50
CA ALA H 486 -0.36 15.44 1.69
C ALA H 486 0.49 14.21 1.40
N THR H 487 -0.15 13.05 1.32
CA THR H 487 0.54 11.83 0.98
C THR H 487 1.03 11.91 -0.46
N GLU H 488 2.24 11.41 -0.70
CA GLU H 488 2.84 11.47 -2.03
C GLU H 488 1.92 10.89 -3.09
N GLY H 489 1.48 11.74 -4.01
CA GLY H 489 0.60 11.34 -5.10
C GLY H 489 -0.88 11.40 -4.82
N SER H 490 -1.30 11.57 -3.57
CA SER H 490 -2.71 11.64 -3.21
C SER H 490 -3.10 13.09 -2.95
N THR H 491 -4.40 13.32 -2.85
CA THR H 491 -4.91 14.67 -2.67
C THR H 491 -5.70 14.75 -1.38
N ILE H 492 -5.69 15.94 -0.76
CA ILE H 492 -6.44 16.23 0.44
C ILE H 492 -7.42 17.34 0.11
N ASP H 493 -8.71 17.04 0.13
CA ASP H 493 -9.76 18.03 -0.10
C ASP H 493 -10.32 18.50 1.25
N ILE H 494 -9.84 19.64 1.73
CA ILE H 494 -10.31 20.18 3.00
C ILE H 494 -11.78 20.53 2.83
N PRO H 495 -12.68 19.99 3.65
CA PRO H 495 -14.09 20.26 3.48
C PRO H 495 -14.41 21.72 3.74
N PRO H 496 -15.40 22.27 3.06
CA PRO H 496 -15.82 23.65 3.31
C PRO H 496 -16.17 23.91 4.76
N GLY H 497 -15.99 25.16 5.19
CA GLY H 497 -16.32 25.54 6.55
C GLY H 497 -15.35 25.07 7.61
N SER H 498 -14.35 24.28 7.25
CA SER H 498 -13.39 23.77 8.21
C SER H 498 -12.75 24.88 9.04
N VAL H 499 -12.66 24.62 10.33
CA VAL H 499 -12.01 25.50 11.29
C VAL H 499 -10.86 24.69 11.88
N LEU H 500 -9.63 25.14 11.66
CA LEU H 500 -8.46 24.43 12.16
C LEU H 500 -7.74 25.27 13.19
N GLU H 501 -7.43 24.65 14.33
CA GLU H 501 -6.68 25.32 15.39
C GLU H 501 -5.52 24.43 15.81
N ASN H 502 -4.33 25.04 15.90
CA ASN H 502 -3.07 24.39 16.27
C ASN H 502 -2.98 22.89 16.01
N CYS H 503 -2.88 22.45 14.76
CA CYS H 503 -2.86 21.02 14.54
C CYS H 503 -2.16 20.65 13.25
N VAL H 504 -1.75 19.38 13.19
CA VAL H 504 -1.09 18.76 12.04
C VAL H 504 -2.14 17.95 11.28
N VAL H 505 -2.14 18.07 9.96
CA VAL H 505 -3.08 17.35 9.10
C VAL H 505 -2.30 16.56 8.06
N GLN H 506 -2.59 15.26 7.96
CA GLN H 506 -1.91 14.37 7.04
C GLN H 506 -2.89 13.31 6.56
N GLY H 507 -2.74 12.88 5.31
CA GLY H 507 -3.60 11.85 4.76
C GLY H 507 -4.11 12.01 3.33
N SER H 508 -5.34 11.56 3.09
CA SER H 508 -5.99 11.69 1.78
C SER H 508 -7.50 11.69 1.96
N LEU H 509 -8.19 12.62 1.30
CA LEU H 509 -9.64 12.74 1.46
C LEU H 509 -10.23 13.26 0.17
N ARG H 510 -11.13 12.49 -0.43
CA ARG H 510 -11.77 12.83 -1.70
C ARG H 510 -13.22 13.26 -1.48
N ILE H 511 -13.61 14.35 -2.14
CA ILE H 511 -14.98 14.85 -2.09
C ILE H 511 -15.49 14.90 -3.51
N LEU H 512 -16.43 14.01 -3.83
CA LEU H 512 -17.02 13.94 -5.16
C LEU H 512 -18.51 14.21 -5.03
N GLU H 513 -19.06 14.91 -6.01
CA GLU H 513 -20.50 15.20 -5.94
C GLU H 513 -21.28 13.90 -6.03
N HIS H 514 -22.33 13.80 -5.22
CA HIS H 514 -23.17 12.62 -5.15
C HIS H 514 -23.65 12.18 -6.52
#